data_3J8C
#
_entry.id   3J8C
#
_cell.length_a   1.000
_cell.length_b   1.000
_cell.length_c   1.000
_cell.angle_alpha   90.00
_cell.angle_beta   90.00
_cell.angle_gamma   90.00
#
_symmetry.space_group_name_H-M   'P 1'
#
loop_
_entity.id
_entity.type
_entity.pdbx_description
1 polymer 'Eukaryotic translation initiation factor 3 subunit A'
2 polymer 'Eukaryotic translation initiation factor 3 subunit C'
3 polymer 'Eukaryotic translation initiation factor 3 subunit E'
4 polymer 'Eukaryotic translation initiation factor 3 subunit F'
5 polymer 'Eukaryotic translation initiation factor 3 subunit H'
6 polymer 'Eukaryotic translation initiation factor 3 subunit K'
7 polymer 'Eukaryotic translation initiation factor 3 subunit L'
8 polymer 'Eukaryotic translation initiation factor 3 subunit M'
#
loop_
_entity_poly.entity_id
_entity_poly.type
_entity_poly.pdbx_seq_one_letter_code
_entity_poly.pdbx_strand_id
1 'polypeptide(L)'
;MPAYFQRPENALKRANEFLEVGKKQPALDVLYDVMKSKKHRTWQKIHEPIMLKYLELCVDLRKSHLAKEGLYQYKNICQQ
VNIKSLEDVVRAYLKMAEEKTEAAKEESQQMVLDIEDLDNIQTPESVLLSAVSGEDTQDRTDRLLLTPWVKFLWESYRQC
LDLLRNNSRVERLYHDIAQQAFKFCLQYTRKAEFRKLCDNLRMHLSQIQRHHNQSTAINLNNPESQSMHLETRLVQLDSA
ISMELWQEAFKAVEDIHGLFSLSKKPPKPQLMANYYNKVSTVFWKSGNALFHASTLHRLYHLSREMRKNLTQDEMQRMST
RVLLATLSIPITPERTDIARLLDMDGIIVEKQRRLATLLGLQAPPTRIGLINDMVRFNVLQYVVPEVKDLYNWLEVEFNP
LKLCERVTKVLNWVREQPEKEPELQQYVPQLQNNTILRLLQQVSQIYQSIEFSRLTSLVPFVDAFQLERAIVDAARHCDL
QVRIDHTSRTLSFG(UNK)(UNK)(UNK)(UNK)(UNK)(UNK)(UNK)(UNK)(UNK)(UNK)(UNK)(UNK)(UNK)
(UNK)(UNK)(UNK)(UNK)(UNK)(UNK)(UNK)(UNK)(UNK)(UNK)(UNK)(UNK)(UNK)(UNK)(UNK)(UNK)
(UNK)(UNK)(UNK)(UNK)(UNK)(UNK)
;
A
2 'polypeptide(L)'
;HAVVIKKLNEILQARGKKGTDRAAQIELLQLLVQIAAENNLGEGVIVKIKFNIIASLYDYNPNLATYMKPEMWGKCLDCI
NELMDILFANPNIFVGENILEESENLHNADQPLRVRGCILTLVERMDEEFTKIMQNTDPHSQEYVEHLKDEAQVCAIIER
VQRYLEEKGTTEEVCRIYLLRILHTYYKFDYKAHQRQLTPPEGSSKSEQDQAENEGEDSAVLMERLCKYIYAKDRTDRIR
TCAILCHIYHHALHSRWYQARDLMLMSHLQDNIQHADPPVQILYNRTMVQLGICAFRQGLTKDAHNALLDIQSSGRAKEL
LGQGLLLRSLQERNQEQEKVERRRQVPFHLHINLELLECVYLVSAMLLEIPYMAAHESDARRRMISKQFHHQLRVGERQP
LLGPPESMREHVVAASKAMKMGDWKTCHSFIINEKMNGKVWDLFPEADKVRTMLVRKIQEESLRTYLFTYSSVYDSISME
TLSDMFELDLPTVHSIISKMIINEELMASLDQPTQTVVMHR(UNK)(UNK)(UNK)(UNK)(UNK)(UNK)(UNK)
(UNK)(UNK)(UNK)(UNK)(UNK)(UNK)(UNK)(UNK)(UNK)(UNK)(UNK)(UNK)(UNK)(UNK)(UNK)(UNK)
(UNK)(UNK)(UNK)
;
C
3 'polypeptide(L)'
;MAEYDLTTRIAHFLDRHLVFPLLEFLSVKEIYNEKELLQGKLDLLSDTNMVDFAMDVYKNLYSDDIPHALREKRTTVVAQ
LKQLQAETEPIVKMFEDPETTRQMQSTRDGRMLFDYLADKHGFRQEYLDTLYRYAKFQYECGNYSGAAEYLYFFRVLVPA
TDRNALSSLWGKLASEILMQNWDAAMEDLTRLKETIDNNSVSSPLQSLQQRTWLIHWSLFVFFNHPKGRDNIIDLFLYQP
QYLNAIQTMCPHILRYLTTAVITNKDVRKRRQVLKDLVKVIQQESYTYKDPITEFVECLYVNFDFDGAQKKLRECESVLV
NDFFLVACLEDFIENARLFIFETFCRIHQCISINMLADKLNMTPEEAERWIVNLIRNARLDAKIDSKLGHVVMGN(UNK)
(UNK)(UNK)(UNK)(UNK)(UNK)(UNK)(UNK)(UNK)(UNK)(UNK)(UNK)(UNK)(UNK)(UNK)(UNK)(UNK)
(UNK)(UNK)(UNK)(UNK)(UNK)(UNK)(UNK)(UNK)(UNK)(UNK)
;
E
4 'polypeptide(L)'
;MATPAVPVSAPPATPTPVPAAAPASVPAPTPAPAAAPVPAAAPASSSDPAAAAAATAAPGQTPASAQAPAQTPAPALPGP
ALPGPFPGGRVVRLHPVILASIVDSYERRNEGAARVIGTLLGTVDKHSVEVTNCFSVPHNESEDEVAVDMEFAKNMYELH
KKVSPNELILGWYATGHDITEHSVLIHEYYSREAPNPIHLTVDTSLQNGRMSIKAYVSTLMGVPGRTMGVMFTPLTVKYA
YYDTERIGVDLIMKTCF(UNK)(UNK)(UNK)(UNK)(UNK)(UNK)(UNK)(UNK)(UNK)(UNK)(UNK)(UNK)
(UNK)(UNK)(UNK)(UNK)(UNK)(UNK)(UNK)(UNK)(UNK)(UNK)(UNK)(UNK)(UNK)(UNK)(UNK)(UNK)
(UNK)(UNK)(UNK)(UNK)(UNK)(UNK)(UNK)(UNK)(UNK)(UNK)(UNK)(UNK)(UNK)(UNK)(UNK)(UNK)
(UNK)(UNK)(UNK)(UNK)(UNK)(UNK)(UNK)(UNK)(UNK)(UNK)(UNK)(UNK)(UNK)(UNK)(UNK)(UNK)
(UNK)(UNK)(UNK)(UNK)(UNK)(UNK)(UNK)(UNK)(UNK)(UNK)
;
F
5 'polypeptide(L)'
;MASRKEGTGSTATSSSSTAGAAGKGKGKGGSGDSAVKQVQIDGLVVLKIIKHYQEEGQGTEVVQGVLLGLVVEDRLEITN
CFPFPQHTEDDADFDEVQYQMEMMRSLRHVNIDHLHVGWYQSTYYGSFVTRALLDSQFSYQHAIEESVVLIYDPIKTAQG
SLSLKAYRLTPKLMEVCKEKDFSPEALKKANITFEYMFEEVPIVIKNSHLINVLMWELEKK(UNK)(UNK)(UNK)
(UNK)(UNK)(UNK)(UNK)(UNK)(UNK)(UNK)(UNK)(UNK)(UNK)(UNK)(UNK)(UNK)(UNK)(UNK)(UNK)
(UNK)(UNK)(UNK)(UNK)(UNK)(UNK)(UNK)(UNK)(UNK)(UNK)(UNK)(UNK)(UNK)(UNK)(UNK)(UNK)
(UNK)(UNK)(UNK)(UNK)(UNK)(UNK)(UNK)(UNK)(UNK)(UNK)(UNK)(UNK)(UNK)(UNK)(UNK)(UNK)
(UNK)(UNK)(UNK)(UNK)(UNK)(UNK)(UNK)(UNK)(UNK)(UNK)(UNK)(UNK)(UNK)(UNK)(UNK)(UNK)
(UNK)(UNK)(UNK)(UNK)(UNK)(UNK)(UNK)(UNK)(UNK)(UNK)(UNK)(UNK)(UNK)(UNK)(UNK)(UNK)
(UNK)(UNK)(UNK)(UNK)(UNK)(UNK)(UNK)(UNK)(UNK)(UNK)(UNK)(UNK)(UNK)(UNK)(UNK)(UNK)
(UNK)(UNK)(UNK)(UNK)(UNK)(UNK)(UNK)(UNK)(UNK)(UNK)(UNK)(UNK)(UNK)(UNK)(UNK)(UNK)
(UNK)(UNK)(UNK)(UNK)(UNK)(UNK)(UNK)
;
H
6 'polypeptide(L)'
;MAMFEQMRANVGKLLKGIDRYNPENLATLERYVETQAKENAYDLEANLAVLKLYQFNPAFFQTTVTAQILLKALTNLPHT
DFTLCKCMIDQAHQEERPIRQILYLGDLLETCHFQAFWQALDENMDLLEGITGFEDSVRKFICHVVGITYQHIDRWLLAE
MLGDLSDSQLKVWMSKYGWSADESGQIFIC(UNK)(UNK)(UNK)(UNK)(UNK)(UNK)(UNK)(UNK)(UNK)(UNK)
(UNK)(UNK)(UNK)(UNK)(UNK)(UNK)(UNK)(UNK)
;
K
7 'polypeptide(L)'
;MSYPADDYESEAAYDPYAYPSDYDMHTGDPKQDLAYERQYEQQTYQVIPEVIKNFIQYFHKTVSDLIDQKVYELQASRVS
SDVIDQKVYEIQDIYENSWTKLTERFFKNTPWPEAEAIAPQVGNDAVFLILYKELYYRHIYAKVSGGPSLEQRFESYYNY
CNLFNYILNADGPAPLELPNQWLWDIIDEFIYQFQSFSQYRCKTAKKSEEEIDFLRSNPKIWNVHSVLNVLHSLVDKSNI
NRQLEVYTSGGDPESVAGEYGRHSLYKMLGYFSLVGLLRLHSLLGDYYQAIKVLENIELNKKSMYSRVPECQVTTYYYVG
FAYLMMRRYQDAIRVFANILLYIQRTKSMFQRTTYKYEMINKQNEQMHALLAIALTMYPMRIDESIHLQLREKYGDKMLR
MQKGDPQVYEELFSYSCPKFLSPVVPNYDNVHPNYHKEPFLQQLKVFSDEVQQQAQLSTIRSFLKLYTTMPVAKLAGFLD
LTEQEFRIQLLVFKHKMKNLVWTSGISALDGEFQS(UNK)(UNK)(UNK)(UNK)(UNK)(UNK)(UNK)(UNK)(UNK)
(UNK)(UNK)(UNK)(UNK)(UNK)(UNK)(UNK)(UNK)(UNK)(UNK)(UNK)(UNK)(UNK)(UNK)(UNK)(UNK)
;
L
8 'polypeptide(L)'
;MSVPAFIDISEEDQAAELRAYLKSKGAEISEENSEGGLHVDLAQIIEACDVCLKEDDKDVESVMNSVVSLLLILEPDKQE
ALIESLCEKLVKFREGERPSLRLQLLSNLFHGMDKNTPVRYTVYCSLIKVAASCGAIQYIPTELDQVRKWISDWNLTTEK
KHTLLRLLYEALVDCKKSDAASKVMVELLGSYTEDNASQARVDAHRCIVRALKDPNAFLFDHLLTLKPVKFLEGELIHDL
LTIFVSAKLASYVKFYQNNKDFIDSLGLLHEQNMAKMRLLTFMGMAVENKEISFDTMQQELQIGADDVEAFVIDAVRTKM
VYCKIDQTQRKVVVS(UNK)(UNK)(UNK)(UNK)(UNK)(UNK)(UNK)(UNK)(UNK)(UNK)(UNK)(UNK)(UNK)
(UNK)(UNK)(UNK)(UNK)(UNK)(UNK)(UNK)(UNK)(UNK)(UNK)(UNK)(UNK)(UNK)(UNK)(UNK)(UNK)
;
M
#
# COMPACT_ATOMS: atom_id res chain seq x y z
N TYR A 4 0.73 -15.55 83.11
CA TYR A 4 -0.22 -14.51 83.48
C TYR A 4 -1.37 -14.43 82.47
N PHE A 5 -1.36 -15.33 81.49
CA PHE A 5 -2.39 -15.36 80.48
C PHE A 5 -3.76 -15.66 81.08
N GLN A 6 -3.78 -16.59 82.05
CA GLN A 6 -5.03 -16.96 82.70
C GLN A 6 -4.97 -16.64 84.20
N ARG A 7 -6.01 -15.97 84.72
CA ARG A 7 -7.17 -15.55 83.94
C ARG A 7 -6.79 -14.53 82.88
N PRO A 8 -7.42 -14.63 81.71
CA PRO A 8 -7.15 -13.71 80.60
C PRO A 8 -8.26 -12.69 80.44
N GLU A 9 -8.60 -11.99 81.52
CA GLU A 9 -9.65 -10.97 81.48
C GLU A 9 -9.00 -9.61 81.63
N ASN A 10 -7.67 -9.64 81.65
CA ASN A 10 -6.82 -8.52 81.99
C ASN A 10 -6.35 -7.71 80.78
N ALA A 11 -6.03 -8.41 79.69
CA ALA A 11 -5.53 -7.75 78.49
C ALA A 11 -6.59 -6.83 77.93
N LEU A 12 -7.81 -7.38 77.83
CA LEU A 12 -8.95 -6.64 77.33
C LEU A 12 -9.34 -5.48 78.25
N LYS A 13 -9.35 -5.73 79.56
CA LYS A 13 -9.65 -4.67 80.51
C LYS A 13 -8.68 -3.51 80.32
N ARG A 14 -7.38 -3.82 80.33
CA ARG A 14 -6.33 -2.81 80.16
C ARG A 14 -6.45 -2.09 78.82
N ALA A 15 -6.97 -2.79 77.81
CA ALA A 15 -7.22 -2.14 76.53
C ALA A 15 -8.30 -1.07 76.72
N ASN A 16 -9.40 -1.45 77.34
CA ASN A 16 -10.48 -0.50 77.63
C ASN A 16 -10.01 0.67 78.48
N GLU A 17 -9.10 0.38 79.42
CA GLU A 17 -8.54 1.39 80.30
C GLU A 17 -7.68 2.36 79.48
N PHE A 18 -6.90 1.83 78.57
CA PHE A 18 -6.04 2.65 77.72
C PHE A 18 -6.84 3.49 76.76
N LEU A 19 -8.04 3.03 76.42
CA LEU A 19 -8.90 3.79 75.52
C LEU A 19 -9.64 4.88 76.29
N GLU A 20 -9.93 4.61 77.57
CA GLU A 20 -10.60 5.58 78.42
C GLU A 20 -9.74 6.82 78.64
N VAL A 21 -8.41 6.62 78.59
CA VAL A 21 -7.47 7.71 78.71
C VAL A 21 -7.21 8.32 77.33
N GLY A 22 -7.81 7.71 76.30
CA GLY A 22 -7.73 8.26 74.96
C GLY A 22 -6.52 7.83 74.18
N LYS A 23 -5.73 6.92 74.75
CA LYS A 23 -4.56 6.36 74.07
C LYS A 23 -4.94 5.11 73.26
N LYS A 24 -5.84 5.32 72.29
CA LYS A 24 -6.39 4.24 71.48
C LYS A 24 -5.33 3.40 70.78
N GLN A 25 -4.38 4.07 70.14
CA GLN A 25 -3.35 3.34 69.41
C GLN A 25 -2.49 2.48 70.34
N PRO A 26 -2.19 3.02 71.51
CA PRO A 26 -1.40 2.25 72.50
C PRO A 26 -2.18 1.01 72.87
N ALA A 27 -3.50 1.16 73.00
CA ALA A 27 -4.37 0.06 73.37
C ALA A 27 -4.36 -1.02 72.29
N LEU A 28 -4.49 -0.60 71.03
CA LEU A 28 -4.43 -1.54 69.92
C LEU A 28 -3.11 -2.28 69.85
N ASP A 29 -2.02 -1.53 69.96
CA ASP A 29 -0.69 -2.12 69.86
C ASP A 29 -0.48 -3.10 71.01
N VAL A 30 -1.12 -2.82 72.15
CA VAL A 30 -1.00 -3.68 73.31
C VAL A 30 -1.63 -5.05 73.08
N LEU A 31 -2.80 -5.04 72.46
CA LEU A 31 -3.51 -6.27 72.17
C LEU A 31 -2.76 -7.10 71.11
N TYR A 32 -2.17 -6.40 70.15
CA TYR A 32 -1.36 -7.05 69.13
C TYR A 32 -0.27 -7.86 69.82
N ASP A 33 0.38 -7.26 70.81
CA ASP A 33 1.41 -7.94 71.59
C ASP A 33 0.88 -9.23 72.20
N VAL A 34 -0.34 -9.18 72.70
CA VAL A 34 -0.91 -10.34 73.38
C VAL A 34 -1.20 -11.50 72.44
N MET A 35 -1.85 -11.22 71.33
CA MET A 35 -2.31 -12.29 70.45
C MET A 35 -1.20 -12.83 69.56
N LYS A 36 -0.11 -12.07 69.42
CA LYS A 36 1.01 -12.52 68.62
C LYS A 36 2.16 -12.99 69.50
N SER A 37 1.88 -13.21 70.78
CA SER A 37 2.87 -13.69 71.72
C SER A 37 3.21 -15.16 71.43
N LYS A 38 4.45 -15.56 71.71
CA LYS A 38 4.89 -16.92 71.41
C LYS A 38 4.19 -17.95 72.28
N LYS A 39 3.69 -17.52 73.45
CA LYS A 39 3.04 -18.45 74.37
C LYS A 39 1.66 -18.87 73.85
N HIS A 40 1.20 -18.21 72.80
CA HIS A 40 -0.17 -18.36 72.28
C HIS A 40 -0.50 -19.77 71.81
N ARG A 41 0.45 -20.43 71.14
CA ARG A 41 0.18 -21.75 70.59
C ARG A 41 -0.16 -22.73 71.71
N THR A 42 0.56 -22.64 72.82
CA THR A 42 0.26 -23.42 74.01
C THR A 42 -1.12 -23.05 74.56
N TRP A 43 -1.44 -21.77 74.44
CA TRP A 43 -2.68 -21.20 74.94
C TRP A 43 -3.90 -21.68 74.16
N GLN A 44 -5.05 -21.62 74.83
CA GLN A 44 -6.31 -22.12 74.30
C GLN A 44 -6.88 -21.26 73.16
N LYS A 45 -7.80 -21.84 72.40
CA LYS A 45 -8.44 -21.20 71.26
C LYS A 45 -9.25 -20.00 71.73
N ILE A 46 -9.57 -19.99 73.02
CA ILE A 46 -10.40 -18.95 73.61
C ILE A 46 -9.77 -17.57 73.43
N HIS A 47 -8.45 -17.49 73.50
CA HIS A 47 -7.77 -16.20 73.35
C HIS A 47 -8.12 -15.62 71.98
N GLU A 48 -8.15 -16.47 70.96
CA GLU A 48 -8.77 -16.11 69.69
C GLU A 48 -10.02 -15.27 69.92
N PRO A 49 -10.77 -15.45 71.00
CA PRO A 49 -11.82 -14.46 71.20
C PRO A 49 -11.24 -13.03 71.40
N ILE A 50 -10.19 -12.97 72.23
CA ILE A 50 -9.49 -11.73 72.52
C ILE A 50 -8.83 -11.15 71.28
N MET A 51 -8.26 -12.04 70.46
CA MET A 51 -7.63 -11.63 69.23
C MET A 51 -8.68 -11.00 68.32
N LEU A 52 -9.86 -11.59 68.30
CA LEU A 52 -10.95 -11.07 67.48
C LEU A 52 -11.32 -9.67 67.94
N LYS A 53 -11.39 -9.47 69.26
CA LYS A 53 -11.70 -8.13 69.77
C LYS A 53 -10.63 -7.10 69.37
N TYR A 54 -9.38 -7.53 69.44
CA TYR A 54 -8.26 -6.65 69.08
C TYR A 54 -8.36 -6.28 67.60
N LEU A 55 -8.71 -7.26 66.77
CA LEU A 55 -8.83 -7.05 65.33
C LEU A 55 -9.94 -6.03 65.09
N GLU A 56 -10.99 -6.16 65.89
CA GLU A 56 -12.13 -5.25 65.80
C GLU A 56 -11.76 -3.80 66.12
N LEU A 57 -10.93 -3.57 67.15
CA LEU A 57 -10.56 -2.16 67.44
C LEU A 57 -9.77 -1.51 66.28
N CYS A 58 -8.84 -2.29 65.76
CA CYS A 58 -8.08 -2.12 64.54
C CYS A 58 -8.96 -1.58 63.42
N VAL A 59 -10.22 -2.01 63.40
CA VAL A 59 -11.15 -1.53 62.39
C VAL A 59 -11.49 -0.06 62.59
N ASP A 60 -11.76 0.31 63.83
CA ASP A 60 -12.07 1.71 64.14
C ASP A 60 -10.95 2.65 63.78
N LEU A 61 -9.72 2.22 64.05
CA LEU A 61 -8.55 3.03 63.74
C LEU A 61 -8.08 2.88 62.29
N ARG A 62 -8.77 2.03 61.53
CA ARG A 62 -8.42 1.78 60.13
C ARG A 62 -6.95 1.38 59.97
N LYS A 63 -6.43 0.67 60.97
CA LYS A 63 -5.05 0.20 60.95
C LYS A 63 -4.92 -1.15 60.22
N SER A 64 -5.18 -1.14 58.93
CA SER A 64 -5.20 -2.36 58.14
C SER A 64 -3.91 -3.17 58.15
N HIS A 65 -2.77 -2.48 58.11
CA HIS A 65 -1.49 -3.18 58.08
C HIS A 65 -1.33 -4.01 59.33
N LEU A 66 -1.54 -3.39 60.48
CA LEU A 66 -1.41 -4.08 61.76
C LEU A 66 -2.40 -5.23 61.88
N ALA A 67 -3.60 -5.02 61.38
CA ALA A 67 -4.63 -6.05 61.34
C ALA A 67 -4.20 -7.29 60.55
N LYS A 68 -3.69 -7.09 59.34
CA LYS A 68 -3.25 -8.22 58.52
C LYS A 68 -2.15 -8.96 59.25
N GLU A 69 -1.21 -8.20 59.82
CA GLU A 69 -0.10 -8.82 60.52
C GLU A 69 -0.58 -9.54 61.77
N GLY A 70 -1.55 -8.96 62.48
CA GLY A 70 -2.12 -9.59 63.65
C GLY A 70 -2.70 -10.95 63.30
N LEU A 71 -3.59 -10.96 62.32
CA LEU A 71 -4.25 -12.18 61.88
C LEU A 71 -3.27 -13.24 61.37
N TYR A 72 -2.37 -12.87 60.48
CA TYR A 72 -1.40 -13.84 59.94
C TYR A 72 -0.53 -14.41 61.05
N GLN A 73 0.01 -13.53 61.88
CA GLN A 73 0.91 -13.95 62.94
C GLN A 73 0.17 -14.82 63.97
N TYR A 74 -1.09 -14.47 64.24
CA TYR A 74 -1.89 -15.28 65.14
C TYR A 74 -2.16 -16.65 64.52
N LYS A 75 -2.48 -16.66 63.22
CA LYS A 75 -2.73 -17.93 62.53
C LYS A 75 -1.51 -18.86 62.54
N ASN A 76 -0.32 -18.31 62.32
CA ASN A 76 0.90 -19.11 62.31
C ASN A 76 1.14 -19.78 63.66
N ILE A 77 0.70 -19.11 64.73
CA ILE A 77 0.91 -19.62 66.08
C ILE A 77 -0.12 -20.66 66.46
N CYS A 78 -1.35 -20.48 66.00
CA CYS A 78 -2.48 -21.26 66.49
C CYS A 78 -2.78 -22.58 65.76
N GLN A 79 -1.99 -22.92 64.76
CA GLN A 79 -2.37 -24.04 63.91
C GLN A 79 -2.57 -25.25 64.83
N GLN A 80 -1.79 -25.27 65.89
CA GLN A 80 -1.72 -26.43 66.80
C GLN A 80 -3.05 -26.83 67.43
N VAL A 81 -3.81 -25.83 67.86
CA VAL A 81 -5.08 -26.07 68.55
C VAL A 81 -6.04 -24.91 68.32
N ASN A 82 -7.34 -25.17 68.46
CA ASN A 82 -8.32 -24.12 68.23
C ASN A 82 -8.12 -23.56 66.85
N ILE A 83 -7.83 -24.45 65.90
CA ILE A 83 -7.52 -24.05 64.54
C ILE A 83 -8.70 -23.34 63.88
N LYS A 84 -9.92 -23.77 64.15
CA LYS A 84 -11.04 -23.18 63.44
C LYS A 84 -11.03 -21.69 63.75
N SER A 85 -10.68 -21.40 64.99
CA SER A 85 -10.55 -20.05 65.54
C SER A 85 -10.05 -19.07 64.49
N LEU A 86 -9.10 -19.50 63.66
CA LEU A 86 -8.62 -18.66 62.57
C LEU A 86 -9.80 -18.25 61.67
N GLU A 87 -10.58 -19.24 61.24
CA GLU A 87 -11.75 -18.95 60.42
C GLU A 87 -12.73 -18.02 61.12
N ASP A 88 -12.82 -18.16 62.43
CA ASP A 88 -13.77 -17.39 63.22
C ASP A 88 -13.38 -15.94 63.35
N VAL A 89 -12.08 -15.69 63.48
CA VAL A 89 -11.59 -14.32 63.57
C VAL A 89 -11.56 -13.71 62.19
N VAL A 90 -11.42 -14.56 61.17
CA VAL A 90 -11.54 -14.09 59.80
C VAL A 90 -12.94 -13.56 59.57
N ARG A 91 -13.91 -14.39 59.93
CA ARG A 91 -15.31 -14.03 59.85
C ARG A 91 -15.59 -12.76 60.64
N ALA A 92 -15.08 -12.70 61.86
CA ALA A 92 -15.24 -11.53 62.72
C ALA A 92 -14.76 -10.25 62.05
N TYR A 93 -13.51 -10.29 61.55
CA TYR A 93 -12.90 -9.16 60.86
C TYR A 93 -13.80 -8.68 59.72
N LEU A 94 -14.20 -9.63 58.87
CA LEU A 94 -15.07 -9.29 57.74
C LEU A 94 -16.38 -8.66 58.20
N LYS A 95 -16.99 -9.21 59.23
CA LYS A 95 -18.27 -8.68 59.67
C LYS A 95 -18.13 -7.26 60.24
N MET A 96 -16.99 -7.00 60.90
CA MET A 96 -16.71 -5.67 61.46
C MET A 96 -16.53 -4.61 60.38
N ALA A 97 -15.70 -4.90 59.40
CA ALA A 97 -15.49 -3.91 58.34
C ALA A 97 -16.77 -3.75 57.51
N GLU A 98 -17.49 -4.86 57.37
CA GLU A 98 -18.73 -4.88 56.61
C GLU A 98 -19.80 -4.04 57.30
N GLU A 99 -19.73 -3.92 58.64
CA GLU A 99 -20.63 -3.02 59.38
C GLU A 99 -20.16 -1.55 59.34
N LYS A 100 -18.85 -1.32 59.32
CA LYS A 100 -18.39 0.06 59.19
C LYS A 100 -18.86 0.65 57.86
N THR A 101 -18.83 -0.16 56.80
CA THR A 101 -19.41 0.29 55.53
C THR A 101 -20.86 0.73 55.67
N GLU A 102 -21.64 -0.06 56.40
CA GLU A 102 -23.04 0.28 56.64
C GLU A 102 -23.15 1.63 57.32
N ALA A 103 -22.33 1.84 58.35
CA ALA A 103 -22.37 3.11 59.08
C ALA A 103 -21.99 4.32 58.23
N ALA A 104 -20.85 4.26 57.56
CA ALA A 104 -20.38 5.39 56.76
C ALA A 104 -21.29 5.68 55.57
N LYS A 105 -21.79 4.62 54.92
CA LYS A 105 -22.72 4.78 53.81
C LYS A 105 -24.06 5.36 54.25
N GLU A 106 -24.62 4.84 55.35
CA GLU A 106 -25.90 5.34 55.83
C GLU A 106 -25.82 6.77 56.38
N GLU A 107 -24.68 7.15 56.95
CA GLU A 107 -24.52 8.54 57.42
C GLU A 107 -24.23 9.52 56.29
N SER A 108 -23.35 9.15 55.35
CA SER A 108 -23.04 10.01 54.21
C SER A 108 -24.23 10.11 53.26
N LEU A 146 -15.00 8.79 52.68
CA LEU A 146 -15.88 7.65 52.46
C LEU A 146 -15.28 6.69 51.42
N THR A 147 -14.49 7.25 50.51
CA THR A 147 -13.73 6.47 49.54
C THR A 147 -12.72 5.58 50.24
N PRO A 148 -12.03 6.15 51.22
CA PRO A 148 -11.00 5.42 51.96
C PRO A 148 -11.68 4.23 52.60
N TRP A 149 -12.90 4.45 53.07
CA TRP A 149 -13.63 3.38 53.74
C TRP A 149 -13.99 2.23 52.81
N VAL A 150 -14.35 2.55 51.58
CA VAL A 150 -14.49 1.53 50.56
C VAL A 150 -13.17 0.83 50.30
N LYS A 151 -12.10 1.60 50.09
CA LYS A 151 -10.80 0.99 49.86
C LYS A 151 -10.35 0.16 51.06
N PHE A 152 -10.65 0.64 52.26
CA PHE A 152 -10.33 -0.12 53.47
C PHE A 152 -11.03 -1.47 53.44
N LEU A 153 -12.31 -1.43 53.09
CA LEU A 153 -13.09 -2.66 52.97
C LEU A 153 -12.54 -3.63 51.92
N TRP A 154 -12.20 -3.10 50.75
CA TRP A 154 -11.64 -3.93 49.70
C TRP A 154 -10.38 -4.58 50.20
N GLU A 155 -9.50 -3.76 50.76
CA GLU A 155 -8.21 -4.23 51.24
C GLU A 155 -8.36 -5.33 52.28
N SER A 156 -9.45 -5.23 53.04
CA SER A 156 -9.78 -6.19 54.09
C SER A 156 -10.23 -7.53 53.51
N TYR A 157 -11.19 -7.48 52.59
CA TYR A 157 -11.63 -8.66 51.85
C TYR A 157 -10.41 -9.37 51.26
N ARG A 158 -9.55 -8.58 50.60
CA ARG A 158 -8.36 -9.11 49.94
C ARG A 158 -7.45 -9.85 50.92
N GLN A 159 -7.17 -9.19 52.05
CA GLN A 159 -6.29 -9.78 53.07
C GLN A 159 -6.85 -11.09 53.65
N CYS A 160 -8.14 -11.10 53.94
CA CYS A 160 -8.78 -12.30 54.46
C CYS A 160 -8.73 -13.44 53.43
N LEU A 161 -8.94 -13.10 52.16
CA LEU A 161 -8.85 -14.09 51.08
C LEU A 161 -7.45 -14.69 50.95
N ASP A 162 -6.43 -13.84 51.05
CA ASP A 162 -5.05 -14.31 50.98
C ASP A 162 -4.65 -15.03 52.27
N LEU A 163 -5.44 -14.86 53.32
CA LEU A 163 -5.15 -15.52 54.58
C LEU A 163 -5.74 -16.91 54.58
N LEU A 164 -6.96 -17.02 54.08
CA LEU A 164 -7.70 -18.29 54.07
C LEU A 164 -7.39 -19.17 52.86
N ARG A 165 -6.59 -18.65 51.93
CA ARG A 165 -6.34 -19.32 50.65
C ARG A 165 -5.76 -20.73 50.85
N ASN A 166 -6.28 -21.66 50.08
CA ASN A 166 -5.75 -23.02 50.02
C ASN A 166 -5.61 -23.75 51.35
N ASN A 167 -6.68 -23.81 52.12
CA ASN A 167 -6.65 -24.56 53.37
C ASN A 167 -7.91 -25.38 53.52
N SER A 168 -7.72 -26.70 53.56
CA SER A 168 -8.82 -27.66 53.66
C SER A 168 -9.81 -27.31 54.74
N ARG A 169 -9.30 -26.87 55.89
CA ARG A 169 -10.14 -26.55 57.03
C ARG A 169 -10.74 -25.15 56.95
N VAL A 170 -10.20 -24.32 56.07
CA VAL A 170 -10.71 -22.97 55.93
C VAL A 170 -11.49 -22.77 54.62
N GLU A 171 -11.77 -23.87 53.91
CA GLU A 171 -12.40 -23.77 52.59
C GLU A 171 -13.80 -23.17 52.63
N ARG A 172 -14.59 -23.57 53.61
CA ARG A 172 -15.96 -23.06 53.65
C ARG A 172 -15.96 -21.58 53.96
N LEU A 173 -15.13 -21.18 54.93
CA LEU A 173 -15.03 -19.77 55.30
C LEU A 173 -14.47 -18.92 54.16
N TYR A 174 -13.43 -19.43 53.50
CA TYR A 174 -12.87 -18.77 52.33
C TYR A 174 -13.91 -18.61 51.23
N HIS A 175 -14.68 -19.67 50.96
CA HIS A 175 -15.71 -19.60 49.93
C HIS A 175 -16.75 -18.52 50.24
N ASP A 176 -17.03 -18.35 51.52
CA ASP A 176 -17.99 -17.35 51.96
C ASP A 176 -17.54 -15.93 51.70
N ILE A 177 -16.29 -15.64 52.05
CA ILE A 177 -15.71 -14.32 51.89
C ILE A 177 -15.62 -13.97 50.40
N ALA A 178 -15.38 -14.98 49.57
CA ALA A 178 -15.34 -14.75 48.13
C ALA A 178 -16.67 -14.23 47.63
N GLN A 179 -17.76 -14.87 48.03
CA GLN A 179 -19.09 -14.44 47.63
C GLN A 179 -19.36 -13.02 48.11
N GLN A 180 -18.94 -12.74 49.34
CA GLN A 180 -19.13 -11.44 49.95
C GLN A 180 -18.35 -10.39 49.19
N ALA A 181 -17.14 -10.79 48.78
CA ALA A 181 -16.24 -9.88 48.07
C ALA A 181 -16.78 -9.52 46.70
N PHE A 182 -17.37 -10.50 46.03
CA PHE A 182 -17.93 -10.26 44.71
C PHE A 182 -19.18 -9.42 44.79
N LYS A 183 -19.97 -9.63 45.84
CA LYS A 183 -21.17 -8.84 45.99
C LYS A 183 -20.78 -7.40 46.21
N PHE A 184 -19.63 -7.20 46.86
CA PHE A 184 -19.15 -5.87 47.16
C PHE A 184 -18.81 -5.16 45.86
N CYS A 185 -18.12 -5.86 44.97
CA CYS A 185 -17.70 -5.30 43.70
C CYS A 185 -18.89 -4.91 42.82
N LEU A 186 -19.92 -5.74 42.84
CA LEU A 186 -21.10 -5.48 42.04
C LEU A 186 -21.86 -4.30 42.58
N GLN A 187 -21.95 -4.25 43.90
CA GLN A 187 -22.77 -3.26 44.58
C GLN A 187 -22.15 -1.87 44.51
N TYR A 188 -20.83 -1.81 44.40
CA TYR A 188 -20.14 -0.52 44.41
C TYR A 188 -19.38 -0.29 43.12
N THR A 189 -19.76 -1.02 42.07
CA THR A 189 -19.20 -0.88 40.73
C THR A 189 -17.68 -0.87 40.72
N ARG A 190 -17.07 -1.62 41.62
CA ARG A 190 -15.61 -1.60 41.74
C ARG A 190 -15.00 -2.50 40.69
N LYS A 191 -15.10 -2.07 39.43
CA LYS A 191 -14.68 -2.88 38.30
C LYS A 191 -13.19 -3.19 38.30
N ALA A 192 -12.38 -2.18 38.61
CA ALA A 192 -10.93 -2.35 38.63
C ALA A 192 -10.50 -3.38 39.67
N GLU A 193 -11.14 -3.33 40.84
CA GLU A 193 -10.81 -4.26 41.91
C GLU A 193 -11.35 -5.65 41.58
N PHE A 194 -12.54 -5.71 40.97
CA PHE A 194 -13.14 -6.99 40.58
C PHE A 194 -12.23 -7.77 39.67
N ARG A 195 -11.66 -7.10 38.65
CA ARG A 195 -10.71 -7.74 37.76
C ARG A 195 -9.53 -8.29 38.55
N LYS A 196 -9.07 -7.51 39.53
CA LYS A 196 -7.91 -7.94 40.32
C LYS A 196 -8.31 -9.09 41.22
N LEU A 197 -9.54 -9.05 41.72
CA LEU A 197 -10.06 -10.13 42.55
C LEU A 197 -9.99 -11.43 41.77
N CYS A 198 -10.45 -11.39 40.54
CA CYS A 198 -10.52 -12.56 39.67
C CYS A 198 -9.13 -13.16 39.48
N ASP A 199 -8.16 -12.28 39.24
CA ASP A 199 -6.80 -12.69 39.02
C ASP A 199 -6.24 -13.35 40.27
N ASN A 200 -6.63 -12.83 41.43
CA ASN A 200 -6.20 -13.39 42.70
C ASN A 200 -6.69 -14.82 42.82
N LEU A 201 -7.95 -15.02 42.41
CA LEU A 201 -8.55 -16.33 42.47
C LEU A 201 -7.85 -17.32 41.56
N ARG A 202 -7.34 -16.82 40.44
CA ARG A 202 -6.61 -17.66 39.51
C ARG A 202 -5.32 -18.14 40.15
N MET A 203 -4.59 -17.20 40.76
CA MET A 203 -3.32 -17.53 41.39
C MET A 203 -3.52 -18.55 42.48
N HIS A 204 -4.62 -18.38 43.21
CA HIS A 204 -4.93 -19.28 44.30
C HIS A 204 -5.12 -20.70 43.80
N LEU A 205 -5.83 -20.83 42.68
CA LEU A 205 -6.13 -22.15 42.13
C LEU A 205 -4.90 -22.80 41.52
N SER A 206 -4.02 -22.00 40.93
CA SER A 206 -2.78 -22.54 40.38
C SER A 206 -1.92 -23.15 41.47
N GLN A 207 -1.94 -22.51 42.63
CA GLN A 207 -1.16 -22.93 43.79
C GLN A 207 -1.59 -24.31 44.29
N ILE A 208 -2.89 -24.56 44.26
CA ILE A 208 -3.45 -25.78 44.83
C ILE A 208 -2.90 -27.02 44.16
N GLN A 209 -2.76 -27.00 42.84
CA GLN A 209 -2.19 -28.13 42.13
C GLN A 209 -0.75 -28.33 42.59
N ARG A 210 -0.02 -27.23 42.72
CA ARG A 210 1.31 -27.25 43.32
C ARG A 210 1.18 -27.62 44.79
N HIS A 211 0.14 -27.08 45.43
CA HIS A 211 -0.13 -27.30 46.84
C HIS A 211 -0.42 -28.76 47.15
N HIS A 212 -1.14 -29.43 46.25
CA HIS A 212 -1.66 -30.76 46.50
C HIS A 212 -0.54 -31.75 46.79
N ASN A 213 0.57 -31.62 46.07
CA ASN A 213 1.73 -32.46 46.36
C ASN A 213 2.21 -32.17 47.77
N GLN A 214 2.19 -30.88 48.13
CA GLN A 214 2.50 -30.45 49.49
C GLN A 214 1.41 -30.89 50.46
N SER A 215 1.80 -31.22 51.69
CA SER A 215 0.86 -31.66 52.72
C SER A 215 -0.10 -30.55 53.14
N THR A 216 -1.34 -30.94 53.44
CA THR A 216 -2.36 -30.00 53.90
C THR A 216 -3.04 -29.25 52.76
N ALA A 217 -2.72 -29.62 51.53
CA ALA A 217 -3.31 -29.00 50.35
C ALA A 217 -4.78 -29.33 50.20
N ILE A 218 -5.54 -28.41 49.63
CA ILE A 218 -6.95 -28.65 49.35
C ILE A 218 -7.06 -29.76 48.31
N ASN A 219 -8.05 -30.63 48.49
CA ASN A 219 -8.17 -31.81 47.63
C ASN A 219 -9.09 -31.51 46.45
N LEU A 220 -8.51 -31.25 45.28
CA LEU A 220 -9.30 -31.01 44.07
C LEU A 220 -9.94 -32.28 43.54
N ASN A 221 -9.66 -33.39 44.21
CA ASN A 221 -10.32 -34.66 43.95
C ASN A 221 -11.70 -34.70 44.61
N ASN A 222 -11.82 -34.07 45.78
CA ASN A 222 -13.05 -34.04 46.58
C ASN A 222 -14.16 -33.19 45.95
N PRO A 223 -15.39 -33.71 45.95
CA PRO A 223 -16.49 -33.05 45.24
C PRO A 223 -16.98 -31.77 45.90
N GLU A 224 -16.98 -31.75 47.23
CA GLU A 224 -17.43 -30.60 47.99
C GLU A 224 -16.50 -29.43 47.73
N SER A 225 -15.21 -29.72 47.77
CA SER A 225 -14.18 -28.73 47.49
C SER A 225 -14.37 -28.11 46.11
N GLN A 226 -14.64 -28.94 45.11
CA GLN A 226 -14.85 -28.44 43.76
C GLN A 226 -16.15 -27.67 43.64
N SER A 227 -17.20 -28.19 44.27
CA SER A 227 -18.52 -27.56 44.16
C SER A 227 -18.44 -26.13 44.67
N MET A 228 -17.63 -25.91 45.70
CA MET A 228 -17.44 -24.58 46.25
C MET A 228 -16.68 -23.68 45.28
N HIS A 229 -15.55 -24.19 44.78
CA HIS A 229 -14.75 -23.46 43.82
C HIS A 229 -15.55 -23.12 42.57
N LEU A 230 -16.30 -24.10 42.08
CA LEU A 230 -17.10 -23.91 40.87
C LEU A 230 -18.18 -22.87 41.12
N GLU A 231 -18.77 -22.92 42.31
CA GLU A 231 -19.80 -21.98 42.69
C GLU A 231 -19.27 -20.56 42.64
N THR A 232 -18.01 -20.38 43.04
CA THR A 232 -17.38 -19.07 43.04
C THR A 232 -17.18 -18.55 41.63
N ARG A 233 -16.61 -19.40 40.79
CA ARG A 233 -16.35 -19.01 39.41
C ARG A 233 -17.67 -18.72 38.67
N LEU A 234 -18.74 -19.47 38.99
CA LEU A 234 -20.04 -19.20 38.40
C LEU A 234 -20.46 -17.76 38.69
N VAL A 235 -20.18 -17.32 39.91
CA VAL A 235 -20.60 -16.00 40.35
C VAL A 235 -19.70 -14.98 39.69
N GLN A 236 -18.43 -15.34 39.53
CA GLN A 236 -17.47 -14.50 38.82
C GLN A 236 -17.98 -14.18 37.42
N LEU A 237 -18.51 -15.18 36.72
CA LEU A 237 -19.10 -14.94 35.41
C LEU A 237 -20.31 -14.00 35.54
N ASP A 238 -21.15 -14.22 36.54
CA ASP A 238 -22.36 -13.41 36.67
C ASP A 238 -22.06 -11.93 36.90
N SER A 239 -21.16 -11.64 37.85
CA SER A 239 -20.78 -10.26 38.14
C SER A 239 -20.13 -9.61 36.92
N ALA A 240 -19.30 -10.38 36.21
CA ALA A 240 -18.65 -9.91 35.00
C ALA A 240 -19.66 -9.39 33.99
N ILE A 241 -20.73 -10.13 33.79
CA ILE A 241 -21.76 -9.72 32.85
C ILE A 241 -22.50 -8.48 33.36
N SER A 242 -22.76 -8.44 34.66
CA SER A 242 -23.51 -7.33 35.24
C SER A 242 -22.70 -6.05 35.24
N MET A 243 -21.38 -6.19 35.32
CA MET A 243 -20.49 -5.03 35.28
C MET A 243 -20.08 -4.71 33.84
N GLU A 244 -20.68 -5.43 32.90
CA GLU A 244 -20.40 -5.25 31.49
C GLU A 244 -18.92 -5.36 31.15
N LEU A 245 -18.17 -6.11 31.97
CA LEU A 245 -16.76 -6.38 31.68
C LEU A 245 -16.67 -7.63 30.81
N TRP A 246 -17.01 -7.49 29.53
CA TRP A 246 -17.18 -8.66 28.67
C TRP A 246 -15.93 -9.49 28.43
N GLN A 247 -14.76 -8.84 28.31
CA GLN A 247 -13.53 -9.60 28.13
C GLN A 247 -13.26 -10.43 29.35
N GLU A 248 -13.57 -9.86 30.53
CA GLU A 248 -13.36 -10.58 31.77
C GLU A 248 -14.37 -11.70 31.87
N ALA A 249 -15.59 -11.44 31.41
CA ALA A 249 -16.63 -12.45 31.37
C ALA A 249 -16.15 -13.67 30.60
N PHE A 250 -15.62 -13.43 29.40
CA PHE A 250 -15.15 -14.50 28.54
C PHE A 250 -14.04 -15.31 29.21
N LYS A 251 -13.12 -14.64 29.89
CA LYS A 251 -12.06 -15.34 30.62
C LYS A 251 -12.63 -16.21 31.74
N ALA A 252 -13.68 -15.71 32.38
CA ALA A 252 -14.27 -16.41 33.50
C ALA A 252 -15.11 -17.59 33.03
N VAL A 253 -15.52 -17.55 31.77
CA VAL A 253 -16.29 -18.66 31.20
C VAL A 253 -15.41 -19.89 31.06
N GLU A 254 -14.19 -19.71 30.56
CA GLU A 254 -13.25 -20.81 30.51
C GLU A 254 -12.81 -21.25 31.90
N ASP A 255 -12.72 -20.30 32.82
CA ASP A 255 -12.41 -20.62 34.22
C ASP A 255 -13.45 -21.60 34.72
N ILE A 256 -14.72 -21.27 34.45
CA ILE A 256 -15.86 -22.12 34.82
C ILE A 256 -15.78 -23.46 34.11
N HIS A 257 -15.50 -23.42 32.82
CA HIS A 257 -15.43 -24.61 32.00
C HIS A 257 -14.42 -25.62 32.53
N GLY A 258 -13.21 -25.15 32.82
CA GLY A 258 -12.15 -26.03 33.29
C GLY A 258 -12.49 -26.69 34.61
N LEU A 259 -13.29 -26.02 35.43
CA LEU A 259 -13.71 -26.59 36.69
C LEU A 259 -14.83 -27.61 36.49
N PHE A 260 -15.73 -27.35 35.54
CA PHE A 260 -16.77 -28.34 35.25
C PHE A 260 -16.23 -29.65 34.73
N SER A 261 -15.11 -29.62 34.00
CA SER A 261 -14.55 -30.86 33.45
C SER A 261 -14.03 -31.73 34.61
N LEU A 262 -13.36 -31.09 35.55
CA LEU A 262 -12.84 -31.70 36.76
C LEU A 262 -13.98 -32.13 37.70
N SER A 263 -15.13 -31.47 37.54
CA SER A 263 -16.29 -31.65 38.41
C SER A 263 -16.97 -33.00 38.34
N LYS A 264 -17.19 -33.63 39.50
CA LYS A 264 -17.90 -34.89 39.57
C LYS A 264 -19.39 -34.74 39.84
N LYS A 265 -19.72 -34.01 40.89
CA LYS A 265 -21.11 -33.71 41.26
C LYS A 265 -21.71 -32.61 40.39
N PRO A 266 -22.95 -32.79 39.94
CA PRO A 266 -23.60 -31.79 39.10
C PRO A 266 -23.92 -30.53 39.90
N PRO A 267 -23.97 -29.36 39.23
CA PRO A 267 -24.30 -28.15 39.97
C PRO A 267 -25.78 -28.06 40.18
N LYS A 268 -26.23 -27.14 41.02
CA LYS A 268 -27.64 -26.92 41.22
C LYS A 268 -28.17 -26.43 39.88
N PRO A 269 -29.27 -27.01 39.39
CA PRO A 269 -29.80 -26.59 38.09
C PRO A 269 -30.23 -25.13 38.10
N GLN A 270 -30.55 -24.61 39.28
CA GLN A 270 -30.87 -23.20 39.40
C GLN A 270 -29.69 -22.35 38.96
N LEU A 271 -28.54 -22.58 39.61
CA LEU A 271 -27.34 -21.78 39.38
C LEU A 271 -26.74 -22.06 38.02
N MET A 272 -27.06 -23.22 37.48
CA MET A 272 -26.54 -23.63 36.19
C MET A 272 -27.27 -22.95 35.03
N ALA A 273 -28.58 -22.89 35.15
CA ALA A 273 -29.41 -22.20 34.16
C ALA A 273 -29.11 -20.71 34.11
N ASN A 274 -28.77 -20.13 35.26
CA ASN A 274 -28.38 -18.73 35.30
C ASN A 274 -27.10 -18.58 34.50
N TYR A 275 -26.19 -19.52 34.69
CA TYR A 275 -24.93 -19.53 33.94
C TYR A 275 -25.15 -19.47 32.43
N TYR A 276 -25.99 -20.35 31.91
CA TYR A 276 -26.27 -20.38 30.48
C TYR A 276 -26.96 -19.11 30.02
N ASN A 277 -27.79 -18.55 30.89
CA ASN A 277 -28.53 -17.34 30.55
C ASN A 277 -27.54 -16.18 30.46
N LYS A 278 -26.38 -16.33 31.09
CA LYS A 278 -25.30 -15.34 30.99
C LYS A 278 -24.51 -15.50 29.71
N VAL A 279 -24.30 -16.75 29.31
CA VAL A 279 -23.56 -17.03 28.09
C VAL A 279 -24.28 -16.46 26.89
N SER A 280 -25.62 -16.44 26.93
CA SER A 280 -26.37 -15.88 25.81
C SER A 280 -26.10 -14.39 25.67
N THR A 281 -25.89 -13.70 26.79
CA THR A 281 -25.63 -12.27 26.73
C THR A 281 -24.21 -12.02 26.23
N VAL A 282 -23.26 -12.74 26.83
CA VAL A 282 -21.86 -12.60 26.46
C VAL A 282 -21.68 -12.77 24.97
N PHE A 283 -22.24 -13.85 24.43
CA PHE A 283 -22.07 -14.21 23.03
C PHE A 283 -22.88 -13.33 22.07
N TRP A 284 -23.90 -12.66 22.58
CA TRP A 284 -24.62 -11.68 21.76
C TRP A 284 -23.72 -10.47 21.61
N LYS A 285 -23.10 -10.06 22.71
CA LYS A 285 -22.15 -8.95 22.70
C LYS A 285 -20.88 -9.33 21.94
N SER A 286 -20.55 -10.63 21.94
CA SER A 286 -19.29 -11.10 21.34
C SER A 286 -19.40 -11.12 19.85
N GLY A 287 -20.62 -11.22 19.35
CA GLY A 287 -20.84 -11.34 17.92
C GLY A 287 -20.63 -12.76 17.44
N ASN A 288 -20.65 -13.70 18.37
CA ASN A 288 -20.58 -15.11 18.02
C ASN A 288 -21.99 -15.70 18.09
N ALA A 289 -22.71 -15.69 16.96
CA ALA A 289 -24.14 -16.00 16.98
C ALA A 289 -24.42 -17.49 17.12
N LEU A 290 -23.47 -18.33 16.73
CA LEU A 290 -23.65 -19.77 16.86
C LEU A 290 -23.58 -20.18 18.32
N PHE A 291 -22.65 -19.59 19.05
CA PHE A 291 -22.53 -19.86 20.47
C PHE A 291 -23.73 -19.32 21.22
N HIS A 292 -24.21 -18.16 20.78
CA HIS A 292 -25.38 -17.52 21.35
C HIS A 292 -26.59 -18.45 21.35
N ALA A 293 -26.88 -19.02 20.17
CA ALA A 293 -28.00 -19.93 20.03
C ALA A 293 -27.79 -21.22 20.84
N SER A 294 -26.55 -21.70 20.88
CA SER A 294 -26.24 -22.91 21.64
C SER A 294 -26.57 -22.71 23.11
N THR A 295 -26.10 -21.59 23.66
CA THR A 295 -26.35 -21.24 25.06
C THR A 295 -27.84 -21.13 25.36
N LEU A 296 -28.59 -20.54 24.43
CA LEU A 296 -30.04 -20.49 24.54
C LEU A 296 -30.65 -21.87 24.65
N HIS A 297 -30.15 -22.79 23.83
CA HIS A 297 -30.70 -24.12 23.78
C HIS A 297 -30.41 -24.85 25.09
N ARG A 298 -29.18 -24.68 25.58
CA ARG A 298 -28.78 -25.30 26.82
C ARG A 298 -29.66 -24.82 27.96
N LEU A 299 -30.05 -23.55 27.89
CA LEU A 299 -30.90 -22.99 28.91
C LEU A 299 -32.33 -23.48 28.77
N TYR A 300 -32.79 -23.63 27.52
CA TYR A 300 -34.15 -24.09 27.27
C TYR A 300 -34.33 -25.52 27.74
N HIS A 301 -33.36 -26.37 27.39
CA HIS A 301 -33.41 -27.78 27.76
C HIS A 301 -33.42 -27.92 29.29
N LEU A 302 -32.80 -26.96 29.96
CA LEU A 302 -32.67 -26.99 31.40
C LEU A 302 -33.87 -26.30 32.08
N SER A 303 -34.49 -25.36 31.38
CA SER A 303 -35.64 -24.65 31.93
C SER A 303 -36.92 -25.41 31.66
N ARG A 304 -36.87 -26.34 30.70
CA ARG A 304 -38.00 -27.22 30.46
C ARG A 304 -38.24 -28.13 31.67
N GLU A 305 -37.15 -28.67 32.22
CA GLU A 305 -37.22 -29.51 33.41
C GLU A 305 -37.68 -28.73 34.64
N MET A 306 -37.16 -27.52 34.79
CA MET A 306 -37.49 -26.68 35.93
C MET A 306 -38.04 -25.33 35.45
N ARG A 307 -39.16 -24.89 36.01
CA ARG A 307 -39.88 -25.60 37.06
C ARG A 307 -40.54 -26.85 36.52
N LYS A 308 -40.83 -27.80 37.40
CA LYS A 308 -41.48 -29.04 37.00
C LYS A 308 -42.81 -28.66 36.38
N ASN A 309 -43.48 -27.69 36.99
CA ASN A 309 -44.62 -27.05 36.37
C ASN A 309 -44.17 -25.65 35.95
N LEU A 310 -44.31 -25.36 34.65
CA LEU A 310 -43.79 -24.12 34.10
C LEU A 310 -44.76 -23.44 33.16
N THR A 311 -44.63 -22.13 33.02
CA THR A 311 -45.48 -21.35 32.13
C THR A 311 -45.29 -21.77 30.68
N GLN A 312 -46.39 -21.83 29.95
CA GLN A 312 -46.38 -22.19 28.53
C GLN A 312 -46.05 -20.93 27.72
N ASP A 313 -46.39 -19.78 28.27
CA ASP A 313 -46.18 -18.50 27.59
C ASP A 313 -44.68 -18.21 27.41
N GLU A 314 -43.87 -18.74 28.34
CA GLU A 314 -42.42 -18.60 28.23
C GLU A 314 -41.86 -19.53 27.18
N MET A 315 -42.27 -20.80 27.23
CA MET A 315 -41.91 -21.77 26.19
C MET A 315 -42.23 -21.23 24.80
N GLN A 316 -43.31 -20.46 24.70
CA GLN A 316 -43.65 -19.81 23.43
C GLN A 316 -42.50 -18.90 23.00
N ARG A 317 -42.20 -17.89 23.82
CA ARG A 317 -41.22 -16.88 23.47
C ARG A 317 -39.76 -17.36 23.41
N MET A 318 -39.37 -18.25 24.32
CA MET A 318 -38.00 -18.74 24.32
C MET A 318 -37.70 -19.55 23.05
N SER A 319 -38.59 -20.50 22.73
CA SER A 319 -38.42 -21.35 21.55
C SER A 319 -38.34 -20.50 20.29
N THR A 320 -39.19 -19.48 20.22
CA THR A 320 -39.20 -18.58 19.09
C THR A 320 -37.88 -17.85 19.02
N ARG A 321 -37.46 -17.25 20.12
CA ARG A 321 -36.16 -16.58 20.21
C ARG A 321 -35.03 -17.47 19.68
N VAL A 322 -34.96 -18.69 20.21
CA VAL A 322 -33.92 -19.65 19.80
C VAL A 322 -33.92 -19.86 18.30
N LEU A 323 -35.11 -20.03 17.74
CA LEU A 323 -35.25 -20.30 16.32
C LEU A 323 -34.89 -19.07 15.50
N LEU A 324 -35.37 -17.90 15.92
CA LEU A 324 -35.11 -16.65 15.23
C LEU A 324 -33.63 -16.34 15.21
N ALA A 325 -32.96 -16.60 16.34
CA ALA A 325 -31.53 -16.33 16.45
C ALA A 325 -30.73 -17.23 15.50
N THR A 326 -31.31 -18.36 15.12
CA THR A 326 -30.63 -19.29 14.23
C THR A 326 -30.84 -18.96 12.75
N LEU A 327 -31.99 -18.38 12.43
CA LEU A 327 -32.28 -17.92 11.08
C LEU A 327 -31.47 -16.65 10.86
N SER A 328 -31.28 -15.93 11.95
CA SER A 328 -30.67 -14.61 11.93
C SER A 328 -29.15 -14.72 11.88
N ILE A 329 -28.64 -15.95 11.86
CA ILE A 329 -27.20 -16.19 11.89
C ILE A 329 -26.54 -15.92 10.54
N PRO A 330 -25.35 -15.31 10.57
CA PRO A 330 -24.65 -14.95 9.35
C PRO A 330 -24.35 -16.19 8.52
N ILE A 331 -24.49 -16.07 7.21
CA ILE A 331 -24.47 -17.22 6.32
C ILE A 331 -23.14 -17.97 6.45
N THR A 332 -23.25 -19.30 6.53
CA THR A 332 -22.08 -20.16 6.70
C THR A 332 -21.66 -20.82 5.40
N PRO A 333 -22.28 -20.41 4.29
CA PRO A 333 -22.04 -21.06 3.00
C PRO A 333 -20.59 -20.93 2.55
N GLU A 334 -20.05 -22.01 1.99
CA GLU A 334 -18.68 -22.05 1.52
C GLU A 334 -18.64 -22.37 0.03
N ARG A 335 -17.84 -21.61 -0.72
CA ARG A 335 -17.75 -21.80 -2.16
C ARG A 335 -17.19 -23.18 -2.50
N THR A 336 -17.76 -23.80 -3.53
CA THR A 336 -17.35 -25.13 -3.97
C THR A 336 -16.01 -25.17 -4.71
N ASP A 337 -15.78 -24.21 -5.59
CA ASP A 337 -14.56 -24.18 -6.39
C ASP A 337 -13.32 -24.01 -5.52
N ILE A 338 -13.41 -23.04 -4.61
CA ILE A 338 -12.31 -22.71 -3.71
C ILE A 338 -11.97 -23.82 -2.72
N ALA A 339 -13.01 -24.44 -2.17
CA ALA A 339 -12.82 -25.40 -1.09
C ALA A 339 -12.00 -26.62 -1.50
N ARG A 340 -12.26 -27.16 -2.69
CA ARG A 340 -11.51 -28.32 -3.13
C ARG A 340 -10.03 -28.00 -3.31
N LEU A 341 -9.75 -26.87 -3.96
CA LEU A 341 -8.37 -26.46 -4.19
C LEU A 341 -7.59 -26.10 -2.92
N LEU A 342 -8.22 -25.34 -2.03
CA LEU A 342 -7.54 -24.88 -0.82
C LEU A 342 -8.24 -25.26 0.49
N ASP A 343 -9.46 -25.77 0.40
CA ASP A 343 -10.24 -26.04 1.59
C ASP A 343 -10.36 -24.77 2.41
N MET A 344 -10.57 -23.65 1.74
CA MET A 344 -10.57 -22.34 2.39
C MET A 344 -11.93 -21.63 2.35
N ASP A 345 -12.35 -21.14 3.52
CA ASP A 345 -13.60 -20.40 3.66
C ASP A 345 -13.42 -19.35 4.74
N GLY A 346 -14.17 -18.26 4.65
CA GLY A 346 -14.06 -17.19 5.64
C GLY A 346 -12.86 -16.30 5.43
N ILE A 347 -12.51 -15.52 6.46
CA ILE A 347 -11.42 -14.56 6.36
C ILE A 347 -10.04 -15.17 6.09
N ILE A 348 -9.71 -16.28 6.75
CA ILE A 348 -10.55 -16.87 7.78
C ILE A 348 -9.83 -16.93 9.12
N VAL A 349 -10.51 -16.49 10.18
CA VAL A 349 -9.95 -16.53 11.53
C VAL A 349 -10.99 -16.21 12.61
N GLU A 350 -10.99 -17.02 13.66
CA GLU A 350 -11.96 -16.91 14.76
C GLU A 350 -11.27 -17.32 16.06
N LYS A 351 -10.86 -16.32 16.84
CA LYS A 351 -10.09 -16.52 18.08
C LYS A 351 -10.91 -17.11 19.22
N GLN A 352 -12.22 -17.25 19.00
CA GLN A 352 -13.09 -17.82 20.00
C GLN A 352 -13.42 -19.26 19.64
N ARG A 353 -12.48 -19.90 18.93
CA ARG A 353 -12.70 -21.23 18.37
C ARG A 353 -12.67 -22.31 19.46
N ARG A 354 -11.83 -22.09 20.46
CA ARG A 354 -11.71 -23.03 21.56
C ARG A 354 -13.05 -23.23 22.27
N LEU A 355 -13.85 -22.18 22.24
CA LEU A 355 -15.09 -22.15 23.00
C LEU A 355 -16.11 -23.19 22.54
N ALA A 356 -16.07 -23.54 21.25
CA ALA A 356 -17.01 -24.54 20.73
C ALA A 356 -16.73 -25.90 21.37
N THR A 357 -15.44 -26.24 21.47
CA THR A 357 -15.02 -27.46 22.16
C THR A 357 -15.35 -27.32 23.63
N LEU A 358 -15.28 -26.10 24.13
CA LEU A 358 -15.58 -25.82 25.53
C LEU A 358 -17.06 -26.04 25.90
N LEU A 359 -17.96 -25.99 24.92
CA LEU A 359 -19.38 -26.20 25.22
C LEU A 359 -19.84 -27.63 24.95
N GLY A 360 -18.92 -28.59 25.01
CA GLY A 360 -19.24 -30.00 24.75
C GLY A 360 -19.76 -30.26 23.34
N LEU A 361 -19.51 -29.33 22.44
CA LEU A 361 -19.83 -29.51 21.04
C LEU A 361 -18.69 -30.30 20.41
N GLN A 362 -19.02 -31.30 19.61
CA GLN A 362 -17.99 -32.14 19.03
C GLN A 362 -17.15 -31.34 18.04
N ALA A 363 -17.74 -30.33 17.44
CA ALA A 363 -17.04 -29.45 16.50
C ALA A 363 -17.86 -28.18 16.22
N PRO A 364 -17.21 -27.17 15.68
CA PRO A 364 -17.96 -25.97 15.32
C PRO A 364 -18.99 -26.35 14.28
N PRO A 365 -20.22 -25.90 14.47
CA PRO A 365 -21.30 -26.16 13.52
C PRO A 365 -21.50 -25.08 12.45
N THR A 366 -22.37 -25.38 11.49
CA THR A 366 -22.79 -24.42 10.47
C THR A 366 -24.17 -23.93 10.90
N ARG A 367 -24.65 -22.85 10.29
CA ARG A 367 -25.98 -22.34 10.67
C ARG A 367 -27.06 -23.30 10.21
N ILE A 368 -26.81 -23.96 9.07
CA ILE A 368 -27.75 -24.94 8.56
C ILE A 368 -27.88 -26.07 9.57
N GLY A 369 -26.74 -26.54 10.08
CA GLY A 369 -26.75 -27.61 11.07
C GLY A 369 -27.54 -27.22 12.31
N LEU A 370 -27.21 -26.06 12.88
CA LEU A 370 -27.87 -25.55 14.09
C LEU A 370 -29.38 -25.44 13.90
N ILE A 371 -29.75 -25.02 12.70
CA ILE A 371 -31.14 -24.81 12.31
C ILE A 371 -31.94 -26.11 12.39
N ASN A 372 -31.30 -27.22 12.06
CA ASN A 372 -31.97 -28.52 12.05
C ASN A 372 -32.50 -28.83 13.44
N ASP A 373 -31.74 -28.48 14.47
CA ASP A 373 -32.22 -28.60 15.83
C ASP A 373 -33.43 -27.70 15.98
N MET A 374 -33.36 -26.53 15.36
CA MET A 374 -34.49 -25.62 15.25
C MET A 374 -35.58 -26.32 14.44
N VAL A 375 -35.15 -27.07 13.43
CA VAL A 375 -36.04 -27.83 12.57
C VAL A 375 -36.83 -28.85 13.38
N ARG A 376 -36.18 -29.41 14.40
CA ARG A 376 -36.79 -30.45 15.21
C ARG A 376 -38.04 -29.91 15.91
N PHE A 377 -39.01 -30.78 16.11
CA PHE A 377 -40.37 -30.40 16.49
C PHE A 377 -40.48 -29.68 17.84
N ASN A 378 -39.69 -30.09 18.83
CA ASN A 378 -39.82 -29.49 20.15
C ASN A 378 -39.52 -27.99 20.10
N VAL A 379 -38.45 -27.61 19.40
CA VAL A 379 -38.20 -26.20 19.18
C VAL A 379 -39.33 -25.61 18.34
N LEU A 380 -39.74 -26.38 17.32
CA LEU A 380 -40.83 -25.99 16.44
C LEU A 380 -42.19 -25.92 17.13
N GLN A 381 -42.48 -26.88 18.00
CA GLN A 381 -43.80 -27.01 18.60
C GLN A 381 -44.17 -25.81 19.46
N TYR A 382 -43.23 -25.31 20.23
CA TYR A 382 -43.45 -24.13 21.06
C TYR A 382 -43.13 -22.87 20.27
N VAL A 383 -42.65 -23.05 19.06
CA VAL A 383 -42.17 -21.94 18.24
C VAL A 383 -43.37 -21.23 17.62
N VAL A 384 -43.39 -19.90 17.73
CA VAL A 384 -44.43 -19.11 17.07
C VAL A 384 -44.49 -19.45 15.59
N PRO A 385 -45.69 -19.49 15.04
CA PRO A 385 -45.90 -19.95 13.66
C PRO A 385 -45.21 -19.07 12.60
N GLU A 386 -45.29 -17.75 12.81
CA GLU A 386 -44.73 -16.77 11.89
C GLU A 386 -43.28 -17.07 11.55
N VAL A 387 -42.52 -17.54 12.55
CA VAL A 387 -41.13 -17.89 12.36
C VAL A 387 -40.94 -19.11 11.47
N LYS A 388 -41.87 -20.06 11.58
CA LYS A 388 -41.83 -21.26 10.76
C LYS A 388 -42.07 -20.84 9.31
N ASP A 389 -43.01 -19.90 9.14
CA ASP A 389 -43.28 -19.36 7.82
C ASP A 389 -42.07 -18.63 7.25
N LEU A 390 -41.46 -17.77 8.07
CA LEU A 390 -40.25 -17.03 7.72
C LEU A 390 -39.18 -18.00 7.23
N TYR A 391 -38.99 -19.07 7.99
CA TYR A 391 -38.02 -20.10 7.62
C TYR A 391 -38.37 -20.67 6.26
N ASN A 392 -39.65 -20.86 5.98
CA ASN A 392 -40.01 -21.34 4.65
C ASN A 392 -39.62 -20.33 3.57
N TRP A 393 -39.95 -19.06 3.83
CA TRP A 393 -39.79 -17.96 2.87
C TRP A 393 -38.34 -17.73 2.50
N LEU A 394 -37.44 -17.99 3.44
CA LEU A 394 -36.04 -17.64 3.27
C LEU A 394 -35.15 -18.86 3.03
N GLU A 395 -35.40 -19.92 3.79
CA GLU A 395 -34.56 -21.11 3.71
C GLU A 395 -35.12 -22.18 2.78
N VAL A 396 -36.45 -22.32 2.71
CA VAL A 396 -37.02 -23.39 1.90
C VAL A 396 -37.19 -22.95 0.45
N GLU A 397 -38.25 -22.19 0.19
CA GLU A 397 -38.52 -21.71 -1.16
C GLU A 397 -38.34 -20.21 -1.27
N PHE A 398 -37.11 -19.80 -1.54
CA PHE A 398 -36.77 -18.39 -1.66
C PHE A 398 -36.88 -17.93 -3.10
N ASN A 399 -37.77 -16.97 -3.33
CA ASN A 399 -37.93 -16.36 -4.65
C ASN A 399 -38.01 -14.85 -4.54
N PRO A 400 -37.05 -14.17 -5.16
CA PRO A 400 -36.91 -12.73 -5.03
C PRO A 400 -38.15 -11.98 -5.53
N LEU A 401 -38.82 -12.56 -6.51
CA LEU A 401 -39.97 -11.91 -7.13
C LEU A 401 -41.18 -11.89 -6.20
N LYS A 402 -41.10 -12.60 -5.09
CA LYS A 402 -42.22 -12.68 -4.15
C LYS A 402 -41.83 -12.52 -2.68
N LEU A 403 -40.54 -12.44 -2.40
CA LEU A 403 -40.09 -12.43 -1.01
C LEU A 403 -40.53 -11.17 -0.30
N CYS A 404 -40.44 -10.04 -0.99
CA CYS A 404 -40.81 -8.75 -0.42
C CYS A 404 -42.26 -8.71 0.03
N GLU A 405 -43.14 -9.32 -0.76
CA GLU A 405 -44.56 -9.33 -0.44
C GLU A 405 -44.81 -10.20 0.79
N ARG A 406 -44.30 -11.42 0.74
CA ARG A 406 -44.41 -12.37 1.84
C ARG A 406 -43.94 -11.75 3.16
N VAL A 407 -42.75 -11.15 3.13
CA VAL A 407 -42.23 -10.47 4.31
C VAL A 407 -43.14 -9.33 4.73
N THR A 408 -43.73 -8.62 3.78
CA THR A 408 -44.57 -7.48 4.16
C THR A 408 -45.81 -7.96 4.90
N LYS A 409 -46.33 -9.12 4.51
CA LYS A 409 -47.54 -9.64 5.13
C LYS A 409 -47.24 -10.39 6.44
N VAL A 410 -45.99 -10.79 6.61
CA VAL A 410 -45.60 -11.57 7.77
C VAL A 410 -45.10 -10.67 8.90
N LEU A 411 -44.58 -9.51 8.51
CA LEU A 411 -43.95 -8.59 9.46
C LEU A 411 -44.94 -7.81 10.31
N ASN A 412 -46.17 -7.68 9.81
CA ASN A 412 -47.25 -7.05 10.56
C ASN A 412 -47.64 -7.86 11.80
N TRP A 413 -47.69 -9.17 11.64
CA TRP A 413 -48.11 -10.07 12.70
C TRP A 413 -47.18 -10.03 13.90
N VAL A 414 -45.88 -10.00 13.64
CA VAL A 414 -44.86 -9.97 14.69
C VAL A 414 -44.94 -8.71 15.54
N ARG A 415 -45.16 -7.58 14.87
CA ARG A 415 -45.22 -6.29 15.56
C ARG A 415 -46.38 -6.24 16.55
N GLU A 416 -47.52 -6.79 16.14
CA GLU A 416 -48.71 -6.77 16.98
C GLU A 416 -48.51 -7.54 18.28
N GLN A 417 -47.85 -8.69 18.20
CA GLN A 417 -47.63 -9.53 19.37
C GLN A 417 -46.69 -8.86 20.37
N PRO A 418 -47.05 -8.91 21.64
CA PRO A 418 -46.21 -8.37 22.72
C PRO A 418 -44.90 -9.13 22.88
N GLU A 419 -44.96 -10.46 22.75
CA GLU A 419 -43.84 -11.33 23.04
C GLU A 419 -43.01 -11.59 21.79
N LYS A 420 -43.73 -11.83 20.70
CA LYS A 420 -43.10 -12.10 19.42
C LYS A 420 -42.30 -10.87 19.02
N GLU A 421 -42.89 -9.69 19.21
CA GLU A 421 -42.25 -8.45 18.83
C GLU A 421 -40.97 -8.25 19.62
N PRO A 422 -41.05 -8.58 20.91
CA PRO A 422 -39.90 -8.45 21.80
C PRO A 422 -38.78 -9.37 21.35
N GLU A 423 -39.11 -10.61 20.98
CA GLU A 423 -38.06 -11.50 20.48
C GLU A 423 -37.48 -10.95 19.17
N LEU A 424 -38.38 -10.50 18.31
CA LEU A 424 -38.06 -9.97 17.00
C LEU A 424 -37.27 -8.67 17.01
N GLN A 425 -37.64 -7.75 17.90
CA GLN A 425 -36.99 -6.45 17.86
C GLN A 425 -35.48 -6.55 17.81
N GLN A 426 -34.90 -7.50 18.54
CA GLN A 426 -33.44 -7.49 18.72
C GLN A 426 -32.67 -8.27 17.66
N TYR A 427 -33.38 -8.83 16.69
CA TYR A 427 -32.72 -9.58 15.63
C TYR A 427 -32.99 -8.98 14.25
N VAL A 428 -33.58 -7.80 14.24
CA VAL A 428 -33.98 -7.16 12.99
C VAL A 428 -32.76 -6.98 12.10
N PRO A 429 -31.70 -6.47 12.67
CA PRO A 429 -30.48 -6.22 11.91
C PRO A 429 -29.90 -7.49 11.25
N GLN A 430 -29.53 -8.51 12.05
CA GLN A 430 -28.89 -9.66 11.40
C GLN A 430 -29.83 -10.36 10.42
N LEU A 431 -31.11 -10.42 10.75
CA LEU A 431 -32.10 -11.04 9.87
C LEU A 431 -32.10 -10.32 8.53
N GLN A 432 -32.23 -9.00 8.60
CA GLN A 432 -32.22 -8.16 7.39
C GLN A 432 -30.97 -8.44 6.56
N ASN A 433 -29.82 -8.52 7.24
CA ASN A 433 -28.57 -8.84 6.56
C ASN A 433 -28.62 -10.17 5.82
N ASN A 434 -29.15 -11.21 6.46
CA ASN A 434 -29.25 -12.53 5.83
C ASN A 434 -30.14 -12.48 4.59
N THR A 435 -31.34 -11.91 4.75
CA THR A 435 -32.28 -11.78 3.64
C THR A 435 -31.68 -11.03 2.45
N ILE A 436 -31.07 -9.87 2.72
CA ILE A 436 -30.48 -9.08 1.65
C ILE A 436 -29.29 -9.78 0.99
N LEU A 437 -28.51 -10.50 1.79
CA LEU A 437 -27.41 -11.28 1.25
C LEU A 437 -27.96 -12.28 0.24
N ARG A 438 -29.02 -12.98 0.63
CA ARG A 438 -29.66 -13.95 -0.27
C ARG A 438 -30.19 -13.29 -1.54
N LEU A 439 -30.77 -12.11 -1.39
CA LEU A 439 -31.30 -11.37 -2.54
C LEU A 439 -30.17 -11.00 -3.50
N LEU A 440 -29.04 -10.53 -2.97
CA LEU A 440 -27.90 -10.17 -3.80
C LEU A 440 -27.34 -11.38 -4.53
N GLN A 441 -27.26 -12.51 -3.85
CA GLN A 441 -26.78 -13.74 -4.48
C GLN A 441 -27.71 -14.16 -5.63
N GLN A 442 -29.00 -14.17 -5.34
CA GLN A 442 -29.99 -14.60 -6.31
C GLN A 442 -30.03 -13.66 -7.53
N VAL A 443 -29.86 -12.37 -7.27
CA VAL A 443 -29.81 -11.39 -8.34
C VAL A 443 -28.55 -11.62 -9.16
N SER A 444 -27.47 -12.01 -8.49
CA SER A 444 -26.23 -12.34 -9.15
C SER A 444 -26.45 -13.51 -10.10
N GLN A 445 -27.34 -14.43 -9.72
CA GLN A 445 -27.66 -15.56 -10.59
C GLN A 445 -28.61 -15.18 -11.72
N ILE A 446 -29.47 -14.20 -11.49
CA ILE A 446 -30.55 -13.91 -12.43
C ILE A 446 -30.08 -12.97 -13.54
N TYR A 447 -29.14 -12.08 -13.20
CA TYR A 447 -28.73 -11.01 -14.10
C TYR A 447 -27.27 -11.13 -14.53
N GLN A 448 -26.90 -10.30 -15.50
CA GLN A 448 -25.52 -10.17 -15.91
C GLN A 448 -25.11 -8.71 -15.72
N SER A 449 -25.96 -7.81 -16.18
CA SER A 449 -25.80 -6.39 -15.90
C SER A 449 -27.16 -5.73 -15.67
N ILE A 450 -27.50 -5.52 -14.41
CA ILE A 450 -28.78 -4.95 -14.04
C ILE A 450 -28.59 -3.50 -13.60
N GLU A 451 -29.59 -2.67 -13.91
CA GLU A 451 -29.57 -1.26 -13.54
C GLU A 451 -29.51 -1.09 -12.02
N PHE A 452 -28.77 -0.07 -11.58
CA PHE A 452 -28.66 0.24 -10.17
C PHE A 452 -30.04 0.54 -9.59
N SER A 453 -30.88 1.22 -10.36
CA SER A 453 -32.24 1.54 -9.93
C SER A 453 -33.03 0.27 -9.68
N ARG A 454 -32.94 -0.66 -10.61
CA ARG A 454 -33.68 -1.92 -10.56
C ARG A 454 -33.18 -2.80 -9.42
N LEU A 455 -31.87 -2.99 -9.33
CA LEU A 455 -31.28 -3.86 -8.30
C LEU A 455 -31.63 -3.36 -6.91
N THR A 456 -31.42 -2.07 -6.65
CA THR A 456 -31.78 -1.49 -5.37
C THR A 456 -33.29 -1.59 -5.16
N SER A 457 -34.04 -1.34 -6.22
CA SER A 457 -35.50 -1.41 -6.18
C SER A 457 -35.99 -2.82 -5.87
N LEU A 458 -35.32 -3.81 -6.45
CA LEU A 458 -35.73 -5.21 -6.31
C LEU A 458 -35.68 -5.68 -4.85
N VAL A 459 -34.64 -5.27 -4.14
CA VAL A 459 -34.49 -5.66 -2.74
C VAL A 459 -34.65 -4.45 -1.82
N PRO A 460 -35.52 -4.60 -0.82
CA PRO A 460 -35.79 -3.50 0.12
C PRO A 460 -34.56 -3.14 0.94
N PHE A 461 -34.35 -1.84 1.15
CA PHE A 461 -33.21 -1.36 1.93
C PHE A 461 -33.63 -0.19 2.82
N VAL A 462 -32.90 0.01 3.91
CA VAL A 462 -33.17 1.14 4.79
C VAL A 462 -32.94 2.44 4.02
N ASP A 463 -31.89 2.46 3.21
CA ASP A 463 -31.60 3.58 2.35
C ASP A 463 -30.90 3.09 1.09
N ALA A 464 -31.07 3.82 -0.01
CA ALA A 464 -30.45 3.43 -1.27
C ALA A 464 -28.94 3.25 -1.16
N PHE A 465 -28.31 4.10 -0.38
CA PHE A 465 -26.86 4.04 -0.19
C PHE A 465 -26.46 2.89 0.72
N GLN A 466 -27.30 2.57 1.71
CA GLN A 466 -27.05 1.45 2.59
C GLN A 466 -27.15 0.14 1.81
N LEU A 467 -27.98 0.14 0.77
CA LEU A 467 -28.11 -1.03 -0.08
C LEU A 467 -26.83 -1.27 -0.87
N GLU A 468 -26.27 -0.18 -1.43
CA GLU A 468 -24.98 -0.27 -2.10
C GLU A 468 -23.87 -0.78 -1.18
N ARG A 469 -23.90 -0.29 0.06
CA ARG A 469 -22.95 -0.71 1.07
C ARG A 469 -23.00 -2.22 1.26
N ALA A 470 -24.23 -2.73 1.37
CA ALA A 470 -24.47 -4.15 1.59
C ALA A 470 -23.97 -4.98 0.42
N ILE A 471 -24.21 -4.48 -0.79
CA ILE A 471 -23.83 -5.16 -2.00
C ILE A 471 -22.31 -5.30 -2.08
N VAL A 472 -21.58 -4.27 -1.67
CA VAL A 472 -20.13 -4.30 -1.70
C VAL A 472 -19.60 -5.22 -0.62
N ASP A 473 -20.28 -5.23 0.51
CA ASP A 473 -19.86 -6.05 1.63
C ASP A 473 -20.00 -7.52 1.24
N ALA A 474 -21.08 -7.83 0.53
CA ALA A 474 -21.31 -9.17 0.00
C ALA A 474 -20.21 -9.54 -1.00
N ALA A 475 -19.73 -8.53 -1.72
CA ALA A 475 -18.67 -8.73 -2.69
C ALA A 475 -17.32 -8.98 -2.02
N ARG A 476 -17.04 -8.25 -0.95
CA ARG A 476 -15.76 -8.39 -0.26
C ARG A 476 -15.66 -9.75 0.42
N HIS A 477 -16.80 -10.23 0.94
CA HIS A 477 -16.86 -11.54 1.58
C HIS A 477 -17.04 -12.63 0.53
N CYS A 478 -16.98 -12.24 -0.74
CA CYS A 478 -17.03 -13.16 -1.88
C CYS A 478 -18.31 -13.97 -2.02
N ASP A 479 -19.45 -13.37 -1.70
CA ASP A 479 -20.73 -14.02 -1.93
C ASP A 479 -21.25 -13.65 -3.30
N LEU A 480 -20.50 -12.81 -3.99
CA LEU A 480 -20.90 -12.28 -5.28
C LEU A 480 -19.71 -11.49 -5.82
N GLN A 481 -19.46 -11.56 -7.12
CA GLN A 481 -18.50 -10.67 -7.72
C GLN A 481 -19.24 -9.64 -8.55
N VAL A 482 -18.86 -8.38 -8.38
CA VAL A 482 -19.53 -7.29 -9.07
C VAL A 482 -18.54 -6.26 -9.60
N ARG A 483 -18.99 -5.49 -10.58
CA ARG A 483 -18.31 -4.28 -10.99
C ARG A 483 -19.40 -3.22 -11.09
N ILE A 484 -19.27 -2.17 -10.29
CA ILE A 484 -20.27 -1.14 -10.24
C ILE A 484 -19.81 0.08 -11.04
N ASP A 485 -20.54 0.38 -12.11
CA ASP A 485 -20.26 1.54 -12.94
C ASP A 485 -21.18 2.69 -12.53
N HIS A 486 -20.64 3.66 -11.78
CA HIS A 486 -21.46 4.73 -11.25
C HIS A 486 -21.93 5.70 -12.34
N THR A 487 -21.20 5.75 -13.44
CA THR A 487 -21.55 6.61 -14.57
C THR A 487 -22.90 6.28 -15.19
N SER A 488 -23.08 5.00 -15.54
CA SER A 488 -24.29 4.55 -16.23
C SER A 488 -25.37 4.08 -15.27
N ARG A 489 -25.04 4.04 -13.98
CA ARG A 489 -25.90 3.50 -12.94
C ARG A 489 -26.31 2.04 -13.19
N THR A 490 -25.32 1.20 -13.44
CA THR A 490 -25.56 -0.23 -13.68
C THR A 490 -24.56 -1.07 -12.88
N LEU A 491 -24.93 -2.32 -12.60
CA LEU A 491 -24.06 -3.23 -11.87
C LEU A 491 -23.87 -4.50 -12.68
N SER A 492 -22.63 -4.97 -12.77
CA SER A 492 -22.35 -6.17 -13.56
C SER A 492 -21.80 -7.33 -12.72
N PHE A 493 -22.45 -8.49 -12.80
CA PHE A 493 -22.03 -9.66 -12.05
C PHE A 493 -21.10 -10.57 -12.85
N GLY A 494 -19.92 -10.06 -13.18
CA GLY A 494 -18.94 -10.88 -13.87
C GLY A 494 -18.23 -11.78 -12.85
N UNK A 496 -11.75 -5.33 -22.68
CA UNK A 496 -12.13 -5.85 -21.35
C UNK A 496 -13.56 -6.38 -21.37
N UNK A 497 -14.50 -5.69 -22.05
CA UNK A 497 -15.89 -6.10 -22.13
C UNK A 497 -16.00 -7.47 -22.77
N UNK A 498 -15.43 -7.61 -23.98
CA UNK A 498 -15.46 -8.87 -24.69
C UNK A 498 -14.81 -9.97 -23.87
N UNK A 499 -13.75 -9.65 -23.12
CA UNK A 499 -13.06 -10.64 -22.25
C UNK A 499 -14.00 -11.24 -21.20
N UNK A 500 -14.78 -10.37 -20.56
CA UNK A 500 -15.71 -10.72 -19.48
C UNK A 500 -16.87 -11.57 -20.02
N UNK A 501 -17.24 -11.36 -21.29
CA UNK A 501 -18.24 -12.14 -22.02
C UNK A 501 -17.64 -13.51 -22.38
N UNK A 502 -16.41 -13.55 -22.94
CA UNK A 502 -15.68 -14.77 -23.27
C UNK A 502 -15.60 -15.72 -22.06
N UNK A 503 -15.11 -15.25 -20.92
CA UNK A 503 -14.97 -16.11 -19.75
C UNK A 503 -16.32 -16.45 -19.09
N UNK A 504 -17.38 -15.65 -19.29
CA UNK A 504 -18.75 -16.02 -18.90
C UNK A 504 -19.26 -17.16 -19.78
N UNK A 505 -18.99 -17.10 -21.10
CA UNK A 505 -19.34 -18.13 -22.05
C UNK A 505 -18.66 -19.44 -21.69
N UNK A 506 -17.35 -19.38 -21.44
CA UNK A 506 -16.58 -20.55 -21.09
C UNK A 506 -17.21 -21.25 -19.89
N UNK A 507 -17.50 -20.47 -18.80
CA UNK A 507 -18.11 -20.93 -17.54
C UNK A 507 -19.50 -21.54 -17.77
N UNK A 508 -20.28 -21.06 -18.76
CA UNK A 508 -21.55 -21.63 -19.15
C UNK A 508 -21.33 -22.96 -19.88
N UNK A 509 -20.41 -22.96 -20.84
CA UNK A 509 -20.11 -24.15 -21.60
C UNK A 509 -19.69 -25.27 -20.66
N UNK A 510 -18.85 -24.95 -19.68
CA UNK A 510 -18.38 -25.93 -18.72
C UNK A 510 -19.56 -26.58 -17.99
N UNK A 511 -20.46 -25.74 -17.47
CA UNK A 511 -21.63 -26.22 -16.76
C UNK A 511 -22.45 -27.14 -17.66
N UNK A 512 -22.62 -26.73 -18.93
CA UNK A 512 -23.39 -27.50 -19.88
C UNK A 512 -22.77 -28.89 -20.04
N UNK A 513 -21.45 -28.94 -20.20
CA UNK A 513 -20.75 -30.20 -20.36
C UNK A 513 -21.00 -31.10 -19.15
N UNK A 514 -20.88 -30.53 -17.96
CA UNK A 514 -21.11 -31.28 -16.73
C UNK A 514 -22.49 -31.93 -16.76
N UNK A 515 -23.51 -31.14 -17.09
CA UNK A 515 -24.87 -31.63 -17.15
C UNK A 515 -24.96 -32.80 -18.13
N UNK A 516 -24.43 -32.61 -19.33
CA UNK A 516 -24.45 -33.64 -20.34
C UNK A 516 -23.85 -34.93 -19.80
N UNK A 517 -22.67 -34.82 -19.17
CA UNK A 517 -22.00 -35.98 -18.61
C UNK A 517 -22.92 -36.70 -17.64
N UNK A 518 -23.48 -35.95 -16.68
CA UNK A 518 -24.38 -36.52 -15.71
C UNK A 518 -25.55 -37.20 -16.39
N UNK A 519 -26.13 -36.52 -17.39
CA UNK A 519 -27.26 -37.06 -18.13
C UNK A 519 -26.90 -38.42 -18.72
N UNK A 520 -25.74 -38.49 -19.38
CA UNK A 520 -25.28 -39.73 -19.99
C UNK A 520 -25.34 -40.86 -18.99
N UNK A 521 -24.90 -40.59 -17.75
CA UNK A 521 -24.90 -41.59 -16.70
C UNK A 521 -26.31 -42.12 -16.49
N UNK A 522 -27.29 -41.20 -16.42
CA UNK A 522 -28.67 -41.57 -16.22
C UNK A 522 -29.16 -42.44 -17.37
N UNK A 523 -28.79 -42.06 -18.60
CA UNK A 523 -29.19 -42.80 -19.78
C UNK A 523 -28.74 -44.25 -19.67
N UNK A 524 -27.51 -44.46 -19.21
CA UNK A 524 -26.97 -45.80 -19.05
C UNK A 524 -27.96 -46.68 -18.31
N UNK A 525 -28.55 -46.14 -17.23
CA UNK A 525 -29.50 -46.87 -16.43
C UNK A 525 -30.74 -47.19 -17.26
N UNK A 526 -31.18 -46.23 -18.07
CA UNK A 526 -32.35 -46.41 -18.92
C UNK A 526 -32.11 -47.54 -19.91
N UNK A 527 -30.85 -47.68 -20.36
CA UNK A 527 -30.49 -48.71 -21.30
C UNK A 527 -30.95 -50.07 -20.79
N UNK A 528 -30.67 -50.36 -19.51
CA UNK A 528 -31.04 -51.62 -18.91
C UNK A 528 -32.55 -51.81 -19.02
N UNK A 529 -33.31 -50.74 -18.81
CA UNK A 529 -34.76 -50.80 -18.90
C UNK A 529 -35.19 -51.29 -20.27
N HIS B 1 18.38 42.63 79.84
CA HIS B 1 19.46 42.49 78.87
C HIS B 1 20.17 41.15 79.02
N ALA B 2 21.18 41.12 79.87
CA ALA B 2 22.07 39.97 80.01
C ALA B 2 21.32 38.68 80.33
N VAL B 3 20.24 38.78 81.10
CA VAL B 3 19.34 37.66 81.33
C VAL B 3 18.86 37.08 80.01
N VAL B 4 18.37 37.95 79.15
CA VAL B 4 17.82 37.56 77.85
C VAL B 4 18.87 36.88 76.97
N ILE B 5 20.01 37.56 76.82
CA ILE B 5 21.10 37.04 76.00
C ILE B 5 21.55 35.67 76.48
N LYS B 6 21.76 35.54 77.79
CA LYS B 6 22.25 34.29 78.36
C LYS B 6 21.22 33.15 78.22
N LYS B 7 19.94 33.45 78.44
CA LYS B 7 18.86 32.50 78.20
C LYS B 7 18.89 32.02 76.75
N LEU B 8 18.71 32.94 75.82
CA LEU B 8 18.68 32.62 74.40
C LEU B 8 19.88 31.80 73.96
N ASN B 9 21.07 32.22 74.38
CA ASN B 9 22.30 31.54 74.00
C ASN B 9 22.36 30.13 74.60
N GLU B 10 21.96 29.98 75.87
CA GLU B 10 21.91 28.67 76.50
C GLU B 10 20.98 27.74 75.72
N ILE B 11 19.84 28.29 75.29
CA ILE B 11 18.90 27.54 74.47
C ILE B 11 19.52 27.10 73.15
N LEU B 12 20.15 28.03 72.45
CA LEU B 12 20.77 27.73 71.16
C LEU B 12 21.85 26.65 71.30
N GLN B 13 22.70 26.78 72.32
CA GLN B 13 23.74 25.79 72.58
C GLN B 13 23.14 24.43 72.88
N ALA B 14 22.11 24.42 73.71
CA ALA B 14 21.44 23.18 74.10
C ALA B 14 20.82 22.49 72.89
N ARG B 15 20.37 23.29 71.94
CA ARG B 15 19.77 22.79 70.71
C ARG B 15 20.77 21.99 69.87
N GLY B 16 22.03 22.40 69.92
CA GLY B 16 23.08 21.73 69.18
C GLY B 16 23.50 20.41 69.82
N LYS B 17 22.79 20.03 70.87
CA LYS B 17 23.04 18.76 71.55
C LYS B 17 21.99 17.73 71.16
N LYS B 18 22.42 16.49 71.02
CA LYS B 18 21.62 15.44 70.41
C LYS B 18 20.25 15.23 71.07
N GLY B 19 20.25 14.78 72.32
CA GLY B 19 18.99 14.58 73.02
C GLY B 19 18.44 15.92 73.42
N THR B 20 17.25 16.22 72.92
CA THR B 20 16.54 17.44 73.24
C THR B 20 15.06 17.14 73.14
N ASP B 21 14.26 17.74 74.01
CA ASP B 21 12.82 17.67 73.82
C ASP B 21 12.37 18.91 73.05
N ARG B 22 11.97 18.69 71.81
CA ARG B 22 11.70 19.80 70.89
C ARG B 22 10.45 20.56 71.29
N ALA B 23 9.46 19.82 71.81
CA ALA B 23 8.25 20.43 72.35
C ALA B 23 8.58 21.47 73.42
N ALA B 24 9.44 21.09 74.36
CA ALA B 24 9.82 21.97 75.46
C ALA B 24 10.75 23.09 74.99
N GLN B 25 11.53 22.83 73.94
CA GLN B 25 12.42 23.85 73.41
C GLN B 25 11.62 24.94 72.73
N ILE B 26 10.57 24.54 72.03
CA ILE B 26 9.67 25.49 71.39
C ILE B 26 8.90 26.29 72.45
N GLU B 27 8.31 25.57 73.39
CA GLU B 27 7.51 26.20 74.45
C GLU B 27 8.35 27.19 75.28
N LEU B 28 9.61 26.84 75.49
CA LEU B 28 10.53 27.71 76.25
C LEU B 28 10.83 29.00 75.50
N LEU B 29 11.13 28.88 74.21
CA LEU B 29 11.33 30.04 73.35
C LEU B 29 10.13 30.95 73.42
N GLN B 30 8.94 30.38 73.27
CA GLN B 30 7.70 31.15 73.33
C GLN B 30 7.50 31.87 74.67
N LEU B 31 7.70 31.15 75.77
CA LEU B 31 7.61 31.77 77.09
C LEU B 31 8.69 32.84 77.20
N LEU B 32 9.88 32.52 76.71
CA LEU B 32 10.99 33.45 76.65
C LEU B 32 10.70 34.63 75.73
N VAL B 33 10.04 34.35 74.61
CA VAL B 33 9.82 35.33 73.56
C VAL B 33 9.01 36.55 73.98
N GLN B 34 8.01 36.34 74.83
CA GLN B 34 7.12 37.42 75.23
C GLN B 34 7.88 38.53 75.96
N ILE B 35 8.80 38.12 76.82
CA ILE B 35 9.66 39.07 77.54
C ILE B 35 8.84 40.07 78.36
N ALA B 36 7.75 39.59 78.95
CA ALA B 36 6.91 40.41 79.82
C ALA B 36 7.78 41.31 80.69
N ALA B 37 8.90 40.77 81.17
CA ALA B 37 9.82 41.52 82.00
C ALA B 37 10.43 42.68 81.24
N GLU B 38 10.70 43.79 81.93
CA GLU B 38 11.18 45.00 81.31
C GLU B 38 12.53 44.80 80.62
N ASN B 39 13.40 44.03 81.25
CA ASN B 39 14.70 43.72 80.66
C ASN B 39 14.53 42.96 79.36
N ASN B 40 13.57 42.04 79.35
CA ASN B 40 13.23 41.27 78.17
C ASN B 40 12.72 42.14 77.03
N LEU B 41 11.93 43.15 77.36
CA LEU B 41 11.29 44.00 76.36
C LEU B 41 12.31 44.75 75.50
N GLY B 42 11.99 44.85 74.21
CA GLY B 42 12.87 45.47 73.22
C GLY B 42 12.87 44.72 71.89
N GLU B 43 12.96 45.48 70.77
CA GLU B 43 12.81 44.93 69.42
C GLU B 43 13.90 43.95 69.00
N GLY B 44 15.16 44.23 69.34
CA GLY B 44 16.25 43.33 68.98
C GLY B 44 16.03 41.97 69.64
N VAL B 45 15.51 42.00 70.86
CA VAL B 45 15.17 40.79 71.59
C VAL B 45 14.09 39.99 70.84
N ILE B 46 13.05 40.66 70.37
CA ILE B 46 11.98 40.03 69.61
C ILE B 46 12.49 39.40 68.31
N VAL B 47 13.23 40.19 67.53
CA VAL B 47 13.76 39.74 66.25
C VAL B 47 14.73 38.57 66.38
N LYS B 48 15.68 38.68 67.30
CA LYS B 48 16.65 37.62 67.53
C LYS B 48 16.00 36.39 68.16
N ILE B 49 14.85 36.58 68.80
CA ILE B 49 14.10 35.47 69.33
C ILE B 49 13.41 34.69 68.21
N LYS B 50 12.71 35.41 67.35
CA LYS B 50 11.98 34.79 66.24
C LYS B 50 12.95 34.11 65.28
N PHE B 51 14.07 34.78 65.03
CA PHE B 51 15.05 34.31 64.06
C PHE B 51 15.50 32.89 64.37
N ASN B 52 15.62 32.57 65.65
CA ASN B 52 15.94 31.21 66.06
C ASN B 52 14.68 30.39 66.41
N ILE B 53 13.52 31.06 66.45
CA ILE B 53 12.28 30.35 66.78
C ILE B 53 11.71 29.59 65.58
N ILE B 54 11.67 30.21 64.41
CA ILE B 54 11.08 29.57 63.23
C ILE B 54 11.77 28.24 62.83
N ALA B 55 13.10 28.27 62.65
CA ALA B 55 13.75 27.01 62.25
C ALA B 55 13.71 26.00 63.37
N SER B 56 13.58 26.47 64.60
CA SER B 56 13.43 25.60 65.75
C SER B 56 12.20 24.70 65.59
N LEU B 57 11.13 25.28 65.05
CA LEU B 57 9.91 24.53 64.75
C LEU B 57 10.12 23.61 63.54
N TYR B 58 10.62 24.18 62.46
CA TYR B 58 10.79 23.39 61.24
C TYR B 58 11.65 22.15 61.48
N ASP B 59 12.71 22.32 62.27
CA ASP B 59 13.66 21.25 62.56
C ASP B 59 13.03 20.09 63.31
N TYR B 60 12.15 20.39 64.26
CA TYR B 60 11.54 19.37 65.09
C TYR B 60 10.72 18.39 64.25
N ASN B 61 10.00 18.90 63.27
CA ASN B 61 9.20 18.08 62.38
C ASN B 61 10.06 17.10 61.57
N PRO B 62 11.21 17.58 61.11
CA PRO B 62 12.10 16.75 60.29
C PRO B 62 12.65 15.54 61.05
N ASN B 63 13.00 15.72 62.31
CA ASN B 63 13.52 14.62 63.12
C ASN B 63 12.48 13.53 63.30
N LEU B 64 11.24 13.95 63.53
CA LEU B 64 10.12 13.03 63.67
C LEU B 64 9.74 12.44 62.32
N ALA B 65 9.12 11.27 62.33
CA ALA B 65 8.69 10.64 61.08
C ALA B 65 7.69 11.55 60.40
N THR B 66 7.76 11.65 59.08
CA THR B 66 6.98 12.63 58.35
C THR B 66 5.48 12.42 58.50
N TYR B 67 4.76 13.52 58.73
CA TYR B 67 3.31 13.52 58.85
C TYR B 67 2.81 14.91 58.50
N MET B 68 1.53 15.01 58.14
CA MET B 68 0.96 16.32 57.84
C MET B 68 -0.10 16.72 58.87
N LYS B 69 0.10 17.86 59.49
CA LYS B 69 -0.87 18.41 60.44
C LYS B 69 -1.25 19.83 60.05
N PRO B 70 -2.55 20.10 59.96
CA PRO B 70 -3.02 21.44 59.62
C PRO B 70 -2.61 22.47 60.66
N GLU B 71 -2.73 22.11 61.93
CA GLU B 71 -2.41 23.01 63.02
C GLU B 71 -0.94 23.42 63.06
N MET B 72 -0.05 22.46 62.83
CA MET B 72 1.39 22.73 62.91
C MET B 72 1.84 23.74 61.87
N TRP B 73 1.33 23.60 60.65
CA TRP B 73 1.65 24.52 59.57
C TRP B 73 1.15 25.93 59.88
N GLY B 74 -0.05 25.99 60.45
CA GLY B 74 -0.71 27.27 60.72
C GLY B 74 -0.01 28.19 61.69
N LYS B 75 0.54 27.65 62.77
CA LYS B 75 1.11 28.49 63.82
C LYS B 75 2.49 29.05 63.43
N CYS B 76 3.27 28.27 62.69
CA CYS B 76 4.57 28.74 62.23
C CYS B 76 4.37 29.89 61.23
N LEU B 77 3.35 29.79 60.41
CA LEU B 77 2.96 30.90 59.53
C LEU B 77 2.74 32.15 60.36
N ASP B 78 2.00 32.00 61.46
CA ASP B 78 1.75 33.09 62.39
C ASP B 78 3.06 33.69 62.89
N CYS B 79 4.00 32.82 63.24
CA CYS B 79 5.31 33.29 63.68
C CYS B 79 5.99 34.17 62.62
N ILE B 80 6.12 33.64 61.41
CA ILE B 80 6.78 34.39 60.34
C ILE B 80 6.08 35.72 60.05
N ASN B 81 4.76 35.71 60.03
CA ASN B 81 3.98 36.92 59.80
C ASN B 81 4.19 37.95 60.92
N GLU B 82 4.37 37.47 62.14
CA GLU B 82 4.62 38.35 63.28
C GLU B 82 5.99 39.00 63.17
N LEU B 83 7.01 38.20 62.85
CA LEU B 83 8.34 38.76 62.61
C LEU B 83 8.29 39.83 61.52
N MET B 84 7.58 39.50 60.43
CA MET B 84 7.41 40.43 59.32
C MET B 84 6.72 41.72 59.74
N ASP B 85 5.73 41.61 60.62
CA ASP B 85 5.00 42.78 61.11
C ASP B 85 5.90 43.64 61.98
N ILE B 86 6.77 43.00 62.75
CA ILE B 86 7.70 43.75 63.59
C ILE B 86 8.70 44.50 62.71
N LEU B 87 9.28 43.80 61.74
CA LEU B 87 10.22 44.41 60.80
C LEU B 87 9.58 45.54 59.99
N PHE B 88 8.30 45.38 59.65
CA PHE B 88 7.54 46.39 58.94
C PHE B 88 7.30 47.62 59.81
N ALA B 89 6.98 47.38 61.08
CA ALA B 89 6.76 48.49 62.00
C ALA B 89 8.07 49.17 62.34
N ASN B 90 9.17 48.47 62.07
CA ASN B 90 10.52 49.00 62.23
C ASN B 90 10.84 50.16 61.30
N PRO B 91 10.35 50.07 60.06
CA PRO B 91 10.61 51.08 59.04
C PRO B 91 12.10 51.27 58.70
N ASN B 92 12.86 50.18 58.65
CA ASN B 92 14.26 50.24 58.25
C ASN B 92 15.11 51.18 59.11
N ILE B 93 14.84 51.17 60.40
CA ILE B 93 15.53 52.04 61.35
C ILE B 93 16.23 51.26 62.45
N PHE B 94 16.16 49.93 62.36
CA PHE B 94 16.83 49.07 63.33
C PHE B 94 18.35 49.00 63.09
N VAL B 95 18.79 49.37 61.89
CA VAL B 95 20.21 49.26 61.55
C VAL B 95 21.00 50.56 61.74
N GLY B 96 20.36 51.58 62.29
CA GLY B 96 20.96 52.90 62.45
C GLY B 96 21.42 53.41 61.09
N GLU B 97 20.48 53.41 60.14
CA GLU B 97 20.72 53.83 58.75
C GLU B 97 21.77 53.02 57.99
N ASN B 98 22.65 53.74 57.29
CA ASN B 98 23.55 53.14 56.31
C ASN B 98 25.00 53.47 56.64
N ILE B 99 25.30 54.74 56.88
CA ILE B 99 26.68 55.13 57.13
C ILE B 99 27.23 54.37 58.34
N LEU B 100 26.43 54.30 59.40
CA LEU B 100 26.72 53.37 60.49
C LEU B 100 25.49 52.56 60.85
N GLU B 101 25.55 51.25 60.64
CA GLU B 101 24.48 50.36 61.11
C GLU B 101 24.45 50.34 62.62
N GLU B 102 25.64 50.30 63.21
CA GLU B 102 25.85 50.23 64.64
C GLU B 102 27.24 50.73 64.94
N SER B 103 27.55 50.98 66.21
CA SER B 103 28.89 51.43 66.55
C SER B 103 29.86 50.36 66.09
N GLU B 104 30.96 50.78 65.47
CA GLU B 104 31.86 49.85 64.79
C GLU B 104 32.55 48.85 65.72
N ASN B 105 32.59 47.61 65.28
CA ASN B 105 33.38 46.56 65.93
C ASN B 105 34.30 45.91 64.91
N LEU B 106 35.58 45.82 65.24
CA LEU B 106 36.56 45.25 64.31
C LEU B 106 36.25 43.78 64.00
N HIS B 107 35.90 43.02 65.03
CA HIS B 107 35.59 41.60 64.86
C HIS B 107 34.35 41.36 64.00
N ASN B 108 33.31 42.16 64.22
CA ASN B 108 32.02 41.97 63.55
C ASN B 108 32.03 42.21 62.05
N ALA B 109 31.34 41.33 61.32
CA ALA B 109 31.11 41.51 59.90
C ALA B 109 29.61 41.44 59.62
N ASP B 110 29.09 42.41 58.87
CA ASP B 110 27.66 42.45 58.59
C ASP B 110 27.34 42.39 57.10
N GLN B 111 26.46 41.46 56.73
CA GLN B 111 25.95 41.37 55.37
C GLN B 111 24.42 41.39 55.40
N PRO B 112 23.81 42.25 54.57
CA PRO B 112 22.35 42.36 54.54
C PRO B 112 21.69 41.05 54.10
N LEU B 113 22.25 40.42 53.07
CA LEU B 113 21.76 39.12 52.62
C LEU B 113 21.98 38.06 53.69
N ARG B 114 23.13 38.14 54.35
CA ARG B 114 23.55 37.17 55.36
C ARG B 114 22.58 37.07 56.54
N VAL B 115 22.29 38.19 57.20
CA VAL B 115 21.33 38.18 58.30
C VAL B 115 19.87 38.28 57.85
N ARG B 116 19.61 39.14 56.86
CA ARG B 116 18.24 39.40 56.41
C ARG B 116 17.81 38.56 55.21
N GLY B 117 18.73 37.79 54.65
CA GLY B 117 18.41 36.94 53.52
C GLY B 117 17.73 35.67 53.98
N CYS B 118 18.14 35.23 55.17
CA CYS B 118 17.63 34.01 55.80
C CYS B 118 16.10 33.99 55.80
N ILE B 119 15.52 35.18 55.91
CA ILE B 119 14.07 35.34 55.93
C ILE B 119 13.41 34.56 54.82
N LEU B 120 13.90 34.77 53.59
CA LEU B 120 13.28 34.12 52.45
C LEU B 120 13.19 32.62 52.64
N THR B 121 14.30 32.03 53.10
CA THR B 121 14.38 30.58 53.27
C THR B 121 13.23 30.07 54.12
N LEU B 122 12.91 30.81 55.18
CA LEU B 122 11.81 30.43 56.06
C LEU B 122 10.55 30.25 55.26
N VAL B 123 10.19 31.28 54.50
CA VAL B 123 9.03 31.24 53.62
C VAL B 123 9.08 29.98 52.77
N GLU B 124 10.25 29.72 52.19
CA GLU B 124 10.39 28.60 51.28
C GLU B 124 10.04 27.29 51.99
N ARG B 125 10.50 27.15 53.23
CA ARG B 125 10.18 25.95 54.00
C ARG B 125 8.67 25.80 54.09
N MET B 126 7.99 26.90 54.46
CA MET B 126 6.54 26.90 54.58
C MET B 126 5.90 26.34 53.32
N ASP B 127 6.49 26.68 52.17
CA ASP B 127 5.96 26.21 50.90
C ASP B 127 6.26 24.73 50.73
N GLU B 128 7.52 24.37 50.94
CA GLU B 128 7.98 23.01 50.65
C GLU B 128 7.22 21.98 51.47
N GLU B 129 7.23 22.16 52.78
CA GLU B 129 6.46 21.29 53.68
C GLU B 129 5.01 21.26 53.24
N PHE B 130 4.49 22.41 52.84
CA PHE B 130 3.10 22.50 52.40
C PHE B 130 2.87 21.57 51.22
N THR B 131 3.79 21.59 50.28
CA THR B 131 3.69 20.71 49.12
C THR B 131 3.71 19.26 49.60
N LYS B 132 4.58 18.98 50.57
CA LYS B 132 4.71 17.62 51.08
C LYS B 132 3.39 17.15 51.69
N ILE B 133 2.54 18.09 52.10
CA ILE B 133 1.22 17.70 52.57
C ILE B 133 0.32 17.32 51.41
N MET B 134 0.27 18.15 50.38
CA MET B 134 -0.60 17.91 49.23
C MET B 134 -0.31 16.59 48.52
N GLN B 135 0.94 16.16 48.58
CA GLN B 135 1.33 14.88 48.01
C GLN B 135 0.81 13.76 48.91
N ASN B 136 0.98 13.94 50.22
CA ASN B 136 0.70 12.90 51.21
C ASN B 136 -0.77 12.74 51.62
N THR B 137 -1.61 13.69 51.26
CA THR B 137 -3.03 13.57 51.59
C THR B 137 -3.69 12.71 50.50
N ASP B 138 -4.95 12.33 50.70
CA ASP B 138 -5.70 11.58 49.71
C ASP B 138 -6.23 12.55 48.67
N PRO B 139 -6.00 12.24 47.38
CA PRO B 139 -6.36 13.12 46.28
C PRO B 139 -7.81 13.61 46.29
N HIS B 140 -8.75 12.73 46.60
CA HIS B 140 -10.16 13.11 46.55
C HIS B 140 -10.80 13.46 47.90
N SER B 141 -10.04 13.44 48.98
CA SER B 141 -10.58 13.84 50.29
C SER B 141 -10.76 15.35 50.35
N GLN B 142 -11.62 15.81 51.27
CA GLN B 142 -11.88 17.24 51.43
C GLN B 142 -10.67 17.96 52.04
N GLU B 143 -9.88 17.21 52.80
CA GLU B 143 -8.67 17.74 53.43
C GLU B 143 -7.75 18.34 52.38
N TYR B 144 -7.70 17.70 51.21
CA TYR B 144 -6.89 18.17 50.10
C TYR B 144 -7.36 19.56 49.70
N VAL B 145 -8.68 19.72 49.59
CA VAL B 145 -9.27 21.00 49.24
C VAL B 145 -8.89 22.08 50.24
N GLU B 146 -8.94 21.75 51.53
CA GLU B 146 -8.55 22.70 52.59
C GLU B 146 -7.08 23.13 52.48
N HIS B 147 -6.21 22.16 52.23
CA HIS B 147 -4.80 22.47 52.02
C HIS B 147 -4.62 23.43 50.84
N LEU B 148 -5.32 23.14 49.76
CA LEU B 148 -5.28 24.03 48.60
C LEU B 148 -5.86 25.41 48.93
N LYS B 149 -6.68 25.48 49.98
CA LYS B 149 -7.10 26.77 50.52
C LYS B 149 -5.92 27.46 51.21
N ASP B 150 -5.00 26.69 51.77
CA ASP B 150 -3.82 27.30 52.41
C ASP B 150 -2.80 27.84 51.40
N GLU B 151 -2.83 27.29 50.20
CA GLU B 151 -1.92 27.77 49.14
C GLU B 151 -1.90 29.30 48.97
N ALA B 152 -3.11 29.87 48.89
CA ALA B 152 -3.27 31.32 48.76
C ALA B 152 -2.53 32.07 49.85
N GLN B 153 -2.73 31.63 51.09
CA GLN B 153 -2.06 32.23 52.23
C GLN B 153 -0.54 32.16 52.08
N VAL B 154 -0.03 31.10 51.47
CA VAL B 154 1.42 31.09 51.19
C VAL B 154 1.82 32.18 50.19
N CYS B 155 1.08 32.26 49.09
CA CYS B 155 1.34 33.27 48.07
C CYS B 155 1.39 34.68 48.67
N ALA B 156 0.48 34.93 49.62
CA ALA B 156 0.46 36.17 50.38
C ALA B 156 1.82 36.52 50.97
N ILE B 157 2.42 35.54 51.66
CA ILE B 157 3.70 35.75 52.30
C ILE B 157 4.80 35.94 51.28
N ILE B 158 4.70 35.24 50.16
CA ILE B 158 5.67 35.47 49.09
C ILE B 158 5.68 36.94 48.69
N GLU B 159 4.50 37.48 48.39
CA GLU B 159 4.42 38.89 47.97
C GLU B 159 4.88 39.85 49.07
N ARG B 160 4.39 39.66 50.29
CA ARG B 160 4.75 40.51 51.42
C ARG B 160 6.26 40.56 51.65
N VAL B 161 6.85 39.37 51.78
CA VAL B 161 8.29 39.24 51.95
C VAL B 161 9.05 39.93 50.82
N GLN B 162 8.59 39.71 49.59
CA GLN B 162 9.15 40.40 48.43
C GLN B 162 9.19 41.91 48.65
N ARG B 163 8.06 42.46 49.10
CA ARG B 163 7.93 43.90 49.29
C ARG B 163 8.84 44.44 50.39
N TYR B 164 8.98 43.69 51.48
CA TYR B 164 9.92 44.09 52.51
C TYR B 164 11.35 44.09 51.99
N LEU B 165 11.69 43.08 51.19
CA LEU B 165 13.00 43.02 50.56
C LEU B 165 13.23 44.21 49.64
N GLU B 166 12.18 44.68 48.99
CA GLU B 166 12.34 45.82 48.11
C GLU B 166 12.56 47.09 48.90
N GLU B 167 11.88 47.20 50.04
CA GLU B 167 12.02 48.39 50.87
C GLU B 167 13.40 48.46 51.54
N LYS B 168 13.84 47.30 52.04
CA LYS B 168 15.18 47.10 52.54
C LYS B 168 15.92 46.14 51.60
N GLY B 169 15.36 45.97 50.40
CA GLY B 169 15.76 44.93 49.47
C GLY B 169 17.19 44.98 48.96
N THR B 170 17.74 43.79 48.75
CA THR B 170 19.10 43.62 48.29
C THR B 170 19.10 42.73 47.05
N THR B 171 20.15 42.84 46.23
CA THR B 171 20.19 42.16 44.94
C THR B 171 20.12 40.64 45.07
N GLU B 172 19.37 40.04 44.14
CA GLU B 172 19.17 38.59 44.08
C GLU B 172 18.02 38.13 44.96
N GLU B 173 17.40 39.07 45.67
CA GLU B 173 16.19 38.78 46.44
C GLU B 173 15.05 38.40 45.50
N VAL B 174 14.98 39.11 44.38
CA VAL B 174 13.92 38.93 43.38
C VAL B 174 13.94 37.55 42.72
N CYS B 175 15.14 37.02 42.49
CA CYS B 175 15.30 35.84 41.65
C CYS B 175 14.59 34.60 42.18
N ARG B 176 14.62 34.36 43.49
CA ARG B 176 13.96 33.19 44.04
C ARG B 176 12.47 33.40 44.38
N ILE B 177 12.11 34.48 45.10
CA ILE B 177 10.67 34.62 45.36
C ILE B 177 9.88 34.91 44.09
N TYR B 178 10.53 35.47 43.08
CA TYR B 178 9.92 35.64 41.77
C TYR B 178 9.64 34.27 41.17
N LEU B 179 10.59 33.37 41.34
CA LEU B 179 10.45 32.00 40.88
C LEU B 179 9.27 31.33 41.56
N LEU B 180 9.25 31.31 42.89
CA LEU B 180 8.12 30.72 43.64
C LEU B 180 6.79 31.32 43.21
N ARG B 181 6.78 32.64 43.04
CA ARG B 181 5.61 33.38 42.62
C ARG B 181 5.13 32.87 41.26
N ILE B 182 6.07 32.57 40.38
CA ILE B 182 5.73 32.00 39.07
C ILE B 182 5.19 30.58 39.21
N LEU B 183 5.87 29.76 40.00
CA LEU B 183 5.48 28.38 40.21
C LEU B 183 4.07 28.28 40.78
N HIS B 184 3.63 29.33 41.46
CA HIS B 184 2.29 29.33 42.06
C HIS B 184 1.20 29.97 41.17
N THR B 185 1.57 30.34 39.95
CA THR B 185 0.65 31.07 39.07
C THR B 185 0.32 30.36 37.75
N TYR B 186 1.35 30.09 36.94
CA TYR B 186 1.21 29.74 35.52
C TYR B 186 0.14 28.69 35.17
N TYR B 187 0.03 27.64 35.98
CA TYR B 187 -0.80 26.51 35.61
C TYR B 187 -2.29 26.81 35.76
N LYS B 188 -2.61 27.98 36.29
CA LYS B 188 -4.00 28.33 36.52
C LYS B 188 -4.55 29.23 35.41
N PHE B 189 -5.83 29.54 35.50
CA PHE B 189 -6.48 30.46 34.56
C PHE B 189 -6.22 31.91 34.96
N ASP B 190 -6.29 32.81 33.99
CA ASP B 190 -6.06 34.24 34.22
C ASP B 190 -6.92 34.75 35.38
N TYR B 191 -8.15 34.27 35.44
CA TYR B 191 -9.06 34.60 36.52
C TYR B 191 -8.51 34.20 37.89
N LYS B 192 -8.32 32.90 38.13
CA LYS B 192 -7.80 32.39 39.39
C LYS B 192 -6.52 33.10 39.82
N ALA B 193 -5.64 33.32 38.84
CA ALA B 193 -4.39 34.05 39.05
C ALA B 193 -4.64 35.47 39.54
N HIS B 194 -5.56 36.18 38.89
CA HIS B 194 -5.86 37.55 39.26
C HIS B 194 -6.56 37.61 40.62
N GLN B 195 -7.21 36.51 41.00
CA GLN B 195 -7.81 36.41 42.32
C GLN B 195 -6.71 36.30 43.37
N ARG B 196 -5.76 35.41 43.10
CA ARG B 196 -4.62 35.24 44.00
C ARG B 196 -3.86 36.55 44.15
N GLN B 197 -3.66 37.25 43.05
CA GLN B 197 -2.94 38.53 43.03
C GLN B 197 -3.69 39.64 43.75
N LEU B 198 -4.99 39.75 43.45
CA LEU B 198 -5.84 40.75 44.08
C LEU B 198 -5.85 40.53 45.60
N THR B 199 -6.10 39.29 46.00
CA THR B 199 -6.15 38.92 47.40
C THR B 199 -4.80 39.15 48.07
N PRO B 200 -3.74 38.93 47.31
CA PRO B 200 -2.37 39.20 47.79
C PRO B 200 -2.17 40.69 48.06
N PRO B 201 -2.72 41.54 47.20
CA PRO B 201 -2.54 42.98 47.33
C PRO B 201 -3.45 43.58 48.40
N GLU B 202 -4.60 42.96 48.64
CA GLU B 202 -5.52 43.45 49.66
C GLU B 202 -4.87 43.38 51.04
N GLY B 203 -4.19 42.26 51.30
CA GLY B 203 -3.46 42.09 52.55
C GLY B 203 -2.31 43.05 52.70
N SER B 204 -1.61 43.30 51.60
CA SER B 204 -0.43 44.14 51.59
C SER B 204 -0.74 45.61 51.87
N SER B 205 0.21 46.29 52.52
CA SER B 205 0.09 47.71 52.81
C SER B 205 0.09 48.51 51.50
N LYS B 206 -0.62 49.63 51.49
CA LYS B 206 -0.79 50.39 50.27
C LYS B 206 0.54 50.89 49.71
N SER B 207 1.43 51.36 50.59
CA SER B 207 2.75 51.77 50.16
C SER B 207 3.57 50.54 49.76
N GLU B 208 4.23 50.61 48.61
CA GLU B 208 5.04 49.50 48.14
C GLU B 208 6.11 49.96 47.14
N GLN B 209 7.12 49.12 46.92
CA GLN B 209 8.07 49.38 45.85
C GLN B 209 7.95 48.30 44.78
N ASP B 210 7.63 48.71 43.55
CA ASP B 210 7.52 47.77 42.44
C ASP B 210 8.32 48.21 41.23
N GLN B 211 9.15 47.31 40.71
CA GLN B 211 9.89 47.57 39.47
C GLN B 211 8.95 47.71 38.28
N ALA B 212 7.93 46.86 38.24
CA ALA B 212 6.99 46.80 37.13
C ALA B 212 6.06 48.01 37.03
N GLU B 213 5.68 48.34 35.79
CA GLU B 213 4.72 49.42 35.55
C GLU B 213 3.44 48.84 34.96
N ASN B 214 2.31 49.31 35.47
CA ASN B 214 1.01 48.75 35.12
C ASN B 214 0.71 48.85 33.63
N GLU B 215 0.06 47.81 33.12
CA GLU B 215 -0.17 47.62 31.70
C GLU B 215 -1.64 47.29 31.45
N GLY B 216 -2.06 47.36 30.21
CA GLY B 216 -3.46 47.16 29.87
C GLY B 216 -3.90 45.79 30.35
N GLU B 217 -3.03 44.79 30.17
CA GLU B 217 -3.27 43.50 30.79
C GLU B 217 -2.35 43.35 31.99
N ASP B 218 -2.94 43.27 33.18
CA ASP B 218 -2.19 43.16 34.43
C ASP B 218 -1.40 41.86 34.54
N SER B 219 -2.00 40.78 34.10
CA SER B 219 -1.47 39.42 34.32
C SER B 219 -0.34 39.08 33.34
N ALA B 220 -0.63 39.24 32.05
CA ALA B 220 0.33 38.98 30.99
C ALA B 220 1.63 39.75 31.24
N VAL B 221 1.48 40.99 31.69
CA VAL B 221 2.65 41.83 31.97
C VAL B 221 3.41 41.37 33.20
N LEU B 222 2.70 40.77 34.16
CA LEU B 222 3.38 40.18 35.32
C LEU B 222 4.25 39.01 34.88
N MET B 223 3.65 38.08 34.14
CA MET B 223 4.35 36.89 33.69
C MET B 223 5.54 37.27 32.81
N GLU B 224 5.30 38.09 31.78
CA GLU B 224 6.37 38.48 30.86
C GLU B 224 7.41 39.32 31.59
N ARG B 225 7.00 40.03 32.63
CA ARG B 225 7.91 40.83 33.42
C ARG B 225 8.93 39.97 34.15
N LEU B 226 8.44 39.03 34.95
CA LEU B 226 9.34 38.15 35.70
C LEU B 226 10.16 37.28 34.75
N CYS B 227 9.53 36.95 33.62
CA CYS B 227 10.17 36.20 32.56
C CYS B 227 11.42 36.91 32.06
N LYS B 228 11.22 38.15 31.63
CA LYS B 228 12.32 38.97 31.12
C LYS B 228 13.37 39.17 32.21
N TYR B 229 12.92 39.26 33.45
CA TYR B 229 13.83 39.41 34.58
C TYR B 229 14.81 38.25 34.68
N ILE B 230 14.26 37.03 34.72
CA ILE B 230 15.02 35.83 34.99
C ILE B 230 16.11 35.52 33.96
N TYR B 231 15.81 35.71 32.68
CA TYR B 231 16.75 35.33 31.64
C TYR B 231 17.88 36.35 31.49
N ALA B 232 19.11 35.85 31.57
CA ALA B 232 20.29 36.67 31.37
C ALA B 232 21.46 35.77 30.95
N LYS B 233 22.49 36.35 30.33
CA LYS B 233 23.68 35.59 30.00
C LYS B 233 24.33 35.11 31.30
N ASP B 234 24.37 36.01 32.28
CA ASP B 234 24.88 35.69 33.61
C ASP B 234 24.03 34.63 34.30
N ARG B 235 22.71 34.72 34.12
CA ARG B 235 21.77 33.87 34.83
C ARG B 235 21.92 32.39 34.48
N THR B 236 21.73 31.55 35.49
CA THR B 236 21.85 30.11 35.34
C THR B 236 20.77 29.52 34.44
N ASP B 237 21.12 28.45 33.74
CA ASP B 237 20.20 27.80 32.81
C ASP B 237 18.97 27.24 33.52
N ARG B 238 19.18 26.68 34.72
CA ARG B 238 18.09 26.08 35.47
C ARG B 238 17.03 27.13 35.81
N ILE B 239 17.49 28.32 36.19
CA ILE B 239 16.58 29.43 36.46
C ILE B 239 16.04 30.05 35.17
N ARG B 240 16.94 30.33 34.24
CA ARG B 240 16.57 30.91 32.95
C ARG B 240 15.61 29.99 32.21
N THR B 241 16.00 28.74 32.05
CA THR B 241 15.17 27.76 31.37
C THR B 241 13.84 27.56 32.08
N CYS B 242 13.87 27.61 33.41
CA CYS B 242 12.66 27.55 34.22
C CYS B 242 11.69 28.64 33.77
N ALA B 243 12.19 29.87 33.80
CA ALA B 243 11.43 31.05 33.34
C ALA B 243 10.80 30.80 31.98
N ILE B 244 11.66 30.53 31.00
CA ILE B 244 11.24 30.24 29.64
C ILE B 244 10.07 29.24 29.61
N LEU B 245 10.29 28.04 30.14
CA LEU B 245 9.25 27.02 30.21
C LEU B 245 7.94 27.50 30.84
N CYS B 246 8.04 28.30 31.91
CA CYS B 246 6.83 28.85 32.51
C CYS B 246 6.09 29.77 31.54
N HIS B 247 6.84 30.61 30.84
CA HIS B 247 6.28 31.44 29.76
C HIS B 247 5.50 30.61 28.78
N ILE B 248 6.17 29.59 28.25
CA ILE B 248 5.57 28.75 27.22
C ILE B 248 4.32 28.05 27.72
N TYR B 249 4.34 27.54 28.95
CA TYR B 249 3.16 26.89 29.54
C TYR B 249 1.98 27.86 29.63
N HIS B 250 2.21 28.98 30.30
CA HIS B 250 1.15 29.97 30.49
C HIS B 250 0.59 30.44 29.16
N HIS B 251 1.49 30.82 28.27
CA HIS B 251 1.14 31.38 26.96
C HIS B 251 0.37 30.35 26.13
N ALA B 252 0.80 29.10 26.20
CA ALA B 252 0.14 28.03 25.46
C ALA B 252 -1.26 27.78 25.98
N LEU B 253 -1.46 27.99 27.28
CA LEU B 253 -2.81 27.88 27.83
C LEU B 253 -3.72 29.09 27.54
N HIS B 254 -3.24 30.29 27.87
CA HIS B 254 -4.06 31.51 27.82
C HIS B 254 -3.88 32.40 26.59
N SER B 255 -2.95 32.04 25.70
CA SER B 255 -2.67 32.87 24.53
C SER B 255 -2.54 32.00 23.28
N ARG B 256 -2.51 32.64 22.11
CA ARG B 256 -2.46 31.92 20.85
C ARG B 256 -1.22 31.03 20.73
N TRP B 257 -1.39 29.92 20.01
CA TRP B 257 -0.41 28.84 19.93
C TRP B 257 0.90 29.26 19.23
N TYR B 258 0.75 30.03 18.15
CA TYR B 258 1.88 30.47 17.35
C TYR B 258 2.92 31.21 18.18
N GLN B 259 2.46 32.04 19.11
CA GLN B 259 3.36 32.78 19.99
C GLN B 259 4.23 31.80 20.77
N ALA B 260 3.60 30.80 21.35
CA ALA B 260 4.29 29.77 22.13
C ALA B 260 5.32 29.05 21.28
N ARG B 261 4.92 28.67 20.07
CA ARG B 261 5.82 27.98 19.15
C ARG B 261 7.06 28.83 18.87
N ASP B 262 6.83 30.10 18.56
CA ASP B 262 7.89 31.06 18.30
C ASP B 262 8.85 31.14 19.50
N LEU B 263 8.29 31.24 20.69
CA LEU B 263 9.08 31.28 21.92
C LEU B 263 9.97 30.05 22.02
N MET B 264 9.37 28.87 21.86
CA MET B 264 10.10 27.61 21.96
C MET B 264 11.26 27.51 20.99
N LEU B 265 11.03 27.86 19.73
CA LEU B 265 12.07 27.71 18.72
C LEU B 265 13.14 28.81 18.84
N MET B 266 12.75 29.96 19.36
CA MET B 266 13.70 31.07 19.56
C MET B 266 14.52 30.89 20.85
N SER B 267 13.89 30.32 21.87
CA SER B 267 14.51 30.15 23.18
C SER B 267 15.77 29.29 23.13
N HIS B 268 15.77 28.34 22.19
CA HIS B 268 16.91 27.46 21.94
C HIS B 268 17.37 26.70 23.17
N LEU B 269 16.53 25.77 23.64
CA LEU B 269 16.95 24.82 24.66
C LEU B 269 16.67 23.39 24.21
N GLN B 270 17.72 22.66 23.85
CA GLN B 270 17.57 21.25 23.55
C GLN B 270 18.26 20.41 24.62
N ASP B 271 19.56 20.63 24.79
CA ASP B 271 20.32 20.00 25.85
C ASP B 271 19.88 20.46 27.23
N ASN B 272 19.64 21.77 27.35
CA ASN B 272 19.30 22.39 28.63
C ASN B 272 18.00 21.90 29.24
N ILE B 273 16.98 21.74 28.41
CA ILE B 273 15.65 21.39 28.90
C ILE B 273 15.64 20.02 29.59
N GLN B 274 16.35 19.06 29.00
CA GLN B 274 16.39 17.71 29.57
C GLN B 274 17.06 17.68 30.94
N HIS B 275 18.19 18.38 31.07
CA HIS B 275 18.88 18.49 32.35
C HIS B 275 19.18 19.94 32.72
N ALA B 276 18.79 20.36 33.92
CA ALA B 276 17.88 19.60 34.78
C ALA B 276 16.84 20.55 35.38
N ASP B 277 17.29 21.41 36.29
CA ASP B 277 16.44 22.43 36.89
C ASP B 277 15.57 21.84 37.99
N PRO B 278 15.75 20.54 38.24
CA PRO B 278 15.00 19.78 39.26
C PRO B 278 13.53 19.60 38.88
N PRO B 279 12.81 20.71 38.72
CA PRO B 279 11.41 20.67 38.32
C PRO B 279 11.21 20.93 36.83
N VAL B 280 12.30 21.21 36.10
CA VAL B 280 12.21 21.54 34.69
C VAL B 280 11.67 20.38 33.86
N GLN B 281 12.09 19.17 34.18
CA GLN B 281 11.68 17.99 33.44
C GLN B 281 10.17 18.01 33.21
N ILE B 282 9.42 18.39 34.23
CA ILE B 282 7.97 18.51 34.10
C ILE B 282 7.62 19.60 33.09
N LEU B 283 8.33 20.72 33.15
CA LEU B 283 8.10 21.83 32.23
C LEU B 283 8.41 21.44 30.79
N TYR B 284 9.50 20.71 30.61
CA TYR B 284 9.94 20.28 29.29
C TYR B 284 8.90 19.36 28.65
N ASN B 285 8.33 18.46 29.46
CA ASN B 285 7.35 17.50 28.96
C ASN B 285 5.94 18.06 29.14
N ARG B 286 5.74 18.80 30.23
CA ARG B 286 4.46 19.44 30.50
C ARG B 286 4.12 20.50 29.45
N THR B 287 5.09 21.33 29.08
CA THR B 287 4.81 22.36 28.08
C THR B 287 4.68 21.76 26.68
N MET B 288 5.41 20.69 26.40
CA MET B 288 5.25 19.96 25.14
C MET B 288 3.82 19.43 25.05
N VAL B 289 3.37 18.78 26.13
CA VAL B 289 2.00 18.33 26.23
C VAL B 289 1.02 19.47 25.97
N GLN B 290 1.29 20.62 26.58
CA GLN B 290 0.35 21.74 26.51
C GLN B 290 0.22 22.35 25.12
N LEU B 291 1.34 22.49 24.41
CA LEU B 291 1.25 23.04 23.06
C LEU B 291 0.69 21.98 22.13
N GLY B 292 0.94 20.72 22.45
CA GLY B 292 0.35 19.61 21.72
C GLY B 292 -1.16 19.63 21.87
N ILE B 293 -1.62 20.06 23.04
CA ILE B 293 -3.05 20.14 23.32
C ILE B 293 -3.69 21.36 22.65
N CYS B 294 -3.07 22.52 22.78
CA CYS B 294 -3.64 23.74 22.21
C CYS B 294 -3.65 23.68 20.69
N ALA B 295 -2.60 23.12 20.10
CA ALA B 295 -2.54 22.97 18.65
C ALA B 295 -3.66 22.04 18.18
N PHE B 296 -4.00 21.07 19.02
CA PHE B 296 -5.07 20.14 18.69
C PHE B 296 -6.44 20.79 18.88
N ARG B 297 -6.51 21.74 19.82
CA ARG B 297 -7.71 22.53 20.02
C ARG B 297 -7.95 23.39 18.79
N GLN B 298 -6.85 23.83 18.18
CA GLN B 298 -6.91 24.61 16.94
C GLN B 298 -7.26 23.72 15.74
N GLY B 299 -7.38 22.42 16.00
CA GLY B 299 -7.70 21.43 14.97
C GLY B 299 -6.60 21.37 13.93
N LEU B 300 -5.35 21.41 14.39
CA LEU B 300 -4.22 21.05 13.55
C LEU B 300 -3.77 19.64 13.93
N THR B 301 -4.11 18.67 13.10
CA THR B 301 -3.81 17.28 13.41
C THR B 301 -2.35 16.98 13.07
N LYS B 302 -1.96 17.42 11.87
CA LYS B 302 -0.62 17.19 11.34
C LYS B 302 0.42 17.77 12.28
N ASP B 303 0.10 18.89 12.91
CA ASP B 303 0.97 19.51 13.89
C ASP B 303 1.04 18.69 15.17
N ALA B 304 -0.14 18.35 15.69
CA ALA B 304 -0.23 17.66 16.98
C ALA B 304 0.52 16.33 16.99
N HIS B 305 0.34 15.54 15.94
CA HIS B 305 1.02 14.26 15.85
C HIS B 305 2.55 14.46 15.77
N ASN B 306 2.98 15.54 15.12
CA ASN B 306 4.39 15.90 15.11
C ASN B 306 4.88 16.16 16.53
N ALA B 307 4.10 16.94 17.26
CA ALA B 307 4.47 17.38 18.59
C ALA B 307 4.61 16.23 19.59
N LEU B 308 3.60 15.38 19.69
CA LEU B 308 3.50 14.48 20.83
C LEU B 308 4.24 13.13 20.74
N LEU B 309 4.70 12.76 19.55
CA LEU B 309 5.18 11.38 19.33
C LEU B 309 6.31 10.91 20.25
N ASP B 310 7.33 11.75 20.43
CA ASP B 310 8.47 11.40 21.27
C ASP B 310 8.05 11.05 22.70
N ILE B 311 7.23 11.92 23.29
CA ILE B 311 6.87 11.79 24.70
C ILE B 311 5.76 10.77 24.92
N GLN B 312 4.96 10.50 23.90
CA GLN B 312 3.87 9.56 24.07
C GLN B 312 4.26 8.16 23.59
N SER B 313 5.50 8.01 23.15
CA SER B 313 6.05 6.69 22.86
C SER B 313 6.44 6.01 24.16
N SER B 314 6.52 6.81 25.23
CA SER B 314 6.96 6.30 26.54
C SER B 314 5.92 5.42 27.21
N GLY B 315 6.36 4.24 27.64
CA GLY B 315 5.53 3.34 28.43
C GLY B 315 5.30 3.92 29.81
N ARG B 316 6.32 4.64 30.28
CA ARG B 316 6.37 5.20 31.63
C ARG B 316 5.87 6.65 31.69
N ALA B 317 5.26 7.11 30.60
CA ALA B 317 4.86 8.50 30.42
C ALA B 317 4.23 9.16 31.65
N LYS B 318 3.41 8.41 32.37
CA LYS B 318 2.79 8.89 33.61
C LYS B 318 3.85 9.42 34.57
N GLU B 319 4.96 8.68 34.68
CA GLU B 319 6.07 9.06 35.53
C GLU B 319 6.88 10.19 34.90
N LEU B 320 6.98 10.18 33.57
CA LEU B 320 7.75 11.18 32.83
C LEU B 320 7.08 12.56 32.91
N LEU B 321 5.79 12.56 33.26
CA LEU B 321 5.06 13.81 33.48
C LEU B 321 5.07 14.16 34.97
N GLY B 322 5.81 13.40 35.75
CA GLY B 322 5.94 13.64 37.17
C GLY B 322 4.64 13.49 37.94
N GLN B 323 3.73 12.69 37.41
CA GLN B 323 2.51 12.39 38.14
C GLN B 323 2.44 10.90 38.49
N GLY B 324 2.66 10.59 39.75
CA GLY B 324 2.51 9.22 40.24
C GLY B 324 2.18 9.31 41.72
N LEU B 325 1.37 8.38 42.22
CA LEU B 325 0.99 8.43 43.63
C LEU B 325 2.24 8.34 44.49
N LEU B 326 2.35 9.24 45.45
CA LEU B 326 3.55 9.32 46.26
C LEU B 326 3.75 8.05 47.05
N LEU B 327 2.66 7.51 47.60
CA LEU B 327 2.68 6.33 48.47
C LEU B 327 3.37 5.13 47.81
N ARG B 328 2.91 4.78 46.60
CA ARG B 328 3.37 3.59 45.89
C ARG B 328 4.87 3.62 45.65
N SER B 329 5.42 4.81 45.44
CA SER B 329 6.86 4.96 45.25
C SER B 329 7.54 5.36 46.56
N LEU B 330 6.75 5.57 47.60
CA LEU B 330 7.29 5.95 48.90
C LEU B 330 7.75 4.70 49.61
N GLN B 331 7.05 3.59 49.33
CA GLN B 331 7.54 2.31 49.84
C GLN B 331 8.84 1.94 49.11
N GLU B 332 8.87 2.20 47.80
CA GLU B 332 10.06 1.99 46.98
C GLU B 332 11.27 2.78 47.47
N ARG B 333 11.14 4.10 47.43
CA ARG B 333 12.27 5.01 47.63
C ARG B 333 12.96 4.89 48.99
N ASN B 334 12.21 4.47 50.02
CA ASN B 334 12.77 4.32 51.37
C ASN B 334 13.98 3.39 51.33
N GLN B 335 15.09 3.75 52.00
CA GLN B 335 15.19 4.85 52.99
C GLN B 335 14.89 6.28 52.55
N GLU B 336 14.40 7.07 53.50
CA GLU B 336 13.84 8.39 53.24
C GLU B 336 14.85 9.45 52.82
N GLN B 337 16.08 9.34 53.34
CA GLN B 337 17.14 10.30 53.07
C GLN B 337 17.31 10.52 51.57
N GLU B 338 17.56 9.42 50.86
CA GLU B 338 17.59 9.42 49.40
C GLU B 338 16.21 9.70 48.81
N LYS B 339 15.19 9.13 49.45
CA LYS B 339 13.82 9.12 48.92
C LYS B 339 13.19 10.50 48.76
N VAL B 340 13.42 11.39 49.72
CA VAL B 340 12.76 12.69 49.71
C VAL B 340 13.12 13.49 48.46
N GLU B 341 14.40 13.45 48.08
CA GLU B 341 14.85 14.12 46.86
C GLU B 341 14.20 13.50 45.62
N ARG B 342 14.10 12.17 45.62
CA ARG B 342 13.58 11.43 44.47
C ARG B 342 12.13 11.75 44.13
N ARG B 343 11.28 11.89 45.15
CA ARG B 343 9.85 12.10 44.93
C ARG B 343 9.50 13.55 44.67
N ARG B 344 9.90 14.03 43.49
CA ARG B 344 9.75 15.43 43.10
C ARG B 344 8.55 15.64 42.19
N GLN B 345 7.70 14.63 42.08
CA GLN B 345 6.59 14.66 41.12
C GLN B 345 5.66 15.83 41.41
N VAL B 346 5.15 16.42 40.34
CA VAL B 346 4.31 17.61 40.39
C VAL B 346 2.93 17.34 41.01
N PRO B 347 2.34 18.37 41.58
CA PRO B 347 1.04 18.28 42.24
C PRO B 347 -0.09 18.01 41.24
N PHE B 348 -1.18 17.42 41.73
CA PHE B 348 -2.30 17.02 40.89
C PHE B 348 -2.94 18.21 40.17
N HIS B 349 -3.04 19.33 40.87
CA HIS B 349 -3.65 20.52 40.28
C HIS B 349 -2.83 20.96 39.07
N LEU B 350 -1.51 20.88 39.19
CA LEU B 350 -0.62 21.14 38.07
C LEU B 350 -0.75 20.06 37.02
N HIS B 351 -0.89 18.81 37.49
CA HIS B 351 -0.93 17.65 36.62
C HIS B 351 -2.15 17.64 35.70
N ILE B 352 -1.95 17.13 34.49
CA ILE B 352 -3.00 17.04 33.48
C ILE B 352 -3.35 15.59 33.23
N ASN B 353 -4.64 15.29 33.09
CA ASN B 353 -5.09 13.91 32.96
C ASN B 353 -4.52 13.23 31.73
N LEU B 354 -4.13 11.97 31.89
CA LEU B 354 -3.46 11.21 30.86
C LEU B 354 -4.42 10.74 29.78
N GLU B 355 -5.63 10.40 30.21
CA GLU B 355 -6.65 9.93 29.29
C GLU B 355 -6.94 10.94 28.19
N LEU B 356 -7.06 12.20 28.58
CA LEU B 356 -7.28 13.27 27.60
C LEU B 356 -6.16 13.29 26.57
N LEU B 357 -4.92 13.34 27.06
CA LEU B 357 -3.74 13.38 26.20
C LEU B 357 -3.69 12.19 25.23
N GLU B 358 -3.86 10.99 25.78
CA GLU B 358 -3.76 9.76 25.01
C GLU B 358 -4.85 9.68 23.95
N CYS B 359 -6.08 9.97 24.36
CA CYS B 359 -7.22 10.00 23.42
C CYS B 359 -7.00 11.02 22.31
N VAL B 360 -6.48 12.20 22.67
CA VAL B 360 -6.14 13.23 21.69
C VAL B 360 -5.15 12.69 20.65
N TYR B 361 -3.99 12.25 21.11
CA TYR B 361 -2.96 11.72 20.21
C TYR B 361 -3.44 10.56 19.36
N LEU B 362 -4.23 9.67 19.94
CA LEU B 362 -4.74 8.51 19.21
C LEU B 362 -5.75 8.94 18.16
N VAL B 363 -6.55 9.95 18.48
CA VAL B 363 -7.50 10.49 17.52
C VAL B 363 -6.73 11.06 16.34
N SER B 364 -5.64 11.78 16.63
CA SER B 364 -4.73 12.26 15.59
C SER B 364 -4.22 11.13 14.71
N ALA B 365 -3.48 10.21 15.34
CA ALA B 365 -2.86 9.10 14.65
C ALA B 365 -3.87 8.30 13.83
N MET B 366 -5.13 8.32 14.26
CA MET B 366 -6.19 7.69 13.50
C MET B 366 -6.42 8.42 12.17
N LEU B 367 -6.71 9.72 12.27
CA LEU B 367 -6.98 10.54 11.10
C LEU B 367 -5.83 10.50 10.11
N LEU B 368 -4.62 10.44 10.64
CA LEU B 368 -3.44 10.43 9.79
C LEU B 368 -3.17 9.07 9.15
N GLU B 369 -3.18 8.01 9.95
CA GLU B 369 -2.74 6.70 9.47
C GLU B 369 -3.81 5.84 8.81
N ILE B 370 -5.10 6.17 9.00
CA ILE B 370 -6.16 5.34 8.43
C ILE B 370 -6.22 5.34 6.89
N PRO B 371 -6.23 6.54 6.25
CA PRO B 371 -6.38 6.47 4.79
C PRO B 371 -5.17 5.82 4.13
N TYR B 372 -3.99 6.03 4.71
CA TYR B 372 -2.76 5.48 4.20
C TYR B 372 -2.71 3.97 4.40
N MET B 373 -3.31 3.50 5.48
CA MET B 373 -3.47 2.07 5.73
C MET B 373 -4.40 1.47 4.68
N ALA B 374 -5.56 2.09 4.53
CA ALA B 374 -6.60 1.65 3.60
C ALA B 374 -6.05 1.50 2.19
N ALA B 375 -5.37 2.55 1.73
CA ALA B 375 -4.72 2.52 0.43
C ALA B 375 -3.78 1.34 0.31
N HIS B 376 -3.02 1.10 1.38
CA HIS B 376 -2.12 -0.05 1.44
C HIS B 376 -2.96 -1.32 1.32
N GLU B 377 -4.12 -1.31 1.95
CA GLU B 377 -5.09 -2.39 1.79
C GLU B 377 -5.47 -2.42 0.32
N SER B 378 -5.57 -1.22 -0.26
CA SER B 378 -5.78 -1.05 -1.69
C SER B 378 -4.59 -1.65 -2.42
N ASP B 379 -3.41 -1.49 -1.83
CA ASP B 379 -2.17 -2.04 -2.38
C ASP B 379 -1.49 -1.14 -3.41
N ALA B 380 -2.01 0.06 -3.58
CA ALA B 380 -1.36 1.04 -4.46
C ALA B 380 0.03 1.34 -3.90
N ARG B 381 0.09 1.47 -2.58
CA ARG B 381 1.36 1.63 -1.86
C ARG B 381 2.19 2.81 -2.35
N ARG B 382 1.53 3.92 -2.64
CA ARG B 382 2.24 5.12 -3.07
C ARG B 382 3.15 5.63 -1.96
N ARG B 383 2.62 5.65 -0.74
CA ARG B 383 3.35 6.12 0.43
C ARG B 383 3.04 5.26 1.64
N MET B 384 3.96 5.26 2.62
CA MET B 384 3.77 4.50 3.84
C MET B 384 3.62 5.44 5.03
N ILE B 385 2.56 5.23 5.82
CA ILE B 385 2.29 6.08 6.97
C ILE B 385 2.03 5.27 8.25
N SER B 386 2.45 5.83 9.38
CA SER B 386 2.25 5.18 10.68
C SER B 386 1.24 5.94 11.53
N LYS B 387 0.27 5.22 12.09
CA LYS B 387 -0.76 5.82 12.91
C LYS B 387 -0.68 5.31 14.34
N GLN B 388 -0.72 6.23 15.31
CA GLN B 388 -0.63 5.88 16.72
C GLN B 388 -1.81 5.02 17.15
N PHE B 389 -1.54 4.05 18.01
CA PHE B 389 -2.55 3.12 18.51
C PHE B 389 -2.82 2.01 17.50
N HIS B 390 -2.01 1.97 16.45
CA HIS B 390 -2.14 0.95 15.42
C HIS B 390 -1.88 -0.45 16.00
N HIS B 391 -0.89 -0.53 16.88
CA HIS B 391 -0.52 -1.80 17.50
C HIS B 391 -1.68 -2.35 18.34
N GLN B 392 -2.36 -1.45 19.06
CA GLN B 392 -3.49 -1.85 19.89
C GLN B 392 -4.61 -2.44 19.05
N LEU B 393 -4.85 -1.82 17.89
CA LEU B 393 -5.89 -2.30 16.98
C LEU B 393 -5.57 -3.70 16.48
N ARG B 394 -4.30 -3.95 16.18
CA ARG B 394 -3.86 -5.26 15.71
C ARG B 394 -4.10 -6.33 16.76
N VAL B 395 -3.83 -5.99 18.02
CA VAL B 395 -4.02 -6.91 19.12
C VAL B 395 -5.49 -7.30 19.26
N GLY B 396 -6.37 -6.32 19.08
CA GLY B 396 -7.81 -6.56 19.17
C GLY B 396 -8.29 -7.52 18.11
N GLU B 397 -7.76 -7.39 16.90
CA GLU B 397 -8.15 -8.25 15.79
C GLU B 397 -7.79 -9.71 16.10
N ARG B 398 -6.61 -9.91 16.67
CA ARG B 398 -6.15 -11.25 17.03
C ARG B 398 -6.72 -11.76 18.34
N GLN B 399 -7.56 -10.94 18.97
CA GLN B 399 -8.18 -11.33 20.23
C GLN B 399 -9.23 -12.42 20.03
N PRO B 400 -9.26 -13.40 20.92
CA PRO B 400 -10.27 -14.46 20.86
C PRO B 400 -11.65 -13.85 21.05
N LEU B 401 -11.74 -12.87 21.95
CA LEU B 401 -13.02 -12.23 22.27
C LEU B 401 -13.06 -10.79 21.79
N LEU B 402 -14.15 -10.41 21.13
CA LEU B 402 -14.37 -9.01 20.77
C LEU B 402 -15.61 -8.46 21.47
N GLY B 403 -15.38 -7.58 22.45
CA GLY B 403 -16.48 -6.99 23.18
C GLY B 403 -16.89 -5.64 22.62
N PRO B 404 -18.14 -5.23 22.87
CA PRO B 404 -18.54 -3.86 22.56
C PRO B 404 -17.69 -2.92 23.40
N PRO B 405 -17.29 -1.77 22.82
CA PRO B 405 -16.27 -0.89 23.41
C PRO B 405 -16.60 -0.42 24.83
N GLU B 406 -15.61 -0.49 25.71
CA GLU B 406 -15.76 -0.03 27.08
C GLU B 406 -14.65 0.97 27.42
N SER B 407 -13.40 0.52 27.39
CA SER B 407 -12.28 1.45 27.57
C SER B 407 -12.19 2.41 26.37
N MET B 408 -11.58 3.57 26.58
CA MET B 408 -11.57 4.64 25.58
C MET B 408 -10.90 4.22 24.27
N ARG B 409 -9.81 3.48 24.40
CA ARG B 409 -9.08 3.03 23.22
C ARG B 409 -9.94 2.12 22.36
N GLU B 410 -10.89 1.46 23.00
CA GLU B 410 -11.84 0.60 22.28
C GLU B 410 -12.86 1.43 21.51
N HIS B 411 -13.27 2.57 22.07
CA HIS B 411 -14.19 3.45 21.36
C HIS B 411 -13.49 4.06 20.14
N VAL B 412 -12.26 4.53 20.34
CA VAL B 412 -11.45 5.02 19.23
C VAL B 412 -11.29 3.94 18.15
N VAL B 413 -11.01 2.73 18.62
CA VAL B 413 -10.88 1.54 17.80
C VAL B 413 -12.10 1.29 16.90
N ALA B 414 -13.28 1.27 17.52
CA ALA B 414 -14.54 1.10 16.82
C ALA B 414 -14.74 2.21 15.79
N ALA B 415 -14.34 3.42 16.16
CA ALA B 415 -14.43 4.53 15.21
C ALA B 415 -13.54 4.27 13.99
N SER B 416 -12.37 3.69 14.23
CA SER B 416 -11.44 3.34 13.16
C SER B 416 -12.05 2.31 12.20
N LYS B 417 -12.53 1.20 12.76
CA LYS B 417 -13.13 0.15 11.92
C LYS B 417 -14.32 0.68 11.15
N ALA B 418 -15.09 1.53 11.82
CA ALA B 418 -16.22 2.21 11.19
C ALA B 418 -15.75 3.06 10.01
N MET B 419 -14.61 3.73 10.16
CA MET B 419 -14.02 4.48 9.05
C MET B 419 -13.63 3.56 7.91
N LYS B 420 -13.04 2.42 8.26
CA LYS B 420 -12.65 1.42 7.28
C LYS B 420 -13.85 0.98 6.43
N MET B 421 -14.96 0.64 7.08
CA MET B 421 -16.16 0.20 6.36
C MET B 421 -16.93 1.36 5.73
N GLY B 422 -16.55 2.58 6.08
CA GLY B 422 -17.15 3.74 5.45
C GLY B 422 -18.39 4.29 6.14
N ASP B 423 -18.66 3.87 7.37
CA ASP B 423 -19.69 4.52 8.16
C ASP B 423 -19.04 5.61 8.99
N TRP B 424 -19.25 6.87 8.60
CA TRP B 424 -18.64 7.98 9.31
C TRP B 424 -19.49 8.34 10.52
N LYS B 425 -20.80 8.20 10.38
CA LYS B 425 -21.73 8.49 11.46
C LYS B 425 -21.45 7.60 12.66
N THR B 426 -21.27 6.30 12.41
CA THR B 426 -20.93 5.36 13.46
C THR B 426 -19.64 5.80 14.16
N CYS B 427 -18.63 6.14 13.37
CA CYS B 427 -17.34 6.55 13.92
C CYS B 427 -17.47 7.76 14.84
N HIS B 428 -18.19 8.78 14.38
CA HIS B 428 -18.44 9.96 15.20
C HIS B 428 -19.19 9.60 16.48
N SER B 429 -20.15 8.69 16.37
CA SER B 429 -20.92 8.23 17.53
C SER B 429 -20.00 7.58 18.56
N PHE B 430 -19.14 6.68 18.09
CA PHE B 430 -18.29 5.86 18.95
C PHE B 430 -17.32 6.70 19.77
N ILE B 431 -16.79 7.76 19.19
CA ILE B 431 -15.82 8.59 19.89
C ILE B 431 -16.44 9.18 21.14
N ILE B 432 -17.70 9.61 21.03
CA ILE B 432 -18.44 10.08 22.19
C ILE B 432 -18.62 8.94 23.18
N ASN B 433 -18.96 7.76 22.68
CA ASN B 433 -19.21 6.62 23.56
C ASN B 433 -17.97 6.23 24.35
N GLU B 434 -16.83 6.17 23.65
CA GLU B 434 -15.55 5.97 24.31
C GLU B 434 -15.24 7.17 25.20
N LYS B 435 -15.51 8.35 24.66
CA LYS B 435 -15.27 9.60 25.36
C LYS B 435 -16.09 9.77 26.62
N MET B 436 -17.36 9.38 26.56
CA MET B 436 -18.27 9.63 27.68
C MET B 436 -17.82 8.91 28.94
N ASN B 437 -17.41 7.65 28.81
CA ASN B 437 -16.83 6.93 29.94
C ASN B 437 -15.52 7.59 30.35
N GLY B 438 -14.71 7.93 29.34
CA GLY B 438 -13.46 8.64 29.56
C GLY B 438 -13.63 10.04 30.10
N LYS B 439 -14.63 10.75 29.59
CA LYS B 439 -14.80 12.16 29.91
C LYS B 439 -13.71 12.97 29.21
N VAL B 440 -13.11 12.35 28.20
CA VAL B 440 -11.96 12.93 27.51
C VAL B 440 -12.25 14.24 26.80
N TRP B 441 -13.41 14.34 26.14
CA TRP B 441 -13.72 15.55 25.39
C TRP B 441 -14.38 16.59 26.29
N ASP B 442 -14.87 16.15 27.45
CA ASP B 442 -15.57 17.03 28.39
C ASP B 442 -14.61 17.96 29.13
N LEU B 443 -13.31 17.67 29.01
CA LEU B 443 -12.30 18.40 29.76
C LEU B 443 -11.81 19.63 29.00
N PHE B 444 -12.46 19.96 27.89
CA PHE B 444 -12.09 21.15 27.14
C PHE B 444 -13.27 22.12 27.13
N PRO B 445 -13.00 23.42 27.27
CA PRO B 445 -14.03 24.47 27.29
C PRO B 445 -14.72 24.69 25.95
N GLU B 446 -13.98 24.43 24.87
CA GLU B 446 -14.46 24.66 23.51
C GLU B 446 -15.10 23.43 22.87
N ALA B 447 -15.36 22.40 23.69
CA ALA B 447 -15.69 21.06 23.23
C ALA B 447 -16.68 20.98 22.06
N ASP B 448 -17.71 21.83 22.07
CA ASP B 448 -18.67 21.86 20.96
C ASP B 448 -17.96 22.14 19.63
N LYS B 449 -17.20 23.23 19.61
CA LYS B 449 -16.46 23.67 18.44
C LYS B 449 -15.58 22.55 17.88
N VAL B 450 -14.85 21.89 18.77
CA VAL B 450 -13.97 20.81 18.38
C VAL B 450 -14.75 19.57 17.96
N ARG B 451 -15.95 19.41 18.50
CA ARG B 451 -16.81 18.30 18.11
C ARG B 451 -17.19 18.44 16.64
N THR B 452 -17.64 19.64 16.26
CA THR B 452 -18.02 19.89 14.88
C THR B 452 -16.82 19.90 13.92
N MET B 453 -15.71 20.47 14.39
CA MET B 453 -14.48 20.52 13.60
C MET B 453 -13.97 19.12 13.29
N LEU B 454 -13.90 18.29 14.34
CA LEU B 454 -13.52 16.91 14.19
C LEU B 454 -14.52 16.17 13.32
N VAL B 455 -15.80 16.50 13.46
CA VAL B 455 -16.83 15.88 12.64
C VAL B 455 -16.50 16.12 11.17
N ARG B 456 -16.07 17.34 10.85
CA ARG B 456 -15.71 17.69 9.48
C ARG B 456 -14.43 17.00 8.97
N LYS B 457 -13.36 17.08 9.75
CA LYS B 457 -12.10 16.44 9.36
C LYS B 457 -12.28 14.94 9.18
N ILE B 458 -13.10 14.34 10.05
CA ILE B 458 -13.42 12.92 9.97
C ILE B 458 -14.27 12.64 8.73
N GLN B 459 -15.19 13.55 8.40
CA GLN B 459 -15.95 13.42 7.16
C GLN B 459 -14.99 13.30 5.98
N GLU B 460 -14.02 14.22 5.90
CA GLU B 460 -13.03 14.22 4.82
C GLU B 460 -12.22 12.92 4.76
N GLU B 461 -11.57 12.59 5.86
CA GLU B 461 -10.66 11.43 5.86
C GLU B 461 -11.41 10.11 5.66
N SER B 462 -12.65 10.05 6.13
CA SER B 462 -13.48 8.87 5.94
C SER B 462 -13.88 8.74 4.48
N LEU B 463 -14.17 9.87 3.85
CA LEU B 463 -14.45 9.87 2.42
C LEU B 463 -13.25 9.31 1.66
N ARG B 464 -12.07 9.82 2.00
CA ARG B 464 -10.83 9.32 1.43
C ARG B 464 -10.71 7.80 1.59
N THR B 465 -10.83 7.34 2.83
CA THR B 465 -10.72 5.91 3.17
C THR B 465 -11.67 5.04 2.35
N TYR B 466 -12.93 5.45 2.31
CA TYR B 466 -13.95 4.82 1.48
C TYR B 466 -13.44 4.65 0.06
N LEU B 467 -13.12 5.78 -0.57
CA LEU B 467 -12.61 5.76 -1.93
C LEU B 467 -11.43 4.80 -2.11
N PHE B 468 -10.51 4.78 -1.16
CA PHE B 468 -9.35 3.91 -1.23
C PHE B 468 -9.73 2.43 -1.25
N THR B 469 -10.58 2.04 -0.32
CA THR B 469 -10.94 0.63 -0.18
C THR B 469 -11.82 0.13 -1.32
N TYR B 470 -12.74 0.97 -1.79
CA TYR B 470 -13.77 0.47 -2.71
C TYR B 470 -13.52 0.70 -4.19
N SER B 471 -12.36 1.26 -4.54
CA SER B 471 -12.06 1.56 -5.93
C SER B 471 -11.84 0.29 -6.76
N SER B 472 -11.68 -0.85 -6.09
CA SER B 472 -11.48 -2.12 -6.79
C SER B 472 -12.72 -2.51 -7.60
N VAL B 473 -13.85 -2.61 -6.90
CA VAL B 473 -15.09 -3.09 -7.50
C VAL B 473 -15.88 -2.01 -8.25
N TYR B 474 -15.61 -0.75 -7.94
CA TYR B 474 -16.20 0.38 -8.65
C TYR B 474 -15.35 0.85 -9.82
N ASP B 475 -15.87 0.73 -11.03
CA ASP B 475 -15.20 1.37 -12.16
C ASP B 475 -15.55 2.86 -12.26
N SER B 476 -16.77 3.23 -11.87
CA SER B 476 -17.20 4.63 -11.98
C SER B 476 -17.97 5.16 -10.77
N ILE B 477 -17.92 6.48 -10.59
CA ILE B 477 -18.52 7.14 -9.42
C ILE B 477 -19.35 8.37 -9.75
N SER B 478 -20.11 8.83 -8.76
CA SER B 478 -20.97 10.01 -8.86
C SER B 478 -20.65 10.98 -7.74
N MET B 479 -20.19 12.18 -8.11
CA MET B 479 -19.77 13.14 -7.12
C MET B 479 -20.96 13.75 -6.38
N GLU B 480 -22.13 13.72 -6.99
CA GLU B 480 -23.32 14.30 -6.37
C GLU B 480 -23.80 13.42 -5.22
N THR B 481 -23.95 12.14 -5.52
CA THR B 481 -24.37 11.15 -4.54
C THR B 481 -23.36 11.08 -3.40
N LEU B 482 -22.09 10.89 -3.75
CA LEU B 482 -21.01 10.91 -2.77
C LEU B 482 -21.04 12.17 -1.89
N SER B 483 -21.28 13.31 -2.52
CA SER B 483 -21.34 14.57 -1.80
C SER B 483 -22.45 14.56 -0.76
N ASP B 484 -23.64 14.18 -1.19
CA ASP B 484 -24.78 14.13 -0.28
C ASP B 484 -24.57 13.14 0.86
N MET B 485 -24.02 11.97 0.55
CA MET B 485 -23.97 10.86 1.51
C MET B 485 -22.85 10.96 2.54
N PHE B 486 -21.75 11.62 2.17
CA PHE B 486 -20.70 11.90 3.14
C PHE B 486 -20.95 13.24 3.81
N GLU B 487 -22.01 13.92 3.37
CA GLU B 487 -22.36 15.27 3.83
C GLU B 487 -21.20 16.24 3.56
N LEU B 488 -20.51 16.01 2.45
CA LEU B 488 -19.42 16.90 2.03
C LEU B 488 -19.72 17.56 0.70
N ASP B 489 -19.84 18.90 0.69
CA ASP B 489 -20.03 19.68 -0.53
C ASP B 489 -19.00 19.31 -1.60
N LEU B 490 -19.44 19.30 -2.86
CA LEU B 490 -18.66 18.79 -3.99
C LEU B 490 -17.28 19.44 -4.13
N PRO B 491 -17.19 20.73 -3.81
CA PRO B 491 -15.92 21.46 -3.89
C PRO B 491 -14.83 20.78 -3.08
N THR B 492 -15.22 20.22 -1.93
CA THR B 492 -14.29 19.46 -1.11
C THR B 492 -14.00 18.10 -1.73
N VAL B 493 -15.07 17.42 -2.16
CA VAL B 493 -14.96 16.07 -2.71
C VAL B 493 -13.99 15.99 -3.89
N HIS B 494 -14.34 16.68 -4.96
CA HIS B 494 -13.52 16.75 -6.16
C HIS B 494 -12.07 17.09 -5.84
N SER B 495 -11.88 18.06 -4.94
CA SER B 495 -10.55 18.48 -4.53
C SER B 495 -9.76 17.35 -3.88
N ILE B 496 -10.32 16.75 -2.84
CA ILE B 496 -9.68 15.65 -2.12
C ILE B 496 -9.33 14.50 -3.07
N ILE B 497 -10.31 14.09 -3.87
CA ILE B 497 -10.13 12.95 -4.76
C ILE B 497 -9.06 13.21 -5.80
N SER B 498 -9.17 14.35 -6.49
CA SER B 498 -8.20 14.72 -7.52
C SER B 498 -6.79 14.83 -6.95
N LYS B 499 -6.67 15.56 -5.84
CA LYS B 499 -5.41 15.72 -5.13
C LYS B 499 -4.78 14.36 -4.85
N MET B 500 -5.49 13.55 -4.09
CA MET B 500 -5.03 12.19 -3.74
C MET B 500 -4.62 11.36 -4.96
N ILE B 501 -5.47 11.29 -5.97
CA ILE B 501 -5.20 10.52 -7.18
C ILE B 501 -3.91 10.99 -7.86
N ILE B 502 -3.72 12.30 -7.93
CA ILE B 502 -2.50 12.85 -8.52
C ILE B 502 -1.26 12.57 -7.66
N ASN B 503 -1.47 12.52 -6.33
CA ASN B 503 -0.36 12.31 -5.40
C ASN B 503 0.06 10.85 -5.33
N GLU B 504 -0.92 9.95 -5.47
CA GLU B 504 -0.65 8.52 -5.38
C GLU B 504 -0.45 7.85 -6.74
N GLU B 505 -0.51 8.66 -7.80
CA GLU B 505 -0.37 8.16 -9.17
C GLU B 505 -1.39 7.08 -9.49
N LEU B 506 -2.60 7.24 -8.93
CA LEU B 506 -3.66 6.26 -9.13
C LEU B 506 -4.19 6.34 -10.56
N MET B 507 -4.35 5.17 -11.21
CA MET B 507 -4.96 5.12 -12.54
C MET B 507 -6.44 5.48 -12.50
N ALA B 508 -6.72 6.74 -12.18
CA ALA B 508 -8.10 7.21 -12.07
C ALA B 508 -8.34 8.48 -12.88
N SER B 509 -9.49 8.55 -13.55
CA SER B 509 -9.80 9.68 -14.44
C SER B 509 -11.11 10.39 -14.09
N LEU B 510 -11.04 11.70 -13.95
CA LEU B 510 -12.20 12.49 -13.57
C LEU B 510 -12.66 13.44 -14.67
N ASP B 511 -13.92 13.33 -15.04
CA ASP B 511 -14.55 14.34 -15.90
C ASP B 511 -15.28 15.34 -15.02
N GLN B 512 -14.78 16.58 -15.01
CA GLN B 512 -15.34 17.66 -14.22
C GLN B 512 -16.68 18.11 -14.81
N PRO B 513 -16.82 17.95 -16.12
CA PRO B 513 -18.01 18.41 -16.82
C PRO B 513 -19.23 17.59 -16.40
N THR B 514 -19.10 16.27 -16.45
CA THR B 514 -20.19 15.40 -16.03
C THR B 514 -20.05 14.99 -14.56
N GLN B 515 -18.95 15.40 -13.93
CA GLN B 515 -18.67 15.06 -12.54
C GLN B 515 -18.69 13.55 -12.31
N THR B 516 -17.77 12.84 -12.95
CA THR B 516 -17.73 11.38 -12.86
C THR B 516 -16.28 10.86 -12.80
N VAL B 517 -16.06 9.73 -12.13
CA VAL B 517 -14.71 9.19 -11.92
C VAL B 517 -14.54 7.79 -12.54
N VAL B 518 -13.29 7.37 -12.82
CA VAL B 518 -13.02 6.10 -13.53
C VAL B 518 -11.75 5.37 -13.02
N MET B 519 -11.83 4.04 -12.86
CA MET B 519 -10.70 3.24 -12.35
C MET B 519 -10.60 1.81 -12.93
N HIS B 520 -9.78 0.99 -12.26
CA HIS B 520 -9.64 -0.47 -12.45
C HIS B 520 -8.66 -0.90 -13.56
N ARG B 521 -8.07 0.08 -14.25
CA ARG B 521 -7.00 -0.22 -15.20
C ARG B 521 -5.94 -1.12 -14.54
N UNK B 523 -1.98 0.93 -18.97
CA UNK B 523 -1.47 0.86 -17.76
C UNK B 523 -0.51 -0.32 -17.64
N UNK B 524 -0.94 -1.51 -18.13
CA UNK B 524 -0.22 -2.74 -18.17
C UNK B 524 1.14 -2.57 -18.79
N UNK B 525 1.10 -1.88 -19.93
CA UNK B 525 2.29 -1.61 -20.72
C UNK B 525 3.26 -0.76 -19.93
N UNK B 526 2.75 0.26 -19.24
CA UNK B 526 3.57 1.15 -18.45
C UNK B 526 4.18 0.39 -17.27
N UNK B 527 3.35 -0.36 -16.55
CA UNK B 527 3.81 -1.13 -15.41
C UNK B 527 5.01 -1.99 -15.81
N UNK B 528 4.86 -2.74 -16.89
CA UNK B 528 5.93 -3.60 -17.37
C UNK B 528 7.20 -2.80 -17.56
N UNK B 529 7.07 -1.60 -18.12
CA UNK B 529 8.21 -0.73 -18.36
C UNK B 529 8.93 -0.44 -17.05
N UNK B 530 8.16 -0.17 -15.99
CA UNK B 530 8.73 0.12 -14.68
C UNK B 530 9.51 -1.09 -14.18
N UNK B 531 8.87 -2.26 -14.18
CA UNK B 531 9.51 -3.48 -13.71
C UNK B 531 10.86 -3.64 -14.39
N UNK B 532 10.91 -3.45 -15.70
CA UNK B 532 12.14 -3.57 -16.45
C UNK B 532 13.22 -2.69 -15.84
N UNK B 533 12.86 -1.44 -15.54
CA UNK B 533 13.81 -0.49 -14.95
C UNK B 533 14.38 -1.07 -13.67
N UNK B 534 13.50 -1.48 -12.74
CA UNK B 534 13.94 -2.05 -11.48
C UNK B 534 14.95 -3.15 -11.72
N UNK B 535 14.59 -4.12 -12.57
CA UNK B 535 15.46 -5.23 -12.88
C UNK B 535 16.85 -4.72 -13.27
N UNK B 536 16.89 -3.75 -14.17
CA UNK B 536 18.14 -3.18 -14.63
C UNK B 536 18.96 -2.72 -13.43
N UNK B 537 18.31 -2.04 -12.48
CA UNK B 537 18.99 -1.55 -11.30
C UNK B 537 19.66 -2.70 -10.57
N UNK B 538 18.89 -3.75 -10.27
CA UNK B 538 19.41 -4.92 -9.58
C UNK B 538 20.67 -5.42 -10.28
N UNK B 539 20.59 -5.60 -11.60
CA UNK B 539 21.71 -6.07 -12.37
C UNK B 539 22.94 -5.23 -12.10
N UNK B 540 22.77 -3.90 -12.16
CA UNK B 540 23.86 -2.98 -11.92
C UNK B 540 24.49 -3.26 -10.57
N UNK B 541 23.66 -3.46 -9.55
CA UNK B 541 24.14 -3.74 -8.21
C UNK B 541 25.03 -4.97 -8.22
N UNK B 542 24.53 -6.06 -8.77
CA UNK B 542 25.28 -7.30 -8.84
C UNK B 542 26.65 -7.04 -9.45
N UNK B 543 26.69 -6.27 -10.53
CA UNK B 543 27.95 -5.96 -11.20
C UNK B 543 28.94 -5.38 -10.20
N UNK B 544 28.45 -4.53 -9.30
CA UNK B 544 29.29 -3.90 -8.30
C UNK B 544 30.01 -4.97 -7.49
N UNK B 545 29.24 -5.93 -6.96
CA UNK B 545 29.80 -7.01 -6.16
C UNK B 545 30.84 -7.77 -6.97
N UNK B 546 30.47 -8.14 -8.20
CA UNK B 546 31.38 -8.87 -9.07
C UNK B 546 32.72 -8.16 -9.16
N UNK B 547 32.70 -6.84 -9.33
CA UNK B 547 33.91 -6.06 -9.41
C UNK B 547 34.74 -6.24 -8.16
N TYR C 4 -4.79 46.48 4.27
CA TYR C 4 -3.77 46.46 5.33
C TYR C 4 -3.39 47.88 5.80
N ASP C 5 -3.07 48.01 7.09
CA ASP C 5 -2.66 49.30 7.62
C ASP C 5 -1.23 49.64 7.19
N LEU C 6 -0.96 50.91 6.93
CA LEU C 6 0.38 51.33 6.54
C LEU C 6 1.32 51.38 7.74
N THR C 7 0.83 51.83 8.88
CA THR C 7 1.69 52.02 10.03
C THR C 7 2.57 50.80 10.26
N THR C 8 1.96 49.61 10.16
CA THR C 8 2.62 48.37 10.51
C THR C 8 3.60 47.95 9.44
N ARG C 9 3.21 48.15 8.18
CA ARG C 9 4.06 47.84 7.04
C ARG C 9 5.33 48.68 7.07
N ILE C 10 5.14 50.00 7.09
CA ILE C 10 6.26 50.91 7.17
C ILE C 10 7.10 50.59 8.41
N ALA C 11 6.42 50.31 9.51
CA ALA C 11 7.09 49.95 10.76
C ALA C 11 7.86 48.64 10.61
N HIS C 12 7.29 47.70 9.86
CA HIS C 12 7.85 46.36 9.72
C HIS C 12 9.23 46.33 9.08
N PHE C 13 9.46 47.16 8.06
CA PHE C 13 10.72 47.14 7.34
C PHE C 13 11.76 48.05 7.96
N LEU C 14 12.89 47.46 8.36
CA LEU C 14 14.00 48.19 8.96
C LEU C 14 14.67 49.21 8.04
N ASP C 15 14.83 48.84 6.77
CA ASP C 15 15.59 49.65 5.83
C ASP C 15 14.96 51.01 5.58
N ARG C 16 15.82 52.03 5.51
CA ARG C 16 15.37 53.40 5.27
C ARG C 16 14.72 53.55 3.90
N HIS C 17 15.30 52.92 2.89
CA HIS C 17 14.76 52.99 1.53
C HIS C 17 13.37 52.39 1.49
N LEU C 18 13.20 51.27 2.18
CA LEU C 18 11.90 50.64 2.30
C LEU C 18 10.95 51.57 3.06
N VAL C 19 11.50 52.21 4.09
CA VAL C 19 10.72 53.10 4.94
C VAL C 19 10.14 54.29 4.18
N PHE C 20 10.94 54.87 3.29
CA PHE C 20 10.48 56.04 2.54
C PHE C 20 10.10 55.66 1.10
N PRO C 21 10.98 54.90 0.44
CA PRO C 21 10.78 54.55 -0.97
C PRO C 21 9.50 53.74 -1.14
N LEU C 22 9.23 52.83 -0.22
CA LEU C 22 7.96 52.13 -0.18
C LEU C 22 6.77 53.10 0.01
N LEU C 23 6.82 54.00 0.99
CA LEU C 23 5.72 54.97 1.10
C LEU C 23 5.45 55.74 -0.20
N GLU C 24 6.53 56.12 -0.88
CA GLU C 24 6.44 56.91 -2.10
C GLU C 24 5.92 56.06 -3.22
N PHE C 25 6.18 54.76 -3.12
CA PHE C 25 5.73 53.83 -4.12
C PHE C 25 4.22 53.62 -3.98
N LEU C 26 3.80 53.35 -2.75
CA LEU C 26 2.40 53.16 -2.41
C LEU C 26 1.60 54.39 -2.86
N SER C 27 2.19 55.55 -2.63
CA SER C 27 1.57 56.80 -3.03
C SER C 27 1.49 56.95 -4.55
N VAL C 28 2.64 56.85 -5.21
CA VAL C 28 2.70 56.87 -6.67
C VAL C 28 2.00 55.65 -7.28
N LYS C 29 2.21 54.49 -6.66
CA LYS C 29 1.76 53.22 -7.20
C LYS C 29 0.25 53.07 -7.35
N GLU C 30 -0.50 53.52 -6.35
CA GLU C 30 -1.96 53.33 -6.37
C GLU C 30 -2.74 54.61 -6.59
N ILE C 31 -2.85 55.41 -5.53
CA ILE C 31 -3.61 56.66 -5.61
C ILE C 31 -2.77 57.87 -5.21
N TYR C 32 -2.78 58.90 -6.06
CA TYR C 32 -2.12 60.15 -5.76
C TYR C 32 -2.78 60.83 -4.56
N ASN C 33 -4.11 60.74 -4.51
CA ASN C 33 -4.89 61.41 -3.47
C ASN C 33 -4.67 60.94 -2.02
N GLU C 34 -4.48 59.64 -1.81
CA GLU C 34 -4.48 59.11 -0.45
C GLU C 34 -3.40 59.72 0.43
N LYS C 35 -3.82 60.10 1.65
CA LYS C 35 -2.97 60.77 2.64
C LYS C 35 -1.79 59.97 3.19
N GLU C 36 -2.01 58.68 3.44
CA GLU C 36 -1.08 57.88 4.23
C GLU C 36 0.31 57.76 3.62
N LEU C 37 0.37 57.58 2.31
CA LEU C 37 1.66 57.44 1.62
C LEU C 37 2.48 58.72 1.74
N LEU C 38 1.81 59.87 1.64
CA LEU C 38 2.45 61.17 1.56
C LEU C 38 2.77 61.77 2.95
N GLN C 39 1.83 61.63 3.90
CA GLN C 39 1.99 62.17 5.26
C GLN C 39 3.16 61.49 5.95
N GLY C 40 3.17 60.16 5.91
CA GLY C 40 4.20 59.40 6.61
C GLY C 40 5.58 59.58 5.96
N LYS C 41 5.60 59.64 4.63
CA LYS C 41 6.83 59.86 3.89
C LYS C 41 7.39 61.24 4.19
N LEU C 42 6.53 62.25 4.16
CA LEU C 42 6.88 63.59 4.57
C LEU C 42 7.54 63.56 5.94
N ASP C 43 6.77 63.15 6.95
CA ASP C 43 7.27 63.14 8.31
C ASP C 43 8.57 62.33 8.46
N LEU C 44 8.69 61.25 7.71
CA LEU C 44 9.87 60.41 7.85
C LEU C 44 11.09 61.06 7.23
N LEU C 45 10.91 61.69 6.07
CA LEU C 45 11.97 62.40 5.38
C LEU C 45 12.49 63.55 6.23
N SER C 46 11.56 64.23 6.90
CA SER C 46 11.91 65.38 7.74
C SER C 46 12.76 64.94 8.93
N ASP C 47 12.90 63.63 9.12
CA ASP C 47 13.77 63.10 10.18
C ASP C 47 15.21 62.89 9.75
N THR C 48 15.55 63.33 8.54
CA THR C 48 16.81 62.97 7.92
C THR C 48 17.40 64.07 7.04
N ASN C 49 18.52 63.74 6.41
CA ASN C 49 19.38 64.72 5.75
C ASN C 49 19.19 64.93 4.25
N MET C 50 18.16 64.32 3.67
CA MET C 50 17.99 64.41 2.22
C MET C 50 16.91 65.44 1.86
N VAL C 51 17.36 66.58 1.34
CA VAL C 51 16.47 67.66 0.94
C VAL C 51 15.87 67.48 -0.45
N ASP C 52 16.51 66.69 -1.31
CA ASP C 52 15.91 66.30 -2.59
C ASP C 52 14.60 65.55 -2.35
N PHE C 53 14.62 64.52 -1.50
CA PHE C 53 13.37 63.86 -1.14
C PHE C 53 12.47 64.86 -0.44
N ALA C 54 13.08 65.67 0.42
CA ALA C 54 12.37 66.70 1.16
C ALA C 54 11.77 67.72 0.21
N MET C 55 12.52 68.07 -0.83
CA MET C 55 12.03 69.02 -1.85
C MET C 55 10.81 68.45 -2.56
N ASP C 56 10.87 67.15 -2.85
CA ASP C 56 9.74 66.48 -3.48
C ASP C 56 8.52 66.51 -2.59
N VAL C 57 8.72 66.29 -1.29
CA VAL C 57 7.63 66.34 -0.34
C VAL C 57 7.04 67.74 -0.31
N TYR C 58 7.90 68.74 -0.46
CA TYR C 58 7.50 70.14 -0.49
C TYR C 58 6.56 70.39 -1.66
N LYS C 59 6.84 69.72 -2.77
CA LYS C 59 6.03 69.84 -3.98
C LYS C 59 4.65 69.22 -3.75
N ASN C 60 3.69 69.61 -4.58
CA ASN C 60 2.29 69.24 -4.36
C ASN C 60 2.09 67.74 -4.34
N LEU C 61 1.15 67.30 -3.51
CA LEU C 61 0.98 65.89 -3.12
C LEU C 61 1.92 65.57 -1.97
N TYR C 62 2.55 66.60 -1.44
CA TYR C 62 3.54 66.48 -0.37
C TYR C 62 3.25 67.49 0.73
N SER C 63 3.81 67.24 1.92
CA SER C 63 3.59 68.11 3.06
C SER C 63 4.17 69.49 2.76
N ASP C 64 3.55 70.52 3.33
CA ASP C 64 3.88 71.89 2.97
C ASP C 64 5.34 72.20 3.26
N ASP C 65 5.97 72.95 2.35
CA ASP C 65 7.39 73.26 2.48
C ASP C 65 7.70 74.12 3.69
N ILE C 66 8.81 73.81 4.37
CA ILE C 66 9.26 74.61 5.50
C ILE C 66 10.68 75.12 5.26
N PRO C 67 10.86 76.43 5.41
CA PRO C 67 12.17 77.06 5.21
C PRO C 67 13.24 76.58 6.20
N HIS C 68 12.85 76.44 7.46
CA HIS C 68 13.79 76.07 8.52
C HIS C 68 14.40 74.68 8.33
N ALA C 69 13.58 73.73 7.90
CA ALA C 69 14.03 72.35 7.75
C ALA C 69 15.12 72.20 6.68
N LEU C 70 14.96 72.93 5.58
CA LEU C 70 15.87 72.81 4.45
C LEU C 70 17.19 73.55 4.71
N ARG C 71 17.10 74.77 5.21
CA ARG C 71 18.30 75.56 5.51
C ARG C 71 19.23 74.87 6.53
N GLU C 72 18.64 74.29 7.57
CA GLU C 72 19.42 73.62 8.61
C GLU C 72 20.13 72.40 8.04
N LYS C 73 19.37 71.56 7.33
CA LYS C 73 19.91 70.36 6.72
C LYS C 73 21.06 70.76 5.78
N ARG C 74 20.74 71.65 4.85
CA ARG C 74 21.71 72.13 3.88
C ARG C 74 23.01 72.64 4.52
N THR C 75 22.88 73.48 5.55
CA THR C 75 24.06 74.08 6.18
C THR C 75 24.87 73.04 6.94
N THR C 76 24.20 72.22 7.74
CA THR C 76 24.86 71.16 8.49
C THR C 76 25.62 70.24 7.55
N VAL C 77 25.07 70.04 6.35
CA VAL C 77 25.73 69.27 5.30
C VAL C 77 27.00 69.96 4.83
N VAL C 78 26.92 71.24 4.44
CA VAL C 78 28.13 71.96 4.04
C VAL C 78 29.25 71.76 5.06
N ALA C 79 28.92 72.00 6.32
CA ALA C 79 29.86 71.83 7.43
C ALA C 79 30.43 70.41 7.49
N GLN C 80 29.56 69.40 7.41
CA GLN C 80 29.99 68.01 7.51
C GLN C 80 30.94 67.64 6.36
N LEU C 81 30.66 68.17 5.17
CA LEU C 81 31.44 67.88 3.98
C LEU C 81 32.84 68.49 4.07
N LYS C 82 32.91 69.75 4.52
CA LYS C 82 34.19 70.37 4.81
C LYS C 82 34.99 69.52 5.83
N GLN C 83 34.36 69.24 6.96
CA GLN C 83 34.98 68.42 8.00
C GLN C 83 35.59 67.13 7.44
N LEU C 84 34.74 66.28 6.87
CA LEU C 84 35.18 65.01 6.30
C LEU C 84 36.28 65.17 5.25
N GLN C 85 36.16 66.21 4.42
CA GLN C 85 37.14 66.49 3.39
C GLN C 85 38.51 66.68 4.01
N ALA C 86 38.56 67.54 5.02
CA ALA C 86 39.80 67.77 5.77
C ALA C 86 40.33 66.49 6.41
N GLU C 87 39.50 65.86 7.24
CA GLU C 87 39.88 64.64 7.94
C GLU C 87 40.50 63.62 6.99
N THR C 88 39.89 63.46 5.82
CA THR C 88 40.41 62.54 4.80
C THR C 88 41.72 63.05 4.23
N GLU C 89 41.83 64.38 4.06
CA GLU C 89 43.09 64.97 3.61
C GLU C 89 44.23 64.54 4.54
N PRO C 90 44.00 64.75 5.84
CA PRO C 90 44.94 64.39 6.90
C PRO C 90 45.24 62.88 7.00
N ILE C 91 44.23 62.05 6.72
CA ILE C 91 44.36 60.60 6.82
C ILE C 91 45.13 60.02 5.64
N VAL C 92 44.91 60.58 4.46
CA VAL C 92 45.67 60.23 3.26
C VAL C 92 47.12 60.69 3.40
N LYS C 93 47.32 61.97 3.71
CA LYS C 93 48.66 62.51 3.98
C LYS C 93 49.42 61.69 5.06
N HIS C 121 48.08 60.37 8.58
CA HIS C 121 48.82 59.59 9.56
C HIS C 121 49.31 58.27 8.96
N GLY C 122 49.05 58.09 7.67
CA GLY C 122 49.47 56.89 6.97
C GLY C 122 48.90 55.63 7.59
N PHE C 123 47.66 55.71 8.04
CA PHE C 123 46.98 54.58 8.66
C PHE C 123 45.76 54.15 7.86
N ARG C 124 45.75 52.86 7.51
CA ARG C 124 44.73 52.27 6.66
C ARG C 124 43.35 52.31 7.28
N GLN C 125 43.25 52.05 8.58
CA GLN C 125 41.95 52.02 9.23
C GLN C 125 41.27 53.38 9.18
N GLU C 126 42.02 54.45 9.44
CA GLU C 126 41.45 55.78 9.43
C GLU C 126 40.96 56.16 8.05
N TYR C 127 41.77 55.83 7.03
CA TYR C 127 41.42 56.11 5.66
C TYR C 127 40.16 55.34 5.27
N LEU C 128 40.09 54.10 5.73
CA LEU C 128 38.95 53.25 5.44
C LEU C 128 37.70 53.86 6.05
N ASP C 129 37.83 54.35 7.28
CA ASP C 129 36.70 54.97 7.97
C ASP C 129 36.25 56.20 7.20
N THR C 130 37.21 56.97 6.72
CA THR C 130 36.91 58.17 5.96
C THR C 130 36.15 57.83 4.68
N LEU C 131 36.58 56.77 4.00
CA LEU C 131 35.89 56.35 2.79
C LEU C 131 34.48 55.91 3.12
N TYR C 132 34.37 55.16 4.22
CA TYR C 132 33.09 54.71 4.73
C TYR C 132 32.24 55.88 5.19
N ARG C 133 32.88 56.86 5.84
CA ARG C 133 32.14 57.98 6.38
C ARG C 133 31.65 58.94 5.28
N TYR C 134 32.42 59.07 4.22
CA TYR C 134 32.00 59.81 3.03
C TYR C 134 30.83 59.08 2.38
N ALA C 135 30.87 57.75 2.47
CA ALA C 135 29.83 56.90 1.92
C ALA C 135 28.54 57.11 2.68
N LYS C 136 28.64 57.07 4.01
CA LYS C 136 27.48 57.31 4.86
C LYS C 136 26.90 58.70 4.57
N PHE C 137 27.79 59.68 4.48
CA PHE C 137 27.38 61.07 4.35
C PHE C 137 26.65 61.30 3.06
N GLN C 138 27.19 60.71 2.00
CA GLN C 138 26.57 60.84 0.68
C GLN C 138 25.23 60.09 0.63
N TYR C 139 25.19 58.91 1.23
CA TYR C 139 23.99 58.09 1.26
C TYR C 139 22.83 58.85 1.94
N GLU C 140 23.03 59.29 3.19
CA GLU C 140 22.03 60.08 3.94
C GLU C 140 21.62 61.38 3.23
N CYS C 141 22.58 61.95 2.52
CA CYS C 141 22.40 63.16 1.73
C CYS C 141 21.65 62.79 0.43
N GLY C 142 21.47 61.50 0.20
CA GLY C 142 20.72 61.05 -0.95
C GLY C 142 21.46 61.02 -2.28
N ASN C 143 22.78 61.25 -2.28
CA ASN C 143 23.53 61.18 -3.53
C ASN C 143 24.16 59.81 -3.61
N TYR C 144 23.55 58.97 -4.42
CA TYR C 144 23.80 57.54 -4.35
C TYR C 144 25.05 57.13 -5.10
N SER C 145 25.24 57.70 -6.29
CA SER C 145 26.43 57.43 -7.09
C SER C 145 27.66 57.61 -6.25
N GLY C 146 27.77 58.78 -5.62
CA GLY C 146 28.93 59.08 -4.78
C GLY C 146 29.02 58.13 -3.58
N ALA C 147 27.89 57.82 -2.96
CA ALA C 147 27.86 56.89 -1.83
C ALA C 147 28.49 55.55 -2.23
N ALA C 148 28.14 55.11 -3.43
CA ALA C 148 28.72 53.91 -3.99
C ALA C 148 30.23 54.08 -4.22
N GLU C 149 30.63 55.06 -5.03
CA GLU C 149 32.05 55.28 -5.34
C GLU C 149 32.91 55.24 -4.08
N TYR C 150 32.65 56.19 -3.16
CA TYR C 150 33.42 56.28 -1.92
C TYR C 150 33.25 55.04 -1.04
N LEU C 151 32.13 54.34 -1.21
CA LEU C 151 31.94 53.06 -0.51
C LEU C 151 32.94 51.99 -0.97
N TYR C 152 33.08 51.81 -2.28
CA TYR C 152 33.98 50.81 -2.83
C TYR C 152 35.43 51.29 -2.88
N PHE C 153 35.65 52.58 -2.64
CA PHE C 153 37.01 53.11 -2.59
C PHE C 153 37.75 52.52 -1.38
N PHE C 154 36.99 51.89 -0.49
CA PHE C 154 37.55 51.28 0.70
C PHE C 154 38.18 49.92 0.37
N ARG C 155 38.08 49.52 -0.89
CA ARG C 155 38.66 48.26 -1.36
C ARG C 155 40.14 48.12 -0.97
N VAL C 156 41.00 48.98 -1.55
CA VAL C 156 42.45 48.96 -1.35
C VAL C 156 42.89 48.94 0.12
N LEU C 157 42.19 49.70 0.97
CA LEU C 157 42.60 49.91 2.36
C LEU C 157 41.97 48.90 3.33
N VAL C 158 41.29 47.89 2.77
CA VAL C 158 40.74 46.83 3.60
C VAL C 158 41.86 46.07 4.29
N PRO C 159 41.83 46.06 5.62
CA PRO C 159 42.80 45.29 6.42
C PRO C 159 42.62 43.79 6.18
N ALA C 160 41.37 43.36 6.15
CA ALA C 160 41.03 41.97 5.87
C ALA C 160 39.83 41.91 4.94
N THR C 161 39.80 40.92 4.06
CA THR C 161 38.71 40.76 3.11
C THR C 161 37.37 40.48 3.81
N ASP C 162 37.40 39.64 4.83
CA ASP C 162 36.17 39.18 5.48
C ASP C 162 35.34 40.26 6.15
N ARG C 163 35.99 41.16 6.90
CA ARG C 163 35.25 42.22 7.58
C ARG C 163 35.31 43.56 6.84
N ASN C 164 36.52 43.95 6.45
CA ASN C 164 36.72 45.18 5.69
C ASN C 164 36.07 45.10 4.31
N ALA C 165 36.20 43.92 3.71
CA ALA C 165 35.79 43.70 2.31
C ALA C 165 34.33 43.22 2.19
N LEU C 166 33.93 42.30 3.06
CA LEU C 166 32.57 41.78 3.02
C LEU C 166 31.53 42.85 3.41
N SER C 167 31.90 43.71 4.37
CA SER C 167 31.06 44.84 4.75
C SER C 167 31.00 45.88 3.61
N SER C 168 32.09 46.00 2.86
CA SER C 168 32.09 46.86 1.70
C SER C 168 31.06 46.31 0.74
N LEU C 169 31.02 44.99 0.66
CA LEU C 169 30.05 44.29 -0.18
C LEU C 169 28.62 44.58 0.25
N TRP C 170 28.32 44.35 1.53
CA TRP C 170 27.00 44.66 2.08
C TRP C 170 26.57 46.08 1.71
N GLY C 171 27.49 47.04 1.84
CA GLY C 171 27.19 48.41 1.44
C GLY C 171 26.92 48.59 -0.07
N LYS C 172 27.81 48.08 -0.94
CA LYS C 172 27.58 48.21 -2.39
C LYS C 172 26.27 47.55 -2.73
N LEU C 173 25.89 46.57 -1.92
CA LEU C 173 24.69 45.82 -2.14
C LEU C 173 23.51 46.72 -1.79
N ALA C 174 23.58 47.40 -0.65
CA ALA C 174 22.50 48.30 -0.26
C ALA C 174 22.33 49.43 -1.29
N SER C 175 23.44 50.04 -1.65
CA SER C 175 23.38 51.19 -2.55
C SER C 175 22.97 50.77 -3.97
N GLU C 176 23.38 49.57 -4.37
CA GLU C 176 23.03 49.05 -5.69
C GLU C 176 21.54 48.68 -5.78
N ILE C 177 21.04 47.96 -4.77
CA ILE C 177 19.59 47.76 -4.65
C ILE C 177 18.84 49.09 -4.78
N LEU C 178 19.26 50.11 -4.04
CA LEU C 178 18.57 51.40 -4.07
C LEU C 178 18.72 52.19 -5.37
N MET C 179 19.77 51.89 -6.15
CA MET C 179 19.96 52.55 -7.44
C MET C 179 19.38 51.68 -8.53
N GLN C 180 18.88 50.52 -8.14
CA GLN C 180 18.20 49.64 -9.05
C GLN C 180 19.09 48.96 -10.08
N ASN C 181 20.34 48.65 -9.73
CA ASN C 181 21.14 47.78 -10.59
C ASN C 181 21.36 46.45 -9.88
N TRP C 182 20.62 45.43 -10.31
CA TRP C 182 20.68 44.15 -9.62
C TRP C 182 21.78 43.23 -10.15
N ASP C 183 22.23 43.55 -11.36
CA ASP C 183 23.49 43.05 -11.86
C ASP C 183 24.56 43.26 -10.79
N ALA C 184 24.85 44.52 -10.48
CA ALA C 184 25.89 44.85 -9.52
C ALA C 184 25.69 44.12 -8.20
N ALA C 185 24.42 43.99 -7.80
CA ALA C 185 24.06 43.24 -6.58
C ALA C 185 24.57 41.80 -6.63
N MET C 186 24.27 41.11 -7.72
CA MET C 186 24.78 39.75 -7.92
C MET C 186 26.31 39.76 -7.89
N GLU C 187 26.93 40.67 -8.64
CA GLU C 187 28.39 40.83 -8.64
C GLU C 187 28.99 40.83 -7.24
N ASP C 188 28.58 41.79 -6.41
CA ASP C 188 29.13 41.89 -5.04
C ASP C 188 28.65 40.75 -4.14
N LEU C 189 27.59 40.06 -4.56
CA LEU C 189 27.17 38.81 -3.90
C LEU C 189 28.18 37.67 -4.18
N THR C 190 28.69 37.61 -5.41
CA THR C 190 29.68 36.60 -5.79
C THR C 190 31.08 36.96 -5.30
N ARG C 191 31.35 38.25 -5.17
CA ARG C 191 32.60 38.73 -4.55
C ARG C 191 32.59 38.39 -3.06
N LEU C 192 31.46 38.63 -2.41
CA LEU C 192 31.32 38.32 -0.99
C LEU C 192 31.34 36.82 -0.69
N LYS C 193 30.48 36.06 -1.38
CA LYS C 193 30.30 34.62 -1.09
C LYS C 193 31.38 33.79 -1.78
N GLU C 194 32.06 34.42 -2.74
CA GLU C 194 33.26 33.84 -3.34
C GLU C 194 34.45 34.01 -2.40
N THR C 195 34.40 35.06 -1.59
CA THR C 195 35.53 35.36 -0.71
C THR C 195 35.82 34.17 0.19
N ILE C 196 37.10 33.92 0.42
CA ILE C 196 37.58 32.67 0.99
C ILE C 196 37.08 32.35 2.39
N ASP C 197 36.99 33.35 3.25
CA ASP C 197 36.59 33.09 4.63
C ASP C 197 35.08 33.18 4.81
N ASN C 198 34.47 32.05 5.16
CA ASN C 198 33.04 31.97 5.41
C ASN C 198 32.73 31.35 6.76
N ASN C 199 31.82 31.97 7.52
CA ASN C 199 31.41 31.43 8.79
C ASN C 199 29.97 30.94 8.76
N SER C 200 29.77 29.68 9.14
CA SER C 200 28.45 29.07 9.12
C SER C 200 27.47 29.75 10.08
N VAL C 201 27.97 30.10 11.27
CA VAL C 201 27.12 30.67 12.31
C VAL C 201 26.50 32.01 11.90
N SER C 202 27.29 32.86 11.26
CA SER C 202 26.81 34.17 10.85
C SER C 202 25.72 34.08 9.80
N SER C 203 24.67 34.89 9.96
CA SER C 203 23.59 34.97 8.99
C SER C 203 24.09 35.52 7.66
N PRO C 204 25.15 36.31 7.70
CA PRO C 204 25.40 37.19 6.58
C PRO C 204 25.09 36.29 5.41
N LEU C 205 25.30 34.99 5.59
CA LEU C 205 24.81 34.04 4.60
C LEU C 205 23.38 34.40 4.29
N GLN C 206 22.59 34.55 5.34
CA GLN C 206 21.19 34.95 5.23
C GLN C 206 21.03 36.24 4.42
N SER C 207 21.71 37.30 4.86
CA SER C 207 21.67 38.57 4.14
C SER C 207 21.95 38.38 2.63
N LEU C 208 23.02 37.67 2.30
CA LEU C 208 23.43 37.52 0.90
C LEU C 208 22.43 36.68 0.11
N GLN C 209 21.90 35.63 0.72
CA GLN C 209 20.80 34.86 0.13
C GLN C 209 19.68 35.81 -0.25
N GLN C 210 19.25 36.65 0.70
CA GLN C 210 18.18 37.63 0.47
C GLN C 210 18.48 38.60 -0.69
N ARG C 211 19.71 39.10 -0.74
CA ARG C 211 20.09 40.01 -1.82
C ARG C 211 20.08 39.33 -3.20
N THR C 212 20.64 38.13 -3.26
CA THR C 212 20.65 37.34 -4.48
C THR C 212 19.23 37.02 -4.93
N TRP C 213 18.41 36.59 -3.98
CA TRP C 213 17.01 36.27 -4.26
C TRP C 213 16.38 37.49 -4.88
N LEU C 214 16.69 38.66 -4.30
CA LEU C 214 16.07 39.89 -4.73
C LEU C 214 16.52 40.26 -6.14
N ILE C 215 17.79 39.97 -6.43
CA ILE C 215 18.35 40.30 -7.74
C ILE C 215 17.71 39.42 -8.80
N HIS C 216 17.62 38.12 -8.51
CA HIS C 216 16.97 37.18 -9.40
C HIS C 216 15.52 37.56 -9.67
N TRP C 217 14.81 37.89 -8.60
CA TRP C 217 13.42 38.32 -8.69
C TRP C 217 13.27 39.57 -9.53
N SER C 218 14.25 40.46 -9.47
CA SER C 218 14.14 41.67 -10.27
C SER C 218 14.53 41.44 -11.72
N LEU C 219 15.44 40.48 -11.92
CA LEU C 219 15.86 40.10 -13.27
C LEU C 219 14.94 39.02 -13.86
N LYS C 227 9.99 32.81 -18.87
CA LYS C 227 9.46 31.89 -17.86
C LYS C 227 9.98 32.24 -16.48
N GLY C 228 9.63 31.41 -15.49
CA GLY C 228 10.05 31.64 -14.13
C GLY C 228 11.56 31.52 -13.96
N ARG C 229 12.13 32.38 -13.12
CA ARG C 229 13.56 32.37 -12.87
C ARG C 229 14.01 31.05 -12.24
N ASP C 230 13.21 30.55 -11.31
CA ASP C 230 13.52 29.29 -10.64
C ASP C 230 14.76 29.43 -9.77
N ASN C 231 15.24 30.68 -9.62
CA ASN C 231 16.42 30.94 -8.82
C ASN C 231 15.94 31.68 -7.59
N ILE C 232 15.11 32.70 -7.82
CA ILE C 232 14.58 33.53 -6.76
C ILE C 232 14.06 32.67 -5.62
N ILE C 233 13.23 31.70 -5.97
CA ILE C 233 12.58 30.88 -4.97
C ILE C 233 13.59 29.97 -4.27
N ASP C 234 14.49 29.40 -5.06
CA ASP C 234 15.51 28.54 -4.49
C ASP C 234 16.26 29.31 -3.40
N LEU C 235 16.47 30.61 -3.65
CA LEU C 235 17.22 31.45 -2.73
C LEU C 235 16.40 31.73 -1.50
N PHE C 236 15.28 32.42 -1.68
CA PHE C 236 14.41 32.79 -0.57
C PHE C 236 14.07 31.59 0.35
N LEU C 237 13.86 30.41 -0.22
CA LEU C 237 13.47 29.24 0.56
C LEU C 237 14.59 28.69 1.44
N TYR C 238 15.83 29.04 1.07
CA TYR C 238 17.00 28.34 1.59
C TYR C 238 17.25 28.40 3.10
N GLN C 239 17.11 29.59 3.69
CA GLN C 239 17.35 29.73 5.12
C GLN C 239 16.70 30.96 5.74
N PRO C 240 16.53 30.92 7.06
CA PRO C 240 16.14 32.10 7.84
C PRO C 240 17.18 32.38 8.91
N GLN C 241 17.73 33.59 8.92
CA GLN C 241 18.75 33.94 9.91
C GLN C 241 18.18 33.89 11.32
N TYR C 242 16.93 34.33 11.47
CA TYR C 242 16.35 34.53 12.79
C TYR C 242 16.77 35.89 13.34
N LEU C 243 17.39 36.69 12.46
CA LEU C 243 17.83 38.04 12.77
C LEU C 243 17.29 38.93 11.68
N ASN C 244 17.21 40.23 11.94
CA ASN C 244 16.55 41.13 11.00
C ASN C 244 17.21 41.09 9.63
N ALA C 245 16.37 41.05 8.60
CA ALA C 245 16.83 40.89 7.22
C ALA C 245 17.69 42.05 6.74
N ILE C 246 17.33 43.26 7.13
CA ILE C 246 17.99 44.46 6.63
C ILE C 246 17.55 44.71 5.20
N GLN C 247 17.73 43.72 4.34
CA GLN C 247 17.26 43.82 2.96
C GLN C 247 15.82 43.37 2.71
N THR C 248 15.42 42.27 3.34
CA THR C 248 14.12 41.68 3.06
C THR C 248 13.19 41.62 4.27
N MET C 249 11.96 42.07 4.08
CA MET C 249 10.93 41.95 5.11
C MET C 249 10.66 40.48 5.37
N CYS C 250 10.45 40.12 6.64
CA CYS C 250 10.28 38.73 7.01
C CYS C 250 9.06 38.21 6.28
N PRO C 251 8.01 39.04 6.21
CA PRO C 251 6.85 38.74 5.38
C PRO C 251 7.23 38.70 3.91
N HIS C 252 8.11 39.63 3.52
CA HIS C 252 8.57 39.71 2.15
C HIS C 252 9.22 38.41 1.67
N ILE C 253 9.97 37.75 2.55
CA ILE C 253 10.66 36.53 2.17
C ILE C 253 9.65 35.40 2.06
N LEU C 254 8.69 35.39 2.96
CA LEU C 254 7.65 34.38 2.93
C LEU C 254 6.86 34.50 1.63
N ARG C 255 6.39 35.70 1.31
CA ARG C 255 5.59 35.88 0.11
C ARG C 255 6.40 35.71 -1.18
N TYR C 256 7.59 36.30 -1.26
CA TYR C 256 8.41 36.16 -2.45
C TYR C 256 8.77 34.69 -2.70
N LEU C 257 9.32 34.03 -1.69
CA LEU C 257 9.61 32.62 -1.80
C LEU C 257 8.38 31.88 -2.28
N THR C 258 7.28 32.02 -1.55
CA THR C 258 6.05 31.28 -1.82
C THR C 258 5.53 31.41 -3.25
N THR C 259 5.30 32.65 -3.69
CA THR C 259 4.75 32.89 -5.02
C THR C 259 5.74 32.48 -6.12
N ALA C 260 6.98 32.92 -6.01
CA ALA C 260 7.95 32.52 -7.03
C ALA C 260 7.96 31.02 -7.19
N VAL C 261 7.91 30.30 -6.07
CA VAL C 261 8.00 28.84 -6.15
C VAL C 261 6.79 28.33 -6.88
N ILE C 262 5.62 28.66 -6.33
CA ILE C 262 4.37 28.16 -6.86
C ILE C 262 4.27 28.38 -8.37
N THR C 263 4.81 29.49 -8.88
CA THR C 263 4.76 29.78 -10.31
C THR C 263 5.83 29.06 -11.16
N ASN C 264 6.76 28.38 -10.51
CA ASN C 264 7.83 27.69 -11.24
C ASN C 264 7.44 26.29 -11.69
N LYS C 265 6.48 26.19 -12.61
CA LYS C 265 6.09 24.90 -13.15
C LYS C 265 7.20 24.22 -13.95
N ASP C 266 7.90 25.00 -14.77
CA ASP C 266 8.97 24.49 -15.61
C ASP C 266 10.15 23.94 -14.81
N VAL C 267 10.50 24.65 -13.75
CA VAL C 267 11.66 24.32 -12.92
C VAL C 267 11.26 23.42 -11.77
N ARG C 268 10.13 23.75 -11.15
CA ARG C 268 9.77 23.12 -9.88
C ARG C 268 9.54 21.63 -9.99
N LYS C 269 10.14 20.90 -9.07
CA LYS C 269 9.90 19.48 -8.88
C LYS C 269 8.65 19.30 -8.05
N ARG C 270 8.14 18.07 -7.98
CA ARG C 270 7.04 17.77 -7.08
C ARG C 270 7.57 18.08 -5.70
N ARG C 271 8.83 17.76 -5.49
CA ARG C 271 9.55 18.12 -4.28
C ARG C 271 9.66 19.63 -4.13
N GLN C 272 9.87 20.33 -5.24
CA GLN C 272 10.03 21.79 -5.20
C GLN C 272 8.77 22.43 -4.63
N VAL C 273 7.62 21.94 -5.07
CA VAL C 273 6.37 22.18 -4.37
C VAL C 273 6.33 21.46 -3.03
N LEU C 274 6.84 20.23 -3.01
CA LEU C 274 6.74 19.40 -1.80
C LEU C 274 8.03 19.48 -0.98
N LYS C 275 9.15 19.16 -1.62
CA LYS C 275 10.41 19.10 -0.91
C LYS C 275 10.79 20.47 -0.33
N ASP C 276 10.91 21.47 -1.19
CA ASP C 276 11.46 22.75 -0.78
C ASP C 276 10.48 23.78 -0.19
N LEU C 277 9.18 23.45 -0.15
CA LEU C 277 8.21 24.38 0.42
C LEU C 277 7.31 23.76 1.50
N VAL C 278 6.53 22.75 1.11
CA VAL C 278 5.59 22.09 2.01
C VAL C 278 6.31 21.34 3.14
N LYS C 279 7.29 20.52 2.75
CA LYS C 279 8.07 19.74 3.71
C LYS C 279 9.16 20.56 4.43
N VAL C 280 9.36 21.82 4.05
CA VAL C 280 10.50 22.58 4.57
C VAL C 280 10.13 23.32 5.85
N ILE C 281 10.67 22.80 6.96
CA ILE C 281 10.23 23.19 8.29
C ILE C 281 10.70 24.60 8.60
N GLN C 282 11.93 24.91 8.19
CA GLN C 282 12.48 26.24 8.43
C GLN C 282 11.65 27.30 7.75
N GLN C 283 11.37 27.10 6.47
CA GLN C 283 10.61 28.10 5.75
C GLN C 283 9.23 28.30 6.40
N GLU C 284 8.74 27.29 7.10
CA GLU C 284 7.46 27.36 7.80
C GLU C 284 7.40 28.61 8.69
N SER C 285 8.54 28.96 9.29
CA SER C 285 8.65 30.13 10.15
C SER C 285 8.21 31.42 9.42
N TYR C 286 8.86 31.68 8.29
CA TYR C 286 8.46 32.80 7.44
C TYR C 286 6.99 32.70 7.05
N THR C 287 6.58 31.50 6.63
CA THR C 287 5.20 31.30 6.15
C THR C 287 4.12 31.62 7.18
N TYR C 288 4.39 31.31 8.44
CA TYR C 288 3.39 31.52 9.47
C TYR C 288 3.20 33.01 9.70
N LYS C 289 4.17 33.78 9.22
CA LYS C 289 4.08 35.25 9.27
C LYS C 289 2.95 35.79 8.41
N ASP C 290 2.83 35.27 7.20
CA ASP C 290 1.73 35.67 6.32
C ASP C 290 0.88 34.46 5.94
N PRO C 291 -0.13 34.18 6.77
CA PRO C 291 -0.92 32.94 6.74
C PRO C 291 -1.81 32.85 5.51
N ILE C 292 -2.18 34.00 4.96
CA ILE C 292 -2.96 33.98 3.73
C ILE C 292 -2.17 33.33 2.60
N THR C 293 -0.87 33.60 2.58
CA THR C 293 0.00 32.96 1.62
C THR C 293 0.18 31.47 1.95
N GLU C 294 0.34 31.16 3.24
CA GLU C 294 0.40 29.77 3.67
C GLU C 294 -0.81 28.97 3.14
N PHE C 295 -2.02 29.46 3.40
CA PHE C 295 -3.21 28.77 2.95
C PHE C 295 -3.32 28.74 1.42
N VAL C 296 -2.79 29.77 0.77
CA VAL C 296 -2.78 29.84 -0.68
C VAL C 296 -2.00 28.66 -1.28
N GLU C 297 -0.86 28.40 -0.66
CA GLU C 297 0.02 27.31 -1.08
C GLU C 297 -0.56 25.95 -0.71
N CYS C 298 -1.15 25.86 0.48
CA CYS C 298 -1.81 24.62 0.87
C CYS C 298 -2.95 24.28 -0.10
N LEU C 299 -3.76 25.27 -0.44
CA LEU C 299 -4.79 25.16 -1.45
C LEU C 299 -4.24 24.66 -2.78
N TYR C 300 -3.17 25.28 -3.28
CA TYR C 300 -2.65 24.85 -4.57
C TYR C 300 -2.15 23.41 -4.51
N VAL C 301 -1.26 23.14 -3.56
CA VAL C 301 -0.74 21.77 -3.39
C VAL C 301 -1.85 20.74 -3.23
N ASN C 302 -2.98 21.17 -2.66
CA ASN C 302 -4.06 20.24 -2.40
C ASN C 302 -5.08 20.15 -3.53
N PHE C 303 -4.81 20.82 -4.64
CA PHE C 303 -5.66 20.68 -5.82
C PHE C 303 -6.89 21.58 -5.84
N ASP C 304 -7.04 22.45 -4.84
CA ASP C 304 -8.13 23.39 -4.97
C ASP C 304 -7.60 24.68 -5.49
N PHE C 305 -7.64 24.79 -6.80
CA PHE C 305 -7.00 25.88 -7.51
C PHE C 305 -7.90 27.07 -7.52
N ASP C 306 -9.21 26.84 -7.40
CA ASP C 306 -10.19 27.94 -7.36
C ASP C 306 -9.98 28.77 -6.09
N GLY C 307 -9.94 28.10 -4.94
CA GLY C 307 -9.62 28.74 -3.67
C GLY C 307 -8.32 29.53 -3.73
N ALA C 308 -7.30 28.86 -4.26
CA ALA C 308 -5.99 29.46 -4.37
C ALA C 308 -6.05 30.76 -5.18
N GLN C 309 -6.70 30.68 -6.34
CA GLN C 309 -6.79 31.82 -7.22
C GLN C 309 -7.68 32.94 -6.66
N LYS C 310 -8.64 32.60 -5.80
CA LYS C 310 -9.44 33.62 -5.12
C LYS C 310 -8.61 34.35 -4.06
N LYS C 311 -7.80 33.61 -3.29
CA LYS C 311 -6.85 34.25 -2.42
C LYS C 311 -6.00 35.23 -3.20
N LEU C 312 -5.47 34.75 -4.33
CA LEU C 312 -4.60 35.59 -5.13
C LEU C 312 -5.34 36.84 -5.60
N ARG C 313 -6.58 36.67 -6.03
CA ARG C 313 -7.35 37.83 -6.49
C ARG C 313 -7.51 38.82 -5.35
N GLU C 314 -7.65 38.29 -4.15
CA GLU C 314 -7.88 39.11 -2.98
C GLU C 314 -6.65 39.94 -2.67
N CYS C 315 -5.49 39.27 -2.64
CA CYS C 315 -4.22 39.92 -2.32
C CYS C 315 -3.68 40.82 -3.42
N GLU C 316 -4.18 40.65 -4.64
CA GLU C 316 -3.58 41.31 -5.81
C GLU C 316 -3.36 42.80 -5.61
N SER C 317 -4.36 43.46 -5.05
CA SER C 317 -4.30 44.91 -4.82
C SER C 317 -3.20 45.33 -3.84
N VAL C 318 -3.07 44.59 -2.73
CA VAL C 318 -1.92 44.73 -1.84
C VAL C 318 -0.57 44.42 -2.51
N LEU C 319 -0.50 43.35 -3.28
CA LEU C 319 0.77 42.94 -3.89
C LEU C 319 1.22 43.91 -4.98
N VAL C 320 0.27 44.64 -5.53
CA VAL C 320 0.60 45.68 -6.50
C VAL C 320 1.19 46.90 -5.78
N ASN C 321 1.06 46.90 -4.47
CA ASN C 321 1.68 47.94 -3.66
C ASN C 321 3.12 47.60 -3.28
N ASP C 322 3.51 46.34 -3.48
CA ASP C 322 4.86 45.93 -3.11
C ASP C 322 5.90 46.47 -4.10
N PHE C 323 6.93 47.14 -3.58
CA PHE C 323 7.85 47.89 -4.42
C PHE C 323 8.68 46.97 -5.33
N PHE C 324 9.12 45.83 -4.80
CA PHE C 324 9.83 44.82 -5.60
C PHE C 324 8.93 43.86 -6.39
N LEU C 325 7.77 43.51 -5.82
CA LEU C 325 6.86 42.55 -6.42
C LEU C 325 5.98 43.12 -7.54
N VAL C 326 5.74 44.43 -7.51
CA VAL C 326 4.73 45.06 -8.36
C VAL C 326 4.82 44.62 -9.83
N ALA C 327 6.05 44.59 -10.34
CA ALA C 327 6.28 44.34 -11.76
C ALA C 327 6.06 42.88 -12.18
N CYS C 328 6.16 41.95 -11.24
CA CYS C 328 6.04 40.56 -11.59
C CYS C 328 4.67 39.93 -11.26
N LEU C 329 3.80 40.72 -10.64
CA LEU C 329 2.56 40.18 -10.12
C LEU C 329 1.75 39.52 -11.25
N GLU C 330 1.41 40.31 -12.27
CA GLU C 330 0.64 39.77 -13.39
C GLU C 330 1.27 38.50 -13.98
N ASP C 331 2.59 38.42 -13.98
CA ASP C 331 3.22 37.27 -14.59
C ASP C 331 3.04 36.05 -13.68
N PHE C 332 3.37 36.18 -12.41
CA PHE C 332 3.34 35.03 -11.51
C PHE C 332 1.95 34.40 -11.37
N ILE C 333 0.93 35.24 -11.24
CA ILE C 333 -0.43 34.75 -11.09
C ILE C 333 -0.88 33.98 -12.32
N GLU C 334 -0.54 34.51 -13.50
CA GLU C 334 -0.89 33.87 -14.75
C GLU C 334 -0.22 32.52 -14.85
N ASN C 335 1.04 32.45 -14.44
CA ASN C 335 1.78 31.20 -14.45
C ASN C 335 1.14 30.18 -13.53
N ALA C 336 0.72 30.64 -12.36
CA ALA C 336 0.06 29.73 -11.41
C ALA C 336 -1.23 29.19 -12.01
N ARG C 337 -1.98 30.06 -12.68
CA ARG C 337 -3.22 29.66 -13.30
C ARG C 337 -2.96 28.62 -14.38
N LEU C 338 -1.90 28.83 -15.14
CA LEU C 338 -1.52 27.91 -16.20
C LEU C 338 -1.18 26.56 -15.61
N PHE C 339 -0.45 26.57 -14.50
CA PHE C 339 -0.08 25.33 -13.84
C PHE C 339 -1.32 24.58 -13.36
N ILE C 340 -2.28 25.32 -12.82
CA ILE C 340 -3.52 24.71 -12.37
C ILE C 340 -4.26 24.08 -13.53
N PHE C 341 -4.28 24.77 -14.66
CA PHE C 341 -4.95 24.28 -15.85
C PHE C 341 -4.28 22.99 -16.31
N GLU C 342 -2.96 22.98 -16.25
CA GLU C 342 -2.19 21.81 -16.66
C GLU C 342 -2.52 20.63 -15.77
N THR C 343 -2.63 20.88 -14.47
CA THR C 343 -2.98 19.81 -13.55
C THR C 343 -4.37 19.26 -13.87
N PHE C 344 -5.31 20.17 -14.14
CA PHE C 344 -6.65 19.79 -14.57
C PHE C 344 -6.64 19.10 -15.93
N CYS C 345 -5.80 19.62 -16.81
CA CYS C 345 -5.78 19.31 -18.22
C CYS C 345 -5.16 17.96 -18.48
N ARG C 346 -4.05 17.59 -17.80
CA ARG C 346 -3.42 16.27 -17.97
C ARG C 346 -4.26 15.07 -17.43
N ILE C 347 -5.14 15.31 -16.47
CA ILE C 347 -5.81 14.27 -15.66
C ILE C 347 -7.07 13.85 -16.29
N HIS C 348 -7.60 14.72 -17.14
CA HIS C 348 -8.82 14.39 -17.88
C HIS C 348 -8.59 14.37 -19.39
N GLN C 349 -8.89 13.24 -20.03
CA GLN C 349 -8.77 13.12 -21.47
C GLN C 349 -9.74 14.04 -22.22
N CYS C 350 -10.97 14.11 -21.73
CA CYS C 350 -12.01 14.94 -22.33
C CYS C 350 -12.61 15.88 -21.29
N ILE C 351 -12.72 17.16 -21.64
CA ILE C 351 -13.25 18.14 -20.69
C ILE C 351 -14.49 18.90 -21.18
N SER C 352 -15.48 19.03 -20.32
CA SER C 352 -16.61 19.89 -20.65
C SER C 352 -16.27 21.32 -20.22
N ILE C 353 -15.83 22.10 -21.21
CA ILE C 353 -15.31 23.44 -20.96
C ILE C 353 -16.35 24.41 -20.39
N ASN C 354 -17.56 24.37 -20.93
CA ASN C 354 -18.60 25.26 -20.45
C ASN C 354 -18.93 24.96 -18.99
N MET C 355 -19.01 23.67 -18.67
CA MET C 355 -19.30 23.26 -17.30
C MET C 355 -18.18 23.71 -16.38
N LEU C 356 -16.94 23.57 -16.86
CA LEU C 356 -15.80 23.96 -16.06
C LEU C 356 -15.84 25.45 -15.77
N ALA C 357 -16.20 26.24 -16.77
CA ALA C 357 -16.31 27.69 -16.62
C ALA C 357 -17.42 28.08 -15.64
N ASP C 358 -18.55 27.40 -15.75
CA ASP C 358 -19.65 27.57 -14.79
C ASP C 358 -19.28 27.09 -13.39
N LYS C 359 -18.59 25.96 -13.33
CA LYS C 359 -18.23 25.33 -12.06
C LYS C 359 -16.86 25.80 -11.55
N LEU C 360 -16.22 26.65 -12.33
CA LEU C 360 -14.89 27.15 -12.02
C LEU C 360 -14.84 27.94 -10.72
N ASN C 361 -15.90 28.71 -10.46
CA ASN C 361 -15.94 29.73 -9.41
C ASN C 361 -15.31 31.04 -9.92
N MET C 362 -14.96 31.02 -11.20
CA MET C 362 -14.51 32.20 -11.92
C MET C 362 -15.32 32.18 -13.21
N THR C 363 -15.50 33.34 -13.84
CA THR C 363 -16.38 33.40 -15.00
C THR C 363 -15.86 32.50 -16.12
N PRO C 364 -16.78 31.77 -16.74
CA PRO C 364 -16.43 30.87 -17.86
C PRO C 364 -15.80 31.59 -19.04
N GLU C 365 -16.34 32.74 -19.43
CA GLU C 365 -15.81 33.48 -20.57
C GLU C 365 -14.38 33.93 -20.29
N GLU C 366 -14.16 34.42 -19.06
CA GLU C 366 -12.84 34.89 -18.67
C GLU C 366 -11.87 33.72 -18.69
N ALA C 367 -12.31 32.56 -18.21
CA ALA C 367 -11.46 31.38 -18.17
C ALA C 367 -11.07 30.99 -19.59
N GLU C 368 -12.04 31.06 -20.50
CA GLU C 368 -11.79 30.71 -21.89
C GLU C 368 -10.77 31.66 -22.49
N ARG C 369 -10.91 32.95 -22.18
CA ARG C 369 -9.98 33.94 -22.69
C ARG C 369 -8.58 33.66 -22.18
N TRP C 370 -8.48 33.31 -20.90
CA TRP C 370 -7.20 33.03 -20.28
C TRP C 370 -6.56 31.83 -20.96
N ILE C 371 -7.37 30.80 -21.24
CA ILE C 371 -6.87 29.60 -21.88
C ILE C 371 -6.34 29.94 -23.26
N VAL C 372 -7.08 30.79 -23.97
CA VAL C 372 -6.69 31.19 -25.31
C VAL C 372 -5.35 31.92 -25.28
N ASN C 373 -5.19 32.79 -24.29
CA ASN C 373 -3.92 33.50 -24.14
C ASN C 373 -2.77 32.56 -23.84
N LEU C 374 -3.02 31.60 -22.95
CA LEU C 374 -2.02 30.63 -22.54
C LEU C 374 -1.55 29.72 -23.67
N ILE C 375 -2.49 29.28 -24.49
CA ILE C 375 -2.22 28.24 -25.49
C ILE C 375 -1.13 28.55 -26.53
N ARG C 376 -1.14 29.75 -27.11
CA ARG C 376 -0.23 30.16 -28.17
C ARG C 376 1.21 30.10 -27.68
N ASN C 377 1.39 30.44 -26.41
CA ASN C 377 2.71 30.40 -25.79
C ASN C 377 3.21 28.97 -25.82
N ALA C 378 2.30 28.02 -25.94
CA ALA C 378 2.60 26.60 -25.94
C ALA C 378 2.71 26.08 -24.51
N ARG C 379 2.29 26.90 -23.57
CA ARG C 379 2.26 26.51 -22.17
C ARG C 379 1.31 25.34 -21.99
N LEU C 380 0.17 25.36 -22.68
CA LEU C 380 -0.79 24.28 -22.53
C LEU C 380 -0.92 23.59 -23.87
N ASP C 381 -1.04 22.25 -23.91
CA ASP C 381 -1.47 21.52 -25.11
C ASP C 381 -2.96 21.22 -24.96
N ALA C 382 -3.74 22.31 -24.82
CA ALA C 382 -5.18 22.27 -24.68
C ALA C 382 -5.80 22.39 -26.06
N LYS C 383 -6.68 21.44 -26.39
CA LYS C 383 -7.31 21.36 -27.68
C LYS C 383 -8.71 21.96 -27.55
N ILE C 384 -8.83 23.27 -27.74
CA ILE C 384 -10.04 23.95 -27.33
C ILE C 384 -10.76 24.78 -28.39
N ASP C 385 -12.07 24.59 -28.47
CA ASP C 385 -12.93 25.50 -29.19
C ASP C 385 -13.85 26.14 -28.16
N SER C 386 -13.82 27.47 -28.09
CA SER C 386 -14.62 28.19 -27.13
C SER C 386 -16.11 27.98 -27.40
N LYS C 387 -16.45 27.95 -28.68
CA LYS C 387 -17.83 27.91 -29.14
C LYS C 387 -18.47 26.56 -28.79
N LEU C 388 -17.70 25.49 -29.03
CA LEU C 388 -18.13 24.16 -28.67
C LEU C 388 -18.26 24.05 -27.17
N GLY C 389 -17.32 24.66 -26.45
CA GLY C 389 -17.27 24.57 -25.01
C GLY C 389 -16.66 23.24 -24.62
N HIS C 390 -16.11 22.53 -25.61
CA HIS C 390 -15.58 21.26 -25.38
C HIS C 390 -14.14 21.47 -25.59
N VAL C 391 -13.37 20.74 -24.74
CA VAL C 391 -11.98 20.77 -24.67
C VAL C 391 -11.54 19.34 -24.65
N VAL C 392 -10.45 19.07 -25.36
CA VAL C 392 -9.90 17.72 -25.43
C VAL C 392 -8.38 17.74 -25.56
N MET C 393 -7.69 17.20 -24.56
CA MET C 393 -6.24 17.16 -24.55
C MET C 393 -5.72 15.72 -24.56
N GLY C 394 -4.80 15.44 -25.47
CA GLY C 394 -4.22 14.11 -25.57
C GLY C 394 -2.73 14.10 -25.30
N ASN C 395 -2.30 13.19 -24.43
CA ASN C 395 -0.89 13.08 -24.08
C ASN C 395 -0.16 12.06 -24.96
N UNK C 397 -4.03 -0.18 -33.01
CA UNK C 397 -2.82 -0.92 -33.24
C UNK C 397 -1.62 -0.13 -32.77
N UNK C 398 -1.61 1.18 -33.04
CA UNK C 398 -0.53 2.06 -32.64
C UNK C 398 -0.33 1.99 -31.14
N UNK C 399 -1.41 2.21 -30.38
CA UNK C 399 -1.35 2.19 -28.94
C UNK C 399 -0.77 0.86 -28.46
N UNK C 400 -1.30 -0.25 -28.98
CA UNK C 400 -0.83 -1.57 -28.61
C UNK C 400 0.66 -1.69 -28.90
N UNK C 401 1.10 -1.16 -30.05
CA UNK C 401 2.49 -1.22 -30.43
C UNK C 401 3.34 -0.44 -29.43
N UNK C 402 2.80 0.67 -28.93
CA UNK C 402 3.51 1.50 -27.97
C UNK C 402 3.95 0.67 -26.79
N UNK C 403 3.00 0.03 -26.10
CA UNK C 403 3.28 -0.80 -24.96
C UNK C 403 4.31 -1.87 -25.33
N UNK C 404 4.11 -2.50 -26.50
CA UNK C 404 5.02 -3.53 -26.97
C UNK C 404 6.42 -2.98 -27.09
N UNK C 405 6.55 -1.77 -27.63
CA UNK C 405 7.85 -1.14 -27.81
C UNK C 405 8.54 -0.99 -26.46
N UNK C 406 7.82 -0.44 -25.49
CA UNK C 406 8.38 -0.24 -24.15
C UNK C 406 8.91 -1.56 -23.61
N UNK C 407 8.11 -2.62 -23.70
CA UNK C 407 8.50 -3.92 -23.23
C UNK C 407 9.83 -4.33 -23.86
N UNK C 408 9.96 -4.12 -25.16
CA UNK C 408 11.17 -4.46 -25.89
C UNK C 408 12.35 -3.66 -25.33
N UNK C 409 12.11 -2.39 -25.03
CA UNK C 409 13.15 -1.52 -24.50
C UNK C 409 13.74 -2.13 -23.23
N UNK C 410 12.87 -2.47 -22.27
CA UNK C 410 13.30 -3.06 -21.02
C UNK C 410 14.12 -4.30 -21.29
N UNK C 411 13.63 -5.16 -22.19
CA UNK C 411 14.32 -6.39 -22.53
C UNK C 411 15.75 -6.09 -22.97
N UNK C 412 15.92 -5.02 -23.74
CA UNK C 412 17.23 -4.62 -24.22
C UNK C 412 18.15 -4.31 -23.05
N UNK C 413 17.67 -3.49 -22.11
CA UNK C 413 18.44 -3.12 -20.95
C UNK C 413 18.91 -4.36 -20.20
N UNK C 414 17.98 -5.30 -19.97
CA UNK C 414 18.29 -6.53 -19.28
C UNK C 414 19.43 -7.25 -19.97
N UNK C 415 19.34 -7.36 -21.30
CA UNK C 415 20.37 -8.03 -22.09
C UNK C 415 21.71 -7.35 -21.86
N UNK C 416 21.72 -6.02 -21.86
CA UNK C 416 22.93 -5.26 -21.65
C UNK C 416 23.58 -5.64 -20.33
N UNK C 417 22.77 -5.69 -19.27
CA UNK C 417 23.26 -6.04 -17.95
C UNK C 417 23.93 -7.41 -17.98
N UNK C 418 23.27 -8.37 -18.63
CA UNK C 418 23.80 -9.72 -18.73
C UNK C 418 25.18 -9.69 -19.37
N UNK C 419 25.32 -8.93 -20.46
CA UNK C 419 26.59 -8.82 -21.16
C UNK C 419 27.66 -8.29 -20.23
N UNK C 420 27.33 -7.22 -19.49
CA UNK C 420 28.26 -6.60 -18.56
C UNK C 420 28.74 -7.64 -17.56
N UNK C 421 27.81 -8.43 -17.01
CA UNK C 421 28.14 -9.46 -16.04
C UNK C 421 29.17 -10.42 -16.63
N UNK C 422 28.92 -10.88 -17.86
CA UNK C 422 29.82 -11.80 -18.52
C UNK C 422 31.20 -11.18 -18.66
N GLY D 89 27.71 -35.56 3.67
CA GLY D 89 27.13 -36.46 2.66
C GLY D 89 27.71 -36.07 1.30
N ARG D 90 27.98 -37.07 0.49
CA ARG D 90 28.59 -36.88 -0.82
C ARG D 90 27.57 -36.95 -1.94
N VAL D 91 26.57 -37.80 -1.78
CA VAL D 91 25.60 -37.95 -2.84
C VAL D 91 24.30 -38.63 -2.41
N VAL D 92 23.37 -38.66 -3.34
CA VAL D 92 22.02 -39.12 -3.08
C VAL D 92 21.62 -40.02 -4.21
N ARG D 93 21.02 -41.15 -3.85
CA ARG D 93 20.37 -42.00 -4.82
C ARG D 93 18.86 -41.98 -4.56
N LEU D 94 18.08 -42.05 -5.63
CA LEU D 94 16.62 -41.96 -5.53
C LEU D 94 16.02 -43.12 -6.28
N HIS D 95 15.11 -43.86 -5.66
CA HIS D 95 14.40 -44.94 -6.34
C HIS D 95 13.34 -44.40 -7.31
N PRO D 96 13.17 -45.09 -8.45
CA PRO D 96 12.12 -44.70 -9.39
C PRO D 96 10.74 -44.57 -8.74
N VAL D 97 10.44 -45.41 -7.74
CA VAL D 97 9.12 -45.30 -7.08
C VAL D 97 8.87 -43.92 -6.49
N ILE D 98 9.93 -43.32 -5.95
CA ILE D 98 9.79 -42.00 -5.32
C ILE D 98 9.44 -40.96 -6.35
N LEU D 99 10.09 -41.04 -7.51
CA LEU D 99 9.79 -40.11 -8.61
C LEU D 99 8.34 -40.22 -9.04
N ALA D 100 7.88 -41.46 -9.22
CA ALA D 100 6.51 -41.74 -9.62
C ALA D 100 5.50 -41.38 -8.53
N SER D 101 5.85 -41.59 -7.26
CA SER D 101 5.00 -41.20 -6.15
C SER D 101 4.84 -39.67 -6.09
N ILE D 102 5.92 -38.92 -6.27
CA ILE D 102 5.80 -37.46 -6.26
C ILE D 102 4.92 -37.00 -7.41
N VAL D 103 5.09 -37.61 -8.59
CA VAL D 103 4.27 -37.22 -9.73
C VAL D 103 2.78 -37.54 -9.48
N ASP D 104 2.52 -38.69 -8.89
CA ASP D 104 1.15 -39.14 -8.63
C ASP D 104 0.49 -38.26 -7.60
N SER D 105 1.27 -37.84 -6.62
CA SER D 105 0.79 -36.89 -5.62
C SER D 105 0.34 -35.57 -6.27
N TYR D 106 1.21 -35.03 -7.12
CA TYR D 106 0.93 -33.79 -7.83
C TYR D 106 -0.25 -33.92 -8.79
N GLU D 107 -0.34 -35.07 -9.45
CA GLU D 107 -1.34 -35.31 -10.50
C GLU D 107 -2.79 -35.25 -10.01
N ARG D 108 -3.04 -35.81 -8.83
CA ARG D 108 -4.42 -35.95 -8.34
C ARG D 108 -5.12 -34.61 -8.16
N ARG D 109 -4.41 -33.63 -7.61
CA ARG D 109 -4.97 -32.30 -7.41
C ARG D 109 -5.32 -31.65 -8.76
N ASN D 110 -4.44 -31.85 -9.73
CA ASN D 110 -4.57 -31.26 -11.06
C ASN D 110 -4.38 -29.73 -10.96
N GLU D 111 -3.33 -29.30 -10.28
CA GLU D 111 -3.02 -27.87 -10.28
C GLU D 111 -1.61 -27.59 -10.78
N GLY D 112 -1.51 -26.87 -11.89
CA GLY D 112 -0.22 -26.44 -12.40
C GLY D 112 0.48 -25.46 -11.47
N ALA D 113 -0.29 -24.50 -10.98
CA ALA D 113 0.24 -23.48 -10.07
C ALA D 113 0.68 -24.08 -8.74
N ALA D 114 -0.11 -25.02 -8.23
CA ALA D 114 0.15 -25.61 -6.93
C ALA D 114 1.43 -26.44 -6.90
N ARG D 115 2.14 -26.37 -5.78
CA ARG D 115 3.31 -27.20 -5.56
C ARG D 115 3.03 -28.12 -4.38
N VAL D 116 3.24 -29.41 -4.57
CA VAL D 116 2.92 -30.39 -3.52
C VAL D 116 4.16 -30.69 -2.69
N ILE D 117 3.92 -31.13 -1.47
CA ILE D 117 4.96 -31.33 -0.46
C ILE D 117 4.72 -32.70 0.22
N GLY D 118 5.78 -33.42 0.51
CA GLY D 118 5.65 -34.62 1.32
C GLY D 118 6.91 -35.01 2.02
N THR D 119 6.88 -36.21 2.55
CA THR D 119 7.97 -36.82 3.30
C THR D 119 8.75 -37.82 2.44
N LEU D 120 10.06 -37.84 2.57
CA LEU D 120 10.85 -38.96 2.04
C LEU D 120 11.41 -39.88 3.13
N LEU D 121 11.48 -41.16 2.77
CA LEU D 121 11.96 -42.23 3.62
C LEU D 121 13.14 -42.96 2.95
N GLY D 122 14.04 -43.53 3.75
CA GLY D 122 15.14 -44.27 3.21
C GLY D 122 16.21 -44.43 4.25
N THR D 123 17.47 -44.17 3.86
CA THR D 123 18.58 -44.38 4.79
C THR D 123 19.62 -43.32 4.57
N VAL D 124 19.86 -42.53 5.61
CA VAL D 124 20.79 -41.42 5.53
C VAL D 124 21.97 -41.60 6.48
N ASP D 125 22.26 -42.84 6.84
CA ASP D 125 23.30 -43.08 7.84
C ASP D 125 24.74 -43.24 7.27
N LYS D 126 24.92 -42.96 5.99
CA LYS D 126 26.21 -43.03 5.32
C LYS D 126 26.43 -41.79 4.44
N HIS D 127 27.56 -41.72 3.74
CA HIS D 127 27.85 -40.56 2.88
C HIS D 127 26.94 -40.55 1.63
N SER D 128 26.35 -41.69 1.34
CA SER D 128 25.32 -41.79 0.31
C SER D 128 23.95 -41.90 0.98
N VAL D 129 23.14 -40.87 0.83
CA VAL D 129 21.76 -40.96 1.26
C VAL D 129 20.96 -41.71 0.22
N GLU D 130 20.24 -42.75 0.63
CA GLU D 130 19.40 -43.54 -0.28
C GLU D 130 17.93 -43.23 -0.02
N VAL D 131 17.29 -42.62 -1.03
CA VAL D 131 15.90 -42.29 -0.91
C VAL D 131 15.06 -43.39 -1.55
N THR D 132 14.28 -44.13 -0.77
CA THR D 132 13.61 -45.31 -1.29
C THR D 132 12.09 -45.31 -1.18
N ASN D 133 11.50 -44.40 -0.41
CA ASN D 133 10.03 -44.29 -0.38
C ASN D 133 9.60 -42.86 0.00
N CYS D 134 8.29 -42.63 0.10
CA CYS D 134 7.76 -41.30 0.35
C CYS D 134 6.30 -41.38 0.67
N PHE D 135 5.76 -40.29 1.21
CA PHE D 135 4.30 -40.14 1.30
C PHE D 135 3.96 -38.67 1.26
N SER D 136 2.76 -38.41 0.77
CA SER D 136 2.26 -37.04 0.62
C SER D 136 1.86 -36.40 1.93
N VAL D 137 1.91 -35.07 1.99
CA VAL D 137 1.45 -34.34 3.15
C VAL D 137 0.37 -33.34 2.77
N PRO D 138 -0.60 -33.12 3.67
CA PRO D 138 -1.42 -31.92 3.51
C PRO D 138 -0.55 -30.69 3.74
N HIS D 139 -0.68 -29.72 2.86
CA HIS D 139 0.22 -28.57 2.91
C HIS D 139 -0.50 -27.40 2.29
N ASN D 140 -0.39 -26.24 2.90
CA ASN D 140 -1.00 -25.02 2.33
C ASN D 140 -0.03 -23.86 2.51
N GLU D 141 0.02 -22.96 1.54
CA GLU D 141 0.86 -21.78 1.68
C GLU D 141 0.05 -20.49 1.58
N SER D 142 0.18 -19.63 2.58
CA SER D 142 -0.42 -18.30 2.53
C SER D 142 0.66 -17.25 2.70
N GLU D 143 0.79 -16.36 1.72
CA GLU D 143 1.81 -15.33 1.76
C GLU D 143 3.17 -15.99 1.95
N ASP D 144 3.99 -15.42 2.83
CA ASP D 144 5.24 -16.07 3.24
C ASP D 144 4.98 -17.35 4.02
N GLU D 145 3.98 -17.29 4.90
CA GLU D 145 3.67 -18.39 5.82
C GLU D 145 3.10 -19.64 5.14
N VAL D 146 3.48 -20.80 5.67
CA VAL D 146 2.96 -22.08 5.20
C VAL D 146 2.58 -22.97 6.38
N ALA D 147 1.56 -23.80 6.18
CA ALA D 147 1.13 -24.75 7.20
C ALA D 147 1.42 -26.17 6.81
N VAL D 148 2.06 -26.86 7.72
CA VAL D 148 2.23 -28.29 7.64
C VAL D 148 1.55 -28.95 8.80
N ASP D 149 0.91 -30.07 8.51
CA ASP D 149 0.22 -30.85 9.49
C ASP D 149 1.19 -31.78 10.26
N MET D 150 1.66 -31.34 11.41
CA MET D 150 2.56 -32.13 12.29
C MET D 150 1.99 -33.49 12.71
N GLU D 151 0.71 -33.51 13.09
CA GLU D 151 0.04 -34.74 13.46
C GLU D 151 -0.01 -35.72 12.31
N PHE D 152 -0.16 -35.21 11.09
CA PHE D 152 -0.20 -36.09 9.92
C PHE D 152 1.15 -36.75 9.77
N ALA D 153 2.23 -35.98 9.88
CA ALA D 153 3.58 -36.57 9.81
C ALA D 153 3.76 -37.73 10.80
N LYS D 154 3.39 -37.48 12.06
CA LYS D 154 3.58 -38.48 13.11
C LYS D 154 2.73 -39.70 12.91
N ASN D 155 1.47 -39.48 12.58
CA ASN D 155 0.53 -40.58 12.39
C ASN D 155 0.84 -41.44 11.16
N MET D 156 1.20 -40.83 10.04
CA MET D 156 1.55 -41.62 8.86
C MET D 156 2.88 -42.34 9.08
N TYR D 157 3.86 -41.64 9.65
CA TYR D 157 5.15 -42.26 9.88
C TYR D 157 4.99 -43.52 10.77
N GLU D 158 4.13 -43.42 11.77
CA GLU D 158 3.89 -44.53 12.67
C GLU D 158 3.33 -45.74 11.93
N LEU D 159 2.48 -45.51 10.94
CA LEU D 159 2.02 -46.60 10.10
C LEU D 159 3.13 -47.10 9.20
N HIS D 160 3.95 -46.22 8.63
CA HIS D 160 5.09 -46.63 7.82
C HIS D 160 6.04 -47.54 8.59
N LYS D 161 6.28 -47.20 9.85
CA LYS D 161 7.15 -47.99 10.72
C LYS D 161 6.62 -49.41 10.93
N LYS D 162 5.31 -49.56 11.03
CA LYS D 162 4.68 -50.87 11.15
C LYS D 162 4.83 -51.70 9.88
N VAL D 163 4.97 -51.06 8.73
CA VAL D 163 5.21 -51.80 7.49
C VAL D 163 6.68 -52.15 7.32
N SER D 164 7.55 -51.18 7.53
CA SER D 164 8.96 -51.43 7.29
C SER D 164 9.79 -50.44 8.03
N PRO D 165 10.32 -50.87 9.17
CA PRO D 165 11.17 -50.04 10.03
C PRO D 165 12.52 -49.65 9.38
N ASN D 166 12.90 -50.31 8.29
CA ASN D 166 14.19 -50.01 7.67
C ASN D 166 14.16 -48.68 6.91
N GLU D 167 12.97 -48.22 6.56
CA GLU D 167 12.81 -46.99 5.78
C GLU D 167 12.47 -45.87 6.75
N LEU D 168 13.52 -45.16 7.14
CA LEU D 168 13.44 -44.10 8.14
C LEU D 168 13.01 -42.78 7.51
N ILE D 169 12.48 -41.89 8.33
CA ILE D 169 12.13 -40.57 7.89
C ILE D 169 13.40 -39.75 7.79
N LEU D 170 13.79 -39.37 6.57
CA LEU D 170 15.06 -38.75 6.34
C LEU D 170 14.97 -37.33 5.76
N GLY D 171 13.77 -36.88 5.44
CA GLY D 171 13.59 -35.54 4.90
C GLY D 171 12.25 -35.30 4.25
N TRP D 172 12.22 -34.40 3.29
CA TRP D 172 10.99 -34.03 2.65
C TRP D 172 11.24 -33.73 1.18
N TYR D 173 10.16 -33.65 0.42
CA TYR D 173 10.25 -33.32 -0.99
C TYR D 173 9.22 -32.27 -1.32
N ALA D 174 9.45 -31.56 -2.40
CA ALA D 174 8.37 -30.85 -3.04
C ALA D 174 8.54 -30.77 -4.55
N THR D 175 7.48 -30.35 -5.23
CA THR D 175 7.44 -30.43 -6.68
C THR D 175 8.11 -29.21 -7.37
N GLY D 176 8.59 -28.23 -6.60
CA GLY D 176 9.42 -27.19 -7.18
C GLY D 176 8.74 -26.37 -8.27
N HIS D 177 9.37 -26.21 -9.44
CA HIS D 177 10.59 -26.90 -9.89
C HIS D 177 11.85 -26.41 -9.26
N ASP D 178 11.80 -25.35 -8.44
CA ASP D 178 13.01 -24.69 -7.91
C ASP D 178 12.87 -24.50 -6.41
N ILE D 179 14.00 -24.28 -5.73
CA ILE D 179 14.00 -23.82 -4.35
C ILE D 179 13.12 -22.59 -4.18
N THR D 180 12.37 -22.60 -3.09
CA THR D 180 11.48 -21.49 -2.76
C THR D 180 11.95 -20.80 -1.49
N GLU D 181 11.54 -19.55 -1.31
CA GLU D 181 11.98 -18.74 -0.18
C GLU D 181 11.75 -19.39 1.20
N HIS D 182 10.61 -20.06 1.39
CA HIS D 182 10.28 -20.63 2.67
C HIS D 182 11.01 -21.96 2.97
N SER D 183 11.79 -22.45 2.03
CA SER D 183 12.30 -23.83 2.17
C SER D 183 13.24 -24.02 3.35
N VAL D 184 14.09 -23.04 3.66
CA VAL D 184 14.99 -23.22 4.80
C VAL D 184 14.20 -23.27 6.10
N LEU D 185 13.11 -22.51 6.20
CA LEU D 185 12.25 -22.55 7.38
C LEU D 185 11.43 -23.82 7.44
N ILE D 186 10.93 -24.28 6.33
CA ILE D 186 10.18 -25.52 6.33
C ILE D 186 11.13 -26.66 6.76
N HIS D 187 12.33 -26.63 6.20
CA HIS D 187 13.35 -27.60 6.53
C HIS D 187 13.63 -27.67 8.03
N GLU D 188 13.58 -26.51 8.70
CA GLU D 188 13.81 -26.49 10.15
C GLU D 188 12.72 -27.28 10.87
N TYR D 189 11.49 -27.24 10.38
CA TYR D 189 10.45 -28.11 10.93
C TYR D 189 10.78 -29.60 10.79
N TYR D 190 11.22 -30.05 9.62
CA TYR D 190 11.47 -31.46 9.44
C TYR D 190 12.62 -31.95 10.30
N SER D 191 13.47 -31.01 10.68
CA SER D 191 14.61 -31.29 11.51
C SER D 191 14.17 -31.92 12.84
N ARG D 192 12.98 -31.55 13.30
CA ARG D 192 12.48 -32.09 14.56
C ARG D 192 12.31 -33.61 14.47
N GLU D 193 11.74 -34.07 13.35
CA GLU D 193 11.58 -35.50 13.13
C GLU D 193 12.92 -36.21 12.99
N ALA D 194 13.84 -35.60 12.25
CA ALA D 194 15.17 -36.15 12.05
C ALA D 194 16.17 -35.07 11.65
N PRO D 195 17.45 -35.35 11.85
CA PRO D 195 18.52 -34.44 11.41
C PRO D 195 19.74 -35.21 10.92
N ASN D 196 20.50 -34.63 10.00
CA ASN D 196 20.15 -33.38 9.33
C ASN D 196 19.02 -33.56 8.32
N PRO D 197 18.19 -32.53 8.16
CA PRO D 197 17.09 -32.59 7.19
C PRO D 197 17.59 -32.65 5.75
N ILE D 198 16.91 -33.43 4.92
CA ILE D 198 17.25 -33.56 3.51
C ILE D 198 16.07 -33.14 2.63
N HIS D 199 16.34 -32.30 1.62
CA HIS D 199 15.27 -31.80 0.77
C HIS D 199 15.48 -32.35 -0.64
N LEU D 200 14.48 -33.07 -1.14
CA LEU D 200 14.44 -33.52 -2.51
C LEU D 200 13.43 -32.73 -3.33
N THR D 201 13.88 -31.95 -4.30
CA THR D 201 12.96 -31.34 -5.23
C THR D 201 12.76 -32.30 -6.41
N VAL D 202 11.52 -32.69 -6.65
CA VAL D 202 11.21 -33.52 -7.81
C VAL D 202 10.44 -32.66 -8.80
N ASP D 203 11.07 -32.42 -9.94
CA ASP D 203 10.47 -31.60 -10.98
C ASP D 203 9.49 -32.44 -11.76
N THR D 204 8.27 -32.51 -11.26
CA THR D 204 7.25 -33.34 -11.86
C THR D 204 6.82 -32.87 -13.25
N SER D 205 7.09 -31.61 -13.57
CA SER D 205 6.91 -31.11 -14.94
C SER D 205 7.97 -31.65 -15.90
N LEU D 206 9.14 -31.98 -15.35
CA LEU D 206 10.22 -32.60 -16.09
C LEU D 206 10.78 -31.76 -17.26
N GLN D 207 10.97 -30.47 -16.99
CA GLN D 207 11.45 -29.54 -18.00
C GLN D 207 12.84 -29.94 -18.48
N ASN D 208 13.67 -30.39 -17.55
CA ASN D 208 15.01 -30.85 -17.90
C ASN D 208 15.10 -32.36 -17.84
N GLY D 209 15.50 -32.97 -18.95
CA GLY D 209 15.56 -34.41 -19.07
C GLY D 209 16.52 -35.10 -18.14
N ARG D 210 17.70 -34.49 -17.95
CA ARG D 210 18.76 -35.12 -17.16
C ARG D 210 18.38 -35.34 -15.71
N MET D 211 17.74 -34.35 -15.10
CA MET D 211 17.34 -34.48 -13.69
C MET D 211 15.86 -34.24 -13.43
N SER D 212 15.22 -35.19 -12.77
CA SER D 212 13.87 -35.03 -12.25
C SER D 212 13.96 -34.70 -10.77
N ILE D 213 15.20 -34.58 -10.29
CA ILE D 213 15.50 -34.43 -8.87
C ILE D 213 16.71 -33.54 -8.54
N LYS D 214 16.50 -32.63 -7.59
CA LYS D 214 17.58 -31.83 -7.03
C LYS D 214 17.63 -32.06 -5.52
N ALA D 215 18.83 -32.31 -4.98
CA ALA D 215 18.95 -32.67 -3.57
C ALA D 215 19.77 -31.65 -2.80
N TYR D 216 19.30 -31.31 -1.59
CA TYR D 216 19.93 -30.30 -0.76
C TYR D 216 19.91 -30.70 0.72
N VAL D 217 20.99 -30.41 1.43
CA VAL D 217 20.98 -30.38 2.89
C VAL D 217 21.39 -28.97 3.33
N SER D 218 20.83 -28.53 4.45
CA SER D 218 21.09 -27.20 4.99
C SER D 218 22.41 -27.18 5.75
N THR D 219 23.25 -26.22 5.41
CA THR D 219 24.53 -26.01 6.09
C THR D 219 24.95 -24.55 5.89
N LEU D 220 25.81 -24.05 6.78
CA LEU D 220 26.32 -22.70 6.63
C LEU D 220 27.84 -22.68 6.51
N MET D 221 28.35 -22.08 5.44
CA MET D 221 29.79 -21.91 5.27
C MET D 221 30.35 -21.03 6.38
N GLY D 222 29.61 -19.97 6.68
CA GLY D 222 30.00 -19.03 7.73
C GLY D 222 30.81 -17.87 7.19
N VAL D 223 30.81 -16.77 7.94
CA VAL D 223 31.61 -15.61 7.59
C VAL D 223 32.51 -15.23 8.76
N PRO D 224 33.80 -15.00 8.48
CA PRO D 224 34.72 -14.63 9.56
C PRO D 224 34.35 -13.28 10.15
N GLY D 225 34.35 -13.19 11.48
CA GLY D 225 34.02 -11.96 12.17
C GLY D 225 32.53 -11.73 12.21
N ARG D 226 31.77 -12.71 11.71
CA ARG D 226 30.32 -12.61 11.65
C ARG D 226 29.65 -13.94 11.95
N THR D 227 28.40 -13.89 12.40
CA THR D 227 27.63 -15.10 12.68
C THR D 227 27.38 -15.88 11.41
N MET D 228 27.43 -17.21 11.52
CA MET D 228 27.23 -18.09 10.36
C MET D 228 25.81 -17.97 9.81
N GLY D 229 25.69 -18.06 8.49
CA GLY D 229 24.40 -17.96 7.84
C GLY D 229 24.01 -19.25 7.14
N VAL D 230 22.81 -19.73 7.43
CA VAL D 230 22.30 -20.98 6.87
C VAL D 230 22.10 -20.91 5.36
N MET D 231 22.39 -22.02 4.68
CA MET D 231 22.18 -22.13 3.26
C MET D 231 22.09 -23.62 2.84
N PHE D 232 21.53 -23.87 1.66
CA PHE D 232 21.39 -25.23 1.18
C PHE D 232 22.62 -25.62 0.42
N THR D 233 23.13 -26.81 0.71
CA THR D 233 24.20 -27.40 -0.08
C THR D 233 23.58 -28.35 -1.09
N PRO D 234 23.94 -28.16 -2.34
CA PRO D 234 23.50 -28.99 -3.45
C PRO D 234 24.29 -30.28 -3.56
N LEU D 235 23.59 -31.41 -3.51
CA LEU D 235 24.24 -32.71 -3.57
C LEU D 235 23.94 -33.41 -4.87
N THR D 236 24.92 -34.11 -5.45
CA THR D 236 24.63 -34.85 -6.69
C THR D 236 23.68 -36.04 -6.46
N VAL D 237 22.83 -36.27 -7.46
CA VAL D 237 21.82 -37.30 -7.46
C VAL D 237 22.04 -38.30 -8.55
N LYS D 238 21.65 -39.53 -8.29
CA LYS D 238 21.49 -40.49 -9.37
C LYS D 238 20.23 -41.27 -9.08
N TYR D 239 19.64 -41.86 -10.11
CA TYR D 239 18.48 -42.72 -9.99
C TYR D 239 18.99 -44.14 -9.96
N ALA D 240 18.63 -44.88 -8.92
CA ALA D 240 19.07 -46.27 -8.80
C ALA D 240 17.96 -47.11 -8.21
N TYR D 241 17.95 -48.40 -8.54
CA TYR D 241 16.86 -49.27 -8.13
C TYR D 241 17.40 -50.59 -7.63
N TYR D 242 16.73 -51.12 -6.62
CA TYR D 242 16.95 -52.49 -6.21
C TYR D 242 16.35 -53.42 -7.25
N ASP D 243 16.63 -54.71 -7.14
CA ASP D 243 16.30 -55.62 -8.22
C ASP D 243 14.79 -55.60 -8.52
N THR D 244 13.98 -55.61 -7.45
CA THR D 244 12.51 -55.64 -7.59
C THR D 244 12.02 -54.53 -8.48
N GLU D 245 12.45 -53.30 -8.16
CA GLU D 245 12.05 -52.14 -8.92
C GLU D 245 12.63 -52.13 -10.33
N ARG D 246 13.89 -52.55 -10.47
CA ARG D 246 14.49 -52.64 -11.80
C ARG D 246 13.63 -53.52 -12.69
N ILE D 247 13.24 -54.66 -12.15
CA ILE D 247 12.37 -55.60 -12.86
C ILE D 247 11.09 -54.89 -13.19
N GLY D 248 10.48 -54.25 -12.20
CA GLY D 248 9.24 -53.52 -12.41
C GLY D 248 9.35 -52.45 -13.50
N VAL D 249 10.35 -51.58 -13.43
CA VAL D 249 10.52 -50.51 -14.43
C VAL D 249 10.70 -51.10 -15.84
N ASP D 250 11.55 -52.12 -15.96
CA ASP D 250 11.77 -52.72 -17.27
C ASP D 250 10.48 -53.27 -17.83
N LEU D 251 9.70 -53.93 -16.98
CA LEU D 251 8.42 -54.43 -17.41
C LEU D 251 7.49 -53.31 -17.88
N ILE D 252 7.51 -52.18 -17.18
CA ILE D 252 6.64 -51.06 -17.55
C ILE D 252 7.06 -50.37 -18.86
N MET D 253 8.34 -50.36 -19.17
CA MET D 253 8.81 -49.67 -20.37
C MET D 253 8.97 -50.61 -21.58
N LYS D 254 8.50 -51.85 -21.43
CA LYS D 254 8.69 -52.88 -22.44
C LYS D 254 8.21 -52.43 -23.84
N THR D 255 6.95 -52.03 -23.91
CA THR D 255 6.35 -51.62 -25.18
C THR D 255 7.08 -50.43 -25.81
N CYS D 256 7.55 -49.50 -24.99
CA CYS D 256 8.34 -48.38 -25.48
C CYS D 256 9.67 -48.85 -26.00
N PHE D 257 10.28 -49.80 -25.30
CA PHE D 257 11.62 -50.25 -25.68
C PHE D 257 11.57 -50.95 -27.03
N UNK D 259 -12.67 -36.69 -14.08
CA UNK D 259 -12.66 -35.58 -15.02
C UNK D 259 -13.43 -34.38 -14.47
N UNK D 260 -14.30 -34.63 -13.49
CA UNK D 260 -15.09 -33.58 -12.88
C UNK D 260 -14.20 -32.55 -12.20
N UNK D 261 -13.17 -33.04 -11.52
CA UNK D 261 -12.22 -32.15 -10.85
C UNK D 261 -11.50 -31.27 -11.87
N UNK D 262 -11.14 -31.87 -13.00
CA UNK D 262 -10.47 -31.14 -14.07
C UNK D 262 -11.40 -30.06 -14.61
N UNK D 263 -12.67 -30.39 -14.76
CA UNK D 263 -13.67 -29.44 -15.24
C UNK D 263 -13.80 -28.28 -14.27
N UNK D 264 -13.78 -28.60 -12.97
CA UNK D 264 -13.86 -27.57 -11.94
C UNK D 264 -12.65 -26.65 -12.02
N UNK D 265 -11.48 -27.23 -12.25
CA UNK D 265 -10.26 -26.46 -12.38
C UNK D 265 -10.36 -25.53 -13.58
N UNK D 266 -10.92 -26.03 -14.67
CA UNK D 266 -11.10 -25.23 -15.88
C UNK D 266 -12.03 -24.06 -15.60
N UNK D 267 -13.09 -24.34 -14.84
CA UNK D 267 -14.05 -23.29 -14.46
C UNK D 267 -13.35 -22.22 -13.62
N UNK D 268 -12.49 -22.67 -12.72
CA UNK D 268 -11.74 -21.74 -11.87
C UNK D 268 -10.83 -20.87 -12.72
N UNK D 269 -10.21 -21.48 -13.72
CA UNK D 269 -9.34 -20.75 -14.63
C UNK D 269 -10.14 -19.70 -15.41
N UNK D 270 -11.35 -20.08 -15.82
CA UNK D 270 -12.22 -19.17 -16.54
C UNK D 270 -12.59 -17.99 -15.64
N UNK D 271 -12.85 -18.28 -14.37
CA UNK D 271 -13.19 -17.24 -13.41
C UNK D 271 -12.01 -16.29 -13.24
N UNK D 272 -10.81 -16.84 -13.20
CA UNK D 272 -9.60 -16.04 -13.06
C UNK D 272 -9.45 -15.14 -14.27
N UNK D 273 -9.75 -15.67 -15.46
CA UNK D 273 -9.68 -14.90 -16.69
C UNK D 273 -10.68 -13.75 -16.67
N UNK D 274 -11.87 -14.03 -16.15
CA UNK D 274 -12.93 -13.03 -16.07
C UNK D 274 -12.65 -12.00 -14.98
N UNK D 275 -11.49 -12.13 -14.33
CA UNK D 275 -11.10 -11.21 -13.29
C UNK D 275 -9.70 -10.60 -13.51
N UNK D 276 -8.83 -11.25 -14.30
CA UNK D 276 -7.41 -10.96 -14.48
C UNK D 276 -6.92 -9.50 -14.59
N UNK D 277 -7.75 -8.54 -14.99
CA UNK D 277 -7.41 -7.11 -14.98
C UNK D 277 -6.99 -6.56 -13.60
N UNK D 278 -7.64 -6.97 -12.49
CA UNK D 278 -7.24 -6.58 -11.13
C UNK D 278 -6.03 -7.40 -10.66
N UNK D 279 -6.01 -8.71 -10.99
CA UNK D 279 -4.94 -9.61 -10.59
C UNK D 279 -3.65 -9.25 -11.33
N UNK D 280 -3.73 -8.77 -12.57
CA UNK D 280 -2.64 -8.16 -13.34
C UNK D 280 -2.04 -7.03 -12.50
N UNK D 281 -2.77 -5.94 -12.22
CA UNK D 281 -2.33 -4.79 -11.43
C UNK D 281 -1.73 -5.12 -10.03
N UNK D 282 -2.19 -6.20 -9.37
CA UNK D 282 -1.62 -6.69 -8.11
C UNK D 282 -0.39 -7.60 -8.34
N UNK D 283 -0.27 -8.26 -9.49
CA UNK D 283 0.95 -8.97 -9.89
C UNK D 283 1.99 -7.96 -10.42
N UNK D 284 1.56 -6.81 -10.97
CA UNK D 284 2.51 -5.78 -11.34
C UNK D 284 3.18 -5.21 -10.10
N UNK D 285 2.39 -4.98 -9.05
CA UNK D 285 2.91 -4.43 -7.81
C UNK D 285 3.85 -5.44 -7.16
N UNK D 286 3.41 -6.70 -7.06
CA UNK D 286 4.20 -7.76 -6.46
C UNK D 286 5.56 -7.82 -7.13
N UNK D 287 5.57 -7.79 -8.47
CA UNK D 287 6.81 -7.85 -9.22
C UNK D 287 7.75 -6.74 -8.77
N UNK D 288 7.21 -5.53 -8.61
CA UNK D 288 8.00 -4.39 -8.18
C UNK D 288 8.55 -4.63 -6.78
N UNK D 289 7.72 -5.22 -5.91
CA UNK D 289 8.12 -5.50 -4.55
C UNK D 289 9.36 -6.37 -4.54
N UNK D 290 9.32 -7.48 -5.28
CA UNK D 290 10.44 -8.40 -5.35
C UNK D 290 11.71 -7.65 -5.72
N UNK D 291 11.62 -6.80 -6.74
CA UNK D 291 12.76 -6.02 -7.19
C UNK D 291 13.31 -5.20 -6.04
N UNK D 292 12.41 -4.61 -5.24
CA UNK D 292 12.81 -3.79 -4.10
C UNK D 292 13.64 -4.62 -3.13
N UNK D 293 13.14 -5.81 -2.79
CA UNK D 293 13.83 -6.69 -1.88
C UNK D 293 15.26 -6.93 -2.36
N UNK D 294 15.40 -7.43 -3.58
CA UNK D 294 16.70 -7.70 -4.15
C UNK D 294 17.62 -6.50 -3.98
N UNK D 295 17.08 -5.30 -4.24
CA UNK D 295 17.85 -4.08 -4.11
C UNK D 295 18.41 -3.96 -2.70
N UNK D 296 17.56 -4.18 -1.71
CA UNK D 296 17.97 -4.09 -0.32
C UNK D 296 19.13 -5.05 -0.06
N UNK D 297 18.99 -6.30 -0.51
CA UNK D 297 20.03 -7.29 -0.33
C UNK D 297 21.34 -6.80 -0.91
N UNK D 298 21.30 -6.33 -2.16
CA UNK D 298 22.48 -5.83 -2.83
C UNK D 298 23.16 -4.76 -1.98
N UNK D 305 15.89 -10.49 2.67
CA UNK D 305 15.07 -9.55 1.93
C UNK D 305 15.16 -9.84 0.44
N UNK D 306 16.38 -9.93 -0.09
CA UNK D 306 16.60 -10.20 -1.50
C UNK D 306 15.89 -11.47 -1.89
N UNK D 307 16.03 -12.52 -1.08
CA UNK D 307 15.40 -13.80 -1.34
C UNK D 307 13.89 -13.63 -1.41
N UNK D 308 13.33 -12.92 -0.43
CA UNK D 308 11.91 -12.69 -0.37
C UNK D 308 11.42 -12.04 -1.66
N UNK D 309 12.09 -10.96 -2.07
CA UNK D 309 11.73 -10.24 -3.29
C UNK D 309 11.76 -11.19 -4.47
N UNK D 310 12.83 -11.99 -4.57
CA UNK D 310 12.98 -12.94 -5.66
C UNK D 310 11.78 -13.88 -5.70
N UNK D 311 11.38 -14.40 -4.53
CA UNK D 311 10.25 -15.30 -4.44
C UNK D 311 8.99 -14.62 -4.97
N UNK D 312 8.77 -13.38 -4.55
CA UNK D 312 7.59 -12.63 -4.97
C UNK D 312 7.57 -12.53 -6.50
N UNK D 313 8.71 -12.16 -7.09
CA UNK D 313 8.83 -12.02 -8.53
C UNK D 313 8.46 -13.33 -9.20
N UNK D 314 9.01 -14.44 -8.69
CA UNK D 314 8.74 -15.75 -9.24
C UNK D 314 7.25 -16.04 -9.20
N UNK D 315 6.62 -15.75 -8.06
CA UNK D 315 5.20 -15.98 -7.90
C UNK D 315 4.41 -15.24 -8.98
N UNK D 316 4.76 -13.96 -9.19
CA UNK D 316 4.09 -13.15 -10.19
C UNK D 316 4.20 -13.81 -11.55
N UNK D 317 5.41 -14.24 -11.92
CA UNK D 317 5.65 -14.87 -13.20
C UNK D 317 4.79 -16.13 -13.33
N UNK D 318 4.76 -16.94 -12.26
CA UNK D 318 3.98 -18.15 -12.25
C UNK D 318 2.52 -17.86 -12.55
N UNK D 319 1.99 -16.81 -11.89
CA UNK D 319 0.60 -16.38 -12.02
C UNK D 319 0.30 -16.00 -13.47
N UNK D 320 1.25 -15.34 -14.15
CA UNK D 320 1.13 -14.96 -15.54
C UNK D 320 1.11 -16.21 -16.43
N UNK D 321 2.01 -17.15 -16.17
CA UNK D 321 2.10 -18.38 -16.93
C UNK D 321 0.78 -19.13 -16.85
N UNK D 322 0.21 -19.28 -15.64
CA UNK D 322 -1.08 -19.95 -15.39
C UNK D 322 -2.24 -19.25 -16.13
N UNK D 323 -2.23 -17.92 -16.19
CA UNK D 323 -3.16 -17.13 -16.98
C UNK D 323 -3.05 -17.45 -18.49
N UNK D 324 -1.83 -17.64 -19.02
CA UNK D 324 -1.61 -17.96 -20.42
C UNK D 324 -2.11 -19.35 -20.72
N UNK D 325 -1.74 -20.31 -19.86
CA UNK D 325 -2.17 -21.70 -20.05
C UNK D 325 -3.68 -21.78 -20.11
N UNK D 326 -4.37 -21.08 -19.20
CA UNK D 326 -5.83 -21.06 -19.17
C UNK D 326 -6.40 -20.56 -20.51
N UNK D 327 -5.78 -19.48 -21.02
CA UNK D 327 -6.23 -18.91 -22.28
C UNK D 327 -6.07 -19.91 -23.40
N LYS E 37 -14.00 -56.58 -19.99
CA LYS E 37 -13.65 -55.76 -18.82
C LYS E 37 -12.14 -55.60 -18.67
N GLN E 38 -11.71 -54.41 -18.25
CA GLN E 38 -10.28 -54.16 -18.09
C GLN E 38 -9.97 -53.37 -16.82
N VAL E 39 -8.99 -53.86 -16.08
CA VAL E 39 -8.40 -53.17 -14.94
C VAL E 39 -7.12 -52.46 -15.42
N GLN E 40 -7.12 -51.12 -15.36
CA GLN E 40 -5.95 -50.33 -15.69
C GLN E 40 -5.15 -50.07 -14.42
N ILE E 41 -3.89 -50.48 -14.39
CA ILE E 41 -3.12 -50.36 -13.18
C ILE E 41 -2.07 -49.29 -13.39
N ASP E 42 -1.96 -48.38 -12.45
CA ASP E 42 -0.98 -47.31 -12.60
C ASP E 42 0.42 -47.74 -12.21
N GLY E 43 1.38 -46.90 -12.57
CA GLY E 43 2.76 -47.20 -12.31
C GLY E 43 3.00 -47.39 -10.82
N LEU E 44 2.55 -46.46 -9.97
CA LEU E 44 2.87 -46.63 -8.56
C LEU E 44 2.12 -47.82 -7.98
N VAL E 45 0.93 -48.11 -8.49
CA VAL E 45 0.15 -49.22 -7.95
C VAL E 45 0.89 -50.53 -8.23
N VAL E 46 1.38 -50.68 -9.46
CA VAL E 46 2.03 -51.95 -9.81
C VAL E 46 3.33 -52.10 -9.00
N LEU E 47 4.13 -51.04 -8.91
CA LEU E 47 5.40 -51.10 -8.19
C LEU E 47 5.15 -51.35 -6.73
N LYS E 48 4.13 -50.75 -6.14
CA LYS E 48 3.88 -51.00 -4.72
C LYS E 48 3.45 -52.44 -4.48
N ILE E 49 2.62 -52.98 -5.36
CA ILE E 49 2.16 -54.37 -5.19
C ILE E 49 3.33 -55.35 -5.32
N ILE E 50 4.21 -55.14 -6.30
CA ILE E 50 5.39 -56.02 -6.45
C ILE E 50 6.33 -55.87 -5.27
N LYS E 51 6.52 -54.63 -4.81
CA LYS E 51 7.40 -54.38 -3.69
C LYS E 51 6.89 -55.00 -2.43
N HIS E 52 5.61 -54.82 -2.19
CA HIS E 52 5.02 -55.32 -0.98
C HIS E 52 5.03 -56.88 -1.00
N TYR E 53 4.64 -57.47 -2.11
CA TYR E 53 4.64 -58.92 -2.21
C TYR E 53 6.01 -59.48 -1.94
N GLN E 54 7.04 -58.92 -2.56
CA GLN E 54 8.40 -59.39 -2.36
C GLN E 54 8.83 -59.22 -0.91
N GLU E 55 8.51 -58.07 -0.33
CA GLU E 55 8.83 -57.83 1.08
C GLU E 55 8.07 -58.85 1.93
N GLU E 56 6.84 -59.13 1.54
CA GLU E 56 6.03 -60.14 2.21
C GLU E 56 6.65 -61.52 2.08
N GLY E 57 7.21 -61.81 0.91
CA GLY E 57 7.82 -63.09 0.64
C GLY E 57 9.00 -63.37 1.56
N GLN E 58 9.80 -62.34 1.79
CA GLN E 58 10.92 -62.47 2.72
C GLN E 58 10.37 -62.76 4.12
N GLY E 59 9.26 -62.11 4.44
CA GLY E 59 8.57 -62.32 5.70
C GLY E 59 8.05 -63.74 5.85
N THR E 60 7.58 -64.31 4.75
CA THR E 60 6.97 -65.64 4.74
C THR E 60 5.51 -65.55 5.17
N GLU E 61 5.02 -64.32 5.27
CA GLU E 61 3.62 -64.07 5.60
C GLU E 61 2.93 -63.41 4.41
N VAL E 62 1.75 -63.91 4.06
CA VAL E 62 1.04 -63.41 2.89
C VAL E 62 0.70 -61.94 3.05
N VAL E 63 0.81 -61.18 1.96
CA VAL E 63 0.61 -59.74 2.00
C VAL E 63 -0.62 -59.30 1.22
N GLN E 64 -1.45 -58.49 1.88
CA GLN E 64 -2.63 -57.95 1.28
C GLN E 64 -2.68 -56.43 1.44
N GLY E 65 -3.42 -55.79 0.56
CA GLY E 65 -3.70 -54.37 0.72
C GLY E 65 -4.92 -54.00 -0.07
N VAL E 66 -5.19 -52.70 -0.07
CA VAL E 66 -6.36 -52.15 -0.73
C VAL E 66 -5.96 -51.41 -1.98
N LEU E 67 -6.82 -51.48 -2.98
CA LEU E 67 -6.61 -50.76 -4.22
C LEU E 67 -7.53 -49.54 -4.29
N LEU E 68 -6.98 -48.42 -4.74
CA LEU E 68 -7.70 -47.15 -4.76
C LEU E 68 -7.83 -46.70 -6.17
N GLY E 69 -8.97 -46.11 -6.49
CA GLY E 69 -9.15 -45.71 -7.86
C GLY E 69 -10.54 -45.24 -8.24
N LEU E 70 -10.91 -45.53 -9.48
CA LEU E 70 -12.17 -45.07 -10.04
C LEU E 70 -12.82 -46.14 -10.89
N VAL E 71 -14.11 -46.34 -10.68
CA VAL E 71 -14.88 -47.16 -11.58
C VAL E 71 -15.30 -46.24 -12.73
N VAL E 72 -14.75 -46.47 -13.92
CA VAL E 72 -15.15 -45.72 -15.09
C VAL E 72 -15.81 -46.66 -16.08
N GLU E 73 -17.04 -46.35 -16.47
CA GLU E 73 -17.78 -47.23 -17.36
C GLU E 73 -17.83 -48.61 -16.70
N ASP E 74 -17.65 -49.64 -17.51
CA ASP E 74 -17.34 -50.98 -17.05
C ASP E 74 -15.94 -51.04 -16.43
N ARG E 75 -15.00 -50.34 -17.08
CA ARG E 75 -13.58 -50.39 -16.74
C ARG E 75 -13.23 -49.76 -15.41
N LEU E 76 -12.21 -50.31 -14.75
CA LEU E 76 -11.74 -49.79 -13.47
C LEU E 76 -10.29 -49.32 -13.52
N GLU E 77 -10.07 -48.10 -13.05
CA GLU E 77 -8.73 -47.53 -12.92
C GLU E 77 -8.25 -47.73 -11.50
N ILE E 78 -7.10 -48.39 -11.38
CA ILE E 78 -6.42 -48.50 -10.12
C ILE E 78 -5.27 -47.50 -10.13
N THR E 79 -5.39 -46.43 -9.35
CA THR E 79 -4.38 -45.36 -9.41
C THR E 79 -3.32 -45.49 -8.31
N ASN E 80 -3.62 -46.27 -7.27
CA ASN E 80 -2.74 -46.38 -6.11
C ASN E 80 -3.24 -47.53 -5.27
N CYS E 81 -2.40 -47.96 -4.35
CA CYS E 81 -2.74 -49.00 -3.40
C CYS E 81 -2.14 -48.67 -2.06
N PHE E 82 -2.61 -49.29 -1.00
CA PHE E 82 -1.79 -49.33 0.21
C PHE E 82 -1.83 -50.67 0.92
N PRO E 83 -0.72 -50.98 1.58
CA PRO E 83 -0.52 -52.21 2.30
C PRO E 83 -1.29 -52.23 3.61
N PHE E 84 -1.83 -53.41 3.93
CA PHE E 84 -2.43 -53.68 5.21
C PHE E 84 -1.38 -54.40 6.06
N PRO E 85 -1.39 -54.19 7.38
CA PRO E 85 -0.39 -54.88 8.18
C PRO E 85 -0.64 -56.39 8.21
N GLN E 86 0.43 -57.18 8.34
CA GLN E 86 0.32 -58.62 8.59
C GLN E 86 -0.52 -58.93 9.82
N HIS E 87 -1.38 -59.92 9.69
CA HIS E 87 -2.28 -60.32 10.76
C HIS E 87 -2.04 -61.80 11.06
N THR E 88 -2.25 -62.18 12.32
CA THR E 88 -2.20 -63.58 12.71
C THR E 88 -3.30 -64.33 11.97
N GLU E 89 -4.45 -63.67 11.86
CA GLU E 89 -5.60 -64.23 11.15
C GLU E 89 -5.28 -64.38 9.67
N ASP E 90 -5.84 -65.41 9.06
CA ASP E 90 -5.57 -65.72 7.66
C ASP E 90 -6.77 -65.38 6.78
N ASP E 91 -6.50 -64.78 5.62
CA ASP E 91 -7.56 -64.38 4.71
C ASP E 91 -8.49 -63.34 5.33
N ALA E 92 -9.78 -63.64 5.37
CA ALA E 92 -10.80 -62.74 5.89
C ALA E 92 -10.61 -62.45 7.37
N ASP E 93 -10.92 -61.22 7.76
CA ASP E 93 -10.72 -60.71 9.12
C ASP E 93 -9.29 -60.23 9.28
N PHE E 94 -8.53 -60.32 8.20
CA PHE E 94 -7.19 -59.76 8.13
C PHE E 94 -7.24 -58.25 8.25
N ASP E 95 -8.26 -57.65 7.63
CA ASP E 95 -8.39 -56.21 7.55
C ASP E 95 -8.54 -55.54 8.90
N GLU E 96 -7.89 -54.38 9.03
CA GLU E 96 -7.91 -53.60 10.25
C GLU E 96 -8.59 -52.29 9.92
N VAL E 97 -9.81 -52.12 10.41
CA VAL E 97 -10.60 -50.97 10.02
C VAL E 97 -10.07 -49.70 10.66
N GLN E 98 -9.39 -49.80 11.80
CA GLN E 98 -8.82 -48.60 12.41
C GLN E 98 -7.63 -48.11 11.56
N TYR E 99 -6.75 -49.03 11.17
CA TYR E 99 -5.64 -48.72 10.26
C TYR E 99 -6.18 -48.16 8.97
N GLN E 100 -7.16 -48.84 8.38
CA GLN E 100 -7.69 -48.38 7.11
C GLN E 100 -8.26 -46.97 7.19
N MET E 101 -9.03 -46.68 8.24
CA MET E 101 -9.67 -45.39 8.33
C MET E 101 -8.63 -44.25 8.48
N GLU E 102 -7.63 -44.49 9.31
CA GLU E 102 -6.55 -43.57 9.51
C GLU E 102 -5.78 -43.32 8.22
N MET E 103 -5.39 -44.41 7.56
CA MET E 103 -4.67 -44.31 6.29
C MET E 103 -5.51 -43.55 5.28
N MET E 104 -6.79 -43.87 5.14
CA MET E 104 -7.66 -43.18 4.16
C MET E 104 -7.82 -41.70 4.47
N ARG E 105 -7.98 -41.38 5.75
CA ARG E 105 -8.10 -39.98 6.11
C ARG E 105 -6.82 -39.19 5.79
N SER E 106 -5.68 -39.78 6.09
CA SER E 106 -4.42 -39.09 5.89
C SER E 106 -4.10 -38.94 4.41
N LEU E 107 -4.55 -39.89 3.57
CA LEU E 107 -4.34 -39.79 2.13
C LEU E 107 -5.18 -38.64 1.55
N ARG E 108 -6.39 -38.48 2.11
CA ARG E 108 -7.37 -37.50 1.67
C ARG E 108 -6.81 -36.09 1.81
N HIS E 109 -6.05 -35.86 2.87
CA HIS E 109 -5.30 -34.62 2.99
C HIS E 109 -4.37 -34.63 1.78
N VAL E 110 -3.94 -35.84 1.42
CA VAL E 110 -3.27 -36.11 0.16
C VAL E 110 -4.28 -35.98 -0.99
N ASN E 111 -3.77 -35.66 -2.18
CA ASN E 111 -4.61 -35.32 -3.34
C ASN E 111 -5.57 -36.38 -3.90
N ILE E 112 -5.14 -37.63 -3.95
CA ILE E 112 -5.85 -38.63 -4.76
C ILE E 112 -7.31 -38.89 -4.39
N ASP E 113 -7.61 -39.05 -3.10
CA ASP E 113 -9.00 -39.12 -2.65
C ASP E 113 -9.83 -40.14 -3.44
N HIS E 114 -9.31 -41.35 -3.62
CA HIS E 114 -9.95 -42.33 -4.51
C HIS E 114 -10.63 -43.52 -3.82
N LEU E 115 -11.88 -43.77 -4.21
CA LEU E 115 -12.66 -44.93 -3.75
C LEU E 115 -11.80 -46.18 -3.62
N HIS E 116 -12.06 -47.00 -2.61
CA HIS E 116 -11.53 -48.36 -2.59
C HIS E 116 -12.21 -49.16 -3.70
N VAL E 117 -11.46 -49.54 -4.73
CA VAL E 117 -12.03 -50.24 -5.87
C VAL E 117 -11.75 -51.75 -5.80
N GLY E 118 -11.09 -52.19 -4.75
CA GLY E 118 -10.89 -53.63 -4.51
C GLY E 118 -9.71 -53.87 -3.61
N TRP E 119 -9.10 -55.04 -3.74
CA TRP E 119 -8.00 -55.46 -2.87
C TRP E 119 -7.00 -56.31 -3.66
N TYR E 120 -5.75 -56.39 -3.18
CA TYR E 120 -4.76 -57.27 -3.78
C TYR E 120 -4.20 -58.14 -2.70
N GLN E 121 -3.73 -59.32 -3.10
CA GLN E 121 -3.07 -60.26 -2.20
C GLN E 121 -1.96 -60.97 -2.97
N SER E 122 -1.00 -61.53 -2.25
CA SER E 122 -0.08 -62.47 -2.86
C SER E 122 -0.37 -63.87 -2.31
N THR E 123 -0.79 -64.77 -3.20
CA THR E 123 -1.08 -66.15 -2.78
C THR E 123 -0.32 -67.15 -3.65
N TYR E 124 0.50 -67.97 -3.00
CA TYR E 124 1.34 -68.93 -3.70
C TYR E 124 0.59 -70.02 -4.45
N TYR E 125 -0.47 -70.56 -3.86
CA TYR E 125 -1.10 -71.74 -4.42
C TYR E 125 -1.65 -71.49 -5.82
N GLY E 126 -1.38 -72.43 -6.72
CA GLY E 126 -1.86 -72.39 -8.08
C GLY E 126 -2.17 -73.78 -8.59
N SER E 127 -3.19 -73.89 -9.44
CA SER E 127 -3.95 -72.74 -9.88
C SER E 127 -5.35 -72.74 -9.24
N PHE E 128 -5.75 -71.60 -8.67
CA PHE E 128 -7.02 -71.49 -7.98
C PHE E 128 -7.13 -72.49 -6.84
N VAL E 129 -6.02 -72.67 -6.13
CA VAL E 129 -5.91 -73.66 -5.06
C VAL E 129 -6.82 -73.43 -3.85
N THR E 130 -6.99 -72.18 -3.43
CA THR E 130 -7.66 -71.90 -2.16
C THR E 130 -9.07 -71.31 -2.27
N ARG E 131 -10.02 -71.99 -1.62
CA ARG E 131 -11.39 -71.54 -1.49
C ARG E 131 -11.54 -70.27 -0.66
N ALA E 132 -10.72 -70.15 0.39
CA ALA E 132 -10.86 -69.12 1.41
C ALA E 132 -10.74 -67.70 0.87
N LEU E 133 -9.84 -67.51 -0.09
CA LEU E 133 -9.59 -66.18 -0.65
C LEU E 133 -10.86 -65.60 -1.28
N LEU E 134 -11.64 -66.46 -1.93
CA LEU E 134 -12.85 -66.03 -2.64
C LEU E 134 -13.89 -65.39 -1.73
N ASP E 135 -14.07 -65.92 -0.52
CA ASP E 135 -15.08 -65.41 0.39
C ASP E 135 -14.80 -63.95 0.75
N SER E 136 -13.53 -63.65 1.01
CA SER E 136 -13.08 -62.27 1.18
C SER E 136 -13.69 -61.40 0.11
N GLN E 137 -13.62 -61.86 -1.12
CA GLN E 137 -14.07 -61.10 -2.28
C GLN E 137 -15.56 -60.91 -2.18
N PHE E 138 -16.26 -61.88 -1.62
CA PHE E 138 -17.71 -61.75 -1.48
C PHE E 138 -18.01 -60.62 -0.49
N SER E 139 -17.20 -60.48 0.54
CA SER E 139 -17.38 -59.38 1.46
C SER E 139 -17.17 -58.03 0.75
N TYR E 140 -16.17 -57.96 -0.12
CA TYR E 140 -15.88 -56.72 -0.85
C TYR E 140 -17.01 -56.42 -1.82
N GLN E 141 -17.53 -57.48 -2.45
CA GLN E 141 -18.57 -57.33 -3.45
C GLN E 141 -19.85 -56.84 -2.83
N HIS E 142 -20.12 -57.27 -1.60
CA HIS E 142 -21.31 -56.84 -0.86
C HIS E 142 -21.21 -55.36 -0.47
N ALA E 143 -20.01 -54.89 -0.19
CA ALA E 143 -19.81 -53.48 0.03
C ALA E 143 -19.94 -52.67 -1.26
N ILE E 144 -19.42 -53.21 -2.35
CA ILE E 144 -19.44 -52.55 -3.66
C ILE E 144 -19.34 -53.60 -4.72
N GLU E 145 -20.41 -53.78 -5.50
CA GLU E 145 -20.53 -54.95 -6.36
C GLU E 145 -19.51 -54.93 -7.48
N GLU E 146 -18.93 -53.75 -7.73
CA GLU E 146 -17.90 -53.60 -8.77
C GLU E 146 -16.46 -54.00 -8.33
N SER E 147 -16.27 -54.28 -7.04
CA SER E 147 -14.94 -54.57 -6.50
C SER E 147 -14.16 -55.65 -7.26
N VAL E 148 -12.85 -55.43 -7.33
CA VAL E 148 -11.93 -56.33 -8.03
C VAL E 148 -10.90 -56.95 -7.07
N VAL E 149 -10.62 -58.23 -7.26
CA VAL E 149 -9.54 -58.92 -6.54
C VAL E 149 -8.33 -59.11 -7.46
N LEU E 150 -7.21 -58.51 -7.09
CA LEU E 150 -5.97 -58.71 -7.80
C LEU E 150 -5.11 -59.68 -7.01
N ILE E 151 -4.44 -60.56 -7.75
CA ILE E 151 -3.52 -61.51 -7.14
C ILE E 151 -2.21 -61.42 -7.87
N TYR E 152 -1.12 -61.32 -7.11
CA TYR E 152 0.23 -61.24 -7.67
C TYR E 152 1.11 -62.35 -7.08
N ASP E 153 2.03 -62.86 -7.89
CA ASP E 153 2.98 -63.87 -7.40
C ASP E 153 4.42 -63.30 -7.42
N PRO E 154 4.95 -62.94 -6.25
CA PRO E 154 6.27 -62.27 -6.19
C PRO E 154 7.42 -63.24 -6.43
N ILE E 155 7.19 -64.53 -6.25
CA ILE E 155 8.25 -65.51 -6.54
C ILE E 155 8.37 -65.79 -8.03
N LYS E 156 7.25 -65.98 -8.71
CA LYS E 156 7.31 -66.37 -10.10
C LYS E 156 7.43 -65.14 -10.99
N THR E 157 7.17 -63.96 -10.45
CA THR E 157 7.39 -62.75 -11.23
C THR E 157 8.90 -62.57 -11.48
N ALA E 158 9.31 -62.56 -12.74
CA ALA E 158 10.73 -62.43 -13.09
C ALA E 158 10.84 -61.41 -14.21
N GLN E 159 12.07 -60.94 -14.46
CA GLN E 159 12.30 -59.97 -15.51
C GLN E 159 11.71 -60.54 -16.80
N GLY E 160 10.81 -59.76 -17.38
CA GLY E 160 10.12 -60.14 -18.60
C GLY E 160 8.80 -60.84 -18.34
N SER E 161 8.55 -61.19 -17.08
CA SER E 161 7.31 -61.90 -16.71
C SER E 161 6.79 -61.45 -15.33
N LEU E 162 5.79 -60.59 -15.35
CA LEU E 162 5.01 -60.26 -14.17
C LEU E 162 3.86 -61.25 -14.07
N SER E 163 3.71 -61.89 -12.93
CA SER E 163 2.69 -62.89 -12.75
C SER E 163 1.59 -62.30 -11.87
N LEU E 164 0.53 -61.88 -12.55
CA LEU E 164 -0.53 -61.15 -11.91
C LEU E 164 -1.83 -61.44 -12.64
N LYS E 165 -2.94 -61.37 -11.92
CA LYS E 165 -4.25 -61.50 -12.52
C LYS E 165 -5.27 -60.70 -11.70
N ALA E 166 -6.45 -60.49 -12.27
CA ALA E 166 -7.52 -59.72 -11.66
C ALA E 166 -8.81 -60.51 -11.81
N TYR E 167 -9.63 -60.55 -10.75
CA TYR E 167 -10.82 -61.36 -10.75
C TYR E 167 -12.05 -60.65 -10.23
N ARG E 168 -13.18 -61.14 -10.69
CA ARG E 168 -14.48 -60.82 -10.09
C ARG E 168 -15.28 -62.11 -9.94
N LEU E 169 -16.28 -62.09 -9.06
CA LEU E 169 -17.13 -63.29 -8.90
C LEU E 169 -18.21 -63.31 -9.95
N THR E 170 -18.65 -64.49 -10.35
CA THR E 170 -19.71 -64.56 -11.36
C THR E 170 -21.02 -64.17 -10.69
N PRO E 171 -21.88 -63.49 -11.43
CA PRO E 171 -23.19 -63.06 -10.90
C PRO E 171 -24.29 -64.04 -11.25
N PHE E 194 -24.01 -75.73 -11.66
CA PHE E 194 -22.71 -76.18 -12.20
C PHE E 194 -21.79 -75.02 -12.56
N GLU E 195 -22.18 -73.78 -12.28
CA GLU E 195 -21.35 -72.67 -12.70
C GLU E 195 -20.11 -72.44 -11.83
N TYR E 196 -19.06 -71.93 -12.47
CA TYR E 196 -17.87 -71.50 -11.77
C TYR E 196 -18.18 -70.25 -10.91
N MET E 197 -17.32 -69.95 -9.95
CA MET E 197 -17.60 -68.90 -8.99
C MET E 197 -16.99 -67.56 -9.41
N PHE E 198 -15.93 -67.60 -10.23
CA PHE E 198 -15.22 -66.37 -10.59
C PHE E 198 -14.54 -66.40 -11.93
N GLU E 199 -14.16 -65.21 -12.40
CA GLU E 199 -13.57 -65.06 -13.72
C GLU E 199 -12.52 -63.98 -13.73
N GLU E 200 -11.65 -64.00 -14.73
CA GLU E 200 -10.49 -63.12 -14.77
C GLU E 200 -10.52 -62.14 -15.95
N VAL E 201 -10.24 -60.88 -15.64
CA VAL E 201 -10.20 -59.83 -16.65
C VAL E 201 -8.77 -59.32 -16.80
N PRO E 202 -8.31 -59.21 -18.04
CA PRO E 202 -6.93 -58.80 -18.32
C PRO E 202 -6.65 -57.39 -17.83
N ILE E 203 -5.44 -57.17 -17.32
CA ILE E 203 -5.06 -55.88 -16.76
C ILE E 203 -4.06 -55.15 -17.63
N VAL E 204 -4.36 -53.89 -17.93
CA VAL E 204 -3.51 -53.07 -18.78
C VAL E 204 -2.86 -52.04 -17.86
N ILE E 205 -1.88 -51.33 -18.37
CA ILE E 205 -1.18 -50.33 -17.55
C ILE E 205 -1.33 -48.99 -18.18
N LYS E 206 -1.61 -47.99 -17.35
CA LYS E 206 -1.72 -46.62 -17.81
C LYS E 206 -0.57 -45.82 -17.20
N ASN E 207 0.12 -45.08 -18.05
CA ASN E 207 1.19 -44.20 -17.60
C ASN E 207 1.11 -42.90 -18.37
N SER E 208 1.38 -41.80 -17.70
CA SER E 208 1.46 -40.51 -18.36
C SER E 208 2.78 -40.33 -19.06
N HIS E 209 2.84 -39.32 -19.93
CA HIS E 209 4.09 -38.98 -20.59
C HIS E 209 5.14 -38.60 -19.53
N LEU E 210 4.74 -37.84 -18.52
CA LEU E 210 5.65 -37.47 -17.44
C LEU E 210 6.18 -38.71 -16.70
N ILE E 211 5.29 -39.67 -16.46
CA ILE E 211 5.71 -40.91 -15.82
C ILE E 211 6.63 -41.72 -16.69
N ASN E 212 6.36 -41.76 -17.99
CA ASN E 212 7.26 -42.47 -18.92
C ASN E 212 8.67 -41.90 -18.87
N VAL E 213 8.78 -40.59 -18.94
CA VAL E 213 10.11 -39.98 -18.85
C VAL E 213 10.78 -40.32 -17.52
N LEU E 214 10.00 -40.29 -16.45
CA LEU E 214 10.54 -40.56 -15.12
C LEU E 214 11.07 -42.00 -15.04
N MET E 215 10.32 -42.96 -15.57
CA MET E 215 10.72 -44.36 -15.51
C MET E 215 12.03 -44.62 -16.29
N TRP E 216 12.28 -43.81 -17.31
CA TRP E 216 13.43 -44.03 -18.17
C TRP E 216 14.78 -43.67 -17.51
N GLU E 217 14.75 -43.05 -16.33
CA GLU E 217 16.00 -42.79 -15.61
C GLU E 217 16.65 -44.05 -15.06
N LEU E 218 15.86 -45.11 -14.86
CA LEU E 218 16.46 -46.41 -14.60
C LEU E 218 17.16 -46.82 -15.89
N GLU E 219 18.44 -47.13 -15.82
CA GLU E 219 19.19 -47.50 -17.03
C GLU E 219 19.14 -46.34 -18.05
N LYS E 220 19.37 -45.12 -17.57
CA LYS E 220 19.22 -43.94 -18.40
C LYS E 220 20.15 -43.91 -19.63
N LYS E 221 21.37 -44.41 -19.51
CA LYS E 221 22.29 -44.51 -20.67
C LYS E 221 21.66 -45.29 -21.83
N UNK E 223 -1.03 -31.91 -15.82
CA UNK E 223 -2.28 -32.12 -15.12
C UNK E 223 -3.44 -31.61 -15.95
N UNK E 224 -3.31 -30.40 -16.49
CA UNK E 224 -4.34 -29.81 -17.31
C UNK E 224 -4.70 -30.74 -18.47
N UNK E 225 -3.67 -31.31 -19.10
CA UNK E 225 -3.87 -32.21 -20.22
C UNK E 225 -4.75 -33.38 -19.80
N UNK E 226 -4.36 -34.07 -18.72
CA UNK E 226 -5.11 -35.20 -18.21
C UNK E 226 -6.56 -34.82 -18.02
N UNK E 227 -6.81 -33.65 -17.46
CA UNK E 227 -8.15 -33.16 -17.22
C UNK E 227 -8.91 -33.06 -18.54
N UNK E 228 -8.29 -32.41 -19.53
CA UNK E 228 -8.90 -32.23 -20.84
C UNK E 228 -9.26 -33.59 -21.43
N UNK E 229 -8.32 -34.54 -21.38
CA UNK E 229 -8.55 -35.87 -21.91
C UNK E 229 -9.79 -36.48 -21.28
N UNK E 230 -9.92 -36.36 -19.95
CA UNK E 230 -11.06 -36.89 -19.23
C UNK E 230 -12.35 -36.33 -19.82
N UNK E 231 -12.36 -35.02 -20.08
CA UNK E 231 -13.53 -34.36 -20.63
C UNK E 231 -13.87 -34.95 -21.99
N UNK E 232 -12.87 -35.03 -22.88
CA UNK E 232 -13.08 -35.58 -24.20
C UNK E 232 -13.56 -37.02 -24.11
N UNK E 233 -12.96 -37.78 -23.19
CA UNK E 233 -13.33 -39.17 -23.00
C UNK E 233 -14.84 -39.30 -22.80
N UNK E 234 -15.39 -38.48 -21.92
CA UNK E 234 -16.81 -38.50 -21.64
C UNK E 234 -17.60 -38.32 -22.93
N UNK E 235 -17.23 -37.32 -23.73
CA UNK E 235 -17.89 -37.06 -24.98
C UNK E 235 -17.85 -38.29 -25.88
N UNK E 236 -16.66 -38.84 -26.09
CA UNK E 236 -16.50 -40.02 -26.91
C UNK E 236 -17.48 -41.10 -26.48
N UNK E 237 -17.38 -41.52 -25.21
CA UNK E 237 -18.25 -42.54 -24.68
C UNK E 237 -19.71 -42.13 -24.84
N UNK E 238 -20.00 -40.86 -24.57
CA UNK E 238 -21.35 -40.34 -24.68
C UNK E 238 -21.88 -40.56 -26.09
N UNK E 239 -21.07 -40.23 -27.09
CA UNK E 239 -21.46 -40.39 -28.48
C UNK E 239 -21.80 -41.86 -28.75
N UNK E 240 -20.88 -42.76 -28.42
CA UNK E 240 -21.08 -44.17 -28.63
C UNK E 240 -22.44 -44.59 -28.07
N UNK E 241 -22.74 -44.16 -26.84
CA UNK E 241 -23.99 -44.49 -26.20
C UNK E 241 -25.15 -43.98 -27.04
N UNK E 242 -25.07 -42.71 -27.46
CA UNK E 242 -26.12 -42.10 -28.26
C UNK E 242 -26.37 -42.93 -29.51
N UNK E 243 -25.30 -43.22 -30.25
CA UNK E 243 -25.41 -43.99 -31.47
C UNK E 243 -26.16 -45.28 -31.21
N UNK E 244 -25.74 -46.04 -30.19
CA UNK E 244 -26.38 -47.29 -29.84
C UNK E 244 -27.85 -47.05 -29.49
N UNK E 245 -28.10 -45.99 -28.70
CA UNK E 245 -29.45 -45.64 -28.30
C UNK E 245 -30.33 -45.46 -29.52
N UNK E 246 -29.85 -44.67 -30.49
CA UNK E 246 -30.61 -44.40 -31.71
C UNK E 246 -30.95 -45.71 -32.40
N UNK E 247 -29.94 -46.58 -32.58
CA UNK E 247 -30.14 -47.86 -33.22
C UNK E 247 -31.29 -48.61 -32.56
N UNK E 248 -31.27 -48.68 -31.23
CA UNK E 248 -32.30 -49.36 -30.48
C UNK E 248 -33.65 -48.74 -30.78
N UNK E 249 -33.76 -47.42 -30.67
CA UNK E 249 -34.99 -46.71 -30.92
C UNK E 249 -35.56 -47.13 -32.28
N UNK E 250 -34.70 -47.12 -33.31
CA UNK E 250 -35.12 -47.50 -34.65
C UNK E 250 -35.73 -48.90 -34.63
N UNK E 258 -33.84 -38.84 -23.59
CA UNK E 258 -34.51 -37.69 -24.16
C UNK E 258 -33.88 -36.41 -23.61
N UNK E 259 -33.85 -36.28 -22.29
CA UNK E 259 -33.29 -35.11 -21.65
C UNK E 259 -31.84 -34.91 -22.09
N UNK E 260 -31.09 -36.01 -22.15
CA UNK E 260 -29.70 -35.97 -22.55
C UNK E 260 -29.57 -35.29 -23.91
N UNK E 261 -30.43 -35.70 -24.86
CA UNK E 261 -30.40 -35.14 -26.20
C UNK E 261 -30.54 -33.63 -26.13
N UNK E 262 -31.56 -33.14 -25.42
CA UNK E 262 -31.79 -31.72 -25.27
C UNK E 262 -30.56 -31.04 -24.74
N UNK E 263 -29.95 -31.63 -23.70
CA UNK E 263 -28.75 -31.07 -23.09
C UNK E 263 -27.65 -30.97 -24.13
N UNK E 264 -27.44 -32.04 -24.91
CA UNK E 264 -26.42 -32.06 -25.93
C UNK E 264 -26.64 -30.93 -26.92
N UNK E 265 -27.89 -30.75 -27.35
CA UNK E 265 -28.24 -29.71 -28.30
C UNK E 265 -27.80 -28.36 -27.76
N UNK E 266 -28.12 -28.09 -26.49
CA UNK E 266 -27.76 -26.82 -25.86
C UNK E 266 -26.25 -26.62 -25.92
N UNK E 267 -25.50 -27.66 -25.55
CA UNK E 267 -24.05 -27.60 -25.57
C UNK E 267 -23.56 -27.22 -26.96
N UNK E 268 -24.12 -27.86 -27.99
CA UNK E 268 -23.73 -27.58 -29.36
C UNK E 268 -23.91 -26.11 -29.66
N UNK E 269 -25.09 -25.57 -29.36
CA UNK E 269 -25.38 -24.16 -29.61
C UNK E 269 -24.37 -23.28 -28.89
N UNK E 270 -24.06 -23.63 -27.65
CA UNK E 270 -23.11 -22.87 -26.85
C UNK E 270 -21.73 -22.93 -27.50
N UNK E 294 -15.95 -23.90 -31.02
CA UNK E 294 -14.86 -23.22 -31.69
C UNK E 294 -15.42 -22.22 -32.70
N UNK E 295 -16.51 -22.59 -33.37
CA UNK E 295 -17.14 -21.73 -34.35
C UNK E 295 -17.42 -20.37 -33.75
N UNK E 296 -18.30 -20.33 -32.74
CA UNK E 296 -18.65 -19.09 -32.09
C UNK E 296 -17.41 -18.41 -31.54
N UNK E 297 -16.50 -19.20 -30.97
CA UNK E 297 -15.27 -18.67 -30.41
C UNK E 297 -14.52 -17.88 -31.46
N UNK E 298 -14.75 -18.20 -32.73
CA UNK E 298 -14.09 -17.52 -33.83
C UNK E 298 -14.15 -16.02 -33.63
N UNK E 299 -15.38 -15.47 -33.59
CA UNK E 299 -15.58 -14.05 -33.40
C UNK E 299 -15.06 -13.62 -32.04
N UNK E 300 -15.32 -14.45 -31.01
CA UNK E 300 -14.88 -14.17 -29.66
C UNK E 300 -13.35 -14.20 -29.59
N UNK E 301 -12.74 -15.07 -30.39
CA UNK E 301 -11.29 -15.19 -30.41
C UNK E 301 -10.65 -13.83 -30.62
N UNK E 302 -11.26 -13.01 -31.48
CA UNK E 302 -10.74 -11.68 -31.76
C UNK E 302 -10.34 -10.99 -30.47
N UNK E 303 -11.24 -11.01 -29.48
CA UNK E 303 -10.97 -10.38 -28.19
C UNK E 303 -9.91 -11.17 -27.44
N UNK E 304 -10.06 -12.50 -27.42
CA UNK E 304 -9.11 -13.36 -26.73
C UNK E 304 -7.69 -13.04 -27.18
N UNK E 305 -7.51 -12.84 -28.49
CA UNK E 305 -6.20 -12.53 -29.03
C UNK E 305 -5.59 -11.35 -28.30
N UNK E 306 -6.38 -10.29 -28.10
CA UNK E 306 -5.91 -9.10 -27.41
C UNK E 306 -5.48 -9.47 -26.00
N UNK E 307 -6.30 -10.23 -25.27
CA UNK E 307 -6.00 -10.61 -23.89
C UNK E 307 -4.79 -11.55 -23.85
N UNK E 308 -4.64 -12.48 -24.82
CA UNK E 308 -3.48 -13.34 -24.89
C UNK E 308 -2.21 -12.50 -24.97
N UNK E 309 -2.24 -11.43 -25.77
CA UNK E 309 -1.10 -10.55 -25.93
C UNK E 309 -0.69 -9.98 -24.59
N UNK E 310 -1.67 -9.50 -23.81
CA UNK E 310 -1.41 -8.93 -22.51
C UNK E 310 -0.73 -9.96 -21.60
N UNK E 311 -1.27 -11.18 -21.56
CA UNK E 311 -0.73 -12.20 -20.66
C UNK E 311 0.66 -12.69 -21.16
N UNK E 312 0.98 -12.57 -22.47
CA UNK E 312 2.31 -12.81 -22.98
C UNK E 312 3.28 -11.76 -22.44
N UNK E 313 2.85 -10.49 -22.48
CA UNK E 313 3.68 -9.40 -22.00
C UNK E 313 4.03 -9.60 -20.54
N UNK E 314 3.01 -9.95 -19.73
CA UNK E 314 3.21 -10.17 -18.31
C UNK E 314 4.27 -11.25 -18.09
N UNK E 315 4.15 -12.35 -18.83
CA UNK E 315 5.10 -13.45 -18.71
C UNK E 315 6.50 -12.96 -18.99
N UNK E 316 6.66 -12.14 -20.04
CA UNK E 316 7.97 -11.62 -20.41
C UNK E 316 8.55 -10.82 -19.24
N UNK E 317 7.73 -9.98 -18.61
CA UNK E 317 8.17 -9.18 -17.49
C UNK E 317 8.68 -10.08 -16.37
N UNK E 318 7.91 -11.12 -16.04
CA UNK E 318 8.30 -12.05 -14.99
C UNK E 318 9.64 -12.66 -15.31
N UNK E 319 9.83 -13.11 -16.55
CA UNK E 319 11.07 -13.72 -16.98
C UNK E 319 12.24 -12.79 -16.70
N UNK E 320 12.06 -11.50 -17.01
CA UNK E 320 13.09 -10.51 -16.78
C UNK E 320 13.46 -10.45 -15.30
N UNK E 321 12.44 -10.40 -14.44
CA UNK E 321 12.65 -10.35 -13.01
C UNK E 321 13.45 -11.56 -12.55
N UNK E 322 13.07 -12.74 -13.04
CA UNK E 322 13.75 -13.98 -12.68
C UNK E 322 15.22 -13.89 -13.08
N UNK E 323 15.49 -13.39 -14.28
CA UNK E 323 16.85 -13.26 -14.77
C UNK E 323 17.66 -12.39 -13.83
N UNK E 324 17.06 -11.29 -13.36
CA UNK E 324 17.72 -10.38 -12.45
C UNK E 324 18.24 -11.12 -11.23
N UNK E 325 17.32 -11.77 -10.50
CA UNK E 325 17.69 -12.53 -9.32
C UNK E 325 18.75 -13.56 -9.66
N UNK E 326 18.62 -14.19 -10.82
CA UNK E 326 19.56 -15.20 -11.26
C UNK E 326 20.97 -14.61 -11.30
N UNK E 327 21.10 -13.42 -11.89
CA UNK E 327 22.39 -12.76 -11.98
C UNK E 327 22.99 -12.58 -10.60
N UNK E 328 22.18 -12.09 -9.65
CA UNK E 328 22.64 -11.87 -8.29
C UNK E 328 23.17 -13.16 -7.70
N UNK E 329 22.42 -14.26 -7.87
CA UNK E 329 22.83 -15.55 -7.36
C UNK E 329 24.19 -15.93 -7.91
N UNK E 330 24.36 -15.77 -9.23
CA UNK E 330 25.62 -16.10 -9.88
C UNK E 330 26.75 -15.32 -9.24
N UNK E 331 26.55 -14.01 -9.05
CA UNK E 331 27.56 -13.16 -8.44
C UNK E 331 27.95 -13.70 -7.07
N UNK E 332 26.95 -14.04 -6.26
CA UNK E 332 27.19 -14.56 -4.93
C UNK E 332 28.06 -15.80 -5.01
N UNK E 333 27.72 -16.72 -5.92
CA UNK E 333 28.48 -17.95 -6.10
C UNK E 333 29.94 -17.63 -6.40
N UNK E 334 30.16 -16.69 -7.33
CA UNK E 334 31.50 -16.31 -7.71
C UNK E 334 32.27 -15.82 -6.49
N UNK E 335 31.64 -14.95 -5.69
CA UNK E 335 32.27 -14.42 -4.50
C UNK E 335 32.69 -15.56 -3.58
N UNK E 336 31.80 -16.52 -3.35
CA UNK E 336 32.08 -17.65 -2.49
C UNK E 336 33.31 -18.39 -3.00
N UNK E 337 33.37 -18.65 -4.31
CA UNK E 337 34.48 -19.33 -4.91
C UNK E 337 35.78 -18.60 -4.62
N UNK E 338 35.77 -17.29 -4.82
CA UNK E 338 36.94 -16.46 -4.58
C UNK E 338 37.41 -16.63 -3.14
N UNK E 339 36.47 -16.55 -2.20
CA UNK E 339 36.79 -16.70 -0.79
C UNK E 339 37.48 -18.03 -0.54
N UNK E 340 36.92 -19.11 -1.10
CA UNK E 340 37.49 -20.44 -0.94
C UNK E 340 38.93 -20.45 -1.42
N UNK E 341 39.17 -19.88 -2.61
CA UNK E 341 40.50 -19.83 -3.18
C UNK E 341 41.45 -19.14 -2.22
N UNK E 342 41.04 -17.99 -1.69
CA UNK E 342 41.85 -17.24 -0.76
C UNK E 342 42.24 -18.11 0.43
N UNK E 343 41.24 -18.81 0.99
CA UNK E 343 41.48 -19.67 2.13
C UNK E 343 42.54 -20.70 1.80
N ALA F 2 17.77 6.84 -84.07
CA ALA F 2 18.49 8.08 -84.45
C ALA F 2 19.93 8.03 -83.93
N MET F 3 20.51 9.20 -83.66
CA MET F 3 21.90 9.26 -83.18
C MET F 3 22.20 8.47 -81.91
N PHE F 4 21.33 8.55 -80.91
CA PHE F 4 21.55 7.82 -79.65
C PHE F 4 21.81 6.34 -79.90
N GLU F 5 20.89 5.70 -80.62
CA GLU F 5 21.01 4.27 -80.92
C GLU F 5 22.24 3.93 -81.73
N GLN F 6 22.68 4.86 -82.58
CA GLN F 6 23.85 4.64 -83.40
C GLN F 6 25.16 4.72 -82.61
N MET F 7 25.17 5.52 -81.55
CA MET F 7 26.37 5.68 -80.74
C MET F 7 26.44 4.70 -79.58
N ARG F 8 25.27 4.18 -79.21
CA ARG F 8 25.12 3.24 -78.12
C ARG F 8 26.12 2.07 -78.09
N ALA F 9 26.28 1.39 -79.22
CA ALA F 9 27.20 0.26 -79.29
C ALA F 9 28.63 0.66 -78.97
N ASN F 10 29.12 1.69 -79.66
CA ASN F 10 30.49 2.14 -79.45
C ASN F 10 30.71 2.58 -78.00
N VAL F 11 29.78 3.37 -77.46
CA VAL F 11 29.88 3.82 -76.08
C VAL F 11 29.90 2.64 -75.11
N GLY F 12 29.04 1.65 -75.36
CA GLY F 12 29.00 0.48 -74.51
C GLY F 12 30.34 -0.25 -74.50
N LYS F 13 30.97 -0.33 -75.67
CA LYS F 13 32.26 -0.99 -75.80
C LYS F 13 33.33 -0.19 -75.05
N LEU F 14 33.27 1.13 -75.19
CA LEU F 14 34.21 2.01 -74.52
C LEU F 14 34.13 1.79 -73.00
N LEU F 15 32.90 1.73 -72.49
CA LEU F 15 32.67 1.55 -71.06
C LEU F 15 33.08 0.17 -70.54
N LYS F 16 33.18 -0.80 -71.45
CA LYS F 16 33.58 -2.16 -71.06
C LYS F 16 35.07 -2.26 -70.81
N GLY F 17 35.85 -1.34 -71.36
CA GLY F 17 37.29 -1.39 -71.20
C GLY F 17 37.93 -0.19 -70.52
N ILE F 18 39.25 -0.13 -70.60
CA ILE F 18 40.01 0.95 -69.97
C ILE F 18 40.08 2.26 -70.77
N ASP F 19 39.56 2.27 -71.99
CA ASP F 19 39.62 3.50 -72.77
C ASP F 19 38.69 4.54 -72.15
N ARG F 20 37.78 4.07 -71.30
CA ARG F 20 36.82 4.96 -70.64
C ARG F 20 37.54 5.94 -69.70
N TYR F 21 38.83 5.69 -69.48
CA TYR F 21 39.64 6.55 -68.62
C TYR F 21 40.48 7.52 -69.43
N ASN F 22 40.38 7.44 -70.75
CA ASN F 22 41.14 8.32 -71.64
C ASN F 22 40.29 9.52 -72.03
N PRO F 23 40.65 10.73 -71.56
CA PRO F 23 39.89 11.95 -71.88
C PRO F 23 39.76 12.27 -73.38
N GLU F 24 40.57 11.61 -74.20
CA GLU F 24 40.49 11.84 -75.65
C GLU F 24 39.13 11.39 -76.15
N ASN F 25 38.47 10.54 -75.36
CA ASN F 25 37.16 10.03 -75.72
C ASN F 25 36.00 10.92 -75.26
N LEU F 26 36.32 12.03 -74.62
CA LEU F 26 35.28 12.94 -74.15
C LEU F 26 34.43 13.52 -75.27
N ALA F 27 35.07 13.94 -76.35
CA ALA F 27 34.32 14.50 -77.48
C ALA F 27 33.17 13.57 -77.88
N THR F 28 33.45 12.27 -77.92
CA THR F 28 32.44 11.29 -78.29
C THR F 28 31.38 11.12 -77.20
N LEU F 29 31.82 11.06 -75.95
CA LEU F 29 30.89 10.92 -74.82
C LEU F 29 30.00 12.15 -74.63
N GLU F 30 30.53 13.35 -74.91
CA GLU F 30 29.75 14.57 -74.74
C GLU F 30 28.66 14.67 -75.82
N ARG F 31 28.97 14.24 -77.03
CA ARG F 31 27.97 14.27 -78.09
C ARG F 31 26.88 13.26 -77.73
N TYR F 32 27.28 12.19 -77.03
CA TYR F 32 26.36 11.15 -76.59
C TYR F 32 25.39 11.74 -75.56
N VAL F 33 25.92 12.59 -74.68
CA VAL F 33 25.09 13.23 -73.66
C VAL F 33 24.08 14.15 -74.34
N GLU F 34 24.55 14.90 -75.34
CA GLU F 34 23.68 15.83 -76.07
C GLU F 34 22.54 15.06 -76.72
N THR F 35 22.82 13.87 -77.23
CA THR F 35 21.79 13.08 -77.88
C THR F 35 20.78 12.53 -76.86
N GLN F 36 21.26 12.26 -75.64
CA GLN F 36 20.37 11.78 -74.59
C GLN F 36 19.34 12.86 -74.29
N ALA F 37 19.82 14.10 -74.22
CA ALA F 37 18.97 15.26 -73.94
C ALA F 37 17.92 15.50 -75.02
N LYS F 38 18.36 15.59 -76.26
CA LYS F 38 17.45 15.84 -77.38
C LYS F 38 16.42 14.74 -77.61
N GLU F 39 16.87 13.48 -77.58
CA GLU F 39 15.98 12.35 -77.83
C GLU F 39 15.30 11.82 -76.57
N ASN F 40 15.65 12.40 -75.43
CA ASN F 40 15.13 11.97 -74.14
C ASN F 40 15.50 10.50 -73.95
N ALA F 41 16.76 10.21 -74.20
CA ALA F 41 17.31 8.87 -74.03
C ALA F 41 18.16 8.99 -72.77
N TYR F 42 18.68 7.88 -72.27
CA TYR F 42 19.47 7.94 -71.04
C TYR F 42 20.50 6.82 -70.90
N ASP F 43 21.64 7.14 -70.30
CA ASP F 43 22.71 6.17 -70.05
C ASP F 43 23.51 6.65 -68.85
N LEU F 44 23.09 6.25 -67.65
CA LEU F 44 23.76 6.63 -66.42
C LEU F 44 25.25 6.28 -66.38
N GLU F 45 25.58 5.03 -66.71
CA GLU F 45 26.97 4.60 -66.69
C GLU F 45 27.88 5.52 -67.50
N ALA F 46 27.45 5.88 -68.71
CA ALA F 46 28.22 6.76 -69.57
C ALA F 46 28.37 8.15 -68.94
N ASN F 47 27.29 8.66 -68.36
CA ASN F 47 27.31 9.98 -67.73
C ASN F 47 28.22 10.05 -66.50
N LEU F 48 28.26 8.97 -65.74
CA LEU F 48 29.13 8.92 -64.56
C LEU F 48 30.57 8.83 -65.03
N ALA F 49 30.80 8.14 -66.14
CA ALA F 49 32.14 8.00 -66.70
C ALA F 49 32.64 9.37 -67.16
N VAL F 50 31.72 10.19 -67.66
CA VAL F 50 32.06 11.53 -68.11
C VAL F 50 32.46 12.38 -66.90
N LEU F 51 31.64 12.34 -65.85
CA LEU F 51 31.95 13.10 -64.64
C LEU F 51 33.28 12.67 -64.07
N LYS F 52 33.55 11.36 -64.11
CA LYS F 52 34.81 10.84 -63.60
C LYS F 52 35.97 11.40 -64.41
N LEU F 53 35.81 11.42 -65.74
CA LEU F 53 36.87 11.96 -66.60
C LEU F 53 37.13 13.44 -66.25
N TYR F 54 36.08 14.19 -65.94
CA TYR F 54 36.25 15.60 -65.58
C TYR F 54 36.99 15.76 -64.25
N GLN F 55 36.63 14.94 -63.27
CA GLN F 55 37.26 15.01 -61.96
C GLN F 55 38.75 14.66 -62.07
N PHE F 56 39.07 13.66 -62.88
CA PHE F 56 40.46 13.23 -63.06
C PHE F 56 41.27 14.12 -64.02
N ASN F 57 40.59 14.80 -64.93
CA ASN F 57 41.25 15.69 -65.90
C ASN F 57 40.51 17.02 -65.87
N PRO F 58 40.69 17.79 -64.77
CA PRO F 58 40.05 19.09 -64.54
C PRO F 58 39.96 20.08 -65.70
N ALA F 59 40.99 20.13 -66.53
CA ALA F 59 40.99 21.05 -67.66
C ALA F 59 39.87 20.75 -68.68
N PHE F 60 39.33 19.54 -68.64
CA PHE F 60 38.27 19.16 -69.57
C PHE F 60 36.87 19.45 -69.03
N PHE F 61 36.77 19.79 -67.75
CA PHE F 61 35.47 20.06 -67.14
C PHE F 61 34.61 20.89 -68.09
N GLN F 62 33.43 20.37 -68.40
CA GLN F 62 32.52 21.07 -69.31
C GLN F 62 31.26 21.42 -68.53
N THR F 63 30.99 22.71 -68.40
CA THR F 63 29.84 23.18 -67.62
C THR F 63 28.49 22.70 -68.14
N THR F 64 28.27 22.87 -69.44
CA THR F 64 27.00 22.47 -70.04
C THR F 64 26.74 20.96 -69.92
N VAL F 65 27.73 20.15 -70.29
CA VAL F 65 27.57 18.71 -70.21
C VAL F 65 27.33 18.27 -68.77
N THR F 66 28.06 18.87 -67.83
CA THR F 66 27.89 18.52 -66.41
C THR F 66 26.47 18.87 -65.95
N ALA F 67 26.00 20.04 -66.33
CA ALA F 67 24.66 20.49 -65.98
C ALA F 67 23.58 19.58 -66.57
N GLN F 68 23.78 19.14 -67.81
CA GLN F 68 22.81 18.26 -68.46
C GLN F 68 22.80 16.89 -67.79
N ILE F 69 23.98 16.42 -67.39
CA ILE F 69 24.09 15.12 -66.73
C ILE F 69 23.31 15.17 -65.42
N LEU F 70 23.51 16.24 -64.66
CA LEU F 70 22.80 16.41 -63.38
C LEU F 70 21.30 16.54 -63.57
N LEU F 71 20.89 17.33 -64.56
CA LEU F 71 19.47 17.50 -64.81
C LEU F 71 18.81 16.19 -65.24
N LYS F 72 19.49 15.44 -66.11
CA LYS F 72 18.95 14.16 -66.55
C LYS F 72 18.90 13.20 -65.38
N ALA F 73 19.88 13.28 -64.48
CA ALA F 73 19.89 12.41 -63.30
C ALA F 73 18.63 12.69 -62.48
N LEU F 74 18.27 13.95 -62.35
CA LEU F 74 17.09 14.34 -61.60
C LEU F 74 15.84 13.75 -62.24
N THR F 75 15.81 13.70 -63.57
CA THR F 75 14.64 13.15 -64.26
C THR F 75 14.50 11.67 -63.93
N ASN F 76 15.54 11.08 -63.37
CA ASN F 76 15.49 9.65 -63.02
C ASN F 76 15.17 9.36 -61.55
N LEU F 77 14.79 10.40 -60.80
CA LEU F 77 14.39 10.18 -59.40
C LEU F 77 13.12 9.33 -59.55
N PRO F 78 12.76 8.54 -58.52
CA PRO F 78 13.38 8.32 -57.20
C PRO F 78 14.68 7.52 -57.16
N HIS F 79 15.27 7.20 -58.31
CA HIS F 79 16.51 6.44 -58.30
C HIS F 79 17.68 7.26 -57.76
N THR F 80 18.74 6.57 -57.37
CA THR F 80 19.93 7.23 -56.80
C THR F 80 20.83 7.98 -57.78
N ASP F 81 20.43 8.07 -59.04
CA ASP F 81 21.27 8.75 -60.04
C ASP F 81 21.82 10.11 -59.60
N PHE F 82 20.93 11.00 -59.18
CA PHE F 82 21.33 12.34 -58.76
C PHE F 82 22.39 12.33 -57.66
N THR F 83 22.22 11.46 -56.67
CA THR F 83 23.17 11.36 -55.57
C THR F 83 24.52 10.83 -56.05
N LEU F 84 24.51 9.86 -56.94
CA LEU F 84 25.75 9.29 -57.45
C LEU F 84 26.56 10.34 -58.20
N CYS F 85 25.87 11.15 -59.00
CA CYS F 85 26.55 12.21 -59.76
C CYS F 85 27.23 13.19 -58.79
N LYS F 86 26.53 13.53 -57.72
CA LYS F 86 27.09 14.45 -56.73
C LYS F 86 28.37 13.88 -56.11
N CYS F 87 28.42 12.55 -55.98
CA CYS F 87 29.60 11.88 -55.46
C CYS F 87 30.78 12.02 -56.42
N MET F 88 30.47 12.33 -57.68
CA MET F 88 31.49 12.45 -58.73
C MET F 88 31.92 13.89 -59.04
N ILE F 89 31.45 14.85 -58.26
CA ILE F 89 31.81 16.26 -58.48
C ILE F 89 32.35 16.82 -57.15
N ASP F 90 33.57 17.35 -57.17
CA ASP F 90 34.13 17.89 -55.94
C ASP F 90 33.45 19.20 -55.54
N GLN F 91 33.69 19.60 -54.30
CA GLN F 91 33.09 20.82 -53.75
C GLN F 91 33.30 22.08 -54.59
N ALA F 92 34.53 22.30 -55.04
CA ALA F 92 34.83 23.49 -55.84
C ALA F 92 33.93 23.61 -57.06
N HIS F 93 33.74 22.52 -57.78
CA HIS F 93 32.91 22.54 -58.97
C HIS F 93 31.40 22.61 -58.65
N GLN F 94 30.98 22.00 -57.55
CA GLN F 94 29.57 22.05 -57.17
C GLN F 94 29.17 23.48 -56.82
N GLU F 95 30.15 24.26 -56.35
CA GLU F 95 29.93 25.65 -55.96
C GLU F 95 29.93 26.64 -57.10
N GLU F 96 30.25 26.17 -58.31
CA GLU F 96 30.28 27.08 -59.46
C GLU F 96 28.94 27.19 -60.17
N ARG F 97 28.71 28.34 -60.76
CA ARG F 97 27.48 28.58 -61.53
C ARG F 97 27.67 27.81 -62.83
N PRO F 98 26.61 27.14 -63.30
CA PRO F 98 25.27 27.06 -62.71
C PRO F 98 25.08 25.73 -61.97
N ILE F 99 26.18 25.03 -61.70
CA ILE F 99 26.09 23.76 -61.01
C ILE F 99 25.49 23.95 -59.61
N ARG F 100 25.87 25.04 -58.96
CA ARG F 100 25.35 25.36 -57.63
C ARG F 100 23.83 25.50 -57.69
N GLN F 101 23.35 26.26 -58.69
CA GLN F 101 21.93 26.49 -58.87
C GLN F 101 21.17 25.19 -59.17
N ILE F 102 21.76 24.35 -60.01
CA ILE F 102 21.12 23.08 -60.36
C ILE F 102 21.02 22.16 -59.16
N LEU F 103 22.06 22.12 -58.35
CA LEU F 103 22.05 21.28 -57.15
C LEU F 103 20.99 21.80 -56.17
N TYR F 104 20.83 23.12 -56.13
CA TYR F 104 19.82 23.73 -55.26
C TYR F 104 18.43 23.28 -55.71
N LEU F 105 18.18 23.30 -57.02
CA LEU F 105 16.90 22.85 -57.58
C LEU F 105 16.67 21.38 -57.25
N GLY F 106 17.72 20.58 -57.42
CA GLY F 106 17.63 19.16 -57.13
C GLY F 106 17.27 18.94 -55.67
N ASP F 107 17.85 19.77 -54.81
CA ASP F 107 17.61 19.71 -53.37
C ASP F 107 16.12 19.91 -53.06
N LEU F 108 15.49 20.84 -53.77
CA LEU F 108 14.08 21.11 -53.58
C LEU F 108 13.28 19.86 -53.97
N LEU F 109 13.69 19.19 -55.04
CA LEU F 109 13.01 17.98 -55.49
C LEU F 109 13.21 16.82 -54.52
N GLU F 110 14.45 16.63 -54.08
CA GLU F 110 14.78 15.55 -53.14
C GLU F 110 14.01 15.70 -51.84
N THR F 111 13.89 16.93 -51.36
CA THR F 111 13.17 17.21 -50.12
C THR F 111 11.69 17.35 -50.40
N CYS F 112 11.31 17.04 -51.64
CA CYS F 112 9.92 17.08 -52.06
C CYS F 112 9.16 18.39 -51.88
N HIS F 113 9.85 19.53 -51.98
CA HIS F 113 9.18 20.83 -51.89
C HIS F 113 8.87 21.19 -53.35
N PHE F 114 7.80 20.60 -53.86
CA PHE F 114 7.39 20.77 -55.26
C PHE F 114 6.97 22.18 -55.64
N GLN F 115 6.18 22.83 -54.80
CA GLN F 115 5.75 24.19 -55.09
C GLN F 115 6.99 25.08 -55.19
N ALA F 116 7.88 24.95 -54.21
CA ALA F 116 9.09 25.75 -54.18
C ALA F 116 9.95 25.44 -55.40
N PHE F 117 9.94 24.20 -55.85
CA PHE F 117 10.72 23.80 -57.01
C PHE F 117 10.27 24.57 -58.25
N TRP F 118 8.98 24.45 -58.56
CA TRP F 118 8.43 25.12 -59.73
C TRP F 118 8.62 26.63 -59.64
N GLN F 119 8.50 27.20 -58.45
CA GLN F 119 8.67 28.64 -58.29
C GLN F 119 10.11 29.04 -58.59
N ALA F 120 11.06 28.31 -58.02
CA ALA F 120 12.47 28.59 -58.21
C ALA F 120 12.96 28.25 -59.61
N LEU F 121 12.21 27.39 -60.30
CA LEU F 121 12.58 26.99 -61.65
C LEU F 121 12.37 28.09 -62.69
N ASP F 122 13.48 28.63 -63.19
CA ASP F 122 13.43 29.65 -64.23
C ASP F 122 12.98 28.91 -65.48
N GLU F 123 11.66 28.82 -65.65
CA GLU F 123 11.05 28.14 -66.79
C GLU F 123 11.75 28.36 -68.13
N ASN F 124 12.19 29.58 -68.38
CA ASN F 124 12.85 29.94 -69.63
C ASN F 124 14.36 29.73 -69.59
N MET F 125 14.81 28.92 -68.64
CA MET F 125 16.24 28.61 -68.48
C MET F 125 16.81 27.93 -69.72
N ASP F 126 17.92 28.46 -70.22
CA ASP F 126 18.60 27.94 -71.41
C ASP F 126 18.85 26.43 -71.42
N LEU F 127 19.50 25.94 -70.38
CA LEU F 127 19.83 24.52 -70.29
C LEU F 127 18.65 23.57 -70.38
N LEU F 128 17.46 24.05 -69.99
CA LEU F 128 16.27 23.22 -70.02
C LEU F 128 15.68 23.02 -71.41
N GLU F 129 15.84 24.01 -72.27
CA GLU F 129 15.31 23.96 -73.63
C GLU F 129 15.68 22.71 -74.42
N GLY F 130 16.94 22.30 -74.32
CA GLY F 130 17.38 21.12 -75.07
C GLY F 130 17.07 19.79 -74.40
N ILE F 131 16.73 19.82 -73.12
CA ILE F 131 16.44 18.59 -72.39
C ILE F 131 14.99 18.17 -72.56
N THR F 132 14.73 17.45 -73.65
CA THR F 132 13.39 16.98 -73.99
C THR F 132 12.70 16.21 -72.87
N GLY F 133 11.45 16.60 -72.61
CA GLY F 133 10.65 15.95 -71.58
C GLY F 133 11.05 16.20 -70.14
N PHE F 134 11.98 17.12 -69.91
CA PHE F 134 12.44 17.39 -68.55
C PHE F 134 11.30 17.65 -67.56
N GLU F 135 10.43 18.58 -67.92
CA GLU F 135 9.32 18.94 -67.05
C GLU F 135 8.36 17.78 -66.76
N ASP F 136 8.04 16.98 -67.78
CA ASP F 136 7.14 15.85 -67.57
C ASP F 136 7.81 14.75 -66.75
N SER F 137 9.12 14.59 -66.90
CA SER F 137 9.84 13.57 -66.14
C SER F 137 9.76 13.93 -64.67
N VAL F 138 9.92 15.22 -64.36
CA VAL F 138 9.84 15.68 -62.98
C VAL F 138 8.45 15.35 -62.44
N ARG F 139 7.43 15.55 -63.27
CA ARG F 139 6.05 15.27 -62.86
C ARG F 139 5.85 13.80 -62.53
N LYS F 140 6.53 12.92 -63.25
CA LYS F 140 6.39 11.50 -62.98
C LYS F 140 6.91 11.20 -61.57
N PHE F 141 8.01 11.85 -61.20
CA PHE F 141 8.56 11.64 -59.86
C PHE F 141 7.56 12.16 -58.84
N ILE F 142 7.00 13.33 -59.09
CA ILE F 142 6.03 13.92 -58.18
C ILE F 142 4.81 13.01 -58.01
N CYS F 143 4.34 12.41 -59.09
CA CYS F 143 3.19 11.52 -59.00
C CYS F 143 3.59 10.25 -58.26
N HIS F 144 4.86 9.88 -58.34
CA HIS F 144 5.36 8.70 -57.64
C HIS F 144 5.25 8.98 -56.14
N VAL F 145 5.67 10.19 -55.74
CA VAL F 145 5.62 10.59 -54.35
C VAL F 145 4.17 10.74 -53.88
N VAL F 146 3.34 11.35 -54.72
CA VAL F 146 1.93 11.54 -54.38
C VAL F 146 1.23 10.19 -54.16
N GLY F 147 1.51 9.24 -55.04
CA GLY F 147 0.88 7.92 -54.91
C GLY F 147 1.24 7.21 -53.63
N ILE F 148 2.35 7.64 -53.01
CA ILE F 148 2.85 7.06 -51.77
C ILE F 148 2.43 7.82 -50.51
N THR F 149 2.29 9.13 -50.63
CA THR F 149 1.99 9.97 -49.49
C THR F 149 0.58 10.51 -49.30
N TYR F 150 -0.31 10.27 -50.27
CA TYR F 150 -1.68 10.74 -50.14
C TYR F 150 -2.70 9.63 -50.32
N GLN F 151 -3.83 9.79 -49.65
CA GLN F 151 -4.93 8.84 -49.76
C GLN F 151 -5.90 9.56 -50.70
N HIS F 152 -6.13 10.83 -50.39
CA HIS F 152 -7.00 11.72 -51.15
C HIS F 152 -6.25 13.04 -51.27
N ILE F 153 -6.50 13.79 -52.34
CA ILE F 153 -5.82 15.07 -52.52
C ILE F 153 -6.66 16.07 -53.32
N ASP F 154 -6.67 17.32 -52.87
CA ASP F 154 -7.43 18.38 -53.55
C ASP F 154 -6.97 18.48 -55.00
N ARG F 155 -7.95 18.63 -55.90
CA ARG F 155 -7.69 18.74 -57.33
C ARG F 155 -6.80 19.95 -57.62
N TRP F 156 -7.09 21.06 -56.96
CA TRP F 156 -6.32 22.29 -57.15
C TRP F 156 -4.88 22.12 -56.67
N LEU F 157 -4.73 21.43 -55.54
CA LEU F 157 -3.40 21.20 -54.97
C LEU F 157 -2.52 20.34 -55.87
N LEU F 158 -3.07 19.28 -56.43
CA LEU F 158 -2.30 18.41 -57.30
C LEU F 158 -1.79 19.18 -58.53
N ALA F 159 -2.65 20.02 -59.12
CA ALA F 159 -2.27 20.81 -60.29
C ALA F 159 -1.13 21.78 -59.95
N GLU F 160 -1.17 22.32 -58.73
CA GLU F 160 -0.14 23.25 -58.28
C GLU F 160 1.19 22.50 -58.17
N MET F 161 1.16 21.36 -57.48
CA MET F 161 2.33 20.53 -57.29
C MET F 161 2.93 20.03 -58.60
N LEU F 162 2.11 19.91 -59.63
CA LEU F 162 2.59 19.43 -60.92
C LEU F 162 3.06 20.59 -61.81
N GLY F 163 3.10 21.80 -61.24
CA GLY F 163 3.57 22.94 -62.00
C GLY F 163 2.49 23.87 -62.50
N ASP F 164 1.44 24.07 -61.71
CA ASP F 164 0.35 24.96 -62.08
C ASP F 164 -0.25 24.58 -63.44
N LEU F 165 -0.85 23.40 -63.51
CA LEU F 165 -1.44 22.90 -64.75
C LEU F 165 -2.88 23.36 -64.92
N SER F 166 -3.34 23.39 -66.18
CA SER F 166 -4.72 23.75 -66.45
C SER F 166 -5.48 22.50 -66.06
N ASP F 167 -6.81 22.58 -65.99
CA ASP F 167 -7.56 21.39 -65.63
C ASP F 167 -7.36 20.31 -66.68
N SER F 168 -7.23 20.73 -67.92
CA SER F 168 -7.03 19.79 -69.02
C SER F 168 -5.71 19.05 -68.90
N GLN F 169 -4.64 19.75 -68.52
CA GLN F 169 -3.34 19.13 -68.39
C GLN F 169 -3.33 18.19 -67.19
N LEU F 170 -3.97 18.61 -66.10
CA LEU F 170 -4.06 17.81 -64.89
C LEU F 170 -4.70 16.46 -65.23
N LYS F 171 -5.75 16.51 -66.04
CA LYS F 171 -6.49 15.32 -66.47
C LYS F 171 -5.56 14.31 -67.11
N VAL F 172 -4.56 14.79 -67.83
CA VAL F 172 -3.61 13.91 -68.49
C VAL F 172 -2.87 13.06 -67.45
N TRP F 173 -2.42 13.69 -66.37
CA TRP F 173 -1.68 12.97 -65.34
C TRP F 173 -2.57 12.07 -64.48
N MET F 174 -3.80 12.49 -64.23
CA MET F 174 -4.71 11.66 -63.44
C MET F 174 -4.98 10.40 -64.24
N SER F 175 -5.17 10.57 -65.55
CA SER F 175 -5.43 9.47 -66.46
C SER F 175 -4.25 8.51 -66.51
N LYS F 176 -3.05 9.07 -66.51
CA LYS F 176 -1.84 8.25 -66.58
C LYS F 176 -1.66 7.30 -65.39
N TYR F 177 -2.06 7.72 -64.19
CA TYR F 177 -1.91 6.86 -63.02
C TYR F 177 -3.22 6.27 -62.49
N GLY F 178 -4.28 6.42 -63.27
CA GLY F 178 -5.57 5.87 -62.89
C GLY F 178 -6.24 6.54 -61.70
N TRP F 179 -6.02 7.84 -61.51
CA TRP F 179 -6.65 8.55 -60.39
C TRP F 179 -7.97 9.16 -60.88
N SER F 180 -8.99 9.14 -60.03
CA SER F 180 -10.28 9.70 -60.39
C SER F 180 -10.88 10.54 -59.28
N ALA F 181 -11.62 11.57 -59.66
CA ALA F 181 -12.26 12.47 -58.69
C ALA F 181 -13.45 11.79 -58.04
N ASP F 182 -13.61 11.99 -56.74
CA ASP F 182 -14.73 11.40 -56.01
C ASP F 182 -15.67 12.50 -55.55
N GLU F 183 -15.33 13.15 -54.43
CA GLU F 183 -16.16 14.22 -53.90
C GLU F 183 -15.45 15.57 -54.00
N GLN F 186 -13.79 16.16 -56.04
CA GLN F 186 -12.40 15.79 -55.76
C GLN F 186 -11.93 14.67 -56.69
N ILE F 187 -10.62 14.53 -56.79
CA ILE F 187 -10.01 13.50 -57.63
C ILE F 187 -9.77 12.23 -56.83
N PHE F 188 -10.32 11.12 -57.32
CA PHE F 188 -10.14 9.85 -56.63
C PHE F 188 -8.73 9.36 -56.88
N ILE F 189 -7.99 9.10 -55.80
CA ILE F 189 -6.62 8.64 -55.90
C ILE F 189 -6.52 7.20 -55.40
N CYS F 190 -6.92 6.99 -54.16
CA CYS F 190 -6.82 5.68 -53.55
C CYS F 190 -7.95 5.41 -52.56
N UNK F 192 -2.37 -21.18 -34.14
CA UNK F 192 -3.01 -21.25 -32.85
C UNK F 192 -2.35 -22.34 -32.00
N UNK F 193 -2.39 -23.57 -32.51
CA UNK F 193 -1.81 -24.70 -31.80
C UNK F 193 -0.32 -24.46 -31.57
N UNK F 194 0.38 -24.02 -32.61
CA UNK F 194 1.80 -23.75 -32.51
C UNK F 194 2.08 -22.72 -31.42
N UNK F 195 1.29 -21.63 -31.43
CA UNK F 195 1.44 -20.58 -30.44
C UNK F 195 1.34 -21.16 -29.04
N UNK F 196 0.33 -22.00 -28.82
CA UNK F 196 0.12 -22.63 -27.52
C UNK F 196 1.36 -23.41 -27.11
N UNK F 197 1.90 -24.22 -28.04
CA UNK F 197 3.07 -25.01 -27.77
C UNK F 197 4.23 -24.11 -27.37
N UNK F 198 4.40 -23.00 -28.09
CA UNK F 198 5.46 -22.05 -27.81
C UNK F 198 5.37 -21.57 -26.37
N UNK F 199 4.16 -21.20 -25.94
CA UNK F 199 3.95 -20.71 -24.59
C UNK F 199 4.35 -21.77 -23.59
N UNK F 200 3.95 -23.02 -23.85
CA UNK F 200 4.27 -24.13 -22.95
C UNK F 200 5.78 -24.20 -22.75
N UNK F 201 6.54 -24.13 -23.84
CA UNK F 201 7.99 -24.20 -23.78
C UNK F 201 8.53 -23.03 -22.97
N UNK F 202 8.09 -21.82 -23.32
CA UNK F 202 8.53 -20.61 -22.63
C UNK F 202 8.29 -20.75 -21.14
N UNK F 203 7.08 -21.22 -20.76
CA UNK F 203 6.73 -21.39 -19.37
C UNK F 203 7.70 -22.35 -18.71
N UNK F 204 7.91 -23.51 -19.32
CA UNK F 204 8.82 -24.51 -18.78
C UNK F 204 10.18 -23.90 -18.53
N UNK F 205 10.72 -23.18 -19.51
CA UNK F 205 12.01 -22.54 -19.39
C UNK F 205 12.04 -21.63 -18.17
N UNK F 206 10.99 -20.81 -18.02
CA UNK F 206 10.90 -19.90 -16.91
C UNK F 206 10.94 -20.66 -15.59
N UNK F 207 10.11 -21.70 -15.48
CA UNK F 207 10.05 -22.51 -14.28
C UNK F 207 11.44 -23.03 -13.94
N UNK F 208 12.12 -23.62 -14.92
CA UNK F 208 13.45 -24.16 -14.72
C UNK F 208 14.37 -23.08 -14.15
N LYS G 267 49.39 -13.41 -49.80
CA LYS G 267 48.51 -12.45 -50.46
C LYS G 267 48.10 -11.33 -49.50
N MET G 268 48.48 -11.47 -48.23
CA MET G 268 48.15 -10.48 -47.21
C MET G 268 48.80 -9.13 -47.54
N LEU G 269 50.04 -9.18 -48.01
CA LEU G 269 50.77 -7.97 -48.38
C LEU G 269 50.06 -7.28 -49.54
N GLY G 270 49.59 -8.08 -50.50
CA GLY G 270 48.86 -7.56 -51.64
C GLY G 270 47.57 -6.89 -51.20
N TYR G 271 46.89 -7.52 -50.24
CA TYR G 271 45.66 -6.98 -49.70
C TYR G 271 45.94 -5.63 -49.03
N PHE G 272 47.05 -5.57 -48.30
CA PHE G 272 47.44 -4.33 -47.63
C PHE G 272 47.71 -3.23 -48.66
N SER G 273 48.35 -3.61 -49.76
CA SER G 273 48.64 -2.67 -50.83
C SER G 273 47.34 -2.15 -51.43
N LEU G 274 46.38 -3.04 -51.60
CA LEU G 274 45.08 -2.67 -52.14
C LEU G 274 44.39 -1.69 -51.19
N VAL G 275 44.42 -2.00 -49.90
CA VAL G 275 43.77 -1.15 -48.91
C VAL G 275 44.40 0.23 -48.85
N GLY G 276 45.73 0.27 -48.87
CA GLY G 276 46.45 1.53 -48.87
C GLY G 276 46.18 2.33 -50.12
N LEU G 277 46.19 1.64 -51.27
CA LEU G 277 45.94 2.29 -52.54
C LEU G 277 44.52 2.84 -52.58
N LEU G 278 43.58 2.07 -52.07
CA LEU G 278 42.19 2.49 -52.03
C LEU G 278 42.05 3.71 -51.15
N ARG G 279 42.74 3.71 -50.02
CA ARG G 279 42.69 4.85 -49.10
C ARG G 279 43.24 6.09 -49.78
N LEU G 280 44.33 5.92 -50.52
CA LEU G 280 44.94 7.03 -51.22
C LEU G 280 43.98 7.59 -52.26
N HIS G 281 43.30 6.69 -52.96
CA HIS G 281 42.35 7.10 -53.99
C HIS G 281 41.22 7.90 -53.35
N SER G 282 40.76 7.42 -52.19
CA SER G 282 39.68 8.08 -51.48
C SER G 282 40.11 9.48 -51.06
N LEU G 283 41.35 9.61 -50.60
CA LEU G 283 41.85 10.91 -50.20
C LEU G 283 41.93 11.83 -51.40
N LEU G 284 42.44 11.30 -52.51
CA LEU G 284 42.46 11.99 -53.80
C LEU G 284 41.58 11.31 -54.85
N GLY G 285 40.72 10.38 -54.41
CA GLY G 285 40.01 9.52 -55.35
C GLY G 285 38.50 9.43 -55.25
N ASP G 286 37.87 9.07 -56.37
CA ASP G 286 36.41 8.96 -56.48
C ASP G 286 35.83 7.83 -55.63
N TYR G 287 34.62 8.06 -55.14
CA TYR G 287 33.95 7.13 -54.22
C TYR G 287 33.64 5.73 -54.77
N TYR G 288 33.17 5.64 -56.01
CA TYR G 288 32.77 4.34 -56.54
C TYR G 288 33.93 3.37 -56.82
N GLN G 289 35.02 3.87 -57.38
CA GLN G 289 36.18 3.03 -57.66
C GLN G 289 36.76 2.47 -56.36
N ALA G 290 36.82 3.32 -55.35
CA ALA G 290 37.32 2.91 -54.04
C ALA G 290 36.41 1.84 -53.46
N ILE G 291 35.11 2.00 -53.65
CA ILE G 291 34.15 1.02 -53.16
C ILE G 291 34.36 -0.33 -53.85
N LYS G 292 34.61 -0.31 -55.15
CA LYS G 292 34.89 -1.54 -55.89
C LYS G 292 36.16 -2.23 -55.39
N VAL G 293 37.17 -1.42 -55.11
CA VAL G 293 38.42 -1.95 -54.58
C VAL G 293 38.17 -2.62 -53.24
N LEU G 294 37.34 -1.97 -52.42
CA LEU G 294 37.01 -2.51 -51.11
C LEU G 294 36.29 -3.83 -51.26
N GLU G 295 35.41 -3.91 -52.25
CA GLU G 295 34.68 -5.14 -52.53
C GLU G 295 35.61 -6.28 -52.91
N ASN G 296 36.61 -6.01 -53.75
CA ASN G 296 37.61 -7.04 -54.04
C ASN G 296 38.38 -7.40 -52.77
N ILE G 297 38.65 -6.36 -51.98
CA ILE G 297 39.75 -6.30 -51.03
C ILE G 297 39.75 -7.34 -49.90
N GLU G 298 38.59 -7.66 -49.35
CA GLU G 298 38.56 -8.50 -48.16
C GLU G 298 39.20 -9.86 -48.42
N LEU G 299 40.04 -10.28 -47.47
CA LEU G 299 40.77 -11.54 -47.56
C LEU G 299 40.80 -12.22 -46.20
N ASN G 300 40.99 -13.54 -46.18
CA ASN G 300 40.97 -14.27 -44.92
C ASN G 300 41.58 -13.50 -43.75
N LYS G 301 40.93 -13.60 -42.60
CA LYS G 301 41.37 -12.91 -41.38
C LYS G 301 42.73 -13.39 -40.88
N LYS G 302 42.92 -14.71 -40.97
CA LYS G 302 43.98 -15.44 -40.30
C LYS G 302 45.38 -15.04 -40.72
N SER G 303 45.59 -14.81 -42.00
CA SER G 303 46.92 -14.42 -42.44
C SER G 303 47.25 -13.10 -41.78
N MET G 304 46.29 -12.18 -41.76
CA MET G 304 46.48 -10.87 -41.16
C MET G 304 46.75 -10.99 -39.67
N TYR G 305 46.02 -11.88 -39.01
CA TYR G 305 46.21 -12.10 -37.58
C TYR G 305 47.60 -12.63 -37.27
N SER G 306 48.06 -13.60 -38.07
CA SER G 306 49.40 -14.13 -37.85
C SER G 306 50.51 -13.10 -38.09
N ARG G 307 50.39 -12.35 -39.19
CA ARG G 307 51.43 -11.37 -39.54
C ARG G 307 51.57 -10.19 -38.56
N VAL G 308 50.44 -9.59 -38.19
CA VAL G 308 50.44 -8.51 -37.22
C VAL G 308 49.05 -8.25 -36.64
N PRO G 309 49.00 -7.67 -35.44
CA PRO G 309 47.74 -7.20 -34.86
C PRO G 309 47.13 -6.02 -35.62
N GLU G 310 47.96 -5.07 -36.01
CA GLU G 310 47.51 -3.80 -36.60
C GLU G 310 46.77 -3.90 -37.93
N CYS G 311 47.27 -4.75 -38.82
CA CYS G 311 46.71 -4.89 -40.16
C CYS G 311 45.20 -5.13 -40.13
N GLN G 312 44.77 -5.99 -39.22
CA GLN G 312 43.34 -6.29 -39.08
C GLN G 312 42.57 -5.03 -38.70
N VAL G 313 43.15 -4.25 -37.80
CA VAL G 313 42.52 -3.01 -37.35
C VAL G 313 42.40 -2.05 -38.53
N THR G 314 43.44 -1.98 -39.34
CA THR G 314 43.44 -1.11 -40.51
C THR G 314 42.34 -1.53 -41.48
N THR G 315 42.20 -2.84 -41.66
CA THR G 315 41.16 -3.37 -42.55
C THR G 315 39.78 -3.00 -42.03
N TYR G 316 39.62 -3.10 -40.71
CA TYR G 316 38.34 -2.77 -40.08
C TYR G 316 38.03 -1.30 -40.30
N TYR G 317 39.06 -0.46 -40.18
CA TYR G 317 38.89 0.97 -40.38
C TYR G 317 38.47 1.26 -41.81
N TYR G 318 39.08 0.56 -42.76
CA TYR G 318 38.73 0.72 -44.17
C TYR G 318 37.27 0.33 -44.40
N VAL G 319 36.86 -0.77 -43.77
CA VAL G 319 35.49 -1.23 -43.91
C VAL G 319 34.53 -0.19 -43.36
N GLY G 320 34.90 0.41 -42.23
CA GLY G 320 34.09 1.43 -41.61
C GLY G 320 33.96 2.63 -42.52
N PHE G 321 35.06 3.01 -43.16
CA PHE G 321 35.06 4.13 -44.08
C PHE G 321 34.12 3.86 -45.26
N ALA G 322 34.17 2.63 -45.76
CA ALA G 322 33.30 2.24 -46.87
C ALA G 322 31.84 2.34 -46.45
N TYR G 323 31.56 1.89 -45.23
CA TYR G 323 30.20 1.93 -44.70
C TYR G 323 29.74 3.38 -44.60
N LEU G 324 30.64 4.25 -44.15
CA LEU G 324 30.33 5.66 -44.02
C LEU G 324 30.01 6.27 -45.38
N MET G 325 30.80 5.89 -46.39
CA MET G 325 30.52 6.30 -47.76
C MET G 325 29.18 5.72 -48.18
N MET G 326 28.96 4.46 -47.80
CA MET G 326 27.70 3.78 -48.04
C MET G 326 26.61 4.37 -47.15
N ARG G 327 25.37 4.37 -47.65
CA ARG G 327 24.27 4.95 -46.89
C ARG G 327 24.05 4.20 -45.58
N ARG G 328 24.15 2.87 -45.62
CA ARG G 328 24.00 2.06 -44.42
C ARG G 328 25.20 2.22 -43.49
N TYR G 329 24.93 2.39 -42.20
CA TYR G 329 25.98 2.48 -41.18
C TYR G 329 26.19 1.16 -40.47
N GLN G 330 25.47 0.13 -40.89
CA GLN G 330 25.46 -1.14 -40.19
C GLN G 330 26.78 -1.89 -40.40
N ASP G 331 27.25 -1.96 -41.66
CA ASP G 331 28.42 -2.78 -42.01
C ASP G 331 29.74 -2.35 -41.33
N ALA G 332 29.92 -1.03 -41.33
CA ALA G 332 30.93 -0.23 -40.68
C ALA G 332 30.88 -0.26 -39.24
N ILE G 333 29.64 -0.33 -38.64
CA ILE G 333 29.47 -0.49 -37.28
C ILE G 333 30.13 -1.85 -36.83
N ARG G 334 29.88 -2.96 -37.52
CA ARG G 334 30.50 -4.26 -37.19
C ARG G 334 32.04 -4.29 -37.31
N VAL G 335 32.58 -3.75 -38.41
CA VAL G 335 34.00 -3.76 -38.74
C VAL G 335 34.81 -2.92 -37.75
N PHE G 336 34.26 -1.71 -37.41
CA PHE G 336 34.83 -0.84 -36.41
C PHE G 336 34.87 -1.49 -35.00
N ALA G 337 33.74 -2.16 -34.61
CA ALA G 337 33.70 -2.75 -33.27
C ALA G 337 34.80 -3.85 -33.21
N ASN G 338 34.91 -4.65 -34.27
CA ASN G 338 35.91 -5.71 -34.29
C ASN G 338 37.32 -5.15 -34.19
N ILE G 339 37.57 -4.06 -34.91
CA ILE G 339 38.84 -3.35 -34.80
C ILE G 339 38.98 -2.80 -33.39
N LEU G 340 37.88 -2.27 -32.86
CA LEU G 340 37.83 -1.74 -31.50
C LEU G 340 36.56 -2.21 -30.81
N LEU G 341 36.60 -2.31 -29.49
CA LEU G 341 35.44 -2.78 -28.72
C LEU G 341 34.27 -1.81 -28.87
N TYR G 342 33.07 -2.38 -29.01
CA TYR G 342 31.85 -1.57 -29.15
C TYR G 342 30.72 -2.16 -28.32
N ILE G 343 29.78 -1.30 -27.92
CA ILE G 343 28.64 -1.75 -27.14
C ILE G 343 27.72 -2.62 -28.01
N GLN G 344 27.44 -3.81 -27.51
CA GLN G 344 26.70 -4.84 -28.23
C GLN G 344 25.19 -4.68 -28.16
N ARG G 345 24.49 -5.33 -29.09
CA ARG G 345 23.05 -5.42 -29.01
C ARG G 345 22.76 -6.20 -27.73
N THR G 346 21.72 -5.81 -27.02
CA THR G 346 21.44 -6.31 -25.68
C THR G 346 22.33 -5.57 -24.66
N LYS G 347 23.01 -4.54 -25.16
CA LYS G 347 23.80 -3.64 -24.32
C LYS G 347 24.91 -4.30 -23.48
N SER G 348 25.62 -5.27 -24.04
CA SER G 348 26.76 -5.82 -23.32
C SER G 348 28.04 -5.23 -23.90
N MET G 349 29.00 -4.94 -23.02
CA MET G 349 30.27 -4.37 -23.45
C MET G 349 31.03 -5.30 -24.39
N PHE G 350 31.63 -4.73 -25.43
CA PHE G 350 32.48 -5.50 -26.29
C PHE G 350 33.88 -5.00 -26.00
N GLN G 351 34.74 -5.90 -25.52
CA GLN G 351 36.11 -5.50 -25.23
C GLN G 351 37.17 -6.03 -26.21
N ARG G 352 37.90 -5.11 -26.83
CA ARG G 352 38.97 -5.42 -27.79
C ARG G 352 40.31 -5.79 -27.17
N THR G 353 41.10 -6.59 -27.90
CA THR G 353 42.47 -6.95 -27.49
C THR G 353 43.46 -5.79 -27.59
N THR G 354 44.40 -5.75 -26.66
CA THR G 354 45.40 -4.69 -26.56
C THR G 354 46.73 -5.08 -27.22
N TYR G 355 46.73 -6.19 -27.95
CA TYR G 355 47.95 -6.76 -28.53
C TYR G 355 48.65 -5.82 -29.52
N LYS G 356 47.87 -5.09 -30.30
CA LYS G 356 48.42 -4.23 -31.35
C LYS G 356 49.31 -3.12 -30.77
N TYR G 357 50.33 -2.73 -31.54
CA TYR G 357 51.34 -1.78 -31.08
C TYR G 357 50.71 -0.43 -30.74
N GLU G 358 51.23 0.20 -29.69
CA GLU G 358 50.59 1.36 -29.10
C GLU G 358 50.21 2.47 -30.08
N MET G 359 51.07 2.74 -31.05
CA MET G 359 50.72 3.74 -32.06
C MET G 359 49.49 3.26 -32.83
N ILE G 360 49.49 1.96 -33.13
CA ILE G 360 48.37 1.34 -33.83
C ILE G 360 47.11 1.42 -32.99
N ASN G 361 47.25 1.23 -31.69
CA ASN G 361 46.17 1.34 -30.74
C ASN G 361 45.58 2.74 -30.69
N LYS G 362 46.46 3.75 -30.75
CA LYS G 362 46.03 5.13 -30.80
C LYS G 362 45.24 5.38 -32.08
N GLN G 363 45.73 4.79 -33.18
CA GLN G 363 45.04 4.93 -34.46
C GLN G 363 43.65 4.30 -34.34
N ASN G 364 43.59 3.16 -33.66
CA ASN G 364 42.35 2.44 -33.42
C ASN G 364 41.38 3.26 -32.58
N GLU G 365 41.90 3.97 -31.59
CA GLU G 365 41.10 4.85 -30.75
C GLU G 365 40.53 5.99 -31.59
N GLN G 366 41.35 6.52 -32.50
CA GLN G 366 40.89 7.57 -33.40
C GLN G 366 39.76 7.02 -34.28
N MET G 367 39.94 5.78 -34.72
CA MET G 367 38.94 5.12 -35.54
C MET G 367 37.63 4.95 -34.77
N HIS G 368 37.75 4.61 -33.49
CA HIS G 368 36.61 4.47 -32.60
C HIS G 368 35.87 5.79 -32.42
N ALA G 369 36.65 6.87 -32.32
CA ALA G 369 36.09 8.20 -32.21
C ALA G 369 35.31 8.53 -33.48
N LEU G 370 35.87 8.15 -34.62
CA LEU G 370 35.20 8.35 -35.90
C LEU G 370 33.90 7.54 -35.96
N LEU G 371 33.98 6.32 -35.42
CA LEU G 371 32.87 5.38 -35.43
C LEU G 371 31.69 5.91 -34.64
N ALA G 372 31.96 6.53 -33.49
CA ALA G 372 30.85 7.16 -32.77
C ALA G 372 29.81 7.77 -33.72
N ILE G 373 30.29 8.41 -34.78
CA ILE G 373 29.37 9.05 -35.73
C ILE G 373 28.48 8.00 -36.41
N ALA G 374 29.10 6.92 -36.86
CA ALA G 374 28.38 5.76 -37.36
C ALA G 374 27.59 5.09 -36.25
N LEU G 375 28.21 5.00 -35.07
CA LEU G 375 27.64 4.29 -33.93
C LEU G 375 26.34 4.87 -33.42
N THR G 376 26.26 6.21 -33.38
CA THR G 376 25.06 6.88 -32.89
C THR G 376 23.88 6.54 -33.78
N MET G 377 24.12 6.51 -35.09
CA MET G 377 23.10 6.15 -36.06
C MET G 377 22.62 4.71 -35.89
N TYR G 378 23.55 3.82 -35.54
CA TYR G 378 23.21 2.40 -35.43
C TYR G 378 22.16 2.12 -34.35
N PRO G 379 22.31 2.71 -33.17
CA PRO G 379 21.28 2.50 -32.14
C PRO G 379 21.25 3.54 -31.00
N MET G 380 21.80 3.19 -29.84
CA MET G 380 21.68 4.02 -28.65
C MET G 380 22.79 3.70 -27.63
N ARG G 381 22.96 4.56 -26.63
CA ARG G 381 22.22 5.81 -26.50
C ARG G 381 23.13 6.95 -26.06
N ILE G 382 23.61 6.84 -24.83
CA ILE G 382 24.53 7.82 -24.25
C ILE G 382 25.72 7.11 -23.62
N ASP G 383 26.59 6.57 -24.46
CA ASP G 383 27.75 5.81 -24.01
C ASP G 383 29.06 6.52 -24.35
N GLU G 384 29.92 6.67 -23.34
CA GLU G 384 31.19 7.29 -23.52
C GLU G 384 32.09 6.82 -22.48
N SER G 385 31.63 5.77 -21.77
CA SER G 385 32.33 5.09 -20.73
C SER G 385 33.76 4.65 -21.08
N ILE G 386 33.90 3.99 -22.23
CA ILE G 386 35.22 3.66 -22.76
C ILE G 386 35.96 4.96 -23.06
N HIS G 387 35.24 5.91 -23.63
CA HIS G 387 35.80 7.24 -23.92
C HIS G 387 36.02 8.03 -22.64
N LEU G 388 37.02 8.91 -22.65
CA LEU G 388 37.32 9.72 -21.48
C LEU G 388 36.16 10.64 -21.12
N GLN G 389 35.86 10.72 -19.83
CA GLN G 389 34.78 11.55 -19.31
C GLN G 389 35.00 13.04 -19.53
N LEU G 390 36.24 13.49 -19.35
CA LEU G 390 36.55 14.91 -19.30
C LEU G 390 36.24 15.70 -20.59
N ARG G 391 36.53 15.11 -21.74
CA ARG G 391 36.34 15.83 -23.00
C ARG G 391 34.86 16.14 -23.25
N GLU G 392 34.58 17.37 -23.65
CA GLU G 392 33.23 17.80 -23.98
C GLU G 392 32.95 17.71 -25.48
N LYS G 393 33.97 17.33 -26.24
CA LYS G 393 33.87 17.27 -27.70
C LYS G 393 32.83 16.26 -28.17
N TYR G 394 32.80 15.11 -27.51
CA TYR G 394 31.91 14.02 -27.90
C TYR G 394 30.71 13.94 -26.97
N GLY G 395 30.96 14.11 -25.67
CA GLY G 395 29.90 14.11 -24.68
C GLY G 395 28.94 15.25 -24.92
N ASP G 396 29.48 16.41 -25.25
CA ASP G 396 28.65 17.58 -25.53
C ASP G 396 27.76 17.31 -26.73
N LYS G 397 28.34 16.67 -27.75
CA LYS G 397 27.60 16.33 -28.95
C LYS G 397 26.46 15.36 -28.61
N MET G 398 26.74 14.41 -27.73
CA MET G 398 25.75 13.45 -27.29
C MET G 398 24.60 14.14 -26.56
N LEU G 399 24.94 15.12 -25.73
CA LEU G 399 23.92 15.85 -24.98
C LEU G 399 22.98 16.64 -25.90
N ARG G 400 23.56 17.23 -26.93
CA ARG G 400 22.84 18.06 -27.88
C ARG G 400 21.84 17.22 -28.67
N MET G 401 22.26 16.02 -29.04
CA MET G 401 21.38 15.08 -29.71
C MET G 401 20.24 14.68 -28.78
N GLN G 402 20.56 14.49 -27.51
CA GLN G 402 19.58 14.14 -26.49
C GLN G 402 18.56 15.26 -26.32
N LYS G 403 19.04 16.51 -26.37
CA LYS G 403 18.19 17.67 -26.20
C LYS G 403 17.13 17.75 -27.30
N GLY G 404 17.53 17.41 -28.52
CA GLY G 404 16.62 17.44 -29.65
C GLY G 404 16.47 18.82 -30.24
N ASP G 405 17.28 19.76 -29.78
CA ASP G 405 17.25 21.13 -30.30
C ASP G 405 18.49 21.41 -31.14
N PRO G 406 18.26 21.86 -32.37
CA PRO G 406 19.35 22.12 -33.31
C PRO G 406 20.29 23.25 -32.84
N GLN G 407 19.72 24.30 -32.27
CA GLN G 407 20.50 25.44 -31.90
C GLN G 407 21.77 25.02 -31.16
N VAL G 408 21.75 24.08 -30.19
CA VAL G 408 22.89 23.56 -29.60
C VAL G 408 23.77 22.74 -30.54
N TYR G 409 23.16 21.92 -31.42
CA TYR G 409 23.84 21.08 -32.40
C TYR G 409 24.59 21.92 -33.34
N GLU G 410 23.96 23.00 -33.77
CA GLU G 410 24.60 23.85 -34.85
C GLU G 410 25.87 24.47 -34.27
N GLU G 411 25.72 25.01 -33.04
CA GLU G 411 26.78 25.61 -32.29
C GLU G 411 27.91 24.69 -32.03
N LEU G 412 27.60 23.40 -31.83
CA LEU G 412 28.64 22.35 -31.60
C LEU G 412 29.46 22.20 -32.84
N PHE G 413 28.80 22.18 -34.02
CA PHE G 413 29.59 22.15 -35.25
C PHE G 413 30.47 23.41 -35.41
N SER G 414 29.91 24.57 -35.11
CA SER G 414 30.53 25.90 -35.23
C SER G 414 31.78 26.04 -34.41
N TYR G 415 31.68 25.61 -33.11
CA TYR G 415 32.87 25.57 -32.24
C TYR G 415 33.90 24.59 -32.60
N SER G 416 33.46 23.37 -32.91
CA SER G 416 34.43 22.32 -33.28
C SER G 416 34.52 22.11 -34.72
N CYS G 417 34.70 23.25 -35.37
CA CYS G 417 34.86 23.41 -36.74
C CYS G 417 36.18 22.87 -37.09
N PRO G 418 37.15 23.04 -36.19
CA PRO G 418 38.52 22.60 -36.44
C PRO G 418 38.63 21.08 -36.61
N LYS G 419 37.90 20.32 -35.79
CA LYS G 419 37.96 18.87 -35.84
C LYS G 419 37.46 18.34 -37.18
N PHE G 420 36.39 18.94 -37.69
CA PHE G 420 35.81 18.54 -38.96
C PHE G 420 36.79 18.74 -40.12
N LEU G 421 37.51 19.85 -40.10
CA LEU G 421 38.41 20.21 -41.19
C LEU G 421 39.53 19.20 -41.40
N SER G 422 40.10 18.70 -40.30
CA SER G 422 41.19 17.74 -40.39
C SER G 422 40.72 16.45 -41.06
N GLU G 438 44.39 18.08 -48.00
CA GLU G 438 43.44 17.68 -46.98
C GLU G 438 42.26 18.64 -46.92
N PRO G 439 42.55 19.93 -46.88
CA PRO G 439 41.51 20.96 -46.80
C PRO G 439 40.62 20.90 -48.04
N PHE G 440 41.23 20.73 -49.21
CA PHE G 440 40.47 20.57 -50.44
C PHE G 440 39.64 19.31 -50.35
N LEU G 441 40.25 18.27 -49.77
CA LEU G 441 39.62 16.96 -49.67
C LEU G 441 38.33 17.12 -48.89
N GLN G 442 38.35 17.99 -47.89
CA GLN G 442 37.15 18.31 -47.16
C GLN G 442 36.98 19.81 -47.17
N GLN G 443 36.68 20.36 -48.35
CA GLN G 443 36.41 21.79 -48.47
C GLN G 443 35.13 22.28 -47.78
N LEU G 444 34.05 21.51 -47.93
CA LEU G 444 32.73 21.97 -47.51
C LEU G 444 32.09 21.31 -46.28
N LYS G 445 32.83 20.47 -45.56
CA LYS G 445 32.24 19.74 -44.44
C LYS G 445 31.07 18.90 -44.95
N VAL G 446 31.07 18.32 -46.13
CA VAL G 446 29.76 17.81 -46.57
C VAL G 446 29.06 16.75 -45.67
N PHE G 447 29.85 15.76 -45.24
CA PHE G 447 29.30 14.62 -44.51
C PHE G 447 28.67 15.00 -43.18
N SER G 448 29.31 15.88 -42.44
CA SER G 448 28.82 16.26 -41.12
C SER G 448 27.45 16.93 -41.23
N ASP G 449 27.31 17.82 -42.21
CA ASP G 449 26.04 18.50 -42.40
C ASP G 449 24.96 17.50 -42.75
N GLU G 450 25.30 16.55 -43.63
CA GLU G 450 24.27 15.58 -44.00
C GLU G 450 23.82 14.80 -42.76
N VAL G 451 24.80 14.41 -41.95
CA VAL G 451 24.52 13.62 -40.77
C VAL G 451 23.64 14.38 -39.80
N GLN G 452 23.93 15.67 -39.62
CA GLN G 452 23.16 16.49 -38.70
C GLN G 452 21.70 16.60 -39.16
N GLN G 453 21.51 16.78 -40.46
CA GLN G 453 20.13 16.88 -40.94
C GLN G 453 19.39 15.58 -40.67
N GLN G 454 20.02 14.42 -40.84
CA GLN G 454 19.30 13.20 -40.46
C GLN G 454 18.97 13.18 -38.95
N ALA G 455 19.94 13.64 -38.16
CA ALA G 455 19.84 13.62 -36.71
C ALA G 455 18.68 14.48 -36.21
N GLN G 456 18.46 15.61 -36.86
CA GLN G 456 17.38 16.49 -36.46
C GLN G 456 16.02 15.81 -36.63
N LEU G 457 15.83 15.07 -37.71
CA LEU G 457 14.54 14.40 -37.96
C LEU G 457 14.12 13.34 -36.93
N SER G 458 15.06 12.65 -36.31
CA SER G 458 14.70 11.47 -35.52
C SER G 458 13.72 11.74 -34.36
N THR G 459 13.89 12.87 -33.67
CA THR G 459 13.07 13.17 -32.48
C THR G 459 11.58 13.29 -32.78
N ILE G 460 11.24 13.90 -33.91
CA ILE G 460 9.83 14.06 -34.29
C ILE G 460 9.16 12.70 -34.52
N ARG G 461 9.88 11.79 -35.18
CA ARG G 461 9.38 10.44 -35.41
C ARG G 461 9.20 9.74 -34.08
N SER G 462 10.04 10.11 -33.11
CA SER G 462 10.03 9.48 -31.80
C SER G 462 8.69 9.59 -31.04
N PHE G 463 7.97 10.69 -31.24
CA PHE G 463 6.60 10.77 -30.75
C PHE G 463 5.88 9.66 -31.49
N LEU G 464 6.21 9.51 -32.77
CA LEU G 464 5.81 8.36 -33.56
C LEU G 464 4.31 8.11 -33.60
N LYS G 465 3.52 9.19 -33.68
CA LYS G 465 2.08 9.03 -33.76
C LYS G 465 1.58 8.27 -32.53
N LEU G 466 0.81 7.20 -32.75
CA LEU G 466 0.23 6.40 -31.68
C LEU G 466 -1.05 7.06 -31.17
N TYR G 467 -1.45 8.14 -31.84
CA TYR G 467 -2.69 8.82 -31.53
C TYR G 467 -3.61 8.75 -32.74
N THR G 468 -4.85 8.32 -32.52
CA THR G 468 -5.82 8.18 -33.61
C THR G 468 -6.12 9.53 -34.24
N THR G 469 -6.22 10.56 -33.40
CA THR G 469 -6.61 11.89 -33.86
C THR G 469 -5.90 12.91 -32.99
N MET G 470 -5.18 13.82 -33.63
CA MET G 470 -4.37 14.80 -32.89
C MET G 470 -4.71 16.25 -33.22
N PRO G 471 -4.90 17.05 -32.17
CA PRO G 471 -5.05 18.50 -32.32
C PRO G 471 -3.93 19.09 -33.16
N VAL G 472 -4.30 20.00 -34.06
CA VAL G 472 -3.34 20.70 -34.91
C VAL G 472 -2.39 21.58 -34.11
N ALA G 473 -2.93 22.24 -33.09
CA ALA G 473 -2.17 23.20 -32.31
C ALA G 473 -0.99 22.54 -31.59
N LYS G 474 -1.22 21.34 -31.06
CA LYS G 474 -0.15 20.61 -30.38
C LYS G 474 0.97 20.30 -31.36
N LEU G 475 0.58 19.89 -32.57
CA LEU G 475 1.55 19.61 -33.62
C LEU G 475 2.32 20.88 -34.02
N ALA G 476 1.59 21.99 -34.10
CA ALA G 476 2.19 23.27 -34.48
C ALA G 476 3.22 23.72 -33.45
N GLY G 477 2.91 23.53 -32.17
CA GLY G 477 3.81 23.90 -31.10
C GLY G 477 5.10 23.11 -31.16
N PHE G 478 4.98 21.83 -31.46
CA PHE G 478 6.12 20.97 -31.54
C PHE G 478 6.99 21.22 -32.80
N LEU G 479 6.38 21.38 -33.98
CA LEU G 479 6.94 21.75 -35.29
C LEU G 479 7.47 23.15 -35.41
N ASP G 480 6.96 24.00 -34.54
CA ASP G 480 7.41 25.39 -34.41
C ASP G 480 8.88 25.43 -34.01
N LEU G 481 9.28 24.48 -33.16
CA LEU G 481 10.64 24.41 -32.67
C LEU G 481 11.61 24.25 -33.84
N THR G 482 11.18 23.49 -34.84
CA THR G 482 11.96 23.32 -36.05
C THR G 482 12.11 24.70 -36.71
N GLU G 483 13.24 24.92 -37.37
CA GLU G 483 13.62 26.25 -37.80
C GLU G 483 12.62 26.90 -38.76
N GLN G 484 12.08 26.12 -39.70
CA GLN G 484 11.07 26.66 -40.60
C GLN G 484 9.72 26.72 -39.90
N GLU G 485 9.12 27.90 -39.90
CA GLU G 485 7.78 28.11 -39.35
C GLU G 485 6.71 27.36 -40.14
N PHE G 486 6.87 27.34 -41.46
CA PHE G 486 5.87 26.77 -42.36
C PHE G 486 6.07 25.28 -42.59
N ARG G 487 7.07 24.71 -41.91
CA ARG G 487 7.45 23.32 -42.09
C ARG G 487 6.32 22.36 -41.72
N ILE G 488 5.57 22.66 -40.67
CA ILE G 488 4.53 21.76 -40.19
C ILE G 488 3.45 21.52 -41.25
N GLN G 489 3.03 22.56 -41.93
CA GLN G 489 2.13 22.41 -43.07
C GLN G 489 2.88 21.63 -44.14
N LEU G 490 4.14 21.97 -44.29
CA LEU G 490 5.07 21.30 -45.13
C LEU G 490 5.91 20.30 -44.48
N LEU G 491 6.46 20.65 -43.21
CA LEU G 491 7.33 19.76 -42.48
C LEU G 491 6.61 18.46 -42.09
N VAL G 492 5.35 18.57 -41.66
CA VAL G 492 4.53 17.41 -41.27
C VAL G 492 4.19 16.43 -42.49
N PHE G 493 3.76 17.04 -43.59
CA PHE G 493 3.48 16.31 -44.82
C PHE G 493 4.75 15.64 -45.33
N LYS G 494 5.87 16.35 -45.23
CA LYS G 494 7.16 15.84 -45.67
C LYS G 494 7.55 14.61 -44.86
N HIS G 495 7.25 14.65 -43.57
CA HIS G 495 7.55 13.52 -42.69
C HIS G 495 6.78 12.28 -43.13
N LYS G 496 5.54 12.49 -43.55
CA LYS G 496 4.70 11.39 -44.04
C LYS G 496 5.31 10.76 -45.26
N MET G 497 5.88 11.59 -46.14
CA MET G 497 6.53 11.11 -47.35
C MET G 497 7.72 10.22 -46.99
N LYS G 498 8.46 10.63 -45.96
CA LYS G 498 9.59 9.85 -45.47
C LYS G 498 9.10 8.50 -44.96
N ASN G 499 7.95 8.52 -44.30
CA ASN G 499 7.33 7.30 -43.78
C ASN G 499 7.87 6.86 -42.42
N LEU G 500 8.77 7.65 -41.85
CA LEU G 500 9.27 7.38 -40.51
C LEU G 500 8.11 7.47 -39.53
N VAL G 501 7.26 8.47 -39.75
CA VAL G 501 6.07 8.68 -38.93
C VAL G 501 4.85 8.77 -39.82
N TRP G 502 3.71 8.29 -39.31
CA TRP G 502 2.49 8.24 -40.10
C TRP G 502 1.47 9.28 -39.64
N THR G 503 0.95 10.05 -40.59
CA THR G 503 -0.04 11.08 -40.29
C THR G 503 -1.36 10.78 -40.99
N SER G 504 -2.45 10.85 -40.24
CA SER G 504 -3.77 10.52 -40.77
C SER G 504 -4.68 11.75 -40.76
N GLY G 505 -5.35 12.00 -41.88
CA GLY G 505 -6.24 13.13 -42.00
C GLY G 505 -5.54 14.44 -42.32
N ILE G 506 -4.24 14.35 -42.62
CA ILE G 506 -3.46 15.54 -42.97
C ILE G 506 -3.99 16.16 -44.26
N SER G 507 -4.03 17.49 -44.29
CA SER G 507 -4.54 18.22 -45.46
C SER G 507 -6.06 18.22 -45.45
N ALA G 508 -6.64 17.71 -44.37
CA ALA G 508 -8.09 17.63 -44.22
C ALA G 508 -8.72 19.00 -43.98
N LEU G 509 -10.00 19.12 -44.33
CA LEU G 509 -10.74 20.36 -44.11
C LEU G 509 -10.80 20.64 -42.61
N ASP G 510 -10.97 19.58 -41.83
CA ASP G 510 -11.00 19.69 -40.38
C ASP G 510 -9.65 20.22 -39.87
N GLY G 511 -8.58 19.76 -40.50
CA GLY G 511 -7.24 20.21 -40.15
C GLY G 511 -6.64 19.49 -38.96
N GLU G 512 -7.29 18.44 -38.50
CA GLU G 512 -6.78 17.65 -37.38
C GLU G 512 -6.29 16.29 -37.86
N PHE G 513 -5.03 15.98 -37.54
CA PHE G 513 -4.42 14.71 -37.95
C PHE G 513 -5.05 13.52 -37.22
N GLN G 514 -5.16 12.40 -37.93
CA GLN G 514 -5.68 11.20 -37.35
C GLN G 514 -4.46 10.32 -37.32
N SER G 515 -4.35 9.50 -36.28
CA SER G 515 -3.29 8.50 -36.08
C SER G 515 -3.77 7.16 -35.50
N UNK G 517 -2.98 -11.36 -34.46
CA UNK G 517 -1.91 -12.28 -34.78
C UNK G 517 -0.56 -11.58 -34.63
N UNK G 518 -0.46 -10.37 -35.17
CA UNK G 518 0.77 -9.60 -35.10
C UNK G 518 1.16 -9.38 -33.65
N UNK G 519 0.21 -8.96 -32.82
CA UNK G 519 0.46 -8.72 -31.42
C UNK G 519 1.01 -9.99 -30.76
N UNK G 520 0.37 -11.12 -31.03
CA UNK G 520 0.79 -12.39 -30.46
C UNK G 520 2.26 -12.64 -30.79
N UNK G 521 2.63 -12.43 -32.05
CA UNK G 521 4.00 -12.64 -32.49
C UNK G 521 4.95 -11.79 -31.64
N UNK G 522 4.60 -10.53 -31.43
CA UNK G 522 5.42 -9.62 -30.64
C UNK G 522 5.61 -10.18 -29.24
N UNK G 523 4.51 -10.61 -28.61
CA UNK G 523 4.57 -11.16 -27.27
C UNK G 523 5.51 -12.36 -27.24
N UNK G 524 5.35 -13.28 -28.20
CA UNK G 524 6.18 -14.45 -28.26
C UNK G 524 7.65 -14.05 -28.34
N UNK G 525 7.94 -13.02 -29.12
CA UNK G 525 9.30 -12.54 -29.29
C UNK G 525 9.87 -12.13 -27.93
N UNK G 526 9.11 -11.34 -27.17
CA UNK G 526 9.54 -10.89 -25.86
C UNK G 526 9.84 -12.08 -24.97
N UNK G 527 8.92 -13.06 -24.95
CA UNK G 527 9.09 -14.25 -24.13
C UNK G 527 10.40 -14.93 -24.47
N UNK G 528 10.75 -14.95 -25.76
CA UNK G 528 11.98 -15.57 -26.22
C UNK G 528 13.18 -14.87 -25.60
N UNK G 529 13.17 -13.54 -25.65
CA UNK G 529 14.26 -12.75 -25.10
C UNK G 529 14.44 -13.06 -23.62
N UNK G 530 13.32 -13.12 -22.88
CA UNK G 530 13.36 -13.40 -21.46
C UNK G 530 14.04 -14.75 -21.22
N UNK G 531 13.66 -15.75 -22.00
CA UNK G 531 14.23 -17.08 -21.87
C UNK G 531 15.73 -17.03 -22.13
N UNK G 532 16.12 -16.31 -23.18
CA UNK G 532 17.53 -16.19 -23.55
C UNK G 532 18.32 -15.62 -22.37
N UNK G 533 17.80 -14.56 -21.75
CA UNK G 533 18.45 -13.94 -20.63
C UNK G 533 18.62 -14.93 -19.49
N UNK G 534 17.58 -15.73 -19.24
CA UNK G 534 17.62 -16.73 -18.20
C UNK G 534 18.68 -17.78 -18.50
N UNK G 535 18.74 -18.23 -19.75
CA UNK G 535 19.71 -19.23 -20.17
C UNK G 535 21.12 -18.75 -19.84
N UNK G 536 21.46 -17.54 -20.29
CA UNK G 536 22.77 -16.97 -20.04
C UNK G 536 23.06 -16.94 -18.54
N UNK G 537 22.03 -16.65 -17.74
CA UNK G 537 22.18 -16.60 -16.31
C UNK G 537 22.50 -17.99 -15.76
N UNK G 538 21.73 -18.99 -16.19
CA UNK G 538 21.93 -20.36 -15.74
C UNK G 538 23.31 -20.85 -16.17
N UNK G 539 23.63 -20.69 -17.45
CA UNK G 539 24.92 -21.11 -17.98
C UNK G 539 26.04 -20.46 -17.19
N UNK G 540 25.89 -19.17 -16.88
CA UNK G 540 26.90 -18.44 -16.14
C UNK G 540 27.16 -19.12 -14.80
N LEU H 188 -36.46 -41.83 -21.80
CA LEU H 188 -37.85 -41.64 -21.41
C LEU H 188 -38.79 -41.91 -22.60
N LEU H 189 -38.40 -41.47 -23.79
CA LEU H 189 -39.19 -41.77 -25.00
C LEU H 189 -39.34 -43.27 -25.17
N GLY H 190 -38.24 -44.01 -24.98
CA GLY H 190 -38.27 -45.48 -24.99
C GLY H 190 -39.31 -46.05 -24.02
N SER H 191 -39.22 -45.65 -22.76
CA SER H 191 -40.14 -46.14 -21.75
C SER H 191 -41.58 -45.77 -22.10
N TYR H 192 -41.79 -44.58 -22.64
CA TYR H 192 -43.15 -44.15 -22.94
C TYR H 192 -43.75 -44.88 -24.15
N THR H 193 -42.91 -45.11 -25.15
CA THR H 193 -43.32 -45.84 -26.35
C THR H 193 -43.63 -47.29 -26.01
N GLU H 194 -42.84 -47.89 -25.13
CA GLU H 194 -43.04 -49.27 -24.74
C GLU H 194 -44.38 -49.38 -23.98
N ASP H 195 -44.65 -48.40 -23.10
CA ASP H 195 -45.88 -48.41 -22.34
C ASP H 195 -47.10 -48.14 -23.21
N ASN H 196 -46.98 -47.18 -24.11
CA ASN H 196 -48.07 -46.87 -25.03
C ASN H 196 -48.46 -48.08 -25.90
N ALA H 197 -47.48 -48.90 -26.26
CA ALA H 197 -47.69 -50.06 -27.14
C ALA H 197 -47.99 -51.36 -26.38
N SER H 198 -48.10 -51.26 -25.07
CA SER H 198 -48.56 -52.39 -24.26
C SER H 198 -49.81 -52.08 -23.44
N GLN H 199 -50.07 -50.80 -23.14
CA GLN H 199 -51.17 -50.48 -22.22
C GLN H 199 -52.50 -50.30 -22.94
N ALA H 200 -53.59 -50.35 -22.18
CA ALA H 200 -54.92 -50.13 -22.73
C ALA H 200 -54.99 -48.76 -23.36
N ARG H 201 -55.81 -48.59 -24.39
CA ARG H 201 -55.98 -47.27 -25.00
C ARG H 201 -56.50 -46.22 -24.00
N VAL H 202 -57.26 -46.66 -23.00
CA VAL H 202 -57.73 -45.80 -21.91
C VAL H 202 -56.61 -45.14 -21.09
N ASP H 203 -55.42 -45.74 -21.11
CA ASP H 203 -54.28 -45.23 -20.38
C ASP H 203 -53.49 -44.19 -21.19
N ALA H 204 -53.88 -43.94 -22.44
CA ALA H 204 -53.10 -43.04 -23.29
C ALA H 204 -53.24 -41.57 -22.90
N HIS H 205 -54.44 -41.13 -22.51
CA HIS H 205 -54.64 -39.75 -22.03
C HIS H 205 -53.74 -39.44 -20.85
N ARG H 206 -53.80 -40.28 -19.79
CA ARG H 206 -52.86 -40.12 -18.69
C ARG H 206 -51.38 -40.16 -19.10
N CYS H 207 -51.05 -41.04 -20.05
CA CYS H 207 -49.68 -41.11 -20.57
C CYS H 207 -49.27 -39.79 -21.25
N ILE H 208 -50.20 -39.19 -21.97
CA ILE H 208 -49.95 -37.89 -22.60
C ILE H 208 -49.74 -36.80 -21.56
N VAL H 209 -50.54 -36.79 -20.51
CA VAL H 209 -50.34 -35.80 -19.42
C VAL H 209 -48.97 -36.03 -18.76
N ARG H 210 -48.64 -37.29 -18.50
CA ARG H 210 -47.33 -37.65 -17.98
C ARG H 210 -46.17 -37.18 -18.87
N ALA H 211 -46.25 -37.42 -20.18
CA ALA H 211 -45.23 -37.02 -21.11
C ALA H 211 -45.04 -35.51 -21.12
N LEU H 212 -46.15 -34.80 -21.23
CA LEU H 212 -46.08 -33.34 -21.32
C LEU H 212 -45.74 -32.66 -19.99
N LYS H 213 -45.67 -33.43 -18.92
CA LYS H 213 -45.25 -32.95 -17.58
C LYS H 213 -43.85 -33.41 -17.19
N ASP H 214 -43.24 -34.25 -18.04
CA ASP H 214 -41.98 -34.91 -17.66
C ASP H 214 -40.81 -33.94 -17.81
N PRO H 215 -39.99 -33.78 -16.76
CA PRO H 215 -38.95 -32.77 -16.79
C PRO H 215 -37.85 -32.93 -17.86
N ASN H 216 -37.65 -34.13 -18.37
CA ASN H 216 -36.58 -34.38 -19.32
C ASN H 216 -37.04 -34.49 -20.77
N ALA H 217 -38.33 -34.27 -21.03
CA ALA H 217 -38.86 -34.55 -22.36
C ALA H 217 -39.24 -33.29 -23.12
N PHE H 218 -38.64 -33.09 -24.29
CA PHE H 218 -38.89 -31.92 -25.15
C PHE H 218 -39.27 -32.29 -26.58
N LEU H 219 -39.15 -33.55 -26.93
CA LEU H 219 -39.41 -34.02 -28.27
C LEU H 219 -40.62 -34.95 -28.17
N PHE H 220 -41.66 -34.63 -28.91
CA PHE H 220 -42.93 -35.37 -28.85
C PHE H 220 -43.36 -36.02 -30.16
N ASP H 221 -42.57 -35.86 -31.21
CA ASP H 221 -42.93 -36.35 -32.53
C ASP H 221 -43.11 -37.88 -32.57
N HIS H 222 -42.16 -38.62 -32.00
CA HIS H 222 -42.21 -40.11 -32.06
C HIS H 222 -43.44 -40.62 -31.33
N LEU H 223 -43.75 -40.00 -30.20
CA LEU H 223 -44.96 -40.36 -29.44
C LEU H 223 -46.24 -40.01 -30.21
N LEU H 224 -46.31 -38.80 -30.75
CA LEU H 224 -47.42 -38.40 -31.60
C LEU H 224 -47.68 -39.32 -32.80
N THR H 225 -46.58 -39.81 -33.39
CA THR H 225 -46.66 -40.68 -34.56
C THR H 225 -47.11 -42.12 -34.26
N LEU H 226 -47.16 -42.51 -32.99
CA LEU H 226 -47.60 -43.88 -32.65
C LEU H 226 -49.01 -44.13 -33.14
N LYS H 227 -49.24 -45.31 -33.72
CA LYS H 227 -50.52 -45.60 -34.33
C LYS H 227 -51.65 -45.50 -33.31
N PRO H 228 -51.41 -45.95 -32.09
CA PRO H 228 -52.38 -45.80 -31.00
C PRO H 228 -52.64 -44.33 -30.71
N VAL H 229 -51.58 -43.52 -30.75
CA VAL H 229 -51.65 -42.08 -30.55
C VAL H 229 -52.49 -41.40 -31.63
N LYS H 230 -52.39 -41.92 -32.84
CA LYS H 230 -52.99 -41.32 -34.03
C LYS H 230 -54.51 -41.21 -33.97
N PHE H 231 -55.15 -42.12 -33.24
CA PHE H 231 -56.58 -42.31 -33.33
C PHE H 231 -57.38 -41.04 -33.00
N LEU H 232 -58.44 -40.84 -33.78
CA LEU H 232 -59.27 -39.64 -33.72
C LEU H 232 -59.98 -39.46 -32.38
N GLU H 233 -60.43 -40.54 -31.79
CA GLU H 233 -61.28 -40.47 -30.60
C GLU H 233 -60.58 -39.75 -29.46
N GLY H 234 -59.29 -40.02 -29.27
CA GLY H 234 -58.58 -39.33 -28.22
C GLY H 234 -58.24 -37.99 -28.84
N GLU H 235 -59.29 -37.24 -29.14
CA GLU H 235 -59.16 -35.94 -29.77
C GLU H 235 -58.39 -34.98 -28.87
N LEU H 236 -58.70 -35.00 -27.59
CA LEU H 236 -58.03 -34.11 -26.64
C LEU H 236 -56.54 -34.45 -26.61
N ILE H 237 -56.24 -35.74 -26.59
CA ILE H 237 -54.85 -36.19 -26.57
C ILE H 237 -54.12 -35.75 -27.83
N HIS H 238 -54.81 -35.87 -28.97
CA HIS H 238 -54.22 -35.48 -30.25
C HIS H 238 -53.93 -33.99 -30.24
N ASP H 239 -54.86 -33.22 -29.67
CA ASP H 239 -54.72 -31.78 -29.60
C ASP H 239 -53.51 -31.45 -28.74
N LEU H 240 -53.37 -32.17 -27.63
CA LEU H 240 -52.25 -31.95 -26.73
C LEU H 240 -50.93 -32.25 -27.44
N LEU H 241 -50.92 -33.31 -28.23
CA LEU H 241 -49.74 -33.70 -28.99
C LEU H 241 -49.37 -32.62 -30.00
N THR H 242 -50.38 -32.07 -30.68
CA THR H 242 -50.12 -31.01 -31.65
C THR H 242 -49.56 -29.80 -30.91
N ILE H 243 -50.16 -29.54 -29.77
CA ILE H 243 -49.79 -28.43 -28.90
C ILE H 243 -48.37 -28.58 -28.36
N PHE H 244 -48.00 -29.81 -27.99
CA PHE H 244 -46.66 -29.96 -27.42
C PHE H 244 -45.62 -30.39 -28.46
N VAL H 245 -46.08 -31.03 -29.53
CA VAL H 245 -45.19 -31.41 -30.62
C VAL H 245 -44.87 -30.24 -31.54
N SER H 246 -45.87 -29.42 -31.84
CA SER H 246 -45.79 -28.43 -32.95
C SER H 246 -46.08 -26.99 -32.64
N ALA H 247 -46.72 -26.70 -31.52
CA ALA H 247 -47.20 -25.38 -31.24
C ALA H 247 -46.38 -24.62 -30.23
N LYS H 248 -46.71 -23.36 -30.08
CA LYS H 248 -46.07 -22.47 -29.11
C LYS H 248 -47.05 -22.12 -28.00
N LEU H 249 -46.57 -21.35 -27.00
CA LEU H 249 -47.43 -20.84 -25.94
C LEU H 249 -48.63 -20.07 -26.53
N ALA H 250 -48.38 -19.29 -27.57
CA ALA H 250 -49.45 -18.55 -28.27
C ALA H 250 -50.50 -19.49 -28.80
N SER H 251 -50.10 -20.60 -29.40
CA SER H 251 -51.08 -21.58 -29.88
C SER H 251 -51.93 -22.14 -28.75
N TYR H 252 -51.35 -22.37 -27.59
CA TYR H 252 -52.17 -22.79 -26.45
C TYR H 252 -53.19 -21.72 -26.11
N VAL H 253 -52.76 -20.47 -26.00
CA VAL H 253 -53.71 -19.41 -25.60
C VAL H 253 -54.88 -19.34 -26.57
N LYS H 254 -54.58 -19.47 -27.86
CA LYS H 254 -55.60 -19.48 -28.93
C LYS H 254 -56.64 -20.59 -28.76
N PHE H 255 -56.22 -21.71 -28.19
CA PHE H 255 -57.00 -22.95 -28.16
C PHE H 255 -57.42 -23.35 -26.75
N TYR H 256 -57.19 -22.46 -25.79
CA TYR H 256 -57.36 -22.80 -24.37
C TYR H 256 -58.78 -23.22 -24.04
N GLN H 257 -59.78 -22.67 -24.74
CA GLN H 257 -61.18 -23.04 -24.45
C GLN H 257 -61.54 -24.43 -24.96
N ASN H 258 -60.65 -25.06 -25.72
CA ASN H 258 -60.87 -26.38 -26.29
C ASN H 258 -59.80 -27.37 -25.87
N ASN H 259 -59.05 -27.01 -24.84
CA ASN H 259 -58.04 -27.87 -24.24
C ASN H 259 -58.17 -27.71 -22.74
N LYS H 260 -57.70 -28.67 -21.96
CA LYS H 260 -58.01 -28.63 -20.54
C LYS H 260 -57.08 -27.67 -19.82
N ASP H 261 -57.13 -26.41 -20.21
CA ASP H 261 -56.46 -25.34 -19.48
C ASP H 261 -57.08 -25.19 -18.10
N PHE H 262 -58.41 -25.22 -18.05
CA PHE H 262 -59.14 -25.12 -16.78
C PHE H 262 -58.84 -26.31 -15.88
N ILE H 263 -58.79 -27.49 -16.49
CA ILE H 263 -58.46 -28.71 -15.76
C ILE H 263 -57.05 -28.59 -15.22
N ASP H 264 -56.17 -28.02 -16.03
CA ASP H 264 -54.78 -27.84 -15.63
C ASP H 264 -54.70 -26.90 -14.44
N SER H 265 -55.52 -25.84 -14.47
CA SER H 265 -55.58 -24.89 -13.38
C SER H 265 -56.08 -25.54 -12.09
N LEU H 266 -57.08 -26.40 -12.23
CA LEU H 266 -57.61 -27.12 -11.08
C LEU H 266 -56.53 -28.02 -10.49
N GLY H 267 -55.87 -28.75 -11.37
CA GLY H 267 -54.79 -29.66 -11.03
C GLY H 267 -53.52 -29.05 -10.49
N LEU H 268 -53.14 -27.92 -11.08
CA LEU H 268 -51.81 -27.32 -10.89
C LEU H 268 -50.79 -28.01 -11.79
N LEU H 269 -51.29 -28.93 -12.62
CA LEU H 269 -50.49 -29.64 -13.61
C LEU H 269 -49.91 -28.71 -14.66
N HIS H 270 -50.70 -27.70 -15.03
CA HIS H 270 -50.39 -26.82 -16.15
C HIS H 270 -49.07 -26.07 -16.00
N GLU H 271 -48.76 -25.64 -14.78
CA GLU H 271 -47.55 -24.86 -14.55
C GLU H 271 -46.32 -25.67 -14.96
N GLN H 272 -46.31 -26.96 -14.62
CA GLN H 272 -45.27 -27.85 -15.09
C GLN H 272 -45.38 -27.95 -16.62
N ASN H 273 -46.62 -28.02 -17.08
CA ASN H 273 -46.96 -28.02 -18.52
C ASN H 273 -46.76 -26.62 -19.11
N MET H 274 -47.14 -25.59 -18.35
CA MET H 274 -46.97 -24.20 -18.81
C MET H 274 -45.49 -23.89 -19.03
N ALA H 275 -44.68 -24.24 -18.03
CA ALA H 275 -43.22 -24.08 -18.11
C ALA H 275 -42.69 -24.78 -19.35
N LYS H 276 -43.08 -26.02 -19.54
CA LYS H 276 -42.58 -26.77 -20.70
C LYS H 276 -42.98 -26.12 -22.02
N MET H 277 -44.22 -25.68 -22.17
CA MET H 277 -44.61 -25.06 -23.43
C MET H 277 -43.82 -23.79 -23.70
N ARG H 278 -43.54 -23.02 -22.66
CA ARG H 278 -42.67 -21.82 -22.81
C ARG H 278 -41.23 -22.19 -23.18
N LEU H 279 -40.69 -23.23 -22.56
CA LEU H 279 -39.36 -23.72 -22.98
C LEU H 279 -39.37 -24.13 -24.46
N LEU H 280 -40.40 -24.87 -24.86
CA LEU H 280 -40.51 -25.34 -26.24
C LEU H 280 -40.63 -24.15 -27.20
N THR H 281 -41.31 -23.10 -26.76
CA THR H 281 -41.40 -21.88 -27.57
C THR H 281 -40.00 -21.27 -27.82
N PHE H 282 -39.15 -21.23 -26.80
CA PHE H 282 -37.78 -20.78 -27.02
C PHE H 282 -37.07 -21.67 -28.05
N MET H 283 -37.28 -22.98 -27.98
CA MET H 283 -36.68 -23.86 -28.96
C MET H 283 -37.15 -23.57 -30.38
N GLY H 284 -38.44 -23.29 -30.55
CA GLY H 284 -38.96 -22.92 -31.88
C GLY H 284 -38.30 -21.64 -32.38
N MET H 285 -38.19 -20.66 -31.51
CA MET H 285 -37.60 -19.38 -31.92
C MET H 285 -36.15 -19.57 -32.32
N ALA H 286 -35.41 -20.40 -31.58
CA ALA H 286 -33.98 -20.63 -31.81
C ALA H 286 -33.74 -21.38 -33.09
N VAL H 287 -34.73 -22.16 -33.54
CA VAL H 287 -34.63 -22.88 -34.79
C VAL H 287 -34.63 -21.88 -35.97
N GLU H 288 -35.44 -20.83 -35.86
CA GLU H 288 -35.56 -19.82 -36.91
C GLU H 288 -34.42 -18.79 -36.93
N ASN H 289 -33.85 -18.51 -35.76
CA ASN H 289 -32.83 -17.46 -35.62
C ASN H 289 -31.90 -17.73 -34.46
N LYS H 290 -30.59 -17.56 -34.69
CA LYS H 290 -29.59 -17.79 -33.63
C LYS H 290 -29.30 -16.53 -32.80
N GLU H 291 -30.00 -15.42 -33.11
CA GLU H 291 -30.00 -14.25 -32.25
C GLU H 291 -31.45 -13.86 -32.01
N ILE H 292 -31.85 -13.84 -30.75
CA ILE H 292 -33.24 -13.59 -30.38
C ILE H 292 -33.36 -12.30 -29.57
N SER H 293 -34.05 -11.29 -30.14
CA SER H 293 -34.28 -10.06 -29.39
C SER H 293 -35.14 -10.28 -28.15
N PHE H 294 -34.79 -9.60 -27.06
CA PHE H 294 -35.55 -9.68 -25.81
C PHE H 294 -37.01 -9.29 -26.03
N ASP H 295 -37.28 -8.29 -26.84
CA ASP H 295 -38.66 -7.82 -27.01
C ASP H 295 -39.54 -8.92 -27.63
N THR H 296 -38.99 -9.66 -28.60
CA THR H 296 -39.69 -10.78 -29.24
C THR H 296 -39.94 -11.90 -28.23
N MET H 297 -38.91 -12.25 -27.48
CA MET H 297 -39.05 -13.27 -26.46
C MET H 297 -40.13 -12.91 -25.45
N GLN H 298 -40.17 -11.66 -25.00
CA GLN H 298 -41.13 -11.26 -23.98
C GLN H 298 -42.57 -11.42 -24.47
N GLN H 299 -42.81 -11.09 -25.73
CA GLN H 299 -44.15 -11.24 -26.30
C GLN H 299 -44.52 -12.71 -26.40
N GLU H 300 -43.64 -13.50 -26.99
CA GLU H 300 -43.83 -14.95 -27.04
C GLU H 300 -43.80 -15.51 -25.63
N LEU H 301 -42.87 -15.00 -24.83
CA LEU H 301 -42.73 -15.40 -23.43
C LEU H 301 -43.95 -15.01 -22.60
N GLN H 302 -44.49 -13.83 -22.87
CA GLN H 302 -45.57 -13.29 -22.05
C GLN H 302 -45.07 -13.12 -20.63
N ILE H 303 -43.79 -12.76 -20.51
CA ILE H 303 -43.14 -12.57 -19.22
C ILE H 303 -42.33 -11.29 -19.20
N GLY H 304 -42.08 -10.76 -18.01
CA GLY H 304 -41.34 -9.53 -17.86
C GLY H 304 -39.90 -9.66 -18.33
N ALA H 305 -39.36 -8.60 -18.91
CA ALA H 305 -38.01 -8.62 -19.48
C ALA H 305 -36.97 -8.90 -18.39
N ASP H 306 -37.15 -8.30 -17.22
CA ASP H 306 -36.26 -8.55 -16.11
C ASP H 306 -36.35 -10.02 -15.71
N ASP H 307 -37.56 -10.55 -15.74
CA ASP H 307 -37.80 -11.96 -15.46
C ASP H 307 -37.24 -12.82 -16.58
N VAL H 308 -37.43 -12.34 -17.81
CA VAL H 308 -36.99 -13.03 -19.02
C VAL H 308 -35.64 -13.72 -18.83
N GLU H 309 -34.66 -12.96 -18.33
CA GLU H 309 -33.33 -13.51 -18.15
C GLU H 309 -33.36 -14.67 -17.15
N ALA H 310 -34.08 -14.50 -16.05
CA ALA H 310 -34.30 -15.55 -15.07
C ALA H 310 -34.83 -16.83 -15.74
N PHE H 311 -35.81 -16.69 -16.63
CA PHE H 311 -36.42 -17.83 -17.31
C PHE H 311 -35.38 -18.49 -18.22
N VAL H 312 -34.61 -17.67 -18.92
CA VAL H 312 -33.48 -18.15 -19.68
C VAL H 312 -32.47 -18.78 -18.73
N ILE H 313 -32.34 -18.17 -17.55
CA ILE H 313 -31.41 -18.60 -16.51
C ILE H 313 -31.70 -20.02 -16.00
N ASP H 314 -32.97 -20.38 -15.89
CA ASP H 314 -33.37 -21.64 -15.27
C ASP H 314 -32.76 -22.84 -16.00
N ALA H 315 -32.40 -23.85 -15.23
CA ALA H 315 -31.59 -24.97 -15.72
C ALA H 315 -32.24 -25.80 -16.83
N VAL H 316 -33.53 -26.08 -16.72
CA VAL H 316 -34.20 -26.80 -17.79
C VAL H 316 -33.91 -26.12 -19.13
N ARG H 317 -33.97 -24.80 -19.14
CA ARG H 317 -33.65 -24.03 -20.32
C ARG H 317 -32.18 -24.19 -20.73
N THR H 318 -31.30 -24.20 -19.75
CA THR H 318 -29.86 -24.28 -20.01
C THR H 318 -29.47 -25.58 -20.68
N LYS H 319 -30.03 -26.69 -20.23
CA LYS H 319 -29.76 -27.98 -20.84
C LYS H 319 -30.27 -27.99 -22.28
N MET H 320 -31.45 -27.43 -22.47
CA MET H 320 -32.03 -27.28 -23.80
C MET H 320 -31.21 -26.36 -24.68
N VAL H 321 -30.76 -25.25 -24.12
CA VAL H 321 -30.04 -24.26 -24.91
C VAL H 321 -28.77 -23.74 -24.26
N TYR H 322 -27.76 -23.48 -25.08
CA TYR H 322 -26.56 -22.77 -24.64
C TYR H 322 -26.51 -21.47 -25.40
N CYS H 323 -26.46 -20.36 -24.68
CA CYS H 323 -26.49 -19.04 -25.30
C CYS H 323 -25.83 -17.99 -24.41
N LYS H 324 -25.46 -16.86 -25.01
CA LYS H 324 -24.89 -15.76 -24.26
C LYS H 324 -25.88 -14.60 -24.21
N ILE H 325 -26.18 -14.16 -22.98
CA ILE H 325 -27.10 -13.04 -22.78
C ILE H 325 -26.32 -11.77 -22.92
N ASP H 326 -26.85 -10.87 -23.76
CA ASP H 326 -26.24 -9.54 -23.99
C ASP H 326 -27.24 -8.52 -23.47
N GLN H 327 -27.01 -8.08 -22.22
CA GLN H 327 -27.91 -7.11 -21.59
C GLN H 327 -27.87 -5.76 -22.30
N THR H 328 -26.69 -5.34 -22.76
CA THR H 328 -26.55 -4.02 -23.41
C THR H 328 -27.32 -3.99 -24.75
N GLN H 329 -27.26 -5.07 -25.52
CA GLN H 329 -27.95 -5.17 -26.81
C GLN H 329 -29.36 -5.78 -26.73
N ARG H 330 -29.75 -6.24 -25.55
CA ARG H 330 -31.08 -6.83 -25.32
C ARG H 330 -31.32 -8.00 -26.28
N LYS H 331 -30.39 -8.93 -26.28
CA LYS H 331 -30.61 -10.13 -27.05
C LYS H 331 -29.96 -11.34 -26.44
N VAL H 332 -30.47 -12.46 -26.92
CA VAL H 332 -30.01 -13.79 -26.52
C VAL H 332 -29.39 -14.45 -27.73
N VAL H 333 -28.08 -14.66 -27.71
CA VAL H 333 -27.41 -15.36 -28.80
C VAL H 333 -27.36 -16.85 -28.48
N VAL H 334 -28.08 -17.64 -29.27
CA VAL H 334 -28.37 -19.06 -28.99
C VAL H 334 -27.92 -19.98 -30.14
N SER H 335 -26.62 -20.22 -30.21
CA SER H 335 -26.09 -21.11 -31.25
C SER H 335 -26.47 -22.57 -31.04
N UNK H 337 -38.45 -36.74 -34.06
CA UNK H 337 -37.58 -37.60 -34.85
C UNK H 337 -36.73 -36.76 -35.79
N UNK H 338 -37.36 -35.77 -36.46
CA UNK H 338 -36.65 -34.90 -37.37
C UNK H 338 -35.52 -34.20 -36.66
N UNK H 339 -35.80 -33.59 -35.51
CA UNK H 339 -34.80 -32.90 -34.73
C UNK H 339 -33.69 -33.85 -34.34
N UNK H 340 -34.05 -35.07 -33.95
CA UNK H 340 -33.08 -36.07 -33.55
C UNK H 340 -32.06 -36.28 -34.65
N UNK H 341 -32.55 -36.42 -35.90
CA UNK H 341 -31.67 -36.64 -37.04
C UNK H 341 -30.61 -35.55 -37.10
N UNK H 342 -31.05 -34.29 -37.05
CA UNK H 342 -30.14 -33.16 -37.09
C UNK H 342 -29.16 -33.24 -35.93
N UNK H 343 -29.68 -33.52 -34.73
CA UNK H 343 -28.85 -33.61 -33.55
C UNK H 343 -27.77 -34.66 -33.75
N UNK H 344 -28.15 -35.82 -34.27
CA UNK H 344 -27.22 -36.90 -34.51
C UNK H 344 -26.04 -36.40 -35.34
N UNK H 345 -26.34 -35.77 -36.48
CA UNK H 345 -25.31 -35.25 -37.35
C UNK H 345 -24.36 -34.36 -36.57
N UNK H 346 -24.92 -33.47 -35.73
CA UNK H 346 -24.11 -32.57 -34.94
C UNK H 346 -23.20 -33.35 -34.01
N UNK H 347 -23.77 -34.31 -33.27
CA UNK H 347 -23.01 -35.13 -32.36
C UNK H 347 -21.78 -35.69 -33.06
N UNK H 348 -21.99 -36.33 -34.21
CA UNK H 348 -20.90 -36.90 -34.97
C UNK H 348 -19.81 -35.87 -35.19
N UNK H 349 -20.19 -34.67 -35.65
CA UNK H 349 -19.25 -33.59 -35.89
C UNK H 349 -18.54 -33.23 -34.60
N UNK H 350 -19.29 -33.09 -33.51
CA UNK H 350 -18.74 -32.74 -32.22
C UNK H 350 -17.61 -33.70 -31.86
N UNK H 351 -17.90 -35.00 -31.95
CA UNK H 351 -16.92 -36.02 -31.62
C UNK H 351 -15.63 -35.77 -32.39
N UNK H 352 -15.75 -35.56 -33.71
CA UNK H 352 -14.60 -35.31 -34.54
C UNK H 352 -13.79 -34.13 -34.00
N UNK H 353 -14.49 -33.08 -33.58
CA UNK H 353 -13.84 -31.90 -33.04
C UNK H 353 -13.05 -32.27 -31.79
N UNK H 354 -13.73 -32.91 -30.84
CA UNK H 354 -13.09 -33.32 -29.59
C UNK H 354 -11.84 -34.12 -29.88
N UNK H 355 -11.94 -35.07 -30.82
CA UNK H 355 -10.83 -35.91 -31.19
C UNK H 355 -9.63 -35.05 -31.57
N UNK H 356 -9.87 -34.00 -32.35
CA UNK H 356 -8.81 -33.10 -32.79
C UNK H 356 -8.10 -32.53 -31.57
N UNK H 357 -8.85 -31.98 -30.62
CA UNK H 357 -8.29 -31.39 -29.43
C UNK H 357 -7.45 -32.43 -28.69
N UNK H 358 -8.02 -33.62 -28.48
CA UNK H 358 -7.33 -34.69 -27.79
C UNK H 358 -6.03 -35.03 -28.51
N UNK H 359 -6.11 -35.16 -29.84
CA UNK H 359 -4.94 -35.48 -30.64
C UNK H 359 -3.82 -34.48 -30.35
N UNK H 360 -4.14 -33.19 -30.39
CA UNK H 360 -3.17 -32.15 -30.14
C UNK H 360 -2.50 -32.38 -28.79
N UNK H 361 -3.30 -32.55 -27.74
CA UNK H 361 -2.78 -32.78 -26.41
C UNK H 361 -1.85 -33.97 -26.41
N UNK H 362 -2.32 -35.10 -26.97
CA UNK H 362 -1.53 -36.31 -27.03
C UNK H 362 -0.16 -36.02 -27.64
N UNK H 363 -0.15 -35.18 -28.68
CA UNK H 363 1.09 -34.81 -29.35
C UNK H 363 2.04 -34.13 -28.37
N UNK H 364 1.54 -33.09 -27.69
CA UNK H 364 2.35 -32.35 -26.73
C UNK H 364 2.87 -33.30 -25.66
#